data_7XD2
#
_entry.id   7XD2
#
loop_
_entity.id
_entity.type
_entity.pdbx_description
1 polymer 'Spike glycoprotein'
2 polymer 'H chain of antibody 10-5B'
3 polymer 'L chian of antibody 10-5B'
#
loop_
_entity_poly.entity_id
_entity_poly.type
_entity_poly.pdbx_seq_one_letter_code
_entity_poly.pdbx_strand_id
1 'polypeptide(L)'
;MFVFLVLLPLVSSQCVNLTTRTQLPPAYTNSFTRGVYYPDKVFRSSVLHSTQDLFLPFFSNVTWFHAIHVSGTNGTKRFD
NPVLPFNDGVYFASTEKSNIIRGWIFGTTLDSKTQSLLIVNNATNVVIKVCEFQFCNDPFLGVYYHKNNKSWMESEFRVY
SSANNCTFEYVSQPFLMDLEGKQGNFKNLREFVFKNIDGYFKIYSKHTPINLVRDLPQGFSALEPLVDLPIGINITRFQT
LLALHRSYLTPGDSSSGWTAGAAAYYVGYLQPRTFLLKYNENGTITDAVDCALDPLSETKCTLKSFTVEKGIYQTSNFRV
QPTESIVRFPNITNLCPFGEVFNATRFASVYAWNRKRISNCVADYSVLYNSASFSTFKCYGVSPTKLNDLCFTNVYADSF
VIRGDEVRQIAPGQTGKIADYNYKLPDDFTGCVIAWNSNNLDSKVGGNYNYLYRLFRKSNLKPFERDISTEIYQAGSTPC
NGVEGFNCYFPLQSYGFQPTNGVGYQPYRVVVLSFELLHAPATVCGPKKSTNLVKNKCVNFNFNGLTGTGVLTESNKKFL
PFQQFGRDIADTTDAVRDPQTLEILDITPCSFGGVSVITPGTNTSNQVAVLYQDVNCTEVPVAIHADQLTPTWRVYSTGS
NVFQTRAGCLIGAEHVNNSYECDIPIGAGICASYQTQTNSPGSASSVASQSIIAYTMSLGAENSVAYSNNSIAIPTNFTI
SVTTEILPVSMTKTSVDCTMYICGDSTECSNLLLQYGSFCTQLNRALTGIAVEQDKNTQEVFAQVKQIYKTPPIKDFGGF
NFSQILPDPSKPSKRSFIEDLLFNKVTLADAGFIKQYGDCLGDIAARDLICAQKFNGLTVLPPLLTDEMIAQYTSALLAG
TITSGWTFGAGAALQIPFAMQMAYRFNGIGVTQNVLYENQKLIANQFNSAIGKIQDSLSSTASALGKLQDVVNQNAQALN
TLVKQLSSNFGAISSVLNDILSRLDPPEAEVQIDRLITGRLQSLQTYVTQQLIRAAEIRASANLAATKMSECVLGQSKRV
DFCGKGYHLMSFPQSAPHGVVFLHVTYVPAQEKNFTTAPAICHDGKAHFPREGVFVSNGTHWFVTQRNFYEPQIITTDNT
FVSGNCDVVIGIVNNTVYDPLQPELDSFKEELDKYFKNHTSPDVDLGDISGINASVVNIQKEIDRLNEVAKNLNESLIDL
QELGKYEQGSGYIPEAPRDGQAYVRKDGEWVLLSTFLGRSLEVLFQGPGHHHHHHHHSAWSHPQFEKGGGSGGGGSGGSA
WSHPQFEKGSDYKDDDDK
;
A,B,C
2 'polypeptide(L)'
;EVQLVESGGGLIQPGGSLRLSCAVSGFTVSRMSWVRQAPGKGLECVSVIYTGGNTDYADSVKGRFTISRDNSKNTLYLQM
NSLRAEDTALYYCVRGSGGIHDAFDIWGQGTMVTVSS
;
D,E,I
3 'polypeptide(L)'
;DIQMTQSPSSVSASVGDRVTITCRASQGISTWLAWYQQKPGKAPKVLINAASGLQSGVPSRFSGSGSGTDFTLTISSLQP
EDFATYYCQQAHSFPPTFGPGTKLEIK
;
J,H,L
#
# COMPACT_ATOMS: atom_id res chain seq x y z
N ASN A 17 -37.30 31.83 44.84
CA ASN A 17 -37.47 30.35 44.83
C ASN A 17 -38.96 30.02 44.68
N LEU A 18 -39.33 28.74 44.81
CA LEU A 18 -40.74 28.33 44.60
C LEU A 18 -41.18 27.31 45.66
N THR A 19 -42.48 27.21 45.92
CA THR A 19 -43.00 26.30 46.98
C THR A 19 -44.40 25.82 46.60
N THR A 20 -45.02 24.96 47.43
CA THR A 20 -46.42 24.48 47.20
C THR A 20 -46.58 23.75 45.87
N ARG A 21 -45.60 22.94 45.47
CA ARG A 21 -45.77 22.11 44.25
C ARG A 21 -46.35 20.78 44.73
N THR A 22 -47.58 20.46 44.34
CA THR A 22 -48.27 19.24 44.84
C THR A 22 -47.51 17.98 44.38
N PRO A 26 -41.19 9.97 37.34
CA PRO A 26 -42.29 10.51 36.53
C PRO A 26 -42.93 9.43 35.66
N ALA A 27 -44.17 9.64 35.23
CA ALA A 27 -44.85 8.67 34.33
C ALA A 27 -44.20 8.70 32.95
N TYR A 28 -44.29 7.61 32.19
CA TYR A 28 -43.71 7.58 30.82
C TYR A 28 -44.83 7.29 29.82
N THR A 29 -44.78 7.93 28.64
CA THR A 29 -45.79 7.66 27.58
C THR A 29 -45.08 7.21 26.31
N ASN A 30 -45.70 6.32 25.53
CA ASN A 30 -45.01 5.75 24.35
C ASN A 30 -44.86 6.80 23.25
N SER A 31 -43.69 6.85 22.59
CA SER A 31 -43.50 7.75 21.44
C SER A 31 -43.83 6.96 20.19
N PHE A 32 -45.03 7.13 19.67
CA PHE A 32 -45.44 6.28 18.53
C PHE A 32 -44.94 6.93 17.25
N THR A 33 -43.83 6.43 16.68
CA THR A 33 -43.35 6.94 15.36
C THR A 33 -43.28 8.47 15.35
N ARG A 34 -42.50 9.07 16.25
CA ARG A 34 -42.37 10.54 16.31
C ARG A 34 -40.89 10.88 16.45
N GLY A 35 -40.46 12.10 16.09
CA GLY A 35 -39.06 12.49 16.31
C GLY A 35 -38.18 12.30 15.10
N VAL A 36 -38.80 12.08 13.93
CA VAL A 36 -38.02 11.93 12.66
C VAL A 36 -37.80 13.32 12.06
N TYR A 37 -36.55 13.68 11.82
CA TYR A 37 -36.23 15.04 11.31
C TYR A 37 -35.51 14.90 9.97
N TYR A 38 -35.77 15.82 9.04
CA TYR A 38 -35.11 15.80 7.71
C TYR A 38 -33.59 15.69 7.94
N PRO A 39 -32.92 14.56 7.63
CA PRO A 39 -31.51 14.42 7.97
C PRO A 39 -30.60 15.44 7.27
N ASP A 40 -30.90 15.77 6.01
CA ASP A 40 -29.99 16.63 5.21
C ASP A 40 -30.75 17.72 4.47
N LYS A 41 -30.03 18.57 3.73
CA LYS A 41 -30.67 19.67 2.97
C LYS A 41 -30.88 19.24 1.51
N VAL A 42 -30.66 17.97 1.18
CA VAL A 42 -30.89 17.46 -0.19
C VAL A 42 -32.38 17.27 -0.43
N PHE A 43 -32.80 17.23 -1.70
CA PHE A 43 -34.22 16.97 -2.03
C PHE A 43 -34.26 15.61 -2.71
N ARG A 44 -35.04 14.67 -2.19
CA ARG A 44 -35.20 13.37 -2.88
C ARG A 44 -36.71 13.20 -3.11
N SER A 45 -37.12 12.78 -4.30
CA SER A 45 -38.56 12.61 -4.59
C SER A 45 -38.85 11.17 -5.01
N SER A 46 -39.86 10.56 -4.42
CA SER A 46 -40.23 9.16 -4.73
C SER A 46 -39.02 8.23 -4.55
N VAL A 47 -38.27 8.41 -3.47
CA VAL A 47 -37.09 7.53 -3.20
C VAL A 47 -37.18 7.05 -1.76
N LEU A 48 -36.69 5.83 -1.48
CA LEU A 48 -36.63 5.33 -0.09
C LEU A 48 -35.14 5.38 0.25
N HIS A 49 -34.75 6.20 1.23
CA HIS A 49 -33.29 6.39 1.49
C HIS A 49 -32.94 5.91 2.89
N SER A 50 -31.88 5.11 3.02
CA SER A 50 -31.45 4.63 4.35
C SER A 50 -30.40 5.60 4.90
N THR A 51 -30.66 6.17 6.08
CA THR A 51 -29.75 7.19 6.66
C THR A 51 -29.29 6.75 8.04
N GLN A 52 -27.99 6.89 8.34
CA GLN A 52 -27.55 6.60 9.73
C GLN A 52 -27.34 7.94 10.42
N ASP A 53 -28.08 8.20 11.50
CA ASP A 53 -27.94 9.47 12.25
C ASP A 53 -28.66 9.30 13.59
N LEU A 54 -28.65 10.32 14.44
CA LEU A 54 -29.27 10.18 15.78
C LEU A 54 -30.77 10.37 15.59
N PHE A 55 -31.59 9.36 15.90
CA PHE A 55 -33.06 9.50 15.82
C PHE A 55 -33.64 8.92 17.11
N LEU A 56 -34.84 9.36 17.51
CA LEU A 56 -35.48 8.78 18.71
C LEU A 56 -35.98 7.40 18.31
N PRO A 57 -35.62 6.31 19.03
CA PRO A 57 -36.01 4.98 18.62
C PRO A 57 -37.54 4.89 18.57
N PHE A 58 -38.07 4.23 17.54
CA PHE A 58 -39.55 4.17 17.38
C PHE A 58 -40.13 3.41 18.56
N PHE A 59 -41.31 3.81 19.03
CA PHE A 59 -41.97 3.16 20.19
C PHE A 59 -41.10 3.26 21.44
N SER A 60 -40.38 4.39 21.61
CA SER A 60 -39.59 4.61 22.85
C SER A 60 -40.50 5.15 23.95
N ASN A 61 -40.05 5.10 25.20
CA ASN A 61 -40.85 5.70 26.29
C ASN A 61 -40.28 7.07 26.59
N VAL A 62 -41.07 8.12 26.46
CA VAL A 62 -40.55 9.51 26.65
C VAL A 62 -40.96 9.97 28.05
N THR A 63 -39.99 10.50 28.81
CA THR A 63 -40.29 10.93 30.20
C THR A 63 -41.35 12.02 30.15
N TRP A 64 -42.39 11.92 30.97
CA TRP A 64 -43.50 12.90 30.90
C TRP A 64 -43.46 13.84 32.11
N PHE A 65 -43.29 15.13 31.86
CA PHE A 65 -43.30 16.13 32.95
C PHE A 65 -44.45 17.08 32.66
N HIS A 66 -44.96 17.79 33.66
CA HIS A 66 -46.12 18.65 33.48
C HIS A 66 -46.22 19.66 34.62
N ALA A 67 -46.72 20.85 34.32
CA ALA A 67 -46.87 21.90 35.36
C ALA A 67 -48.30 22.44 35.32
N ILE A 68 -49.27 21.71 35.88
CA ILE A 68 -50.70 22.12 35.74
C ILE A 68 -51.39 22.18 37.10
N THR A 76 -53.63 21.33 43.22
CA THR A 76 -53.03 20.23 42.41
C THR A 76 -51.94 20.83 41.51
N LYS A 77 -51.54 22.07 41.79
CA LYS A 77 -50.52 22.75 40.95
C LYS A 77 -49.19 21.99 41.00
N ARG A 78 -48.53 21.86 39.86
CA ARG A 78 -47.21 21.16 39.81
C ARG A 78 -46.25 22.07 39.04
N PHE A 79 -44.95 21.99 39.34
CA PHE A 79 -43.95 22.73 38.53
C PHE A 79 -42.80 21.78 38.25
N ASP A 80 -42.54 21.45 36.98
CA ASP A 80 -41.48 20.46 36.67
C ASP A 80 -40.35 21.15 35.91
N ASN A 81 -39.18 21.35 36.55
CA ASN A 81 -38.01 21.93 35.84
C ASN A 81 -36.72 21.27 36.33
N PRO A 82 -36.51 19.94 36.20
CA PRO A 82 -35.24 19.34 36.59
C PRO A 82 -34.13 19.68 35.59
N VAL A 83 -32.88 19.64 36.04
CA VAL A 83 -31.75 19.84 35.09
C VAL A 83 -31.47 18.49 34.44
N LEU A 84 -32.36 18.05 33.53
CA LEU A 84 -32.25 16.70 32.91
C LEU A 84 -30.96 16.62 32.10
N PRO A 85 -30.20 15.49 32.07
CA PRO A 85 -29.02 15.42 31.24
C PRO A 85 -29.30 15.37 29.73
N PHE A 86 -28.53 16.08 28.92
CA PHE A 86 -28.66 16.08 27.44
C PHE A 86 -27.77 14.93 26.97
N ASN A 87 -28.34 13.75 26.75
CA ASN A 87 -27.52 12.56 26.42
C ASN A 87 -26.76 12.75 25.09
N ASP A 88 -27.43 13.25 24.06
CA ASP A 88 -26.81 13.46 22.72
C ASP A 88 -27.90 14.16 21.90
N GLY A 89 -29.13 14.14 22.39
CA GLY A 89 -30.18 14.95 21.76
C GLY A 89 -31.43 14.91 22.62
N VAL A 90 -32.37 15.82 22.41
CA VAL A 90 -33.63 15.78 23.18
C VAL A 90 -34.81 15.96 22.24
N TYR A 91 -35.77 15.04 22.22
CA TYR A 91 -37.01 15.30 21.45
C TYR A 91 -37.95 16.01 22.40
N PHE A 92 -37.79 17.31 22.58
CA PHE A 92 -38.63 18.02 23.56
C PHE A 92 -39.94 18.37 22.86
N ALA A 93 -41.00 17.61 23.14
CA ALA A 93 -42.32 17.93 22.57
C ALA A 93 -43.19 18.46 23.69
N SER A 94 -43.67 19.69 23.55
CA SER A 94 -44.49 20.31 24.63
C SER A 94 -45.88 20.65 24.11
N THR A 95 -46.92 20.14 24.76
CA THR A 95 -48.30 20.53 24.36
C THR A 95 -48.65 21.75 25.21
N GLU A 96 -48.87 22.91 24.58
CA GLU A 96 -49.04 24.14 25.41
C GLU A 96 -50.14 25.06 24.86
N LYS A 97 -51.35 24.96 25.42
CA LYS A 97 -52.48 25.85 25.02
C LYS A 97 -52.18 27.31 25.41
N SER A 98 -51.60 27.55 26.59
CA SER A 98 -51.43 28.94 27.09
C SER A 98 -50.01 29.48 26.83
N ASN A 99 -49.18 28.75 26.07
CA ASN A 99 -47.82 29.23 25.70
C ASN A 99 -46.96 29.47 26.95
N ILE A 100 -47.12 28.65 28.00
CA ILE A 100 -46.27 28.77 29.21
C ILE A 100 -44.80 28.46 28.88
N ILE A 101 -44.52 27.44 28.07
CA ILE A 101 -43.10 27.06 27.79
C ILE A 101 -42.45 28.22 27.05
N ARG A 102 -41.25 28.65 27.50
CA ARG A 102 -40.63 29.84 26.87
C ARG A 102 -39.27 29.53 26.28
N GLY A 103 -38.35 28.96 27.05
CA GLY A 103 -36.98 28.81 26.53
C GLY A 103 -36.25 27.60 27.07
N TRP A 104 -35.03 27.36 26.60
CA TRP A 104 -34.22 26.20 27.05
C TRP A 104 -32.83 26.70 27.44
N ILE A 105 -32.26 26.15 28.51
CA ILE A 105 -30.91 26.56 28.96
C ILE A 105 -29.97 25.36 28.82
N PHE A 106 -28.89 25.50 28.08
CA PHE A 106 -27.97 24.36 27.83
C PHE A 106 -26.57 24.74 28.30
N GLY A 107 -25.96 23.96 29.20
CA GLY A 107 -24.57 24.23 29.58
C GLY A 107 -23.84 22.97 29.97
N THR A 108 -22.52 22.92 29.82
CA THR A 108 -21.79 21.74 30.30
C THR A 108 -21.94 21.62 31.82
N THR A 109 -21.78 22.73 32.54
CA THR A 109 -21.92 22.70 34.02
C THR A 109 -22.95 23.73 34.48
N LEU A 110 -23.17 24.79 33.69
CA LEU A 110 -24.11 25.89 34.08
C LEU A 110 -23.70 26.42 35.45
N ASP A 111 -22.39 26.53 35.73
CA ASP A 111 -21.97 26.93 37.10
C ASP A 111 -21.21 28.26 37.15
N SER A 112 -21.11 28.99 36.03
CA SER A 112 -20.34 30.26 35.97
C SER A 112 -18.83 29.98 36.00
N LYS A 113 -18.43 28.73 35.77
CA LYS A 113 -16.98 28.42 35.67
C LYS A 113 -16.67 28.05 34.22
N THR A 114 -17.69 27.67 33.45
CA THR A 114 -17.51 27.32 32.02
C THR A 114 -18.63 27.98 31.22
N GLN A 115 -18.40 28.27 29.93
CA GLN A 115 -19.41 28.99 29.12
C GLN A 115 -20.68 28.15 28.96
N SER A 116 -21.85 28.80 28.95
CA SER A 116 -23.14 28.08 28.79
C SER A 116 -24.01 28.77 27.75
N LEU A 117 -24.92 28.04 27.10
CA LEU A 117 -25.76 28.58 26.00
C LEU A 117 -27.20 28.74 26.50
N LEU A 118 -27.82 29.91 26.28
CA LEU A 118 -29.24 30.06 26.67
C LEU A 118 -30.07 30.47 25.45
N ILE A 119 -31.15 29.76 25.15
CA ILE A 119 -32.08 30.21 24.09
C ILE A 119 -33.33 30.68 24.82
N VAL A 120 -33.64 31.97 24.76
CA VAL A 120 -34.79 32.45 25.58
C VAL A 120 -35.82 33.15 24.68
N ASN A 121 -37.09 32.77 24.80
CA ASN A 121 -38.13 33.50 24.05
C ASN A 121 -38.69 34.55 24.99
N ASN A 122 -38.40 35.82 24.72
CA ASN A 122 -38.85 36.93 25.59
C ASN A 122 -39.37 38.06 24.70
N ALA A 123 -40.33 38.86 25.19
CA ALA A 123 -40.91 39.94 24.39
C ALA A 123 -39.83 40.95 24.01
N THR A 124 -38.93 41.27 24.95
CA THR A 124 -37.85 42.26 24.70
C THR A 124 -36.91 41.75 23.61
N ASN A 125 -36.50 40.47 23.67
CA ASN A 125 -35.64 39.91 22.60
C ASN A 125 -35.49 38.38 22.72
N VAL A 126 -35.26 37.70 21.59
CA VAL A 126 -34.96 36.23 21.62
C VAL A 126 -33.49 36.14 21.29
N VAL A 127 -32.67 35.62 22.19
CA VAL A 127 -31.20 35.67 21.95
C VAL A 127 -30.52 34.39 22.45
N ILE A 128 -29.46 33.97 21.77
CA ILE A 128 -28.68 32.80 22.25
C ILE A 128 -27.29 33.34 22.62
N LYS A 129 -26.92 33.33 23.90
CA LYS A 129 -25.61 33.92 24.30
C LYS A 129 -24.71 32.84 24.86
N VAL A 130 -23.39 32.94 24.65
CA VAL A 130 -22.47 31.84 25.08
C VAL A 130 -21.44 32.35 26.08
N CYS A 131 -21.73 32.25 27.39
CA CYS A 131 -20.71 32.61 28.41
C CYS A 131 -21.06 32.03 29.77
N GLU A 132 -20.11 32.09 30.70
CA GLU A 132 -20.30 31.56 32.07
C GLU A 132 -21.35 32.39 32.80
N PHE A 133 -22.53 31.81 33.06
CA PHE A 133 -23.58 32.50 33.83
C PHE A 133 -23.81 31.72 35.12
N GLN A 134 -24.02 32.41 36.24
CA GLN A 134 -24.37 31.65 37.48
C GLN A 134 -25.88 31.49 37.48
N PHE A 135 -26.37 30.32 37.07
CA PHE A 135 -27.83 30.12 36.96
C PHE A 135 -28.48 30.08 38.35
N CYS A 136 -29.64 30.71 38.50
CA CYS A 136 -30.37 30.62 39.78
C CYS A 136 -30.85 29.17 39.91
N ASN A 137 -30.60 28.52 41.06
CA ASN A 137 -31.08 27.14 41.27
C ASN A 137 -32.52 27.05 40.75
N ASP A 138 -33.33 28.08 41.01
CA ASP A 138 -34.70 28.11 40.44
C ASP A 138 -34.69 29.07 39.24
N PRO A 139 -34.47 28.65 37.97
CA PRO A 139 -34.43 29.60 36.86
C PRO A 139 -35.80 29.68 36.21
N PHE A 140 -36.58 30.71 36.54
CA PHE A 140 -37.96 30.78 36.01
C PHE A 140 -38.21 32.14 35.38
N LEU A 141 -39.12 32.21 34.41
CA LEU A 141 -39.47 33.54 33.84
C LEU A 141 -40.79 33.98 34.47
N GLY A 142 -40.72 34.90 35.44
CA GLY A 142 -41.94 35.37 36.11
C GLY A 142 -42.85 36.08 35.12
N VAL A 143 -44.16 35.85 35.21
CA VAL A 143 -45.11 36.61 34.35
C VAL A 143 -46.02 37.36 35.30
N TYR A 144 -46.03 38.70 35.25
CA TYR A 144 -46.85 39.43 36.25
C TYR A 144 -48.09 40.01 35.59
N TYR A 145 -49.28 39.59 36.05
CA TYR A 145 -50.54 40.13 35.50
C TYR A 145 -51.36 40.76 36.63
N HIS A 146 -51.88 41.96 36.41
CA HIS A 146 -52.71 42.65 37.42
C HIS A 146 -54.07 42.97 36.77
N LYS A 147 -55.17 42.82 37.50
CA LYS A 147 -56.47 43.26 36.93
C LYS A 147 -56.42 44.78 36.75
N ASN A 148 -55.83 45.50 37.71
CA ASN A 148 -55.78 46.99 37.65
C ASN A 148 -54.97 47.47 36.43
N ASN A 149 -53.84 46.84 36.15
CA ASN A 149 -53.07 47.22 34.93
C ASN A 149 -53.26 46.12 33.89
N LYS A 150 -53.87 46.44 32.75
CA LYS A 150 -54.21 45.37 31.77
C LYS A 150 -52.99 45.05 30.91
N SER A 151 -51.95 44.46 31.53
CA SER A 151 -50.73 44.05 30.78
C SER A 151 -50.11 42.83 31.46
N TRP A 152 -49.39 42.01 30.70
CA TRP A 152 -48.67 40.85 31.29
C TRP A 152 -47.19 41.22 31.24
N MET A 153 -46.44 41.04 32.33
CA MET A 153 -45.04 41.53 32.34
C MET A 153 -44.06 40.38 32.56
N GLU A 154 -42.83 40.50 32.06
CA GLU A 154 -41.79 39.49 32.34
C GLU A 154 -41.31 39.79 33.75
N SER A 155 -41.98 39.27 34.77
CA SER A 155 -41.65 39.63 36.17
C SER A 155 -40.20 39.28 36.55
N GLU A 156 -39.72 38.09 36.19
CA GLU A 156 -38.35 37.75 36.66
C GLU A 156 -37.48 37.14 35.57
N PHE A 157 -36.40 37.82 35.18
CA PHE A 157 -35.42 37.19 34.25
C PHE A 157 -34.44 36.46 35.18
N ARG A 158 -34.89 35.36 35.79
CA ARG A 158 -34.02 34.68 36.79
C ARG A 158 -33.34 33.47 36.14
N VAL A 159 -33.06 33.55 34.84
CA VAL A 159 -32.34 32.44 34.15
C VAL A 159 -30.99 32.31 34.87
N TYR A 160 -30.34 33.43 35.14
CA TYR A 160 -29.09 33.39 35.93
C TYR A 160 -29.30 34.29 37.14
N SER A 161 -28.98 33.78 38.33
CA SER A 161 -29.06 34.65 39.53
C SER A 161 -28.10 35.81 39.33
N SER A 162 -26.91 35.52 38.79
CA SER A 162 -25.91 36.57 38.49
C SER A 162 -25.09 36.18 37.28
N ALA A 163 -24.56 37.15 36.54
CA ALA A 163 -23.65 36.83 35.41
C ALA A 163 -22.25 37.29 35.81
N ASN A 164 -21.31 36.35 35.95
CA ASN A 164 -19.91 36.71 36.30
C ASN A 164 -19.33 37.56 35.17
N ASN A 165 -19.50 37.11 33.92
CA ASN A 165 -18.96 37.84 32.73
C ASN A 165 -19.56 37.24 31.47
N CYS A 166 -19.38 37.91 30.33
CA CYS A 166 -19.82 37.30 29.05
C CYS A 166 -18.67 37.38 28.05
N THR A 167 -17.70 36.46 28.16
CA THR A 167 -16.50 36.51 27.30
C THR A 167 -16.90 36.38 25.82
N PHE A 168 -17.85 35.49 25.52
CA PHE A 168 -18.26 35.27 24.11
C PHE A 168 -19.75 35.58 23.98
N GLU A 169 -20.18 36.04 22.80
CA GLU A 169 -21.60 36.43 22.61
C GLU A 169 -22.13 35.97 21.26
N TYR A 170 -23.44 35.76 21.15
CA TYR A 170 -24.09 35.38 19.87
C TYR A 170 -25.51 35.94 19.96
N VAL A 171 -26.23 36.07 18.85
CA VAL A 171 -27.59 36.70 18.91
C VAL A 171 -28.43 36.20 17.73
N SER A 172 -29.75 36.39 17.78
CA SER A 172 -30.63 35.98 16.66
C SER A 172 -31.89 36.87 16.63
N GLN A 173 -32.88 36.50 15.82
CA GLN A 173 -34.07 37.38 15.64
C GLN A 173 -34.75 37.66 16.98
N PRO A 174 -35.09 38.92 17.30
CA PRO A 174 -35.83 39.24 18.51
C PRO A 174 -37.32 39.49 18.23
N PHE A 175 -38.21 38.77 18.92
CA PHE A 175 -39.66 38.90 18.64
C PHE A 175 -40.48 38.85 19.93
N LEU A 176 -41.72 39.33 19.89
CA LEU A 176 -42.57 39.41 21.10
C LEU A 176 -43.66 38.33 21.04
N MET A 177 -44.07 37.79 22.20
CA MET A 177 -45.16 36.78 22.24
C MET A 177 -46.36 37.34 23.02
N ASP A 178 -47.57 36.83 22.76
CA ASP A 178 -48.79 37.36 23.41
C ASP A 178 -48.76 37.16 24.93
N LEU A 179 -48.34 35.98 25.41
CA LEU A 179 -48.25 35.69 26.87
C LEU A 179 -49.58 36.01 27.57
N GLU A 180 -50.71 35.56 27.03
CA GLU A 180 -52.04 35.85 27.63
C GLU A 180 -52.74 34.54 28.02
N GLY A 181 -53.60 34.56 29.05
CA GLY A 181 -54.26 33.34 29.54
C GLY A 181 -55.14 32.73 28.47
N LYS A 182 -55.08 31.41 28.28
CA LYS A 182 -55.83 30.75 27.19
C LYS A 182 -56.70 29.60 27.71
N GLN A 183 -57.96 29.54 27.27
CA GLN A 183 -58.85 28.41 27.66
C GLN A 183 -58.97 27.47 26.46
N GLY A 184 -58.04 27.59 25.50
CA GLY A 184 -58.05 26.71 24.32
C GLY A 184 -57.57 25.32 24.65
N ASN A 185 -57.87 24.32 23.81
CA ASN A 185 -57.39 22.94 24.02
C ASN A 185 -55.91 22.90 23.65
N PHE A 186 -55.21 21.82 23.98
CA PHE A 186 -53.75 21.77 23.71
C PHE A 186 -53.55 21.48 22.22
N LYS A 187 -54.06 22.36 21.35
CA LYS A 187 -53.89 22.21 19.89
C LYS A 187 -52.41 22.33 19.54
N ASN A 188 -51.70 23.25 20.21
CA ASN A 188 -50.29 23.49 19.83
C ASN A 188 -49.41 22.32 20.28
N LEU A 189 -48.72 21.68 19.35
CA LEU A 189 -47.74 20.63 19.73
C LEU A 189 -46.40 21.12 19.21
N ARG A 190 -45.45 21.40 20.09
CA ARG A 190 -44.15 21.95 19.65
C ARG A 190 -43.13 20.82 19.72
N GLU A 191 -42.77 20.25 18.58
CA GLU A 191 -41.85 19.10 18.59
C GLU A 191 -40.48 19.62 18.23
N PHE A 192 -39.49 19.50 19.11
CA PHE A 192 -38.19 20.13 18.82
C PHE A 192 -37.08 19.11 19.00
N VAL A 193 -36.19 19.01 18.02
CA VAL A 193 -35.01 18.11 18.19
C VAL A 193 -33.79 19.01 18.33
N PHE A 194 -33.07 18.89 19.44
CA PHE A 194 -31.84 19.69 19.63
C PHE A 194 -30.67 18.73 19.57
N LYS A 195 -29.69 18.97 18.70
CA LYS A 195 -28.49 18.10 18.68
C LYS A 195 -27.23 18.96 18.52
N ASN A 196 -26.11 18.54 19.11
CA ASN A 196 -24.84 19.28 18.96
C ASN A 196 -23.83 18.43 18.20
N ILE A 197 -23.48 18.83 16.98
CA ILE A 197 -22.53 18.05 16.13
C ILE A 197 -21.57 19.02 15.45
N ASP A 198 -20.28 18.69 15.38
CA ASP A 198 -19.29 19.53 14.64
C ASP A 198 -19.31 20.97 15.18
N GLY A 199 -19.48 21.13 16.50
CA GLY A 199 -19.46 22.48 17.10
C GLY A 199 -20.63 23.30 16.57
N TYR A 200 -21.65 22.61 16.06
CA TYR A 200 -22.85 23.31 15.56
C TYR A 200 -24.06 22.79 16.34
N PHE A 201 -24.84 23.69 16.93
CA PHE A 201 -26.08 23.26 17.61
C PHE A 201 -27.22 23.48 16.62
N LYS A 202 -27.98 22.44 16.32
CA LYS A 202 -29.06 22.56 15.30
C LYS A 202 -30.39 22.27 15.96
N ILE A 203 -31.37 23.14 15.75
CA ILE A 203 -32.74 22.87 16.29
C ILE A 203 -33.66 22.61 15.10
N TYR A 204 -34.32 21.44 15.08
CA TYR A 204 -35.29 21.12 14.00
C TYR A 204 -36.66 21.10 14.67
N SER A 205 -37.63 21.82 14.13
CA SER A 205 -38.93 21.89 14.85
C SER A 205 -40.13 21.84 13.92
N LYS A 206 -41.28 21.43 14.43
CA LYS A 206 -42.52 21.38 13.62
C LYS A 206 -43.71 21.61 14.55
N HIS A 207 -44.81 22.18 14.04
CA HIS A 207 -46.01 22.44 14.86
C HIS A 207 -47.23 21.77 14.21
N THR A 208 -47.99 20.97 14.96
CA THR A 208 -49.17 20.25 14.43
C THR A 208 -50.34 20.40 15.40
N PRO A 209 -51.59 20.64 14.94
CA PRO A 209 -52.74 20.69 15.86
C PRO A 209 -53.06 19.30 16.45
N ILE A 210 -53.23 19.20 17.77
CA ILE A 210 -53.63 17.88 18.35
C ILE A 210 -54.84 18.02 19.29
N ASN A 211 -55.88 17.21 19.08
CA ASN A 211 -57.08 17.22 19.96
C ASN A 211 -56.72 16.67 21.35
N LEU A 212 -55.89 15.63 21.42
CA LEU A 212 -55.58 14.94 22.71
C LEU A 212 -54.86 15.85 23.70
N VAL A 213 -55.40 15.98 24.92
CA VAL A 213 -54.76 16.80 25.99
C VAL A 213 -53.41 16.20 26.40
N ARG A 214 -53.33 14.87 26.53
CA ARG A 214 -52.08 14.22 27.03
C ARG A 214 -51.68 13.06 26.12
N ASP A 215 -50.39 12.70 26.11
CA ASP A 215 -49.88 11.55 25.31
C ASP A 215 -49.68 12.00 23.85
N LEU A 216 -48.44 12.00 23.38
CA LEU A 216 -48.18 12.46 21.99
C LEU A 216 -48.95 11.53 21.07
N PRO A 217 -49.65 12.04 20.04
CA PRO A 217 -50.51 11.19 19.20
C PRO A 217 -49.74 10.25 18.28
N GLN A 218 -50.42 9.19 17.81
CA GLN A 218 -49.77 8.26 16.85
C GLN A 218 -49.95 8.84 15.45
N GLY A 219 -48.91 9.46 14.91
CA GLY A 219 -48.97 10.05 13.55
C GLY A 219 -47.57 10.22 13.01
N PHE A 220 -47.43 10.45 11.69
CA PHE A 220 -46.06 10.72 11.18
C PHE A 220 -45.92 12.18 10.78
N SER A 221 -45.02 12.92 11.43
CA SER A 221 -44.72 14.31 11.03
C SER A 221 -43.21 14.48 11.01
N ALA A 222 -42.65 15.18 10.02
CA ALA A 222 -41.19 15.27 9.93
C ALA A 222 -40.71 16.68 10.31
N LEU A 223 -39.72 16.77 11.21
CA LEU A 223 -39.28 18.09 11.70
C LEU A 223 -38.34 18.72 10.68
N GLU A 224 -38.57 19.98 10.30
CA GLU A 224 -37.77 20.64 9.22
C GLU A 224 -36.72 21.54 9.85
N PRO A 225 -35.43 21.50 9.44
CA PRO A 225 -34.39 22.28 10.11
C PRO A 225 -34.78 23.76 10.17
N LEU A 226 -34.69 24.38 11.35
CA LEU A 226 -35.14 25.78 11.50
C LEU A 226 -33.94 26.70 11.74
N VAL A 227 -33.06 26.34 12.67
CA VAL A 227 -31.92 27.24 13.02
C VAL A 227 -30.62 26.43 13.06
N ASP A 228 -29.51 27.03 12.65
CA ASP A 228 -28.20 26.36 12.79
C ASP A 228 -27.25 27.33 13.50
N LEU A 229 -26.54 26.89 14.53
CA LEU A 229 -25.68 27.84 15.30
C LEU A 229 -24.26 27.29 15.40
N PRO A 230 -23.20 28.07 15.09
CA PRO A 230 -21.81 27.62 15.29
C PRO A 230 -21.26 28.01 16.66
N ILE A 231 -22.04 27.80 17.72
CA ILE A 231 -21.64 28.23 19.10
C ILE A 231 -20.37 27.48 19.52
N GLY A 232 -20.29 26.19 19.19
CA GLY A 232 -19.07 25.40 19.48
C GLY A 232 -18.72 25.26 20.96
N ILE A 233 -19.71 25.14 21.85
CA ILE A 233 -19.39 24.86 23.28
C ILE A 233 -20.04 23.54 23.70
N ASN A 234 -19.38 22.79 24.58
CA ASN A 234 -19.92 21.46 24.99
C ASN A 234 -21.24 21.65 25.74
N ILE A 235 -22.18 20.72 25.57
CA ILE A 235 -23.48 20.79 26.33
C ILE A 235 -23.70 19.46 27.04
N THR A 236 -23.04 19.26 28.19
CA THR A 236 -23.24 18.03 28.99
C THR A 236 -24.66 17.97 29.58
N ARG A 237 -25.19 19.10 30.07
CA ARG A 237 -26.50 19.04 30.75
C ARG A 237 -27.44 20.08 30.13
N PHE A 238 -28.74 19.98 30.42
CA PHE A 238 -29.73 20.91 29.85
C PHE A 238 -30.78 21.24 30.91
N GLN A 239 -31.47 22.37 30.79
CA GLN A 239 -32.56 22.71 31.74
C GLN A 239 -33.68 23.40 30.97
N THR A 240 -34.93 22.95 31.13
CA THR A 240 -36.05 23.65 30.48
C THR A 240 -36.27 24.97 31.22
N LEU A 241 -36.65 26.03 30.50
CA LEU A 241 -36.96 27.34 31.15
C LEU A 241 -38.47 27.55 31.01
N LEU A 242 -39.21 27.37 32.09
CA LEU A 242 -40.69 27.44 32.01
C LEU A 242 -41.15 28.77 32.63
N ALA A 243 -42.05 29.47 31.95
CA ALA A 243 -42.59 30.72 32.51
C ALA A 243 -43.37 30.42 33.79
N LEU A 244 -43.22 31.27 34.80
CA LEU A 244 -43.98 31.10 36.07
C LEU A 244 -44.92 32.30 36.19
N HIS A 245 -46.21 32.07 36.44
CA HIS A 245 -47.13 33.23 36.45
C HIS A 245 -47.28 33.78 37.87
N ARG A 246 -46.92 35.05 38.08
CA ARG A 246 -47.10 35.71 39.39
C ARG A 246 -48.32 36.63 39.25
N SER A 247 -49.27 36.55 40.18
CA SER A 247 -50.52 37.33 39.98
C SER A 247 -50.91 38.08 41.25
N TYR A 248 -51.74 39.12 41.10
CA TYR A 248 -52.26 39.88 42.26
C TYR A 248 -53.11 38.93 43.10
N LEU A 249 -53.72 37.91 42.47
CA LEU A 249 -54.63 36.98 43.18
C LEU A 249 -53.88 36.26 44.30
N THR A 250 -52.62 35.87 44.08
CA THR A 250 -51.89 35.08 45.10
C THR A 250 -50.55 35.75 45.43
N PRO A 251 -50.53 36.91 46.13
CA PRO A 251 -49.26 37.59 46.39
C PRO A 251 -48.37 36.71 47.28
N GLY A 252 -48.92 36.16 48.36
CA GLY A 252 -48.15 35.21 49.19
C GLY A 252 -46.78 35.75 49.50
N ASP A 253 -45.74 34.97 49.23
CA ASP A 253 -44.34 35.43 49.38
C ASP A 253 -43.69 35.17 48.02
N SER A 254 -42.41 35.48 47.81
CA SER A 254 -41.83 35.29 46.46
C SER A 254 -41.98 33.81 46.08
N SER A 255 -41.75 32.90 47.03
CA SER A 255 -41.93 31.45 46.75
C SER A 255 -43.41 31.13 46.46
N SER A 256 -44.35 31.74 47.20
CA SER A 256 -45.79 31.39 47.03
C SER A 256 -46.50 32.24 45.98
N GLY A 257 -45.81 33.23 45.40
CA GLY A 257 -46.44 34.03 44.33
C GLY A 257 -46.29 33.33 42.98
N TRP A 258 -47.00 32.21 42.79
CA TRP A 258 -46.84 31.44 41.53
C TRP A 258 -48.14 30.74 41.13
N THR A 259 -48.39 30.57 39.83
CA THR A 259 -49.57 29.78 39.38
C THR A 259 -49.08 28.76 38.35
N ALA A 260 -49.43 27.48 38.53
CA ALA A 260 -49.03 26.42 37.58
C ALA A 260 -49.70 26.61 36.22
N GLY A 261 -50.97 27.02 36.20
CA GLY A 261 -51.72 27.10 34.92
C GLY A 261 -51.80 25.72 34.31
N ALA A 262 -51.48 25.57 33.03
CA ALA A 262 -51.44 24.22 32.42
C ALA A 262 -50.13 24.05 31.64
N ALA A 263 -49.34 23.01 31.92
CA ALA A 263 -48.11 22.77 31.12
C ALA A 263 -47.82 21.27 31.01
N ALA A 264 -47.23 20.84 29.90
CA ALA A 264 -46.81 19.42 29.74
C ALA A 264 -45.56 19.39 28.84
N TYR A 265 -44.47 18.78 29.30
CA TYR A 265 -43.31 18.63 28.40
C TYR A 265 -42.77 17.19 28.44
N TYR A 266 -42.49 16.61 27.27
CA TYR A 266 -42.02 15.21 27.20
C TYR A 266 -40.60 15.19 26.61
N VAL A 267 -39.61 14.74 27.35
CA VAL A 267 -38.20 14.74 26.86
C VAL A 267 -37.80 13.30 26.52
N GLY A 268 -37.45 13.02 25.27
CA GLY A 268 -36.95 11.69 24.90
C GLY A 268 -35.56 11.80 24.29
N TYR A 269 -34.59 11.08 24.82
CA TYR A 269 -33.19 11.22 24.32
C TYR A 269 -33.01 10.51 22.98
N LEU A 270 -31.98 10.91 22.23
CA LEU A 270 -31.75 10.33 20.87
C LEU A 270 -30.57 9.36 20.95
N GLN A 271 -30.54 8.33 20.09
CA GLN A 271 -29.45 7.34 20.06
C GLN A 271 -29.07 7.13 18.60
N PRO A 272 -27.86 6.64 18.25
CA PRO A 272 -27.57 6.35 16.84
C PRO A 272 -28.46 5.21 16.32
N ARG A 273 -29.16 5.42 15.20
CA ARG A 273 -30.11 4.40 14.67
C ARG A 273 -30.08 4.47 13.14
N THR A 274 -30.49 3.41 12.46
CA THR A 274 -30.58 3.46 10.98
C THR A 274 -32.05 3.44 10.60
N PHE A 275 -32.52 4.40 9.80
CA PHE A 275 -33.95 4.48 9.47
C PHE A 275 -34.08 4.53 7.96
N LEU A 276 -35.07 3.84 7.38
CA LEU A 276 -35.31 3.97 5.93
C LEU A 276 -36.39 5.02 5.80
N LEU A 277 -36.09 6.17 5.18
CA LEU A 277 -37.08 7.26 5.14
C LEU A 277 -37.69 7.33 3.74
N LYS A 278 -39.01 7.39 3.65
CA LYS A 278 -39.71 7.41 2.35
C LYS A 278 -40.07 8.85 2.00
N TYR A 279 -39.57 9.36 0.88
CA TYR A 279 -39.84 10.75 0.45
C TYR A 279 -40.87 10.68 -0.68
N ASN A 280 -41.91 11.52 -0.63
CA ASN A 280 -42.99 11.51 -1.65
C ASN A 280 -42.59 12.39 -2.84
N GLU A 281 -43.51 12.64 -3.77
CA GLU A 281 -43.20 13.43 -5.00
C GLU A 281 -42.74 14.85 -4.64
N ASN A 282 -43.31 15.46 -3.61
CA ASN A 282 -42.98 16.86 -3.25
C ASN A 282 -41.73 16.90 -2.36
N GLY A 283 -41.19 15.75 -1.97
CA GLY A 283 -39.94 15.71 -1.19
C GLY A 283 -40.15 15.65 0.32
N THR A 284 -41.41 15.58 0.78
CA THR A 284 -41.71 15.47 2.23
C THR A 284 -41.39 14.06 2.73
N ILE A 285 -40.90 13.89 3.96
CA ILE A 285 -40.68 12.51 4.49
C ILE A 285 -42.03 12.03 5.01
N THR A 286 -42.72 11.21 4.24
CA THR A 286 -44.09 10.78 4.62
C THR A 286 -44.09 9.45 5.37
N ASP A 287 -42.96 8.74 5.44
CA ASP A 287 -42.92 7.48 6.24
C ASP A 287 -41.48 7.12 6.60
N ALA A 288 -41.29 6.28 7.63
CA ALA A 288 -39.93 5.80 8.00
C ALA A 288 -40.05 4.44 8.67
N VAL A 289 -38.99 3.62 8.62
CA VAL A 289 -39.00 2.33 9.39
C VAL A 289 -37.71 2.23 10.20
N ASP A 290 -37.80 1.98 11.50
CA ASP A 290 -36.57 1.76 12.31
C ASP A 290 -36.05 0.39 11.93
N CYS A 291 -34.74 0.20 11.88
CA CYS A 291 -34.25 -1.12 11.40
C CYS A 291 -33.92 -2.05 12.57
N ALA A 292 -34.19 -1.65 13.81
CA ALA A 292 -33.97 -2.57 14.96
C ALA A 292 -35.25 -2.80 15.77
N LEU A 293 -36.35 -2.11 15.43
CA LEU A 293 -37.57 -2.21 16.26
C LEU A 293 -38.10 -3.65 16.22
N ASP A 294 -38.12 -4.27 15.05
CA ASP A 294 -38.74 -5.62 14.90
C ASP A 294 -37.91 -6.43 13.91
N PRO A 295 -38.02 -7.77 13.85
CA PRO A 295 -37.34 -8.54 12.81
C PRO A 295 -37.83 -8.20 11.40
N LEU A 296 -39.13 -8.00 11.24
CA LEU A 296 -39.71 -7.63 9.92
C LEU A 296 -39.09 -6.30 9.50
N SER A 297 -38.88 -5.39 10.45
CA SER A 297 -38.35 -4.06 10.09
C SER A 297 -36.94 -4.20 9.50
N GLU A 298 -36.12 -5.10 10.03
CA GLU A 298 -34.75 -5.29 9.52
C GLU A 298 -34.82 -5.79 8.08
N THR A 299 -35.79 -6.66 7.78
CA THR A 299 -35.97 -7.17 6.40
C THR A 299 -36.35 -6.01 5.48
N LYS A 300 -37.21 -5.11 5.96
CA LYS A 300 -37.68 -4.02 5.08
C LYS A 300 -36.49 -3.16 4.68
N CYS A 301 -35.57 -2.87 5.60
CA CYS A 301 -34.34 -2.08 5.28
C CYS A 301 -33.40 -2.84 4.35
N THR A 302 -33.22 -4.16 4.56
CA THR A 302 -32.34 -4.99 3.69
C THR A 302 -32.90 -5.05 2.27
N LEU A 303 -34.22 -5.19 2.11
CA LEU A 303 -34.88 -5.24 0.79
C LEU A 303 -35.13 -3.82 0.27
N LYS A 304 -34.87 -2.79 1.09
CA LYS A 304 -35.10 -1.38 0.70
C LYS A 304 -36.54 -1.18 0.23
N SER A 305 -37.50 -1.78 0.94
CA SER A 305 -38.92 -1.57 0.58
C SER A 305 -39.81 -1.61 1.81
N PHE A 306 -40.98 -0.99 1.73
CA PHE A 306 -41.93 -1.04 2.87
C PHE A 306 -42.88 -2.23 2.69
N THR A 307 -42.73 -2.94 1.56
CA THR A 307 -43.56 -4.15 1.34
C THR A 307 -42.64 -5.35 1.13
N VAL A 308 -42.89 -6.46 1.83
CA VAL A 308 -42.04 -7.67 1.73
C VAL A 308 -42.90 -8.81 1.19
N GLU A 309 -42.47 -9.49 0.13
CA GLU A 309 -43.24 -10.64 -0.45
C GLU A 309 -42.91 -11.92 0.33
N LYS A 310 -43.70 -12.98 0.16
CA LYS A 310 -43.51 -14.21 0.97
C LYS A 310 -42.12 -14.81 0.71
N GLY A 311 -41.41 -15.22 1.77
CA GLY A 311 -40.11 -15.90 1.54
C GLY A 311 -39.24 -16.00 2.77
N ILE A 312 -38.01 -16.51 2.61
CA ILE A 312 -37.02 -16.56 3.73
C ILE A 312 -35.95 -15.55 3.33
N TYR A 313 -35.69 -14.53 4.16
CA TYR A 313 -34.76 -13.47 3.72
C TYR A 313 -33.65 -13.27 4.73
N GLN A 314 -32.39 -13.49 4.36
CA GLN A 314 -31.30 -13.39 5.36
C GLN A 314 -31.10 -11.94 5.76
N THR A 315 -31.16 -11.63 7.05
CA THR A 315 -31.10 -10.23 7.48
C THR A 315 -29.82 -9.91 8.23
N SER A 316 -29.28 -10.80 9.06
CA SER A 316 -28.14 -10.40 9.91
C SER A 316 -27.15 -11.52 10.16
N ASN A 317 -26.48 -11.51 11.32
CA ASN A 317 -25.51 -12.57 11.69
C ASN A 317 -25.47 -12.63 13.21
N PHE A 318 -25.53 -13.83 13.80
CA PHE A 318 -25.55 -13.99 15.27
C PHE A 318 -24.21 -14.55 15.71
N ARG A 319 -23.45 -13.85 16.55
CA ARG A 319 -22.18 -14.41 17.07
C ARG A 319 -22.17 -14.36 18.61
N VAL A 320 -21.97 -15.50 19.27
CA VAL A 320 -21.81 -15.45 20.75
C VAL A 320 -20.52 -14.68 20.98
N GLN A 321 -20.46 -13.80 21.99
CA GLN A 321 -19.24 -12.96 22.14
C GLN A 321 -18.40 -13.45 23.34
N PRO A 322 -17.04 -13.43 23.32
CA PRO A 322 -16.24 -13.80 24.49
C PRO A 322 -16.78 -13.32 25.83
N THR A 323 -16.73 -14.18 26.85
CA THR A 323 -17.33 -13.83 28.17
C THR A 323 -16.30 -13.61 29.28
N GLU A 324 -15.37 -14.55 29.53
CA GLU A 324 -14.49 -14.40 30.72
C GLU A 324 -13.00 -14.63 30.48
N SER A 325 -12.31 -13.87 29.63
CA SER A 325 -10.86 -14.05 29.30
C SER A 325 -10.03 -14.71 30.43
N ILE A 326 -9.56 -15.95 30.21
CA ILE A 326 -8.76 -16.69 31.24
C ILE A 326 -7.33 -16.93 30.71
N VAL A 327 -6.33 -16.86 31.59
CA VAL A 327 -4.92 -17.19 31.19
C VAL A 327 -4.43 -18.30 32.10
N ARG A 328 -3.94 -19.41 31.54
CA ARG A 328 -3.39 -20.52 32.36
C ARG A 328 -1.90 -20.68 32.04
N PHE A 329 -1.04 -20.70 33.06
CA PHE A 329 0.43 -20.77 32.82
C PHE A 329 1.04 -21.90 33.67
N PRO A 330 2.22 -22.52 33.33
CA PRO A 330 2.76 -23.66 34.10
C PRO A 330 3.05 -23.28 35.56
N ASN A 331 3.26 -24.27 36.43
CA ASN A 331 3.45 -23.96 37.87
C ASN A 331 4.67 -23.03 38.03
N ILE A 332 4.58 -22.02 38.89
CA ILE A 332 5.66 -21.00 39.02
C ILE A 332 6.97 -21.66 39.48
N THR A 333 6.88 -22.62 40.41
CA THR A 333 8.03 -23.45 40.89
C THR A 333 9.03 -22.59 41.68
N ASN A 334 10.30 -23.02 41.77
CA ASN A 334 11.30 -22.32 42.62
C ASN A 334 11.55 -20.89 42.15
N LEU A 335 11.64 -19.95 43.09
CA LEU A 335 11.91 -18.53 42.76
C LEU A 335 13.41 -18.29 42.71
N CYS A 336 13.84 -17.03 42.54
CA CYS A 336 15.28 -16.71 42.39
C CYS A 336 16.09 -16.89 43.71
N PRO A 337 17.44 -17.09 43.69
CA PRO A 337 18.20 -17.26 44.92
C PRO A 337 18.57 -15.95 45.64
N PHE A 338 17.57 -15.28 46.25
CA PHE A 338 17.87 -14.09 47.08
C PHE A 338 18.15 -14.61 48.48
N GLY A 339 18.21 -15.93 48.63
CA GLY A 339 18.38 -16.51 49.98
C GLY A 339 19.70 -16.03 50.56
N GLU A 340 20.77 -16.05 49.78
CA GLU A 340 22.07 -15.53 50.26
C GLU A 340 21.98 -14.03 50.51
N VAL A 341 21.10 -13.34 49.79
CA VAL A 341 21.02 -11.85 49.92
C VAL A 341 20.72 -11.49 51.39
N PHE A 342 19.85 -12.23 52.07
CA PHE A 342 19.63 -11.87 53.50
C PHE A 342 20.20 -12.92 54.46
N ASN A 343 20.85 -13.98 53.96
CA ASN A 343 21.31 -15.06 54.88
C ASN A 343 22.82 -15.01 55.16
N ALA A 344 23.52 -13.98 54.70
CA ALA A 344 24.97 -13.90 55.05
C ALA A 344 25.11 -13.17 56.38
N THR A 345 25.59 -13.87 57.41
CA THR A 345 25.76 -13.24 58.74
C THR A 345 26.78 -12.12 58.62
N ARG A 346 27.88 -12.35 57.91
CA ARG A 346 28.92 -11.32 57.72
C ARG A 346 28.94 -10.88 56.25
N PHE A 347 28.48 -9.66 55.98
CA PHE A 347 28.47 -9.12 54.59
C PHE A 347 29.90 -8.80 54.16
N ALA A 348 30.15 -8.80 52.85
CA ALA A 348 31.51 -8.47 52.34
C ALA A 348 31.82 -6.99 52.60
N SER A 349 33.08 -6.66 52.89
CA SER A 349 33.49 -5.24 53.08
C SER A 349 33.53 -4.54 51.72
N VAL A 350 33.52 -3.21 51.69
CA VAL A 350 33.42 -2.51 50.37
C VAL A 350 34.62 -2.84 49.47
N TYR A 351 35.86 -2.80 49.98
CA TYR A 351 37.00 -3.03 49.07
C TYR A 351 36.92 -4.46 48.55
N ALA A 352 36.65 -5.41 49.45
CA ALA A 352 36.52 -6.84 49.05
C ALA A 352 35.06 -7.14 48.72
N TRP A 353 34.50 -6.55 47.66
CA TRP A 353 33.07 -6.82 47.44
C TRP A 353 32.90 -8.15 46.71
N ASN A 354 32.12 -9.05 47.30
CA ASN A 354 31.89 -10.38 46.68
C ASN A 354 30.98 -10.20 45.47
N ARG A 355 31.16 -11.02 44.44
CA ARG A 355 30.24 -10.95 43.28
C ARG A 355 29.46 -12.27 43.22
N LYS A 356 28.13 -12.20 43.04
CA LYS A 356 27.29 -13.41 42.97
C LYS A 356 26.56 -13.41 41.62
N ARG A 357 26.31 -14.58 41.06
CA ARG A 357 25.64 -14.67 39.73
C ARG A 357 24.20 -15.12 39.94
N ILE A 358 23.25 -14.42 39.33
CA ILE A 358 21.81 -14.80 39.43
C ILE A 358 21.32 -15.19 38.03
N SER A 359 20.73 -16.38 37.87
CA SER A 359 20.17 -16.78 36.55
C SER A 359 19.22 -17.98 36.66
N ASN A 360 18.48 -18.30 35.58
CA ASN A 360 17.63 -19.53 35.51
C ASN A 360 16.60 -19.65 36.66
N CYS A 361 15.86 -18.59 36.99
CA CYS A 361 14.94 -18.66 38.14
C CYS A 361 13.76 -17.70 37.92
N VAL A 362 12.72 -17.77 38.78
CA VAL A 362 11.59 -16.79 38.65
C VAL A 362 11.84 -15.58 39.55
N ALA A 363 11.89 -14.39 38.94
CA ALA A 363 12.19 -13.16 39.72
C ALA A 363 11.02 -12.80 40.62
N ASP A 364 11.32 -12.21 41.79
CA ASP A 364 10.25 -11.75 42.70
C ASP A 364 10.61 -10.33 43.14
N TYR A 365 10.57 -9.37 42.21
CA TYR A 365 10.80 -7.95 42.59
C TYR A 365 9.62 -7.52 43.45
N SER A 366 8.49 -8.23 43.34
CA SER A 366 7.34 -7.94 44.22
C SER A 366 7.78 -8.18 45.67
N VAL A 367 8.48 -9.29 45.91
CA VAL A 367 8.87 -9.63 47.31
C VAL A 367 9.87 -8.57 47.78
N LEU A 368 10.67 -8.03 46.85
CA LEU A 368 11.64 -6.97 47.21
C LEU A 368 10.90 -5.73 47.73
N TYR A 369 9.78 -5.34 47.10
CA TYR A 369 9.02 -4.19 47.65
C TYR A 369 7.85 -4.65 48.56
N ASN A 370 7.60 -5.96 48.66
CA ASN A 370 6.54 -6.45 49.59
C ASN A 370 7.19 -6.84 50.92
N SER A 371 8.52 -6.72 51.03
CA SER A 371 9.19 -7.01 52.31
C SER A 371 8.80 -5.94 53.32
N ALA A 372 8.62 -4.69 52.88
CA ALA A 372 8.36 -3.57 53.81
C ALA A 372 9.35 -3.53 54.99
N SER A 373 10.34 -4.42 55.02
CA SER A 373 11.39 -4.35 56.07
C SER A 373 12.63 -3.68 55.49
N PHE A 374 12.74 -3.66 54.17
CA PHE A 374 13.88 -3.02 53.49
C PHE A 374 13.82 -1.51 53.77
N SER A 375 14.97 -0.88 54.04
CA SER A 375 14.97 0.58 54.32
C SER A 375 14.97 1.42 53.04
N THR A 376 15.73 1.02 52.01
CA THR A 376 15.83 1.88 50.80
C THR A 376 15.58 1.07 49.54
N PHE A 377 15.00 1.70 48.51
CA PHE A 377 14.72 1.01 47.24
C PHE A 377 14.73 2.02 46.09
N LYS A 378 15.84 2.13 45.35
CA LYS A 378 15.85 3.01 44.15
C LYS A 378 16.31 2.19 42.94
N CYS A 379 15.46 2.08 41.92
CA CYS A 379 15.85 1.34 40.69
C CYS A 379 15.86 2.31 39.51
N TYR A 380 17.06 2.70 39.06
CA TYR A 380 17.19 3.72 37.97
C TYR A 380 16.71 3.25 36.61
N GLY A 381 16.95 1.99 36.24
CA GLY A 381 16.68 1.57 34.84
C GLY A 381 15.26 1.76 34.36
N VAL A 382 14.28 1.37 35.16
CA VAL A 382 12.85 1.59 34.77
C VAL A 382 12.02 1.52 36.05
N SER A 383 10.74 1.88 35.98
CA SER A 383 9.90 1.89 37.19
C SER A 383 10.02 0.49 37.80
N PRO A 384 10.30 0.37 39.10
CA PRO A 384 10.56 -0.94 39.68
C PRO A 384 9.35 -1.87 39.52
N THR A 385 8.13 -1.32 39.64
CA THR A 385 6.95 -2.22 39.60
C THR A 385 6.89 -2.93 38.25
N LYS A 386 7.14 -2.24 37.14
CA LYS A 386 6.98 -2.84 35.78
C LYS A 386 8.11 -3.82 35.47
N LEU A 387 9.19 -3.82 36.26
CA LEU A 387 10.38 -4.64 35.94
C LEU A 387 10.04 -6.13 35.89
N ASN A 388 9.01 -6.58 36.61
CA ASN A 388 8.75 -8.03 36.70
C ASN A 388 8.53 -8.62 35.30
N ASP A 389 7.83 -7.89 34.43
CA ASP A 389 7.60 -8.35 33.02
C ASP A 389 8.91 -8.44 32.24
N LEU A 390 9.86 -7.53 32.46
CA LEU A 390 11.09 -7.48 31.63
C LEU A 390 11.87 -8.80 31.70
N CYS A 391 12.39 -9.27 30.56
CA CYS A 391 13.20 -10.52 30.50
C CYS A 391 14.63 -10.20 30.02
N PHE A 392 15.66 -10.79 30.65
CA PHE A 392 17.07 -10.52 30.29
C PHE A 392 17.85 -11.82 30.12
N THR A 393 18.98 -11.79 29.39
CA THR A 393 19.86 -12.99 29.29
C THR A 393 20.57 -13.29 30.61
N ASN A 394 21.12 -12.27 31.29
CA ASN A 394 21.94 -12.55 32.51
C ASN A 394 21.70 -11.50 33.61
N VAL A 395 22.01 -11.84 34.86
CA VAL A 395 21.86 -10.89 36.01
C VAL A 395 23.15 -10.91 36.82
N TYR A 396 23.60 -9.75 37.32
CA TYR A 396 24.80 -9.69 38.19
C TYR A 396 24.47 -8.94 39.47
N ALA A 397 24.97 -9.42 40.62
CA ALA A 397 24.60 -8.78 41.91
C ALA A 397 25.81 -8.69 42.86
N ASP A 398 25.88 -7.63 43.67
CA ASP A 398 26.99 -7.45 44.63
C ASP A 398 26.44 -7.08 46.01
N SER A 399 26.96 -7.68 47.07
CA SER A 399 26.51 -7.33 48.45
C SER A 399 27.67 -6.73 49.25
N PHE A 400 27.48 -5.56 49.84
CA PHE A 400 28.54 -4.92 50.68
C PHE A 400 27.86 -3.98 51.69
N VAL A 401 28.58 -3.65 52.76
CA VAL A 401 28.00 -2.77 53.82
C VAL A 401 28.69 -1.40 53.74
N ILE A 402 27.90 -0.32 53.62
CA ILE A 402 28.48 1.04 53.56
C ILE A 402 27.75 1.94 54.57
N ARG A 403 28.39 3.04 54.97
CA ARG A 403 27.78 3.98 55.95
C ARG A 403 26.59 4.70 55.29
N GLY A 404 25.64 5.16 56.10
CA GLY A 404 24.45 5.83 55.57
C GLY A 404 24.84 7.05 54.77
N ASP A 405 25.90 7.73 55.21
CA ASP A 405 26.37 8.93 54.47
C ASP A 405 26.77 8.52 53.06
N GLU A 406 27.38 7.34 52.89
CA GLU A 406 27.88 6.96 51.55
C GLU A 406 26.79 6.31 50.70
N VAL A 407 25.61 6.05 51.25
CA VAL A 407 24.61 5.30 50.42
C VAL A 407 24.27 6.13 49.18
N ARG A 408 24.19 7.45 49.32
CA ARG A 408 23.81 8.33 48.19
C ARG A 408 24.88 8.24 47.09
N GLN A 409 26.13 7.97 47.45
CA GLN A 409 27.24 8.01 46.45
C GLN A 409 27.03 7.02 45.30
N ILE A 410 26.50 5.84 45.55
CA ILE A 410 26.43 4.83 44.45
C ILE A 410 25.28 5.18 43.51
N ALA A 411 25.59 5.57 42.26
CA ALA A 411 24.57 5.89 41.24
C ALA A 411 25.27 5.82 39.87
N PRO A 412 24.57 5.63 38.74
CA PRO A 412 25.25 5.66 37.43
C PRO A 412 25.64 7.12 37.14
N GLY A 413 26.92 7.36 36.83
CA GLY A 413 27.40 8.72 36.54
C GLY A 413 27.69 9.53 37.80
N GLN A 414 27.56 8.92 38.99
CA GLN A 414 27.80 9.65 40.26
C GLN A 414 28.70 8.81 41.15
N THR A 415 29.51 9.44 42.00
CA THR A 415 30.47 8.68 42.83
C THR A 415 30.73 9.40 44.16
N GLY A 416 31.83 9.03 44.83
CA GLY A 416 32.24 9.69 46.09
C GLY A 416 33.59 9.11 46.46
N LYS A 417 34.15 9.45 47.63
CA LYS A 417 35.51 8.94 47.92
C LYS A 417 35.46 7.40 47.86
N ILE A 418 34.42 6.82 48.48
CA ILE A 418 34.27 5.34 48.48
C ILE A 418 34.07 4.86 47.03
N ALA A 419 33.21 5.53 46.27
CA ALA A 419 32.95 5.06 44.90
C ALA A 419 34.22 5.19 44.04
N ASP A 420 34.96 6.28 44.21
CA ASP A 420 36.14 6.53 43.33
C ASP A 420 37.20 5.44 43.48
N TYR A 421 37.49 5.01 44.71
CA TYR A 421 38.60 4.04 44.90
C TYR A 421 38.10 2.62 45.23
N ASN A 422 36.82 2.46 45.59
CA ASN A 422 36.35 1.11 46.02
C ASN A 422 35.34 0.55 45.03
N TYR A 423 34.05 0.81 45.21
CA TYR A 423 33.02 0.34 44.24
C TYR A 423 32.19 1.51 43.72
N LYS A 424 31.89 1.52 42.42
CA LYS A 424 31.15 2.64 41.80
C LYS A 424 30.18 2.07 40.76
N LEU A 425 29.28 2.91 40.23
CA LEU A 425 28.27 2.40 39.26
C LEU A 425 28.61 2.86 37.84
N PRO A 426 28.47 1.98 36.82
CA PRO A 426 28.74 2.34 35.43
C PRO A 426 27.71 3.35 34.89
N ASP A 427 28.04 4.05 33.81
CA ASP A 427 27.15 5.13 33.28
C ASP A 427 25.77 4.56 32.93
N ASP A 428 25.69 3.30 32.46
CA ASP A 428 24.32 2.74 32.20
C ASP A 428 24.04 1.59 33.15
N PHE A 429 23.19 1.82 34.15
CA PHE A 429 22.77 0.70 35.04
C PHE A 429 21.25 0.56 34.92
N THR A 430 20.77 -0.64 34.58
CA THR A 430 19.32 -0.85 34.35
C THR A 430 18.75 -1.74 35.47
N GLY A 431 19.40 -1.77 36.63
CA GLY A 431 18.89 -2.57 37.76
C GLY A 431 18.48 -1.72 38.95
N CYS A 432 18.70 -2.21 40.17
CA CYS A 432 18.23 -1.48 41.38
C CYS A 432 19.30 -1.43 42.46
N VAL A 433 19.19 -0.48 43.40
CA VAL A 433 20.14 -0.42 44.56
C VAL A 433 19.31 -0.55 45.83
N ILE A 434 19.61 -1.51 46.70
CA ILE A 434 18.74 -1.76 47.90
C ILE A 434 19.58 -1.70 49.18
N ALA A 435 19.06 -1.06 50.22
CA ALA A 435 19.79 -0.95 51.50
C ALA A 435 18.92 -1.36 52.68
N TRP A 436 19.45 -2.18 53.59
CA TRP A 436 18.70 -2.50 54.84
C TRP A 436 19.62 -2.32 56.05
N ASN A 437 19.20 -1.50 57.00
CA ASN A 437 20.04 -1.24 58.21
C ASN A 437 20.06 -2.48 59.09
N SER A 438 21.21 -2.77 59.70
CA SER A 438 21.30 -3.94 60.61
C SER A 438 21.96 -3.46 61.90
N ASN A 439 21.25 -2.65 62.68
CA ASN A 439 21.92 -2.06 63.86
C ASN A 439 22.38 -3.17 64.81
N ASN A 440 21.48 -4.09 65.15
CA ASN A 440 21.88 -5.11 66.16
C ASN A 440 22.92 -6.06 65.57
N LEU A 441 22.73 -6.44 64.30
CA LEU A 441 23.61 -7.46 63.68
C LEU A 441 25.05 -6.98 63.51
N ASP A 442 25.27 -5.73 63.08
CA ASP A 442 26.65 -5.31 62.76
C ASP A 442 27.18 -4.17 63.64
N SER A 443 26.63 -3.96 64.83
CA SER A 443 27.22 -2.93 65.73
C SER A 443 27.46 -3.59 67.09
N LYS A 444 28.41 -4.54 67.15
CA LYS A 444 28.65 -5.30 68.40
C LYS A 444 29.44 -4.45 69.41
N VAL A 445 29.27 -4.76 70.70
CA VAL A 445 30.00 -4.03 71.78
C VAL A 445 31.48 -4.41 71.74
N GLY A 446 32.37 -3.49 72.16
CA GLY A 446 33.83 -3.80 72.21
C GLY A 446 34.54 -3.56 70.89
N GLY A 447 33.85 -3.02 69.89
CA GLY A 447 34.47 -2.71 68.58
C GLY A 447 34.24 -3.80 67.55
N ASN A 448 34.18 -3.42 66.27
CA ASN A 448 33.97 -4.42 65.19
C ASN A 448 35.19 -4.42 64.27
N TYR A 449 35.99 -5.47 64.32
CA TYR A 449 37.22 -5.53 63.49
C TYR A 449 36.87 -6.18 62.16
N ASN A 450 35.64 -6.65 62.03
CA ASN A 450 35.20 -7.37 60.80
C ASN A 450 35.24 -6.48 59.55
N TYR A 451 34.89 -5.21 59.68
CA TYR A 451 34.76 -4.38 58.44
C TYR A 451 35.90 -3.37 58.29
N LEU A 452 36.50 -3.31 57.09
CA LEU A 452 37.56 -2.31 56.79
C LEU A 452 37.23 -1.66 55.44
N TYR A 453 37.68 -0.43 55.19
CA TYR A 453 37.27 0.26 53.94
C TYR A 453 38.50 0.79 53.18
N ARG A 454 38.51 0.65 51.84
CA ARG A 454 39.64 1.14 51.01
C ARG A 454 39.63 2.68 51.02
N LEU A 455 40.78 3.31 51.18
CA LEU A 455 40.82 4.80 51.31
C LEU A 455 41.67 5.46 50.21
N PHE A 456 42.69 4.76 49.70
CA PHE A 456 43.60 5.45 48.75
C PHE A 456 43.82 4.68 47.44
N ARG A 457 43.67 5.33 46.28
CA ARG A 457 44.03 4.69 44.99
C ARG A 457 44.67 5.75 44.10
N LYS A 458 45.57 5.36 43.20
CA LYS A 458 46.28 6.36 42.35
C LYS A 458 45.29 7.09 41.43
N SER A 459 44.32 6.36 40.84
CA SER A 459 43.37 6.98 39.87
C SER A 459 42.01 6.29 40.01
N ASN A 460 40.98 6.84 39.35
CA ASN A 460 39.61 6.27 39.50
C ASN A 460 39.59 4.83 39.00
N LEU A 461 38.97 3.94 39.77
CA LEU A 461 38.88 2.50 39.40
C LEU A 461 37.76 2.30 38.36
N LYS A 462 37.78 1.19 37.62
CA LYS A 462 36.71 0.90 36.62
C LYS A 462 35.43 0.47 37.34
N PRO A 463 34.21 0.77 36.82
CA PRO A 463 32.98 0.30 37.44
C PRO A 463 32.95 -1.23 37.40
N PHE A 464 32.38 -1.86 38.43
CA PHE A 464 32.36 -3.35 38.52
C PHE A 464 33.79 -3.89 38.56
N GLU A 465 34.72 -3.17 39.20
CA GLU A 465 36.09 -3.69 39.32
C GLU A 465 36.44 -3.92 40.79
N ARG A 466 36.94 -5.11 41.11
CA ARG A 466 37.37 -5.41 42.50
C ARG A 466 38.88 -5.22 42.59
N ASP A 467 39.36 -4.07 43.10
CA ASP A 467 40.81 -3.95 43.36
C ASP A 467 41.02 -4.48 44.78
N ILE A 468 40.60 -5.72 45.02
CA ILE A 468 40.66 -6.34 46.38
C ILE A 468 42.14 -6.41 46.76
N SER A 469 42.99 -6.49 45.76
CA SER A 469 44.43 -6.68 46.06
C SER A 469 44.85 -5.59 47.05
N THR A 470 45.58 -5.99 48.09
CA THR A 470 46.06 -5.01 49.08
C THR A 470 47.32 -4.37 48.52
N GLU A 471 47.20 -3.75 47.34
CA GLU A 471 48.36 -3.04 46.75
C GLU A 471 48.68 -1.88 47.69
N ILE A 472 49.96 -1.67 48.00
CA ILE A 472 50.36 -0.49 48.83
C ILE A 472 50.86 0.58 47.87
N TYR A 473 52.01 1.19 48.18
CA TYR A 473 52.62 2.18 47.24
C TYR A 473 51.74 3.39 46.97
N GLN A 474 50.98 3.86 47.97
CA GLN A 474 50.25 5.14 47.76
C GLN A 474 51.20 6.27 48.18
N ALA A 475 52.31 6.45 47.44
CA ALA A 475 53.31 7.45 47.87
C ALA A 475 53.83 8.24 46.66
N GLY A 476 54.58 7.58 45.77
CA GLY A 476 55.17 8.30 44.63
C GLY A 476 56.66 8.56 44.80
N SER A 477 57.03 9.64 45.51
CA SER A 477 58.46 10.02 45.58
C SER A 477 59.31 8.90 46.20
N THR A 478 58.80 8.23 47.23
CA THR A 478 59.62 7.21 47.92
C THR A 478 58.96 5.84 47.77
N PRO A 479 59.71 4.74 47.54
CA PRO A 479 59.12 3.41 47.50
C PRO A 479 58.48 3.08 48.86
N CYS A 480 57.28 2.49 48.86
CA CYS A 480 56.54 2.21 50.13
C CYS A 480 57.18 1.04 50.86
N ASN A 481 58.10 0.31 50.20
CA ASN A 481 58.66 -0.91 50.80
C ASN A 481 59.35 -0.58 52.13
N GLY A 482 60.14 0.48 52.18
CA GLY A 482 60.88 0.75 53.43
C GLY A 482 59.99 1.07 54.62
N VAL A 483 59.02 1.98 54.47
CA VAL A 483 58.21 2.42 55.65
C VAL A 483 57.00 3.23 55.21
N GLU A 484 55.98 3.35 56.07
CA GLU A 484 54.83 4.25 55.78
C GLU A 484 55.20 5.61 56.38
N GLY A 485 56.33 6.20 55.96
CA GLY A 485 56.81 7.42 56.63
C GLY A 485 55.89 8.62 56.54
N PHE A 486 55.30 8.89 55.38
CA PHE A 486 54.48 10.12 55.25
C PHE A 486 53.32 9.89 54.29
N ASN A 487 53.54 10.13 52.99
CA ASN A 487 52.49 9.85 51.99
C ASN A 487 52.21 8.34 52.00
N CYS A 488 53.25 7.52 52.18
CA CYS A 488 53.08 6.05 52.15
C CYS A 488 52.13 5.64 53.28
N TYR A 489 51.16 4.77 52.96
CA TYR A 489 50.16 4.34 53.96
C TYR A 489 49.52 3.02 53.55
N PHE A 490 48.87 2.33 54.49
CA PHE A 490 48.11 1.11 54.12
C PHE A 490 46.78 1.64 53.60
N PRO A 491 46.36 1.41 52.33
CA PRO A 491 45.13 2.03 51.81
C PRO A 491 43.86 1.46 52.46
N LEU A 492 44.03 0.48 53.34
CA LEU A 492 42.86 -0.10 54.04
C LEU A 492 42.76 0.52 55.44
N GLN A 493 41.58 0.98 55.85
CA GLN A 493 41.44 1.68 57.15
C GLN A 493 40.35 0.98 57.98
N SER A 494 40.35 1.18 59.31
CA SER A 494 39.42 0.41 60.18
C SER A 494 38.06 1.08 60.37
N TYR A 495 36.96 0.35 60.10
CA TYR A 495 35.60 0.89 60.37
C TYR A 495 35.07 0.27 61.66
N GLY A 496 35.62 0.68 62.81
CA GLY A 496 35.16 0.15 64.11
C GLY A 496 33.75 0.61 64.43
N PHE A 497 32.94 -0.24 65.08
CA PHE A 497 31.52 0.12 65.35
C PHE A 497 31.16 -0.09 66.82
N GLN A 498 30.29 0.77 67.35
CA GLN A 498 29.81 0.64 68.77
C GLN A 498 28.31 0.89 68.76
N PRO A 499 27.52 0.47 69.77
CA PRO A 499 26.06 0.62 69.74
C PRO A 499 25.66 2.10 69.62
N THR A 500 26.47 3.02 70.16
CA THR A 500 26.16 4.47 70.17
C THR A 500 26.15 5.05 68.75
N ASN A 501 26.71 4.34 67.76
CA ASN A 501 26.83 4.92 66.40
C ASN A 501 25.47 5.36 65.88
N GLY A 502 25.41 6.54 65.23
CA GLY A 502 24.14 7.08 64.70
C GLY A 502 23.81 6.48 63.35
N VAL A 503 22.72 6.91 62.71
CA VAL A 503 22.28 6.24 61.45
C VAL A 503 23.38 6.31 60.38
N GLY A 504 23.98 7.50 60.18
CA GLY A 504 25.05 7.63 59.17
C GLY A 504 26.21 6.75 59.55
N TYR A 505 26.56 6.74 60.84
CA TYR A 505 27.64 5.84 61.33
C TYR A 505 27.19 4.38 61.22
N GLN A 506 25.90 4.10 61.46
CA GLN A 506 25.43 2.69 61.50
C GLN A 506 25.68 2.02 60.15
N PRO A 507 26.18 0.77 60.14
CA PRO A 507 26.40 0.05 58.90
C PRO A 507 25.06 -0.24 58.23
N TYR A 508 24.94 0.10 56.94
CA TYR A 508 23.71 -0.21 56.18
C TYR A 508 24.10 -1.28 55.16
N ARG A 509 23.47 -2.46 55.24
CA ARG A 509 23.75 -3.51 54.23
C ARG A 509 23.22 -3.03 52.88
N VAL A 510 23.97 -3.24 51.80
CA VAL A 510 23.54 -2.70 50.47
C VAL A 510 23.72 -3.78 49.40
N VAL A 511 22.84 -3.80 48.38
CA VAL A 511 23.02 -4.74 47.25
C VAL A 511 22.81 -3.94 45.97
N VAL A 512 23.34 -4.40 44.85
CA VAL A 512 23.12 -3.70 43.56
C VAL A 512 22.75 -4.75 42.50
N LEU A 513 21.87 -4.39 41.56
CA LEU A 513 21.40 -5.39 40.55
C LEU A 513 21.54 -4.78 39.15
N SER A 514 21.85 -5.59 38.13
CA SER A 514 21.86 -5.10 36.73
C SER A 514 21.53 -6.28 35.80
N PHE A 515 21.00 -6.00 34.61
CA PHE A 515 20.56 -7.10 33.71
C PHE A 515 20.99 -6.81 32.26
N GLU A 516 21.28 -7.85 31.48
CA GLU A 516 21.74 -7.67 30.07
C GLU A 516 21.21 -8.81 29.19
N LEU A 517 20.78 -8.53 27.95
CA LEU A 517 20.35 -9.59 27.00
C LEU A 517 21.06 -9.40 25.66
N LEU A 518 21.91 -10.35 25.25
CA LEU A 518 22.56 -10.28 23.92
C LEU A 518 22.55 -11.66 23.27
N THR A 523 16.85 -15.69 30.08
CA THR A 523 16.67 -16.82 31.03
C THR A 523 16.26 -16.28 32.41
N VAL A 524 15.86 -15.01 32.53
CA VAL A 524 15.39 -14.55 33.88
C VAL A 524 14.22 -13.56 33.82
N CYS A 525 13.00 -13.98 34.18
CA CYS A 525 11.85 -13.02 34.29
C CYS A 525 10.75 -13.50 35.25
N GLY A 526 9.78 -12.62 35.56
CA GLY A 526 8.73 -12.93 36.56
C GLY A 526 7.68 -13.92 36.09
N PRO A 527 6.85 -14.49 37.00
CA PRO A 527 5.88 -15.52 36.65
C PRO A 527 4.51 -14.97 36.22
N LYS A 528 3.49 -15.83 36.15
CA LYS A 528 2.12 -15.35 35.81
C LYS A 528 1.12 -15.82 36.87
N LYS A 529 0.07 -15.04 37.11
CA LYS A 529 -0.91 -15.37 38.18
C LYS A 529 -1.69 -16.67 37.90
N SER A 530 -2.12 -16.91 36.66
CA SER A 530 -2.88 -18.14 36.28
C SER A 530 -4.31 -18.16 36.84
N THR A 531 -5.29 -17.69 36.07
CA THR A 531 -6.73 -17.67 36.44
C THR A 531 -7.36 -19.02 36.14
N ASN A 532 -8.33 -19.45 36.96
CA ASN A 532 -8.91 -20.80 36.82
C ASN A 532 -9.56 -21.01 35.45
N LEU A 533 -9.39 -22.20 34.87
CA LEU A 533 -9.96 -22.50 33.52
C LEU A 533 -11.48 -22.56 33.58
N VAL A 534 -12.15 -22.13 32.51
CA VAL A 534 -13.64 -22.24 32.45
C VAL A 534 -14.00 -23.18 31.31
N LYS A 535 -14.87 -24.16 31.58
CA LYS A 535 -15.24 -25.16 30.56
C LYS A 535 -16.66 -24.91 30.06
N ASN A 536 -16.93 -25.20 28.79
CA ASN A 536 -18.27 -25.01 28.20
C ASN A 536 -18.70 -23.54 28.19
N LYS A 537 -17.79 -22.60 27.92
CA LYS A 537 -18.18 -21.17 27.78
C LYS A 537 -17.33 -20.54 26.68
N CYS A 538 -17.85 -19.56 25.93
CA CYS A 538 -16.96 -18.90 24.93
C CYS A 538 -16.07 -17.93 25.71
N VAL A 539 -14.76 -18.20 25.76
CA VAL A 539 -13.83 -17.40 26.60
C VAL A 539 -12.55 -17.15 25.83
N ASN A 540 -11.90 -15.99 25.99
CA ASN A 540 -10.58 -15.78 25.35
C ASN A 540 -9.59 -16.69 26.07
N PHE A 541 -8.64 -17.30 25.38
CA PHE A 541 -7.77 -18.23 26.12
C PHE A 541 -6.29 -17.97 25.82
N ASN A 542 -5.47 -17.90 26.87
CA ASN A 542 -4.00 -17.82 26.65
C ASN A 542 -3.41 -18.97 27.45
N PHE A 543 -2.70 -19.87 26.78
CA PHE A 543 -2.04 -20.98 27.50
C PHE A 543 -0.56 -20.63 27.62
N ASN A 544 0.34 -21.54 27.26
CA ASN A 544 1.77 -21.17 27.28
C ASN A 544 2.07 -20.41 25.99
N GLY A 545 1.53 -19.19 25.84
CA GLY A 545 1.80 -18.36 24.66
C GLY A 545 0.79 -18.48 23.52
N LEU A 546 -0.20 -19.39 23.60
CA LEU A 546 -1.10 -19.55 22.43
C LEU A 546 -2.41 -18.81 22.69
N THR A 547 -2.84 -17.95 21.76
CA THR A 547 -4.03 -17.11 22.03
C THR A 547 -5.16 -17.35 21.02
N GLY A 548 -6.39 -17.58 21.50
CA GLY A 548 -7.56 -17.78 20.62
C GLY A 548 -8.84 -17.57 21.42
N THR A 549 -10.01 -17.53 20.77
CA THR A 549 -11.30 -17.46 21.50
C THR A 549 -12.09 -18.75 21.23
N GLY A 550 -12.52 -19.48 22.25
CA GLY A 550 -13.20 -20.75 21.97
C GLY A 550 -13.90 -21.35 23.17
N VAL A 551 -14.66 -22.43 22.97
CA VAL A 551 -15.24 -23.14 24.14
C VAL A 551 -14.34 -24.33 24.45
N LEU A 552 -13.87 -24.46 25.70
CA LEU A 552 -12.91 -25.54 26.05
C LEU A 552 -13.65 -26.67 26.77
N THR A 553 -13.63 -27.88 26.22
CA THR A 553 -14.35 -29.05 26.79
C THR A 553 -13.35 -30.21 26.91
N GLU A 554 -13.59 -31.20 27.76
CA GLU A 554 -12.59 -32.29 27.96
C GLU A 554 -12.50 -33.15 26.70
N SER A 555 -11.35 -33.78 26.44
CA SER A 555 -11.16 -34.53 25.17
C SER A 555 -10.71 -35.97 25.39
N ASN A 556 -11.01 -36.85 24.43
CA ASN A 556 -10.57 -38.26 24.51
C ASN A 556 -9.25 -38.39 23.76
N LYS A 557 -8.73 -37.28 23.22
CA LYS A 557 -7.43 -37.28 22.48
C LYS A 557 -6.32 -37.64 23.46
N LYS A 558 -5.50 -38.64 23.13
CA LYS A 558 -4.34 -38.94 24.01
C LYS A 558 -3.10 -38.33 23.36
N PHE A 559 -2.48 -37.35 24.01
CA PHE A 559 -1.33 -36.65 23.40
C PHE A 559 -0.04 -37.24 23.93
N LEU A 560 0.97 -37.38 23.08
CA LEU A 560 2.28 -37.92 23.52
C LEU A 560 2.89 -36.92 24.51
N PRO A 561 3.70 -37.35 25.49
CA PRO A 561 4.16 -36.45 26.55
C PRO A 561 4.92 -35.17 26.17
N PHE A 562 5.82 -35.24 25.20
CA PHE A 562 6.67 -34.07 24.85
C PHE A 562 5.85 -32.95 24.21
N GLN A 563 4.66 -33.25 23.69
CA GLN A 563 3.88 -32.26 22.90
C GLN A 563 3.38 -31.10 23.79
N GLN A 564 3.11 -29.90 23.21
CA GLN A 564 2.58 -28.73 23.99
C GLN A 564 1.29 -28.08 23.45
N PHE A 565 0.99 -28.11 22.14
CA PHE A 565 -0.32 -27.60 21.61
C PHE A 565 -0.86 -28.47 20.48
N GLY A 566 -2.09 -28.95 20.59
CA GLY A 566 -2.69 -29.83 19.57
C GLY A 566 -3.06 -29.10 18.29
N ARG A 567 -3.15 -29.82 17.17
CA ARG A 567 -3.47 -29.19 15.86
C ARG A 567 -4.05 -30.24 14.92
N ASP A 568 -4.54 -29.83 13.74
CA ASP A 568 -5.19 -30.76 12.78
C ASP A 568 -4.99 -30.25 11.36
N ILE A 569 -5.68 -30.84 10.38
CA ILE A 569 -5.56 -30.42 8.96
C ILE A 569 -6.04 -28.99 8.83
N ALA A 570 -5.44 -28.20 7.92
CA ALA A 570 -5.79 -26.77 7.73
C ALA A 570 -5.12 -25.95 8.83
N ASP A 571 -4.29 -26.59 9.66
CA ASP A 571 -3.50 -25.85 10.69
C ASP A 571 -4.37 -25.00 11.62
N THR A 572 -5.47 -25.54 12.13
CA THR A 572 -6.29 -24.80 13.13
C THR A 572 -6.20 -25.55 14.46
N THR A 573 -5.85 -24.87 15.56
CA THR A 573 -5.67 -25.64 16.82
C THR A 573 -7.01 -26.25 17.21
N ASP A 574 -7.02 -27.53 17.56
CA ASP A 574 -8.28 -28.22 17.90
C ASP A 574 -8.15 -28.80 19.30
N ALA A 575 -6.97 -28.67 19.92
CA ALA A 575 -6.80 -29.16 21.31
C ALA A 575 -5.63 -28.42 21.95
N VAL A 576 -5.59 -28.32 23.29
CA VAL A 576 -4.45 -27.70 24.01
C VAL A 576 -4.28 -28.48 25.32
N ARG A 577 -3.07 -28.51 25.89
CA ARG A 577 -2.86 -29.19 27.20
C ARG A 577 -2.86 -28.12 28.28
N ASP A 578 -3.63 -28.29 29.35
CA ASP A 578 -3.52 -27.25 30.40
C ASP A 578 -2.13 -27.42 31.02
N PRO A 579 -1.30 -26.38 31.08
CA PRO A 579 0.03 -26.57 31.60
C PRO A 579 -0.02 -27.01 33.06
N GLN A 580 -0.91 -26.44 33.86
CA GLN A 580 -0.99 -26.74 35.31
C GLN A 580 -1.40 -28.18 35.61
N THR A 581 -2.39 -28.73 34.92
CA THR A 581 -2.89 -30.08 35.30
C THR A 581 -2.45 -31.16 34.32
N LEU A 582 -1.72 -30.81 33.27
CA LEU A 582 -1.29 -31.80 32.24
C LEU A 582 -2.49 -32.60 31.72
N GLU A 583 -3.62 -31.92 31.43
CA GLU A 583 -4.84 -32.60 30.92
C GLU A 583 -5.16 -31.99 29.55
N ILE A 584 -5.71 -32.78 28.64
CA ILE A 584 -5.92 -32.29 27.25
C ILE A 584 -7.36 -31.77 27.08
N LEU A 585 -7.53 -30.54 26.58
CA LEU A 585 -8.87 -29.91 26.45
C LEU A 585 -9.12 -29.56 24.97
N ASP A 586 -10.26 -29.96 24.40
CA ASP A 586 -10.60 -29.59 23.01
C ASP A 586 -10.96 -28.10 22.93
N ILE A 587 -10.64 -27.45 21.83
CA ILE A 587 -11.03 -26.02 21.61
C ILE A 587 -12.00 -26.02 20.43
N THR A 588 -13.20 -25.47 20.60
CA THR A 588 -14.21 -25.44 19.50
C THR A 588 -14.60 -23.99 19.28
N PRO A 589 -14.84 -23.46 18.05
CA PRO A 589 -15.12 -22.04 17.89
C PRO A 589 -16.53 -21.77 18.44
N CYS A 590 -16.85 -20.55 18.87
CA CYS A 590 -18.23 -20.37 19.38
C CYS A 590 -19.25 -20.10 18.29
N SER A 591 -20.54 -20.21 18.62
CA SER A 591 -21.60 -20.18 17.60
C SER A 591 -21.68 -18.92 16.77
N PHE A 592 -21.76 -19.12 15.46
CA PHE A 592 -21.99 -17.99 14.54
C PHE A 592 -22.94 -18.60 13.54
N GLY A 593 -23.69 -17.78 12.84
CA GLY A 593 -24.69 -18.27 11.90
C GLY A 593 -25.36 -17.05 11.36
N GLY A 594 -26.51 -17.19 10.74
CA GLY A 594 -27.23 -15.98 10.32
C GLY A 594 -28.70 -15.99 10.60
N VAL A 595 -29.22 -14.99 11.27
CA VAL A 595 -30.69 -14.93 11.44
C VAL A 595 -31.29 -14.77 10.06
N SER A 596 -32.36 -15.47 9.73
CA SER A 596 -33.08 -15.29 8.45
C SER A 596 -34.55 -15.21 8.79
N VAL A 597 -35.31 -14.26 8.27
CA VAL A 597 -36.71 -14.08 8.72
C VAL A 597 -37.70 -14.73 7.76
N ILE A 598 -38.49 -15.69 8.22
CA ILE A 598 -39.48 -16.41 7.38
C ILE A 598 -40.78 -15.64 7.47
N THR A 599 -41.07 -14.80 6.49
CA THR A 599 -42.25 -13.90 6.54
C THR A 599 -43.37 -14.45 5.68
N PRO A 600 -44.65 -14.33 6.07
CA PRO A 600 -45.74 -14.93 5.32
C PRO A 600 -46.25 -13.94 4.28
N GLY A 601 -45.52 -12.85 4.04
CA GLY A 601 -45.92 -11.82 3.05
C GLY A 601 -46.52 -10.66 3.79
N THR A 602 -46.12 -9.42 3.52
CA THR A 602 -46.63 -8.31 4.35
C THR A 602 -48.14 -8.21 4.18
N ASN A 603 -48.64 -8.37 2.96
CA ASN A 603 -50.09 -8.17 2.73
C ASN A 603 -50.91 -9.16 3.56
N THR A 604 -50.51 -10.42 3.60
CA THR A 604 -51.24 -11.43 4.42
C THR A 604 -51.10 -11.17 5.92
N SER A 605 -49.89 -10.96 6.43
CA SER A 605 -49.72 -10.77 7.89
C SER A 605 -48.37 -10.18 8.25
N ASN A 606 -48.29 -9.54 9.41
CA ASN A 606 -47.03 -8.92 9.87
C ASN A 606 -46.38 -9.82 10.92
N GLN A 607 -46.88 -11.05 11.11
CA GLN A 607 -46.23 -12.01 12.03
C GLN A 607 -45.02 -12.60 11.30
N VAL A 608 -43.91 -12.89 11.98
CA VAL A 608 -42.70 -13.41 11.30
C VAL A 608 -42.13 -14.54 12.13
N ALA A 609 -41.30 -15.39 11.55
CA ALA A 609 -40.60 -16.41 12.35
C ALA A 609 -39.13 -16.26 12.01
N VAL A 610 -38.21 -16.47 12.94
CA VAL A 610 -36.79 -16.18 12.67
C VAL A 610 -36.01 -17.48 12.79
N LEU A 611 -35.13 -17.78 11.84
CA LEU A 611 -34.36 -19.04 11.85
C LEU A 611 -32.90 -18.71 12.10
N TYR A 612 -32.40 -19.04 13.28
CA TYR A 612 -30.99 -18.77 13.61
C TYR A 612 -30.25 -20.00 13.17
N GLN A 613 -29.50 -19.90 12.10
CA GLN A 613 -28.90 -21.10 11.47
C GLN A 613 -27.75 -21.70 12.24
N ASP A 614 -27.66 -23.03 12.25
CA ASP A 614 -26.52 -23.76 12.88
C ASP A 614 -26.31 -23.37 14.34
N VAL A 615 -27.38 -23.15 15.10
CA VAL A 615 -27.25 -22.84 16.55
C VAL A 615 -28.16 -23.82 17.30
N ASN A 616 -27.62 -24.53 18.29
CA ASN A 616 -28.46 -25.39 19.15
C ASN A 616 -29.37 -24.39 19.80
N CYS A 617 -30.66 -24.69 19.96
CA CYS A 617 -31.61 -23.66 20.48
C CYS A 617 -31.19 -23.09 21.83
N THR A 618 -30.52 -23.87 22.67
CA THR A 618 -30.21 -23.40 24.04
C THR A 618 -29.45 -22.06 23.99
N GLU A 619 -28.57 -21.87 23.02
CA GLU A 619 -27.70 -20.67 22.99
C GLU A 619 -28.33 -19.48 22.28
N VAL A 620 -29.56 -19.57 21.82
CA VAL A 620 -30.16 -18.45 21.01
C VAL A 620 -30.28 -17.13 21.77
N PRO A 621 -30.67 -17.04 23.07
CA PRO A 621 -30.89 -15.75 23.70
C PRO A 621 -29.64 -14.85 23.79
N THR A 638 -36.09 -17.71 22.88
CA THR A 638 -36.67 -16.35 23.00
C THR A 638 -38.19 -16.48 23.01
N GLY A 639 -38.71 -17.71 23.07
CA GLY A 639 -40.17 -17.92 22.98
C GLY A 639 -40.54 -19.29 23.49
N SER A 640 -41.83 -19.63 23.50
CA SER A 640 -42.23 -21.01 23.89
C SER A 640 -42.37 -21.90 22.65
N ASN A 641 -42.29 -21.33 21.44
CA ASN A 641 -42.49 -22.10 20.18
C ASN A 641 -41.15 -22.56 19.63
N VAL A 642 -40.08 -22.48 20.40
CA VAL A 642 -38.79 -22.83 19.82
C VAL A 642 -38.85 -24.27 19.35
N PHE A 643 -38.37 -24.52 18.11
CA PHE A 643 -38.29 -25.86 17.49
C PHE A 643 -36.88 -26.00 16.93
N GLN A 644 -36.22 -27.14 17.06
CA GLN A 644 -34.82 -27.32 16.58
C GLN A 644 -34.83 -28.22 15.36
N THR A 645 -34.21 -27.78 14.27
CA THR A 645 -34.22 -28.52 12.98
C THR A 645 -32.75 -28.63 12.51
N ARG A 646 -32.45 -29.44 11.51
CA ARG A 646 -31.07 -29.62 11.03
C ARG A 646 -30.55 -28.29 10.54
N ALA A 647 -31.41 -27.50 9.90
CA ALA A 647 -30.98 -26.21 9.33
C ALA A 647 -30.55 -25.24 10.44
N GLY A 648 -31.23 -25.25 11.56
CA GLY A 648 -30.93 -24.30 12.62
C GLY A 648 -32.02 -24.37 13.64
N CYS A 649 -32.29 -23.29 14.38
CA CYS A 649 -33.41 -23.31 15.34
C CYS A 649 -34.47 -22.27 14.97
N LEU A 650 -35.70 -22.69 14.65
CA LEU A 650 -36.72 -21.73 14.18
C LEU A 650 -37.56 -21.32 15.37
N ILE A 651 -37.63 -20.03 15.64
CA ILE A 651 -38.41 -19.51 16.80
C ILE A 651 -39.55 -18.75 16.18
N GLY A 652 -40.76 -18.94 16.68
CA GLY A 652 -41.93 -18.22 16.15
C GLY A 652 -42.90 -19.05 15.36
N ALA A 653 -42.65 -20.34 15.19
CA ALA A 653 -43.55 -21.15 14.33
C ALA A 653 -43.84 -22.49 14.99
N GLU A 654 -45.01 -23.06 14.75
CA GLU A 654 -45.42 -24.30 15.45
C GLU A 654 -45.25 -25.51 14.54
N HIS A 655 -44.84 -26.65 15.12
CA HIS A 655 -44.64 -27.89 14.33
C HIS A 655 -45.97 -28.61 14.25
N VAL A 656 -46.48 -28.80 13.04
CA VAL A 656 -47.74 -29.53 12.84
C VAL A 656 -47.31 -30.88 12.30
N ASN A 657 -47.71 -31.99 12.90
CA ASN A 657 -47.20 -33.33 12.46
C ASN A 657 -47.63 -33.63 11.03
N ASN A 658 -48.79 -33.12 10.60
CA ASN A 658 -49.33 -33.40 9.25
C ASN A 658 -48.35 -32.87 8.21
N SER A 659 -48.30 -33.50 7.04
CA SER A 659 -47.35 -33.10 5.97
C SER A 659 -48.13 -32.49 4.81
N TYR A 660 -47.77 -31.30 4.39
CA TYR A 660 -48.48 -30.58 3.30
C TYR A 660 -47.45 -30.15 2.27
N GLU A 661 -47.86 -29.63 1.13
CA GLU A 661 -46.94 -29.26 0.03
C GLU A 661 -46.03 -28.13 0.48
N CYS A 662 -44.85 -27.98 -0.11
CA CYS A 662 -43.91 -26.95 0.42
C CYS A 662 -44.37 -25.54 0.07
N ASP A 663 -44.20 -24.59 1.00
CA ASP A 663 -44.48 -23.17 0.70
C ASP A 663 -43.15 -22.42 0.77
N ILE A 664 -42.67 -22.11 1.97
CA ILE A 664 -41.39 -21.37 2.13
C ILE A 664 -40.37 -22.41 2.56
N PRO A 665 -39.19 -22.53 1.92
CA PRO A 665 -38.26 -23.58 2.28
C PRO A 665 -37.25 -23.28 3.40
N ILE A 666 -37.48 -23.74 4.62
CA ILE A 666 -36.53 -23.60 5.77
C ILE A 666 -35.31 -24.48 5.49
N GLY A 667 -35.47 -25.69 4.94
CA GLY A 667 -34.30 -26.52 4.60
C GLY A 667 -34.29 -27.87 5.28
N ALA A 668 -33.60 -28.85 4.73
CA ALA A 668 -33.52 -30.24 5.25
C ALA A 668 -34.86 -30.93 5.36
N GLY A 669 -35.75 -30.76 4.41
CA GLY A 669 -37.01 -31.50 4.39
C GLY A 669 -38.12 -30.80 5.11
N ILE A 670 -37.89 -29.60 5.64
CA ILE A 670 -38.92 -28.91 6.47
C ILE A 670 -39.28 -27.63 5.73
N CYS A 671 -40.54 -27.24 5.74
CA CYS A 671 -41.00 -26.06 5.00
C CYS A 671 -41.80 -25.25 6.00
N ALA A 672 -42.21 -24.02 5.71
CA ALA A 672 -43.13 -23.31 6.65
C ALA A 672 -44.19 -22.59 5.85
N SER A 673 -45.36 -22.33 6.41
CA SER A 673 -46.42 -21.56 5.70
C SER A 673 -47.39 -20.92 6.69
N TYR A 674 -48.16 -19.94 6.26
CA TYR A 674 -49.15 -19.26 7.14
C TYR A 674 -50.45 -20.06 7.12
N GLN A 675 -50.84 -20.63 8.25
CA GLN A 675 -52.03 -21.52 8.30
C GLN A 675 -53.12 -20.95 7.41
N GLN A 690 -53.75 -18.33 11.11
CA GLN A 690 -53.27 -17.20 11.94
C GLN A 690 -51.94 -17.55 12.60
N SER A 691 -51.27 -18.65 12.22
CA SER A 691 -49.93 -18.93 12.78
C SER A 691 -49.01 -19.42 11.68
N ILE A 692 -47.71 -19.15 11.78
CA ILE A 692 -46.77 -19.72 10.78
C ILE A 692 -46.54 -21.16 11.25
N ILE A 693 -46.70 -22.17 10.40
CA ILE A 693 -46.56 -23.59 10.80
C ILE A 693 -45.32 -24.16 10.13
N ALA A 694 -44.56 -25.05 10.80
CA ALA A 694 -43.42 -25.68 10.10
C ALA A 694 -43.67 -27.20 10.06
N TYR A 695 -43.66 -27.80 8.89
CA TYR A 695 -44.02 -29.24 8.75
C TYR A 695 -43.05 -29.89 7.78
N THR A 696 -42.90 -31.22 7.81
CA THR A 696 -42.05 -31.90 6.80
C THR A 696 -42.76 -31.83 5.45
N MET A 697 -42.04 -31.58 4.36
CA MET A 697 -42.64 -31.42 3.01
C MET A 697 -43.27 -32.74 2.59
N SER A 698 -44.35 -32.70 1.82
CA SER A 698 -44.92 -33.97 1.28
C SER A 698 -44.61 -34.02 -0.21
N LEU A 699 -43.97 -35.08 -0.66
CA LEU A 699 -43.53 -35.19 -2.07
C LEU A 699 -44.73 -35.25 -3.02
N GLY A 700 -45.81 -35.94 -2.66
CA GLY A 700 -47.02 -35.95 -3.51
C GLY A 700 -48.06 -36.90 -2.97
N ALA A 701 -49.18 -37.05 -3.67
CA ALA A 701 -50.25 -37.97 -3.26
C ALA A 701 -49.85 -39.38 -3.64
N GLU A 702 -50.28 -40.39 -2.91
CA GLU A 702 -49.77 -41.75 -3.20
C GLU A 702 -50.78 -42.57 -3.96
N ASN A 703 -50.56 -42.79 -5.26
CA ASN A 703 -51.52 -43.71 -5.93
C ASN A 703 -50.77 -44.98 -6.25
N SER A 704 -51.43 -46.12 -6.16
CA SER A 704 -50.82 -47.40 -6.54
C SER A 704 -51.60 -47.95 -7.73
N VAL A 705 -50.95 -48.16 -8.88
CA VAL A 705 -51.65 -48.63 -10.10
C VAL A 705 -51.97 -50.10 -9.86
N ALA A 706 -53.09 -50.57 -10.34
CA ALA A 706 -53.50 -51.95 -10.02
C ALA A 706 -52.80 -52.94 -10.94
N TYR A 707 -51.50 -53.11 -10.83
CA TYR A 707 -50.83 -53.99 -11.81
C TYR A 707 -51.43 -55.37 -11.68
N SER A 708 -51.71 -56.01 -12.81
CA SER A 708 -52.20 -57.40 -12.79
C SER A 708 -51.64 -58.08 -14.03
N ASN A 709 -51.50 -59.38 -14.02
CA ASN A 709 -50.89 -60.10 -15.16
C ASN A 709 -51.74 -59.90 -16.41
N ASN A 710 -53.05 -59.76 -16.27
CA ASN A 710 -53.95 -59.66 -17.46
C ASN A 710 -54.90 -58.48 -17.34
N SER A 711 -54.40 -57.27 -17.06
CA SER A 711 -55.29 -56.08 -17.03
C SER A 711 -54.67 -54.92 -17.79
N ILE A 712 -55.42 -54.25 -18.66
CA ILE A 712 -54.93 -53.04 -19.38
C ILE A 712 -56.02 -51.98 -19.23
N ALA A 713 -55.65 -50.71 -19.20
CA ALA A 713 -56.64 -49.62 -19.13
C ALA A 713 -56.50 -48.77 -20.39
N ILE A 714 -57.49 -48.81 -21.29
CA ILE A 714 -57.35 -48.11 -22.59
C ILE A 714 -58.11 -46.79 -22.50
N PRO A 715 -57.55 -45.57 -22.70
CA PRO A 715 -58.31 -44.38 -22.56
C PRO A 715 -59.53 -44.39 -23.48
N THR A 716 -60.63 -43.74 -23.10
CA THR A 716 -61.85 -43.67 -23.95
C THR A 716 -62.22 -42.24 -24.35
N ASN A 717 -61.48 -41.21 -23.93
CA ASN A 717 -61.73 -39.78 -24.32
C ASN A 717 -60.41 -39.03 -24.19
N PHE A 718 -60.31 -37.83 -24.73
CA PHE A 718 -59.03 -37.09 -24.75
C PHE A 718 -59.21 -35.64 -24.34
N THR A 719 -58.15 -34.98 -23.93
CA THR A 719 -58.27 -33.54 -23.66
C THR A 719 -57.15 -32.81 -24.38
N ILE A 720 -57.42 -31.83 -25.23
CA ILE A 720 -56.39 -31.00 -25.91
C ILE A 720 -56.02 -29.91 -24.92
N SER A 721 -54.75 -29.63 -24.66
CA SER A 721 -54.40 -28.66 -23.61
C SER A 721 -53.25 -27.72 -23.99
N VAL A 722 -53.48 -26.41 -24.12
CA VAL A 722 -52.38 -25.43 -24.37
C VAL A 722 -51.66 -25.17 -23.07
N THR A 723 -50.34 -25.05 -23.09
CA THR A 723 -49.53 -24.77 -21.90
C THR A 723 -48.65 -23.59 -22.32
N THR A 724 -47.62 -23.24 -21.57
CA THR A 724 -46.83 -22.06 -21.96
C THR A 724 -45.41 -22.23 -21.49
N GLU A 725 -44.40 -21.89 -22.30
CA GLU A 725 -43.01 -21.90 -21.81
C GLU A 725 -42.41 -20.54 -22.09
N ILE A 726 -41.99 -19.79 -21.07
CA ILE A 726 -41.40 -18.44 -21.22
C ILE A 726 -39.90 -18.66 -21.21
N LEU A 727 -39.19 -18.25 -22.24
CA LEU A 727 -37.74 -18.54 -22.32
C LEU A 727 -36.98 -17.25 -22.60
N PRO A 728 -36.01 -16.77 -21.77
CA PRO A 728 -35.26 -15.58 -22.15
C PRO A 728 -34.30 -15.73 -23.34
N VAL A 729 -34.24 -14.78 -24.29
CA VAL A 729 -33.37 -14.86 -25.50
C VAL A 729 -32.34 -13.74 -25.54
N SER A 730 -32.56 -12.61 -24.90
CA SER A 730 -31.61 -11.49 -25.07
C SER A 730 -31.60 -10.61 -23.85
N MET A 731 -30.52 -9.86 -23.64
CA MET A 731 -30.37 -9.01 -22.43
C MET A 731 -29.95 -7.64 -22.93
N THR A 732 -30.09 -6.60 -22.12
CA THR A 732 -29.84 -5.25 -22.66
C THR A 732 -28.38 -5.12 -23.08
N LYS A 733 -28.13 -4.40 -24.17
CA LYS A 733 -26.78 -4.29 -24.70
C LYS A 733 -26.30 -2.99 -24.12
N THR A 734 -25.32 -3.03 -23.24
CA THR A 734 -24.83 -1.81 -22.54
C THR A 734 -23.34 -1.75 -22.75
N SER A 735 -22.80 -0.54 -22.79
CA SER A 735 -21.35 -0.36 -22.93
C SER A 735 -20.90 0.66 -21.89
N VAL A 736 -19.73 0.48 -21.29
CA VAL A 736 -19.16 1.44 -20.31
C VAL A 736 -17.86 1.96 -20.92
N ASP A 737 -17.70 3.27 -21.05
CA ASP A 737 -16.42 3.81 -21.54
C ASP A 737 -15.51 3.85 -20.33
N CYS A 738 -14.48 3.01 -20.30
CA CYS A 738 -13.68 2.91 -19.06
C CYS A 738 -13.05 4.24 -18.66
N THR A 739 -12.49 4.99 -19.59
CA THR A 739 -11.76 6.21 -19.16
C THR A 739 -12.72 7.14 -18.41
N MET A 740 -13.92 7.33 -18.93
CA MET A 740 -14.90 8.25 -18.29
C MET A 740 -15.33 7.71 -16.92
N TYR A 741 -15.54 6.40 -16.79
CA TYR A 741 -15.89 5.84 -15.46
C TYR A 741 -14.72 5.93 -14.47
N ILE A 742 -13.50 5.50 -14.87
CA ILE A 742 -12.36 5.45 -13.91
C ILE A 742 -11.93 6.87 -13.52
N CYS A 743 -11.87 7.79 -14.46
CA CYS A 743 -11.39 9.18 -14.20
C CYS A 743 -12.55 10.15 -14.24
N GLY A 744 -12.75 10.82 -15.37
CA GLY A 744 -13.92 11.70 -15.55
C GLY A 744 -13.49 13.12 -15.83
N ASP A 745 -13.32 13.48 -17.10
CA ASP A 745 -12.97 14.87 -17.50
C ASP A 745 -11.79 15.39 -16.69
N SER A 746 -10.82 14.52 -16.36
CA SER A 746 -9.61 15.01 -15.67
C SER A 746 -8.37 14.54 -16.41
N THR A 747 -7.52 15.47 -16.83
CA THR A 747 -6.25 15.11 -17.51
C THR A 747 -5.36 14.38 -16.51
N GLU A 748 -5.36 14.82 -15.25
CA GLU A 748 -4.42 14.23 -14.26
C GLU A 748 -4.71 12.75 -14.08
N CYS A 749 -5.98 12.38 -13.94
CA CYS A 749 -6.33 10.94 -13.80
C CYS A 749 -6.00 10.18 -15.09
N SER A 750 -6.29 10.76 -16.25
CA SER A 750 -6.10 10.02 -17.52
C SER A 750 -4.62 9.67 -17.68
N ASN A 751 -3.73 10.59 -17.32
CA ASN A 751 -2.27 10.34 -17.43
C ASN A 751 -1.85 9.19 -16.52
N LEU A 752 -2.38 9.12 -15.30
CA LEU A 752 -2.06 7.97 -14.40
C LEU A 752 -2.63 6.68 -14.99
N LEU A 753 -3.84 6.72 -15.55
CA LEU A 753 -4.50 5.47 -16.02
C LEU A 753 -3.73 4.84 -17.18
N LEU A 754 -3.12 5.63 -18.06
CA LEU A 754 -2.46 5.01 -19.23
C LEU A 754 -1.31 4.10 -18.79
N GLN A 755 -0.73 4.36 -17.62
CA GLN A 755 0.38 3.54 -17.10
C GLN A 755 -0.08 2.10 -16.89
N TYR A 756 -1.31 1.89 -16.45
CA TYR A 756 -1.78 0.50 -16.12
C TYR A 756 -1.70 -0.39 -17.34
N GLY A 757 -2.08 0.09 -18.53
CA GLY A 757 -1.89 -0.81 -19.68
C GLY A 757 -3.07 -0.86 -20.62
N SER A 758 -3.36 -2.05 -21.12
CA SER A 758 -4.48 -2.23 -22.08
C SER A 758 -5.73 -2.67 -21.31
N PHE A 759 -5.73 -2.56 -19.99
CA PHE A 759 -6.88 -3.07 -19.21
C PHE A 759 -8.11 -2.32 -19.69
N CYS A 760 -7.96 -1.04 -19.94
CA CYS A 760 -9.12 -0.20 -20.37
C CYS A 760 -9.65 -0.60 -21.74
N THR A 761 -8.83 -1.19 -22.61
CA THR A 761 -9.29 -1.46 -24.00
C THR A 761 -9.68 -2.92 -24.10
N GLN A 762 -9.24 -3.73 -23.13
CA GLN A 762 -9.68 -5.15 -23.06
C GLN A 762 -11.14 -5.14 -22.63
N LEU A 763 -11.50 -4.27 -21.68
CA LEU A 763 -12.88 -4.25 -21.14
C LEU A 763 -13.87 -3.79 -22.20
N ASN A 764 -13.55 -2.75 -22.95
CA ASN A 764 -14.51 -2.23 -23.94
C ASN A 764 -14.78 -3.30 -24.99
N ARG A 765 -13.80 -4.10 -25.37
CA ARG A 765 -14.03 -5.22 -26.32
C ARG A 765 -14.90 -6.28 -25.69
N ALA A 766 -14.80 -6.55 -24.39
CA ALA A 766 -15.64 -7.62 -23.84
C ALA A 766 -17.10 -7.21 -23.93
N LEU A 767 -17.38 -5.98 -23.55
CA LEU A 767 -18.77 -5.50 -23.55
C LEU A 767 -19.30 -5.38 -24.96
N THR A 768 -18.47 -5.11 -25.95
CA THR A 768 -18.90 -5.14 -27.37
C THR A 768 -19.22 -6.58 -27.79
N GLY A 769 -18.47 -7.56 -27.33
CA GLY A 769 -18.77 -8.97 -27.62
C GLY A 769 -20.09 -9.43 -27.05
N ILE A 770 -20.41 -9.05 -25.83
CA ILE A 770 -21.71 -9.42 -25.22
C ILE A 770 -22.78 -8.74 -26.07
N ALA A 771 -22.58 -7.49 -26.48
CA ALA A 771 -23.61 -6.75 -27.22
C ALA A 771 -23.88 -7.26 -28.63
N VAL A 772 -22.88 -7.61 -29.41
CA VAL A 772 -23.17 -8.18 -30.76
C VAL A 772 -23.89 -9.52 -30.59
N GLU A 773 -23.48 -10.36 -29.64
CA GLU A 773 -24.07 -11.71 -29.51
C GLU A 773 -25.49 -11.57 -29.07
N GLN A 774 -25.92 -10.40 -28.59
CA GLN A 774 -27.29 -10.28 -28.04
C GLN A 774 -28.21 -10.00 -29.20
N ASP A 775 -27.67 -9.92 -30.41
CA ASP A 775 -28.46 -9.68 -31.63
C ASP A 775 -28.33 -10.87 -32.56
N LYS A 776 -27.52 -11.86 -32.20
CA LYS A 776 -27.45 -13.12 -32.96
C LYS A 776 -28.39 -14.05 -32.22
N ASN A 777 -28.56 -13.82 -30.93
CA ASN A 777 -29.50 -14.63 -30.11
C ASN A 777 -30.92 -14.38 -30.60
N THR A 778 -31.31 -13.13 -30.85
CA THR A 778 -32.65 -12.77 -31.34
C THR A 778 -32.85 -13.23 -32.76
N GLN A 779 -31.82 -13.17 -33.59
CA GLN A 779 -31.94 -13.56 -35.02
C GLN A 779 -32.17 -15.05 -35.15
N GLU A 780 -31.45 -15.87 -34.42
CA GLU A 780 -31.57 -17.34 -34.55
C GLU A 780 -32.93 -17.85 -34.10
N VAL A 781 -33.48 -17.33 -33.00
CA VAL A 781 -34.77 -17.81 -32.49
C VAL A 781 -35.87 -17.45 -33.46
N PHE A 782 -35.92 -16.23 -33.96
CA PHE A 782 -37.05 -15.74 -34.76
C PHE A 782 -36.83 -15.85 -36.25
N ALA A 783 -35.68 -15.49 -36.77
CA ALA A 783 -35.46 -15.44 -38.23
C ALA A 783 -35.13 -16.82 -38.77
N GLN A 784 -36.10 -17.73 -38.71
CA GLN A 784 -35.91 -19.08 -39.29
C GLN A 784 -36.73 -19.13 -40.57
N VAL A 785 -37.56 -18.11 -40.81
CA VAL A 785 -38.41 -18.08 -42.03
C VAL A 785 -37.80 -17.08 -43.01
N LYS A 786 -37.36 -17.55 -44.17
CA LYS A 786 -36.84 -16.65 -45.23
C LYS A 786 -37.97 -15.79 -45.80
N GLN A 787 -39.15 -16.36 -46.01
CA GLN A 787 -40.26 -15.62 -46.64
C GLN A 787 -41.33 -15.30 -45.61
N ILE A 788 -41.88 -14.09 -45.65
CA ILE A 788 -42.96 -13.70 -44.71
C ILE A 788 -44.29 -14.23 -45.27
N TYR A 789 -44.96 -15.12 -44.54
CA TYR A 789 -46.22 -15.72 -45.03
C TYR A 789 -47.39 -14.88 -44.49
N LYS A 790 -48.56 -14.97 -45.12
CA LYS A 790 -49.68 -14.11 -44.71
C LYS A 790 -50.94 -14.95 -44.61
N THR A 791 -51.74 -14.75 -43.58
CA THR A 791 -52.92 -15.60 -43.30
C THR A 791 -54.03 -15.26 -44.29
N PRO A 792 -54.90 -16.22 -44.68
CA PRO A 792 -55.91 -15.94 -45.67
C PRO A 792 -56.87 -14.86 -45.17
N PRO A 793 -57.45 -14.02 -46.04
CA PRO A 793 -58.30 -12.92 -45.58
C PRO A 793 -59.55 -13.39 -44.83
N ILE A 794 -60.21 -14.46 -45.29
CA ILE A 794 -61.38 -15.04 -44.57
C ILE A 794 -60.87 -16.20 -43.72
N LYS A 795 -61.14 -16.15 -42.42
CA LYS A 795 -60.60 -17.19 -41.54
C LYS A 795 -61.65 -18.30 -41.44
N ASP A 796 -61.44 -19.43 -42.09
CA ASP A 796 -62.33 -20.61 -41.99
C ASP A 796 -61.40 -21.77 -41.74
N PHE A 797 -60.84 -21.90 -40.54
CA PHE A 797 -59.80 -22.91 -40.31
C PHE A 797 -60.47 -24.22 -39.91
N GLY A 798 -61.78 -24.32 -40.05
CA GLY A 798 -62.45 -25.61 -39.81
C GLY A 798 -63.19 -25.74 -38.52
N GLY A 799 -63.33 -24.67 -37.78
CA GLY A 799 -63.96 -24.73 -36.45
C GLY A 799 -63.00 -24.21 -35.44
N PHE A 800 -61.80 -23.84 -35.85
CA PHE A 800 -60.75 -23.42 -34.90
C PHE A 800 -60.66 -21.91 -34.95
N ASN A 801 -60.49 -21.24 -33.81
CA ASN A 801 -60.37 -19.76 -33.76
C ASN A 801 -58.99 -19.43 -33.23
N PHE A 802 -58.23 -18.64 -33.98
CA PHE A 802 -56.86 -18.31 -33.56
C PHE A 802 -56.75 -16.80 -33.39
N SER A 803 -57.82 -16.12 -33.01
CA SER A 803 -57.84 -14.66 -32.84
C SER A 803 -56.88 -14.24 -31.77
N GLN A 804 -56.67 -15.08 -30.79
CA GLN A 804 -55.85 -14.66 -29.65
C GLN A 804 -54.39 -14.91 -29.91
N ILE A 805 -54.05 -15.48 -31.06
CA ILE A 805 -52.62 -15.67 -31.42
C ILE A 805 -52.31 -14.86 -32.68
N LEU A 806 -53.28 -14.61 -33.57
CA LEU A 806 -53.04 -13.97 -34.87
C LEU A 806 -52.99 -12.45 -34.74
N PRO A 807 -52.18 -11.72 -35.55
CA PRO A 807 -51.99 -10.29 -35.42
C PRO A 807 -53.32 -9.54 -35.55
N ASP A 808 -53.57 -8.56 -34.68
CA ASP A 808 -54.84 -7.78 -34.68
C ASP A 808 -54.53 -6.38 -35.17
N PRO A 809 -55.14 -5.90 -36.27
CA PRO A 809 -54.79 -4.59 -36.86
C PRO A 809 -55.06 -3.30 -36.06
N SER A 810 -56.03 -3.31 -35.14
CA SER A 810 -56.40 -2.13 -34.30
C SER A 810 -55.27 -1.62 -33.39
N LYS A 811 -54.42 -2.51 -32.83
CA LYS A 811 -53.43 -2.12 -31.79
C LYS A 811 -52.06 -1.74 -32.41
N PRO A 812 -50.85 -2.20 -31.93
CA PRO A 812 -49.57 -1.94 -32.61
C PRO A 812 -49.64 -2.56 -34.01
N SER A 813 -50.62 -3.41 -34.28
CA SER A 813 -50.89 -3.92 -35.65
C SER A 813 -49.98 -5.07 -35.93
N LYS A 814 -49.09 -5.29 -34.99
CA LYS A 814 -48.21 -6.46 -35.14
C LYS A 814 -48.49 -7.27 -33.89
N ARG A 815 -49.31 -6.73 -33.01
CA ARG A 815 -49.43 -7.46 -31.74
C ARG A 815 -50.80 -8.04 -31.58
N SER A 816 -50.86 -9.33 -31.32
CA SER A 816 -52.12 -10.07 -31.19
C SER A 816 -52.65 -9.86 -29.80
N PHE A 817 -53.78 -10.45 -29.49
CA PHE A 817 -54.39 -10.23 -28.17
C PHE A 817 -53.47 -10.71 -27.04
N ILE A 818 -52.49 -11.60 -27.25
CA ILE A 818 -51.62 -12.18 -26.17
C ILE A 818 -50.23 -11.51 -26.08
N GLU A 819 -49.60 -11.00 -27.14
CA GLU A 819 -48.35 -10.25 -27.06
C GLU A 819 -48.54 -8.94 -26.32
N ASP A 820 -49.61 -8.20 -26.65
CA ASP A 820 -49.91 -6.97 -25.93
C ASP A 820 -50.09 -7.23 -24.46
N LEU A 821 -50.82 -8.31 -24.12
CA LEU A 821 -50.98 -8.69 -22.72
C LEU A 821 -49.62 -9.00 -22.10
N LEU A 822 -48.73 -9.62 -22.85
CA LEU A 822 -47.42 -9.98 -22.33
C LEU A 822 -46.55 -8.75 -22.10
N PHE A 823 -46.49 -7.86 -23.09
CA PHE A 823 -45.65 -6.67 -22.96
C PHE A 823 -46.12 -5.78 -21.81
N ASN A 824 -47.44 -5.59 -21.68
CA ASN A 824 -47.95 -4.73 -20.63
C ASN A 824 -47.60 -5.28 -19.25
N LYS A 825 -47.69 -6.60 -19.08
CA LYS A 825 -47.39 -7.19 -17.78
C LYS A 825 -45.91 -7.03 -17.42
N VAL A 826 -45.05 -6.92 -18.41
CA VAL A 826 -43.62 -6.71 -18.17
C VAL A 826 -43.37 -5.22 -18.04
N PHE A 855 -26.78 7.96 -18.12
CA PHE A 855 -26.00 8.52 -16.97
C PHE A 855 -24.55 8.98 -17.23
N ASN A 856 -23.56 8.38 -16.54
CA ASN A 856 -22.13 8.83 -16.61
C ASN A 856 -21.13 7.81 -17.14
N GLY A 857 -20.79 7.85 -18.43
CA GLY A 857 -19.88 6.87 -19.04
C GLY A 857 -20.59 5.62 -19.44
N LEU A 858 -21.90 5.53 -19.19
CA LEU A 858 -22.73 4.32 -19.42
C LEU A 858 -23.76 4.62 -20.49
N THR A 859 -23.78 3.83 -21.55
CA THR A 859 -24.77 4.03 -22.63
C THR A 859 -25.43 2.70 -22.98
N VAL A 860 -26.71 2.72 -23.34
CA VAL A 860 -27.44 1.48 -23.67
C VAL A 860 -27.69 1.53 -25.16
N LEU A 861 -27.00 0.70 -25.92
CA LEU A 861 -27.10 0.71 -27.39
C LEU A 861 -28.46 0.12 -27.79
N PRO A 862 -29.11 0.55 -28.89
CA PRO A 862 -30.43 0.06 -29.23
C PRO A 862 -30.46 -1.29 -29.95
N PRO A 863 -31.51 -2.13 -29.79
CA PRO A 863 -31.56 -3.43 -30.43
C PRO A 863 -31.77 -3.38 -31.94
N LEU A 864 -31.12 -4.24 -32.74
CA LEU A 864 -31.20 -4.16 -34.23
C LEU A 864 -32.59 -4.48 -34.79
N LEU A 865 -33.26 -5.50 -34.30
CA LEU A 865 -34.62 -5.88 -34.77
C LEU A 865 -35.58 -5.26 -33.77
N THR A 866 -36.33 -4.25 -34.19
CA THR A 866 -37.22 -3.49 -33.29
C THR A 866 -38.35 -4.42 -32.92
N ASP A 867 -39.11 -4.11 -31.88
CA ASP A 867 -40.16 -5.06 -31.42
C ASP A 867 -41.24 -5.26 -32.47
N GLU A 868 -41.40 -4.38 -33.44
CA GLU A 868 -42.33 -4.66 -34.56
C GLU A 868 -41.76 -5.75 -35.48
N MET A 869 -40.48 -5.72 -35.82
CA MET A 869 -39.93 -6.70 -36.76
C MET A 869 -39.87 -8.05 -36.10
N ILE A 870 -39.69 -8.12 -34.80
CA ILE A 870 -39.68 -9.41 -34.07
C ILE A 870 -41.09 -9.99 -34.13
N ALA A 871 -42.12 -9.17 -34.33
CA ALA A 871 -43.53 -9.59 -34.40
C ALA A 871 -44.03 -9.74 -35.83
N GLN A 872 -43.21 -9.51 -36.84
CA GLN A 872 -43.63 -9.79 -38.22
C GLN A 872 -43.00 -11.13 -38.50
N TYR A 873 -41.97 -11.48 -37.76
CA TYR A 873 -41.40 -12.82 -37.86
C TYR A 873 -42.31 -13.82 -37.18
N THR A 874 -42.85 -13.51 -36.00
CA THR A 874 -43.80 -14.42 -35.32
C THR A 874 -45.07 -14.58 -36.15
N SER A 875 -45.60 -13.56 -36.79
CA SER A 875 -46.78 -13.70 -37.67
C SER A 875 -46.48 -14.53 -38.91
N ALA A 876 -45.26 -14.53 -39.44
CA ALA A 876 -44.92 -15.42 -40.57
C ALA A 876 -44.93 -16.86 -40.12
N LEU A 877 -44.34 -17.13 -38.98
CA LEU A 877 -44.25 -18.51 -38.47
C LEU A 877 -45.64 -19.02 -38.17
N LEU A 878 -46.51 -18.22 -37.55
CA LEU A 878 -47.91 -18.62 -37.23
C LEU A 878 -48.76 -18.76 -38.49
N ALA A 879 -48.60 -17.94 -39.51
CA ALA A 879 -49.53 -18.05 -40.64
C ALA A 879 -49.00 -19.10 -41.56
N GLY A 880 -47.73 -19.33 -41.52
CA GLY A 880 -47.20 -20.44 -42.31
C GLY A 880 -47.64 -21.75 -41.75
N THR A 881 -47.67 -21.93 -40.43
CA THR A 881 -48.05 -23.21 -39.77
C THR A 881 -49.53 -23.53 -39.87
N ILE A 882 -50.40 -22.56 -39.70
CA ILE A 882 -51.86 -22.74 -39.83
C ILE A 882 -52.21 -23.06 -41.28
N THR A 883 -51.46 -22.57 -42.26
CA THR A 883 -51.78 -22.70 -43.71
C THR A 883 -50.94 -23.76 -44.44
N SER A 884 -49.79 -24.21 -43.92
CA SER A 884 -48.89 -25.16 -44.60
C SER A 884 -48.61 -26.35 -43.70
N GLY A 885 -48.00 -26.15 -42.55
CA GLY A 885 -47.77 -27.24 -41.61
C GLY A 885 -46.31 -27.43 -41.31
N TRP A 886 -45.87 -28.66 -41.31
CA TRP A 886 -44.45 -29.00 -41.17
C TRP A 886 -43.73 -28.59 -42.43
N THR A 887 -44.42 -28.43 -43.57
CA THR A 887 -43.84 -28.21 -44.90
C THR A 887 -43.12 -26.90 -45.06
N PHE A 888 -43.53 -25.84 -44.39
CA PHE A 888 -42.93 -24.50 -44.60
C PHE A 888 -41.46 -24.50 -44.25
N GLY A 889 -41.06 -25.23 -43.23
CA GLY A 889 -39.68 -25.17 -42.77
C GLY A 889 -38.83 -26.29 -43.28
N ALA A 890 -39.38 -27.14 -44.14
CA ALA A 890 -38.54 -28.19 -44.74
C ALA A 890 -38.16 -27.71 -46.13
N GLY A 891 -39.02 -27.88 -47.10
CA GLY A 891 -38.65 -27.30 -48.40
C GLY A 891 -39.58 -26.20 -48.84
N ALA A 892 -40.26 -26.39 -49.96
CA ALA A 892 -41.21 -25.40 -50.47
C ALA A 892 -42.45 -25.46 -49.61
N ALA A 893 -43.31 -24.43 -49.56
CA ALA A 893 -44.47 -24.44 -48.64
C ALA A 893 -45.72 -24.91 -49.35
N LEU A 894 -46.39 -25.90 -48.81
CA LEU A 894 -47.51 -26.53 -49.53
C LEU A 894 -48.78 -26.47 -48.69
N GLN A 895 -49.90 -25.97 -49.23
CA GLN A 895 -51.17 -25.79 -48.53
C GLN A 895 -51.77 -27.10 -48.09
N ILE A 896 -52.51 -27.14 -46.97
CA ILE A 896 -53.23 -28.35 -46.47
C ILE A 896 -54.41 -27.78 -45.68
N PRO A 897 -55.66 -28.23 -45.85
CA PRO A 897 -56.73 -27.70 -45.03
C PRO A 897 -56.45 -27.91 -43.54
N PHE A 898 -56.64 -26.91 -42.66
CA PHE A 898 -56.25 -27.10 -41.24
C PHE A 898 -56.99 -28.29 -40.64
N ALA A 899 -58.25 -28.50 -40.95
CA ALA A 899 -58.92 -29.65 -40.29
C ALA A 899 -58.21 -30.95 -40.68
N MET A 900 -57.22 -30.89 -41.58
CA MET A 900 -56.49 -32.09 -42.07
C MET A 900 -54.99 -31.95 -41.80
N GLN A 901 -54.52 -30.81 -41.28
CA GLN A 901 -53.11 -30.72 -40.87
C GLN A 901 -53.13 -31.47 -39.57
N MET A 902 -54.12 -31.19 -38.72
CA MET A 902 -54.32 -32.04 -37.52
C MET A 902 -54.98 -33.25 -38.17
N ALA A 903 -54.92 -34.46 -37.63
CA ALA A 903 -55.38 -35.70 -38.29
C ALA A 903 -54.15 -36.29 -38.96
N TYR A 904 -53.09 -35.48 -39.10
CA TYR A 904 -51.77 -36.01 -39.57
C TYR A 904 -50.85 -35.74 -38.38
N ARG A 905 -51.32 -34.89 -37.47
CA ARG A 905 -50.58 -34.60 -36.22
C ARG A 905 -51.22 -35.46 -35.13
N PHE A 906 -52.37 -36.08 -35.41
CA PHE A 906 -53.05 -37.01 -34.46
C PHE A 906 -52.71 -38.42 -34.87
N ASN A 907 -51.97 -38.59 -35.96
CA ASN A 907 -51.60 -39.93 -36.46
C ASN A 907 -50.10 -40.02 -36.22
N GLY A 908 -49.57 -39.06 -35.48
CA GLY A 908 -48.15 -39.12 -35.10
C GLY A 908 -48.08 -39.37 -33.63
N ILE A 909 -49.18 -39.22 -32.91
CA ILE A 909 -49.25 -39.53 -31.46
C ILE A 909 -49.87 -40.92 -31.34
N GLY A 910 -50.18 -41.57 -32.44
CA GLY A 910 -50.68 -42.95 -32.41
C GLY A 910 -52.18 -43.12 -32.54
N VAL A 911 -53.00 -42.07 -32.38
CA VAL A 911 -54.48 -42.16 -32.61
C VAL A 911 -54.69 -42.19 -34.13
N THR A 912 -55.87 -42.53 -34.65
CA THR A 912 -56.08 -42.72 -36.10
C THR A 912 -56.83 -41.51 -36.62
N GLN A 913 -56.96 -41.34 -37.93
CA GLN A 913 -57.61 -40.14 -38.53
C GLN A 913 -59.08 -40.11 -38.16
N ASN A 914 -59.74 -41.26 -38.05
CA ASN A 914 -61.19 -41.26 -37.82
C ASN A 914 -61.47 -40.48 -36.55
N VAL A 915 -60.60 -40.53 -35.56
CA VAL A 915 -60.91 -39.83 -34.29
C VAL A 915 -61.09 -38.33 -34.57
N LEU A 916 -60.21 -37.67 -35.34
CA LEU A 916 -60.41 -36.22 -35.53
C LEU A 916 -61.65 -35.90 -36.37
N TYR A 917 -61.88 -36.62 -37.46
CA TYR A 917 -62.98 -36.22 -38.35
C TYR A 917 -64.33 -36.46 -37.68
N GLU A 918 -64.43 -37.53 -36.89
CA GLU A 918 -65.68 -37.86 -36.17
C GLU A 918 -65.93 -36.90 -35.00
N ASN A 919 -64.89 -36.41 -34.34
CA ASN A 919 -65.00 -35.52 -33.16
C ASN A 919 -64.40 -34.14 -33.44
N GLN A 920 -64.48 -33.61 -34.66
CA GLN A 920 -63.85 -32.32 -35.04
C GLN A 920 -64.51 -31.16 -34.33
N LYS A 921 -65.83 -31.18 -34.14
CA LYS A 921 -66.46 -30.09 -33.37
C LYS A 921 -66.03 -30.11 -31.90
N LEU A 922 -65.93 -31.26 -31.25
CA LEU A 922 -65.42 -31.28 -29.86
C LEU A 922 -63.98 -30.82 -29.80
N ILE A 923 -63.12 -31.26 -30.71
CA ILE A 923 -61.67 -30.91 -30.65
C ILE A 923 -61.57 -29.41 -30.86
N ALA A 924 -62.38 -28.85 -31.76
CA ALA A 924 -62.30 -27.41 -32.04
C ALA A 924 -62.71 -26.59 -30.84
N ASN A 925 -63.81 -26.97 -30.19
CA ASN A 925 -64.30 -26.29 -28.96
C ASN A 925 -63.32 -26.50 -27.82
N GLN A 926 -62.73 -27.68 -27.69
CA GLN A 926 -61.70 -27.88 -26.64
C GLN A 926 -60.49 -26.98 -26.92
N PHE A 927 -60.02 -26.88 -28.15
CA PHE A 927 -58.87 -26.02 -28.50
C PHE A 927 -59.20 -24.56 -28.33
N ASN A 928 -60.36 -24.09 -28.82
CA ASN A 928 -60.67 -22.65 -28.79
C ASN A 928 -60.77 -22.22 -27.33
N SER A 929 -61.41 -23.04 -26.50
CA SER A 929 -61.59 -22.71 -25.06
C SER A 929 -60.27 -22.67 -24.32
N ALA A 930 -59.36 -23.58 -24.61
CA ALA A 930 -58.05 -23.65 -23.94
C ALA A 930 -57.15 -22.47 -24.25
N ILE A 931 -57.12 -21.98 -25.50
CA ILE A 931 -56.30 -20.78 -25.84
C ILE A 931 -56.86 -19.61 -25.06
N GLY A 932 -58.18 -19.56 -24.87
CA GLY A 932 -58.83 -18.49 -24.09
C GLY A 932 -58.40 -18.44 -22.64
N LYS A 933 -58.28 -19.57 -21.96
CA LYS A 933 -57.77 -19.57 -20.58
C LYS A 933 -56.33 -19.08 -20.52
N ILE A 934 -55.55 -19.24 -21.57
CA ILE A 934 -54.11 -18.85 -21.52
C ILE A 934 -54.04 -17.33 -21.35
N GLN A 935 -55.00 -16.58 -21.88
CA GLN A 935 -55.00 -15.12 -21.60
C GLN A 935 -55.33 -14.86 -20.13
N ASP A 936 -56.30 -15.56 -19.55
CA ASP A 936 -56.55 -15.36 -18.11
C ASP A 936 -55.33 -15.76 -17.30
N SER A 937 -54.70 -16.89 -17.59
CA SER A 937 -53.55 -17.38 -16.78
C SER A 937 -52.35 -16.46 -16.85
N LEU A 938 -52.06 -15.92 -18.03
CA LEU A 938 -50.85 -15.07 -18.19
C LEU A 938 -51.23 -13.64 -17.82
N SER A 939 -52.50 -13.39 -17.50
CA SER A 939 -52.92 -12.03 -17.08
C SER A 939 -53.20 -11.98 -15.59
N SER A 940 -54.27 -12.61 -15.16
CA SER A 940 -54.66 -12.47 -13.74
C SER A 940 -53.58 -13.00 -12.82
N THR A 941 -52.89 -14.07 -13.21
CA THR A 941 -51.91 -14.66 -12.27
C THR A 941 -50.64 -15.08 -12.99
N ALA A 942 -49.72 -14.15 -13.28
CA ALA A 942 -48.45 -14.63 -13.88
C ALA A 942 -47.20 -14.35 -13.07
N SER A 943 -46.69 -15.38 -12.40
CA SER A 943 -45.35 -15.29 -11.78
C SER A 943 -44.55 -15.96 -12.88
N ALA A 944 -45.23 -16.23 -14.01
CA ALA A 944 -44.59 -16.80 -15.21
C ALA A 944 -43.67 -15.78 -15.86
N LEU A 945 -44.07 -14.52 -15.92
CA LEU A 945 -43.25 -13.54 -16.63
C LEU A 945 -42.02 -13.25 -15.76
N GLY A 946 -41.96 -13.85 -14.58
CA GLY A 946 -40.81 -13.66 -13.68
C GLY A 946 -39.55 -14.10 -14.36
N LYS A 947 -39.57 -15.15 -15.16
CA LYS A 947 -38.33 -15.67 -15.78
C LYS A 947 -37.71 -14.60 -16.66
N LEU A 948 -38.52 -13.89 -17.46
CA LEU A 948 -38.03 -12.77 -18.31
C LEU A 948 -37.67 -11.60 -17.42
N GLN A 949 -38.42 -11.30 -16.35
CA GLN A 949 -38.17 -10.11 -15.49
C GLN A 949 -36.88 -10.24 -14.70
N ASP A 950 -36.53 -11.41 -14.22
CA ASP A 950 -35.30 -11.47 -13.40
C ASP A 950 -34.11 -11.02 -14.25
N VAL A 951 -34.10 -11.28 -15.54
CA VAL A 951 -33.00 -10.81 -16.41
C VAL A 951 -33.00 -9.28 -16.43
N VAL A 952 -34.14 -8.60 -16.45
CA VAL A 952 -34.15 -7.10 -16.38
C VAL A 952 -33.68 -6.64 -15.02
N ASN A 953 -34.16 -7.24 -13.95
CA ASN A 953 -33.81 -6.83 -12.58
C ASN A 953 -32.35 -7.10 -12.30
N GLN A 954 -31.84 -8.25 -12.67
CA GLN A 954 -30.43 -8.57 -12.29
C GLN A 954 -29.46 -7.65 -13.00
N ASN A 955 -29.73 -7.28 -14.24
CA ASN A 955 -28.82 -6.34 -14.95
C ASN A 955 -28.87 -5.00 -14.26
N ALA A 956 -30.04 -4.52 -13.83
CA ALA A 956 -30.16 -3.18 -13.21
C ALA A 956 -29.50 -3.11 -11.85
N GLN A 957 -29.62 -4.14 -11.03
CA GLN A 957 -28.92 -4.15 -9.73
C GLN A 957 -27.41 -4.10 -9.94
N ALA A 958 -26.87 -4.72 -10.98
CA ALA A 958 -25.44 -4.63 -11.29
C ALA A 958 -25.03 -3.26 -11.79
N LEU A 959 -25.83 -2.57 -12.58
CA LEU A 959 -25.49 -1.18 -12.99
C LEU A 959 -25.55 -0.27 -11.78
N ASN A 960 -26.52 -0.47 -10.90
CA ASN A 960 -26.66 0.38 -9.67
C ASN A 960 -25.45 0.19 -8.79
N THR A 961 -24.96 -1.02 -8.63
CA THR A 961 -23.74 -1.20 -7.84
C THR A 961 -22.57 -0.47 -8.50
N LEU A 962 -22.41 -0.49 -9.83
CA LEU A 962 -21.23 0.16 -10.44
C LEU A 962 -21.28 1.66 -10.15
N VAL A 963 -22.44 2.27 -10.31
CA VAL A 963 -22.59 3.73 -10.12
C VAL A 963 -22.35 4.10 -8.66
N LYS A 964 -22.77 3.29 -7.69
CA LYS A 964 -22.53 3.54 -6.25
C LYS A 964 -21.05 3.48 -5.92
N GLN A 965 -20.29 2.59 -6.54
CA GLN A 965 -18.85 2.44 -6.20
C GLN A 965 -18.11 3.73 -6.56
N LEU A 966 -18.70 4.58 -7.38
CA LEU A 966 -18.09 5.89 -7.72
C LEU A 966 -18.18 6.81 -6.50
N SER A 967 -18.92 6.42 -5.46
CA SER A 967 -19.08 7.22 -4.23
C SER A 967 -18.36 6.60 -3.03
N SER A 968 -17.33 5.78 -3.23
CA SER A 968 -16.55 5.11 -2.16
C SER A 968 -15.09 5.55 -2.23
N ASN A 969 -14.46 5.91 -1.12
CA ASN A 969 -13.07 6.45 -1.09
C ASN A 969 -12.03 5.43 -1.54
N PHE A 970 -12.12 4.19 -1.09
CA PHE A 970 -11.12 3.15 -1.40
C PHE A 970 -9.87 3.48 -0.61
N GLY A 971 -9.96 4.46 0.27
CA GLY A 971 -8.83 4.79 1.15
C GLY A 971 -8.20 6.14 0.85
N ALA A 972 -8.68 6.85 -0.15
CA ALA A 972 -8.17 8.20 -0.41
C ALA A 972 -8.85 9.20 0.52
N ILE A 973 -8.39 10.44 0.50
CA ILE A 973 -8.99 11.50 1.37
C ILE A 973 -10.44 11.70 0.97
N SER A 974 -10.76 11.65 -0.32
CA SER A 974 -12.14 11.94 -0.76
C SER A 974 -12.53 11.06 -1.94
N SER A 975 -13.83 10.99 -2.26
CA SER A 975 -14.33 10.19 -3.39
C SER A 975 -14.51 11.09 -4.60
N VAL A 976 -14.13 12.37 -4.49
CA VAL A 976 -14.36 13.32 -5.61
C VAL A 976 -13.00 13.68 -6.18
N LEU A 977 -12.76 13.40 -7.45
CA LEU A 977 -11.42 13.65 -8.06
C LEU A 977 -11.11 15.16 -8.02
N ASN A 978 -12.12 16.01 -8.19
CA ASN A 978 -11.82 17.47 -8.24
C ASN A 978 -11.24 17.90 -6.90
N ASP A 979 -11.85 17.49 -5.81
CA ASP A 979 -11.39 17.91 -4.46
C ASP A 979 -9.98 17.37 -4.19
N ILE A 980 -9.70 16.13 -4.52
CA ILE A 980 -8.36 15.61 -4.14
C ILE A 980 -7.36 16.50 -4.86
N LEU A 981 -7.59 16.75 -6.15
CA LEU A 981 -6.61 17.55 -6.92
C LEU A 981 -6.62 19.01 -6.46
N SER A 982 -7.80 19.59 -6.22
CA SER A 982 -7.85 21.04 -5.87
C SER A 982 -7.17 21.34 -4.54
N ARG A 983 -7.41 20.51 -3.52
CA ARG A 983 -6.90 20.86 -2.19
C ARG A 983 -5.59 20.14 -1.86
N LEU A 984 -4.93 19.52 -2.85
CA LEU A 984 -3.62 18.91 -2.53
C LEU A 984 -2.55 19.33 -3.54
N ASP A 985 -1.28 19.26 -3.14
CA ASP A 985 -0.14 19.63 -4.03
C ASP A 985 0.00 18.56 -5.10
N PRO A 986 0.45 18.89 -6.33
CA PRO A 986 0.50 17.89 -7.39
C PRO A 986 1.31 16.61 -7.10
N PRO A 987 2.49 16.60 -6.46
CA PRO A 987 3.19 15.35 -6.19
C PRO A 987 2.46 14.39 -5.24
N GLU A 988 1.76 14.91 -4.24
CA GLU A 988 1.15 13.98 -3.26
C GLU A 988 -0.29 13.59 -3.63
N ALA A 989 -0.94 14.30 -4.56
CA ALA A 989 -2.28 13.90 -5.04
C ALA A 989 -2.19 12.60 -5.84
N GLU A 990 -1.07 12.36 -6.51
CA GLU A 990 -0.92 11.16 -7.34
C GLU A 990 -1.06 9.92 -6.47
N VAL A 991 -0.58 9.92 -5.23
CA VAL A 991 -0.80 8.72 -4.36
C VAL A 991 -2.31 8.53 -4.15
N GLN A 992 -3.01 9.60 -3.87
CA GLN A 992 -4.47 9.53 -3.61
C GLN A 992 -5.24 9.15 -4.87
N ILE A 993 -4.92 9.69 -6.06
CA ILE A 993 -5.62 9.26 -7.31
C ILE A 993 -5.30 7.80 -7.55
N ASP A 994 -4.08 7.37 -7.32
CA ASP A 994 -3.78 5.95 -7.64
C ASP A 994 -4.61 5.05 -6.77
N ARG A 995 -4.99 5.45 -5.56
CA ARG A 995 -5.89 4.60 -4.76
C ARG A 995 -7.27 4.52 -5.40
N LEU A 996 -7.81 5.64 -5.90
CA LEU A 996 -9.10 5.62 -6.60
C LEU A 996 -9.00 4.81 -7.89
N ILE A 997 -7.95 4.97 -8.70
CA ILE A 997 -7.83 4.27 -10.01
C ILE A 997 -7.74 2.77 -9.76
N THR A 998 -6.99 2.31 -8.77
CA THR A 998 -6.96 0.85 -8.52
C THR A 998 -8.32 0.39 -8.03
N GLY A 999 -9.00 1.24 -7.29
CA GLY A 999 -10.28 0.84 -6.72
C GLY A 999 -11.37 0.87 -7.75
N ARG A 1000 -11.50 1.95 -8.49
CA ARG A 1000 -12.54 2.06 -9.52
C ARG A 1000 -12.33 1.01 -10.62
N LEU A 1001 -11.10 0.70 -11.02
CA LEU A 1001 -10.81 -0.33 -12.04
C LEU A 1001 -11.26 -1.69 -11.57
N GLN A 1002 -11.11 -2.01 -10.30
CA GLN A 1002 -11.58 -3.31 -9.75
C GLN A 1002 -13.10 -3.41 -9.84
N SER A 1003 -13.83 -2.33 -9.61
CA SER A 1003 -15.31 -2.36 -9.75
C SER A 1003 -15.73 -2.63 -11.20
N LEU A 1004 -15.07 -2.03 -12.17
CA LEU A 1004 -15.36 -2.31 -13.59
C LEU A 1004 -14.95 -3.74 -13.94
N GLN A 1005 -13.85 -4.30 -13.45
CA GLN A 1005 -13.53 -5.68 -13.82
C GLN A 1005 -14.58 -6.63 -13.28
N THR A 1006 -15.09 -6.41 -12.08
CA THR A 1006 -16.19 -7.25 -11.55
C THR A 1006 -17.47 -7.10 -12.38
N TYR A 1007 -17.85 -5.92 -12.86
CA TYR A 1007 -19.05 -5.87 -13.72
C TYR A 1007 -18.77 -6.65 -14.99
N VAL A 1008 -17.63 -6.48 -15.63
CA VAL A 1008 -17.42 -7.20 -16.91
C VAL A 1008 -17.36 -8.70 -16.68
N THR A 1009 -16.73 -9.23 -15.64
CA THR A 1009 -16.74 -10.70 -15.49
C THR A 1009 -18.14 -11.20 -15.21
N GLN A 1010 -18.90 -10.53 -14.36
CA GLN A 1010 -20.24 -11.02 -14.00
C GLN A 1010 -21.13 -10.97 -15.21
N GLN A 1011 -21.00 -9.97 -16.07
CA GLN A 1011 -21.78 -9.92 -17.33
C GLN A 1011 -21.37 -11.02 -18.30
N LEU A 1012 -20.10 -11.37 -18.43
CA LEU A 1012 -19.65 -12.46 -19.31
C LEU A 1012 -20.22 -13.79 -18.80
N ILE A 1013 -20.31 -13.99 -17.51
CA ILE A 1013 -20.95 -15.20 -16.91
C ILE A 1013 -22.47 -15.21 -17.14
N ARG A 1014 -23.17 -14.09 -17.05
CA ARG A 1014 -24.63 -14.02 -17.22
C ARG A 1014 -25.03 -13.95 -18.68
N ALA A 1015 -24.16 -13.47 -19.56
CA ALA A 1015 -24.42 -13.50 -21.01
C ALA A 1015 -24.44 -14.93 -21.48
N ALA A 1016 -23.58 -15.76 -20.94
CA ALA A 1016 -23.52 -17.19 -21.30
C ALA A 1016 -24.78 -17.93 -20.93
N GLU A 1017 -25.41 -17.66 -19.80
CA GLU A 1017 -26.68 -18.30 -19.42
C GLU A 1017 -27.79 -17.88 -20.38
N ILE A 1018 -27.84 -16.64 -20.82
CA ILE A 1018 -28.84 -16.18 -21.83
C ILE A 1018 -28.56 -16.87 -23.17
N ARG A 1019 -27.32 -17.11 -23.57
CA ARG A 1019 -26.99 -17.83 -24.82
C ARG A 1019 -27.50 -19.25 -24.77
N ALA A 1020 -27.43 -19.93 -23.65
CA ALA A 1020 -28.04 -21.26 -23.55
C ALA A 1020 -29.55 -21.22 -23.65
N SER A 1021 -30.24 -20.24 -23.04
CA SER A 1021 -31.70 -20.09 -23.19
C SER A 1021 -32.06 -19.73 -24.62
N ALA A 1022 -31.27 -18.91 -25.31
CA ALA A 1022 -31.49 -18.60 -26.73
C ALA A 1022 -31.25 -19.81 -27.60
N ASN A 1023 -30.33 -20.70 -27.26
CA ASN A 1023 -30.12 -21.96 -28.01
C ASN A 1023 -31.26 -22.96 -27.77
N LEU A 1024 -31.84 -23.08 -26.58
CA LEU A 1024 -33.04 -23.95 -26.38
C LEU A 1024 -34.26 -23.36 -27.07
N ALA A 1025 -34.40 -22.05 -27.07
CA ALA A 1025 -35.52 -21.40 -27.76
C ALA A 1025 -35.41 -21.53 -29.25
N ALA A 1026 -34.23 -21.49 -29.83
CA ALA A 1026 -34.07 -21.75 -31.26
C ALA A 1026 -34.39 -23.20 -31.58
N THR A 1027 -33.95 -24.16 -30.76
CA THR A 1027 -34.26 -25.60 -30.94
C THR A 1027 -35.75 -25.83 -30.78
N LYS A 1028 -36.40 -25.25 -29.80
CA LYS A 1028 -37.87 -25.39 -29.61
C LYS A 1028 -38.62 -24.75 -30.76
N MET A 1029 -38.13 -23.69 -31.39
CA MET A 1029 -38.83 -23.12 -32.57
C MET A 1029 -38.72 -24.09 -33.73
N SER A 1030 -37.56 -24.71 -33.92
CA SER A 1030 -37.38 -25.55 -35.12
C SER A 1030 -37.97 -26.94 -34.89
N GLU A 1031 -37.95 -27.47 -33.68
CA GLU A 1031 -38.46 -28.84 -33.51
C GLU A 1031 -39.90 -28.91 -33.06
N CYS A 1032 -40.47 -27.82 -32.58
CA CYS A 1032 -41.85 -27.79 -32.03
C CYS A 1032 -42.79 -26.92 -32.86
N VAL A 1033 -42.48 -25.67 -33.17
CA VAL A 1033 -43.33 -24.87 -34.10
C VAL A 1033 -43.19 -25.38 -35.52
N LEU A 1034 -42.01 -25.79 -35.96
CA LEU A 1034 -41.75 -26.14 -37.37
C LEU A 1034 -41.88 -27.65 -37.63
N GLY A 1035 -42.35 -28.44 -36.68
CA GLY A 1035 -42.53 -29.89 -36.82
C GLY A 1035 -43.26 -30.42 -35.62
N GLN A 1036 -43.41 -31.72 -35.43
CA GLN A 1036 -44.05 -32.33 -34.22
C GLN A 1036 -43.01 -33.19 -33.53
N SER A 1037 -42.84 -33.05 -32.22
CA SER A 1037 -41.75 -33.74 -31.51
C SER A 1037 -42.20 -35.01 -30.84
N LYS A 1038 -41.37 -36.06 -30.86
CA LYS A 1038 -41.66 -37.30 -30.13
C LYS A 1038 -40.71 -37.30 -28.96
N ARG A 1039 -40.07 -36.18 -28.69
CA ARG A 1039 -39.07 -36.07 -27.62
C ARG A 1039 -39.91 -35.80 -26.40
N VAL A 1040 -39.99 -36.72 -25.43
CA VAL A 1040 -40.95 -36.60 -24.31
C VAL A 1040 -40.70 -35.37 -23.47
N ASP A 1041 -41.72 -34.54 -23.29
CA ASP A 1041 -41.69 -33.34 -22.44
C ASP A 1041 -40.74 -32.26 -22.91
N PHE A 1042 -40.20 -32.37 -24.12
CA PHE A 1042 -39.41 -31.24 -24.63
C PHE A 1042 -40.44 -30.16 -24.84
N CYS A 1043 -41.58 -30.58 -25.39
CA CYS A 1043 -42.58 -29.58 -25.77
C CYS A 1043 -43.93 -29.85 -25.14
N GLY A 1044 -44.05 -29.61 -23.85
CA GLY A 1044 -45.35 -29.71 -23.17
C GLY A 1044 -45.52 -31.02 -22.49
N LYS A 1045 -46.41 -31.09 -21.51
CA LYS A 1045 -46.71 -32.39 -20.88
C LYS A 1045 -47.89 -33.02 -21.60
N GLY A 1046 -47.64 -34.06 -22.36
CA GLY A 1046 -48.70 -34.75 -23.10
C GLY A 1046 -48.07 -35.16 -24.38
N TYR A 1047 -48.83 -35.72 -25.30
CA TYR A 1047 -48.28 -36.01 -26.63
C TYR A 1047 -48.32 -34.68 -27.34
N HIS A 1048 -47.55 -34.42 -28.38
CA HIS A 1048 -47.47 -33.06 -28.98
C HIS A 1048 -48.22 -33.03 -30.29
N LEU A 1049 -49.07 -32.03 -30.48
CA LEU A 1049 -49.79 -31.84 -31.75
C LEU A 1049 -49.15 -30.66 -32.47
N MET A 1050 -49.18 -29.47 -31.89
CA MET A 1050 -48.63 -28.26 -32.53
C MET A 1050 -48.17 -27.26 -31.47
N SER A 1051 -47.33 -26.29 -31.82
CA SER A 1051 -46.94 -25.23 -30.87
C SER A 1051 -46.97 -23.91 -31.61
N PHE A 1052 -47.15 -22.79 -30.91
CA PHE A 1052 -47.31 -21.48 -31.60
C PHE A 1052 -46.40 -20.43 -30.99
N PRO A 1053 -45.53 -19.77 -31.76
CA PRO A 1053 -44.61 -18.85 -31.19
C PRO A 1053 -45.32 -17.58 -30.78
N GLN A 1054 -45.00 -16.94 -29.65
CA GLN A 1054 -45.55 -15.59 -29.36
C GLN A 1054 -44.36 -14.80 -28.81
N SER A 1055 -44.26 -13.51 -29.10
CA SER A 1055 -43.09 -12.70 -28.68
C SER A 1055 -43.29 -12.13 -27.28
N ALA A 1056 -42.28 -11.51 -26.71
CA ALA A 1056 -42.32 -11.03 -25.32
C ALA A 1056 -41.33 -9.90 -25.19
N PRO A 1057 -41.20 -9.20 -24.05
CA PRO A 1057 -40.30 -8.07 -24.01
C PRO A 1057 -38.84 -8.40 -24.39
N HIS A 1058 -38.27 -9.49 -23.89
CA HIS A 1058 -36.91 -9.91 -24.34
C HIS A 1058 -36.88 -11.42 -24.24
N GLY A 1059 -37.76 -12.09 -24.98
CA GLY A 1059 -37.92 -13.53 -24.77
C GLY A 1059 -38.96 -14.05 -25.71
N VAL A 1060 -39.44 -15.27 -25.47
CA VAL A 1060 -40.44 -15.91 -26.36
C VAL A 1060 -41.34 -16.79 -25.51
N VAL A 1061 -42.66 -16.70 -25.69
CA VAL A 1061 -43.62 -17.60 -24.99
C VAL A 1061 -44.10 -18.58 -26.05
N PHE A 1062 -43.87 -19.88 -25.88
CA PHE A 1062 -44.41 -20.83 -26.87
C PHE A 1062 -45.66 -21.39 -26.22
N LEU A 1063 -46.75 -21.58 -26.96
CA LEU A 1063 -47.95 -22.16 -26.35
C LEU A 1063 -48.07 -23.55 -26.93
N HIS A 1064 -47.86 -24.58 -26.15
CA HIS A 1064 -47.77 -25.95 -26.67
C HIS A 1064 -49.09 -26.70 -26.60
N VAL A 1065 -49.73 -26.98 -27.73
CA VAL A 1065 -50.96 -27.81 -27.79
C VAL A 1065 -50.53 -29.24 -27.68
N THR A 1066 -51.21 -30.07 -26.88
CA THR A 1066 -50.82 -31.45 -26.61
C THR A 1066 -52.06 -32.25 -26.32
N TYR A 1067 -52.15 -33.52 -26.63
CA TYR A 1067 -53.31 -34.40 -26.39
C TYR A 1067 -53.05 -35.13 -25.09
N VAL A 1068 -53.82 -34.88 -24.03
CA VAL A 1068 -53.66 -35.62 -22.75
C VAL A 1068 -54.73 -36.71 -22.72
N PRO A 1069 -54.41 -38.01 -22.64
CA PRO A 1069 -55.46 -39.01 -22.65
C PRO A 1069 -56.33 -38.93 -21.39
N ALA A 1070 -57.61 -39.31 -21.44
CA ALA A 1070 -58.53 -39.21 -20.28
C ALA A 1070 -59.58 -40.33 -20.26
N GLN A 1071 -60.35 -40.45 -19.18
CA GLN A 1071 -61.44 -41.45 -19.05
C GLN A 1071 -61.01 -42.88 -19.26
N GLU A 1072 -60.00 -43.36 -18.52
CA GLU A 1072 -59.47 -44.73 -18.61
C GLU A 1072 -60.46 -45.77 -18.08
N LYS A 1073 -60.60 -46.91 -18.75
CA LYS A 1073 -61.49 -48.00 -18.30
C LYS A 1073 -60.65 -49.27 -18.28
N ASN A 1074 -60.79 -50.15 -17.29
CA ASN A 1074 -59.90 -51.34 -17.18
C ASN A 1074 -60.50 -52.51 -17.95
N PHE A 1075 -59.72 -53.19 -18.77
CA PHE A 1075 -60.20 -54.37 -19.54
C PHE A 1075 -59.21 -55.51 -19.39
N THR A 1076 -59.62 -56.76 -19.62
CA THR A 1076 -58.68 -57.91 -19.59
C THR A 1076 -57.89 -57.90 -20.89
N THR A 1077 -56.65 -58.38 -20.91
CA THR A 1077 -55.80 -58.32 -22.12
C THR A 1077 -55.10 -59.66 -22.31
N ALA A 1078 -54.69 -59.98 -23.54
CA ALA A 1078 -54.04 -61.27 -23.83
C ALA A 1078 -52.89 -61.10 -24.81
N PRO A 1079 -51.77 -61.82 -24.65
CA PRO A 1079 -50.70 -61.77 -25.62
C PRO A 1079 -51.16 -62.10 -27.05
N ALA A 1080 -51.74 -63.27 -27.27
CA ALA A 1080 -52.18 -63.72 -28.60
C ALA A 1080 -53.56 -64.33 -28.53
N ILE A 1081 -54.07 -64.91 -29.62
CA ILE A 1081 -55.40 -65.57 -29.69
C ILE A 1081 -55.26 -66.85 -30.49
N CYS A 1082 -55.29 -68.01 -29.84
CA CYS A 1082 -55.12 -69.33 -30.48
C CYS A 1082 -56.33 -69.70 -31.33
N HIS A 1083 -56.16 -69.92 -32.62
CA HIS A 1083 -57.28 -70.41 -33.46
C HIS A 1083 -56.68 -71.38 -34.46
N ASP A 1084 -57.27 -72.57 -34.63
CA ASP A 1084 -56.78 -73.57 -35.62
C ASP A 1084 -55.30 -73.87 -35.40
N GLY A 1085 -54.88 -73.97 -34.14
CA GLY A 1085 -53.48 -74.30 -33.84
C GLY A 1085 -52.49 -73.28 -34.36
N LYS A 1086 -52.84 -72.00 -34.36
CA LYS A 1086 -51.90 -70.93 -34.78
C LYS A 1086 -52.12 -69.78 -33.80
N ALA A 1087 -51.10 -69.00 -33.52
CA ALA A 1087 -51.24 -67.93 -32.54
C ALA A 1087 -51.32 -66.64 -33.32
N HIS A 1088 -52.39 -65.88 -33.16
CA HIS A 1088 -52.58 -64.66 -33.95
C HIS A 1088 -52.30 -63.47 -33.07
N PHE A 1089 -51.31 -62.66 -33.40
CA PHE A 1089 -50.90 -61.54 -32.55
C PHE A 1089 -51.34 -60.24 -33.22
N PRO A 1090 -51.72 -59.15 -32.55
CA PRO A 1090 -52.28 -57.99 -33.25
C PRO A 1090 -51.33 -57.15 -34.12
N ARG A 1091 -51.70 -56.72 -35.33
CA ARG A 1091 -50.73 -55.96 -36.14
C ARG A 1091 -50.45 -54.61 -35.51
N GLU A 1092 -51.48 -53.83 -35.24
CA GLU A 1092 -51.31 -52.59 -34.45
C GLU A 1092 -52.50 -52.60 -33.51
N GLY A 1093 -52.29 -52.72 -32.22
CA GLY A 1093 -53.47 -52.82 -31.38
C GLY A 1093 -53.23 -53.72 -30.22
N VAL A 1094 -54.22 -53.86 -29.34
CA VAL A 1094 -54.10 -54.66 -28.12
C VAL A 1094 -55.31 -55.56 -28.21
N PHE A 1095 -55.32 -56.73 -27.61
CA PHE A 1095 -56.55 -57.54 -27.61
C PHE A 1095 -57.19 -57.21 -26.27
N VAL A 1096 -58.47 -56.88 -26.23
CA VAL A 1096 -59.11 -56.47 -24.96
C VAL A 1096 -60.42 -57.23 -24.87
N SER A 1097 -60.97 -57.46 -23.67
CA SER A 1097 -62.20 -58.25 -23.52
C SER A 1097 -63.26 -57.46 -22.79
N ASN A 1098 -64.49 -57.39 -23.33
CA ASN A 1098 -65.62 -56.73 -22.62
C ASN A 1098 -66.29 -57.77 -21.76
N GLY A 1099 -65.58 -58.30 -20.76
CA GLY A 1099 -66.15 -59.41 -19.96
C GLY A 1099 -66.18 -60.74 -20.69
N THR A 1100 -66.88 -60.88 -21.80
CA THR A 1100 -67.02 -62.22 -22.45
C THR A 1100 -66.44 -62.28 -23.87
N HIS A 1101 -66.79 -61.33 -24.73
CA HIS A 1101 -66.30 -61.31 -26.14
C HIS A 1101 -64.91 -60.70 -26.23
N TRP A 1102 -64.18 -60.99 -27.31
CA TRP A 1102 -62.80 -60.49 -27.46
C TRP A 1102 -62.71 -59.58 -28.67
N PHE A 1103 -61.90 -58.52 -28.62
CA PHE A 1103 -61.84 -57.51 -29.70
C PHE A 1103 -60.42 -57.01 -29.87
N VAL A 1104 -60.09 -56.27 -30.93
CA VAL A 1104 -58.74 -55.66 -31.11
C VAL A 1104 -58.97 -54.17 -31.03
N THR A 1105 -58.27 -53.44 -30.20
CA THR A 1105 -58.53 -51.99 -30.04
C THR A 1105 -57.24 -51.25 -30.36
N GLN A 1106 -57.30 -49.97 -30.71
CA GLN A 1106 -56.05 -49.22 -30.89
C GLN A 1106 -55.51 -48.94 -29.50
N ARG A 1107 -54.22 -48.74 -29.34
CA ARG A 1107 -53.63 -48.60 -27.99
C ARG A 1107 -54.06 -47.35 -27.25
N ASN A 1108 -54.18 -46.18 -27.89
CA ASN A 1108 -54.41 -44.90 -27.17
C ASN A 1108 -55.84 -44.36 -27.25
N PHE A 1109 -56.83 -45.13 -27.71
CA PHE A 1109 -58.22 -44.69 -27.67
C PHE A 1109 -58.99 -45.99 -27.67
N TYR A 1110 -60.17 -46.07 -27.11
CA TYR A 1110 -60.82 -47.38 -27.17
C TYR A 1110 -61.69 -47.40 -28.39
N GLU A 1111 -61.26 -48.07 -29.45
CA GLU A 1111 -62.11 -48.30 -30.63
C GLU A 1111 -62.17 -49.81 -30.77
N PRO A 1112 -63.20 -50.48 -30.26
CA PRO A 1112 -63.23 -51.92 -30.29
C PRO A 1112 -63.66 -52.46 -31.66
N GLN A 1113 -62.92 -53.41 -32.23
CA GLN A 1113 -63.20 -53.95 -33.58
C GLN A 1113 -63.15 -55.47 -33.54
N ILE A 1114 -63.79 -56.18 -34.46
CA ILE A 1114 -63.86 -57.67 -34.46
C ILE A 1114 -62.50 -58.23 -34.81
N ILE A 1115 -62.14 -59.44 -34.38
CA ILE A 1115 -60.76 -59.96 -34.61
C ILE A 1115 -60.69 -60.71 -35.93
N THR A 1116 -60.54 -60.03 -37.05
CA THR A 1116 -60.53 -60.67 -38.38
C THR A 1116 -59.10 -61.04 -38.76
N THR A 1117 -58.90 -61.58 -39.94
CA THR A 1117 -57.56 -62.06 -40.35
C THR A 1117 -56.84 -60.90 -41.00
N ASP A 1118 -57.44 -59.71 -40.98
CA ASP A 1118 -56.79 -58.51 -41.55
C ASP A 1118 -56.34 -57.57 -40.45
N ASN A 1119 -56.68 -57.84 -39.20
CA ASN A 1119 -56.15 -57.03 -38.08
C ASN A 1119 -55.21 -57.88 -37.23
N THR A 1120 -54.98 -59.15 -37.60
CA THR A 1120 -54.15 -60.10 -36.82
C THR A 1120 -53.11 -60.76 -37.74
N PHE A 1121 -51.90 -61.08 -37.24
CA PHE A 1121 -50.84 -61.77 -38.03
C PHE A 1121 -50.51 -63.13 -37.43
N VAL A 1122 -50.56 -64.22 -38.18
CA VAL A 1122 -50.35 -65.58 -37.60
C VAL A 1122 -48.87 -65.85 -37.56
N SER A 1123 -48.33 -66.06 -36.38
CA SER A 1123 -46.91 -66.47 -36.32
C SER A 1123 -46.72 -67.57 -35.29
N GLY A 1124 -46.37 -68.76 -35.74
CA GLY A 1124 -46.02 -69.81 -34.77
C GLY A 1124 -47.16 -70.71 -34.39
N ASN A 1125 -46.91 -71.60 -33.43
CA ASN A 1125 -47.93 -72.56 -32.97
C ASN A 1125 -48.43 -72.07 -31.63
N CYS A 1126 -49.58 -72.56 -31.20
CA CYS A 1126 -50.15 -72.17 -29.91
C CYS A 1126 -49.54 -73.03 -28.81
N ASP A 1127 -48.31 -72.77 -28.39
CA ASP A 1127 -47.65 -73.66 -27.41
C ASP A 1127 -46.50 -72.92 -26.77
N VAL A 1128 -45.88 -72.03 -27.53
CA VAL A 1128 -44.68 -71.31 -27.02
C VAL A 1128 -45.12 -70.02 -26.34
N VAL A 1129 -46.27 -69.43 -26.70
CA VAL A 1129 -46.63 -68.18 -25.97
C VAL A 1129 -47.25 -68.49 -24.62
N ILE A 1130 -47.03 -67.64 -23.60
CA ILE A 1130 -47.63 -67.84 -22.25
C ILE A 1130 -48.75 -66.81 -22.13
N GLY A 1131 -49.99 -67.21 -21.94
CA GLY A 1131 -51.12 -66.25 -21.96
C GLY A 1131 -52.02 -66.38 -23.17
N ILE A 1132 -51.78 -67.31 -24.08
CA ILE A 1132 -52.62 -67.36 -25.28
C ILE A 1132 -54.05 -67.63 -24.82
N VAL A 1133 -55.04 -66.92 -25.35
CA VAL A 1133 -56.45 -67.21 -25.00
C VAL A 1133 -57.17 -67.69 -26.25
N ASN A 1134 -57.78 -68.85 -26.17
CA ASN A 1134 -58.50 -69.44 -27.33
C ASN A 1134 -59.69 -68.57 -27.67
N ASN A 1135 -59.95 -68.32 -28.95
CA ASN A 1135 -61.13 -67.54 -29.41
C ASN A 1135 -61.17 -67.73 -30.92
N THR A 1136 -62.14 -67.17 -31.63
CA THR A 1136 -62.28 -67.43 -33.08
C THR A 1136 -61.94 -66.18 -33.89
N VAL A 1137 -61.08 -66.32 -34.91
CA VAL A 1137 -60.68 -65.18 -35.78
C VAL A 1137 -61.50 -65.29 -37.04
N TYR A 1138 -62.31 -64.30 -37.36
CA TYR A 1138 -63.24 -64.41 -38.50
C TYR A 1138 -62.51 -64.10 -39.79
N ASP A 1139 -62.62 -64.98 -40.78
CA ASP A 1139 -61.97 -64.74 -42.08
C ASP A 1139 -62.99 -64.13 -43.03
N PRO A 1140 -62.73 -62.96 -43.63
CA PRO A 1140 -63.72 -62.29 -44.48
C PRO A 1140 -64.14 -63.04 -45.75
N LEU A 1141 -63.21 -63.73 -46.43
CA LEU A 1141 -63.50 -64.43 -47.71
C LEU A 1141 -64.48 -65.59 -47.56
N GLN A 1142 -64.42 -66.37 -46.47
CA GLN A 1142 -65.27 -67.59 -46.38
C GLN A 1142 -66.77 -67.27 -46.43
N PRO A 1143 -67.31 -66.24 -45.75
CA PRO A 1143 -68.72 -65.91 -45.91
C PRO A 1143 -69.05 -65.52 -47.36
N GLU A 1144 -68.19 -64.74 -48.01
CA GLU A 1144 -68.41 -64.36 -49.43
C GLU A 1144 -68.32 -65.60 -50.31
N GLN B 14 45.99 -34.95 33.88
CA GLN B 14 46.56 -36.28 33.54
C GLN B 14 46.12 -36.66 32.13
N CYS B 15 46.47 -35.84 31.14
CA CYS B 15 46.12 -36.16 29.73
C CYS B 15 47.32 -36.82 29.05
N VAL B 16 47.12 -38.04 28.55
CA VAL B 16 48.24 -38.80 27.93
C VAL B 16 47.87 -39.15 26.48
N ASN B 17 48.67 -38.58 25.49
CA ASN B 17 48.31 -38.87 24.08
C ASN B 17 48.19 -40.39 23.92
N LEU B 18 47.14 -40.85 23.24
CA LEU B 18 46.92 -42.32 23.12
C LEU B 18 47.93 -42.93 22.14
N THR B 19 48.32 -44.17 22.37
CA THR B 19 49.36 -44.82 21.53
C THR B 19 48.95 -46.26 21.22
N THR B 20 49.66 -46.94 20.33
CA THR B 20 49.34 -48.34 19.94
C THR B 20 47.94 -48.46 19.33
N ARG B 21 47.52 -47.47 18.53
CA ARG B 21 46.23 -47.57 17.81
C ARG B 21 46.54 -47.76 16.33
N THR B 22 46.04 -48.83 15.71
CA THR B 22 46.28 -49.08 14.26
C THR B 22 45.56 -47.99 13.47
N GLN B 23 46.17 -47.48 12.39
CA GLN B 23 45.56 -46.35 11.64
C GLN B 23 44.81 -46.88 10.41
N LEU B 24 43.49 -46.67 10.37
CA LEU B 24 42.66 -47.17 9.24
C LEU B 24 41.85 -46.00 8.66
N PRO B 25 41.76 -45.84 7.32
CA PRO B 25 40.90 -44.80 6.74
C PRO B 25 39.42 -45.10 7.06
N PRO B 26 38.56 -44.09 7.33
CA PRO B 26 37.17 -44.36 7.78
C PRO B 26 36.23 -45.05 6.79
N ALA B 27 35.42 -46.01 7.26
CA ALA B 27 34.48 -46.73 6.38
C ALA B 27 33.19 -45.93 6.21
N TYR B 28 32.18 -46.53 5.55
CA TYR B 28 30.89 -45.85 5.33
C TYR B 28 29.76 -46.88 5.43
N THR B 29 28.57 -46.45 5.82
CA THR B 29 27.40 -47.38 5.95
C THR B 29 26.14 -46.69 5.43
N ASN B 30 25.08 -47.45 5.16
CA ASN B 30 23.86 -46.85 4.56
C ASN B 30 22.83 -46.60 5.66
N SER B 31 22.37 -45.35 5.77
CA SER B 31 21.31 -45.03 6.76
C SER B 31 19.97 -45.23 6.07
N PHE B 32 19.37 -46.41 6.21
CA PHE B 32 18.12 -46.66 5.47
C PHE B 32 16.98 -46.07 6.29
N THR B 33 16.43 -44.92 5.86
CA THR B 33 15.25 -44.32 6.54
C THR B 33 15.49 -44.15 8.05
N ARG B 34 16.62 -43.56 8.45
CA ARG B 34 16.93 -43.38 9.89
C ARG B 34 17.14 -41.90 10.17
N GLY B 35 16.83 -41.45 11.39
CA GLY B 35 17.12 -40.05 11.76
C GLY B 35 15.95 -39.12 11.65
N VAL B 36 14.73 -39.64 11.49
CA VAL B 36 13.54 -38.74 11.48
C VAL B 36 13.26 -38.36 12.92
N TYR B 37 13.07 -37.07 13.20
CA TYR B 37 12.80 -36.59 14.57
C TYR B 37 11.44 -35.88 14.54
N TYR B 38 10.70 -35.84 15.64
CA TYR B 38 9.46 -35.07 15.61
C TYR B 38 9.89 -33.62 15.44
N PRO B 39 9.55 -32.95 14.31
CA PRO B 39 10.03 -31.61 14.04
C PRO B 39 9.51 -30.56 15.03
N ASP B 40 8.26 -30.70 15.44
CA ASP B 40 7.63 -29.66 16.31
C ASP B 40 6.94 -30.31 17.49
N LYS B 41 6.49 -29.53 18.47
CA LYS B 41 5.76 -30.09 19.65
C LYS B 41 4.25 -30.02 19.44
N VAL B 42 3.74 -30.35 18.26
CA VAL B 42 2.28 -30.26 17.95
C VAL B 42 1.79 -31.68 17.82
N PHE B 43 0.51 -31.93 17.83
CA PHE B 43 0.05 -33.32 17.58
C PHE B 43 -0.77 -33.32 16.32
N ARG B 44 -0.65 -34.33 15.49
CA ARG B 44 -1.53 -34.47 14.34
C ARG B 44 -1.85 -35.96 14.33
N SER B 45 -3.04 -36.35 13.88
CA SER B 45 -3.45 -37.78 13.93
C SER B 45 -4.05 -38.20 12.59
N SER B 46 -3.63 -39.35 12.06
CA SER B 46 -4.10 -39.82 10.72
C SER B 46 -3.86 -38.70 9.69
N VAL B 47 -2.69 -38.06 9.73
CA VAL B 47 -2.44 -36.89 8.85
C VAL B 47 -1.07 -37.06 8.20
N LEU B 48 -0.90 -36.63 6.95
CA LEU B 48 0.42 -36.64 6.28
C LEU B 48 0.84 -35.17 6.23
N HIS B 49 1.96 -34.79 6.86
CA HIS B 49 2.34 -33.36 6.95
C HIS B 49 3.67 -33.13 6.25
N SER B 50 3.78 -32.03 5.50
CA SER B 50 5.04 -31.74 4.77
C SER B 50 5.86 -30.71 5.55
N THR B 51 7.05 -31.07 6.01
CA THR B 51 7.87 -30.15 6.85
C THR B 51 9.22 -29.89 6.20
N GLN B 52 9.64 -28.62 6.08
CA GLN B 52 11.01 -28.31 5.58
C GLN B 52 11.84 -27.99 6.81
N ASP B 53 12.86 -28.80 7.11
CA ASP B 53 13.66 -28.62 8.34
C ASP B 53 14.97 -29.36 8.12
N LEU B 54 15.93 -29.25 9.05
CA LEU B 54 17.25 -29.88 8.82
C LEU B 54 17.14 -31.36 9.21
N PHE B 55 17.14 -32.27 8.23
CA PHE B 55 16.99 -33.72 8.50
C PHE B 55 18.07 -34.46 7.73
N LEU B 56 18.45 -35.67 8.17
CA LEU B 56 19.47 -36.47 7.45
C LEU B 56 18.85 -36.97 6.14
N PRO B 57 19.51 -36.79 4.97
CA PRO B 57 18.97 -37.32 3.73
C PRO B 57 18.83 -38.84 3.81
N PHE B 58 17.72 -39.38 3.29
CA PHE B 58 17.48 -40.84 3.35
C PHE B 58 18.51 -41.54 2.47
N PHE B 59 18.91 -42.75 2.81
CA PHE B 59 19.90 -43.53 2.02
C PHE B 59 21.18 -42.69 1.84
N SER B 60 21.77 -42.23 2.93
CA SER B 60 22.99 -41.45 2.89
C SER B 60 24.17 -42.28 3.37
N ASN B 61 25.38 -41.73 3.20
CA ASN B 61 26.60 -42.46 3.65
C ASN B 61 27.02 -41.88 5.01
N VAL B 62 26.97 -42.70 6.06
CA VAL B 62 27.30 -42.21 7.42
C VAL B 62 28.67 -42.78 7.80
N THR B 63 29.62 -41.91 8.16
CA THR B 63 30.98 -42.36 8.50
C THR B 63 30.90 -43.28 9.70
N TRP B 64 31.66 -44.37 9.67
CA TRP B 64 31.66 -45.33 10.80
C TRP B 64 32.99 -45.18 11.53
N PHE B 65 32.96 -44.86 12.81
CA PHE B 65 34.21 -44.80 13.59
C PHE B 65 34.25 -46.06 14.44
N HIS B 66 35.42 -46.68 14.62
CA HIS B 66 35.45 -47.98 15.31
C HIS B 66 36.34 -47.94 16.56
N ALA B 67 35.91 -48.58 17.64
CA ALA B 67 36.76 -48.69 18.85
C ALA B 67 36.87 -50.16 19.26
N ILE B 68 37.62 -50.96 18.49
CA ILE B 68 37.70 -52.44 18.75
C ILE B 68 39.17 -52.90 18.70
N HIS B 69 39.55 -53.85 19.57
CA HIS B 69 40.92 -54.43 19.52
C HIS B 69 40.78 -55.94 19.32
N VAL B 70 41.39 -56.50 18.26
CA VAL B 70 41.24 -57.96 17.97
C VAL B 70 39.74 -58.26 18.05
N THR B 76 44.29 -56.11 16.70
CA THR B 76 44.32 -54.79 16.01
C THR B 76 43.67 -53.77 16.94
N LYS B 77 44.48 -52.95 17.61
CA LYS B 77 43.91 -52.01 18.61
C LYS B 77 43.40 -50.79 17.88
N ARG B 78 42.07 -50.60 17.86
CA ARG B 78 41.51 -49.38 17.24
C ARG B 78 40.68 -48.66 18.29
N PHE B 79 40.97 -47.37 18.53
CA PHE B 79 40.15 -46.56 19.45
C PHE B 79 39.86 -45.27 18.68
N ASP B 80 38.59 -44.90 18.52
CA ASP B 80 38.34 -43.70 17.68
C ASP B 80 37.84 -42.53 18.51
N ASN B 81 38.59 -41.43 18.52
CA ASN B 81 38.10 -40.20 19.21
C ASN B 81 38.41 -38.97 18.35
N PRO B 82 38.24 -38.97 17.01
CA PRO B 82 38.66 -37.83 16.19
C PRO B 82 37.73 -36.64 16.38
N VAL B 83 38.24 -35.43 16.11
CA VAL B 83 37.36 -34.23 16.18
C VAL B 83 36.72 -34.11 14.79
N LEU B 84 35.39 -34.20 14.73
CA LEU B 84 34.68 -34.15 13.43
C LEU B 84 33.78 -32.91 13.47
N PRO B 85 33.66 -32.11 12.39
CA PRO B 85 32.89 -30.87 12.45
C PRO B 85 31.37 -31.06 12.64
N PHE B 86 30.68 -30.07 13.22
CA PHE B 86 29.19 -30.10 13.35
C PHE B 86 28.72 -29.12 12.27
N ASN B 87 28.41 -29.61 11.06
CA ASN B 87 28.10 -28.65 9.96
C ASN B 87 26.83 -27.85 10.22
N ASP B 88 25.73 -28.52 10.57
CA ASP B 88 24.45 -27.84 10.91
C ASP B 88 23.77 -28.72 11.95
N GLY B 89 24.03 -30.01 11.87
CA GLY B 89 23.51 -30.95 12.88
C GLY B 89 24.34 -32.21 12.80
N VAL B 90 24.29 -33.06 13.80
CA VAL B 90 25.02 -34.35 13.71
C VAL B 90 24.09 -35.46 14.16
N TYR B 91 23.72 -36.37 13.28
CA TYR B 91 22.93 -37.52 13.74
C TYR B 91 23.96 -38.51 14.26
N PHE B 92 24.11 -38.62 15.56
CA PHE B 92 25.11 -39.53 16.15
C PHE B 92 24.36 -40.75 16.66
N ALA B 93 24.70 -41.93 16.16
CA ALA B 93 24.06 -43.16 16.65
C ALA B 93 25.15 -44.12 17.10
N SER B 94 25.01 -44.71 18.28
CA SER B 94 26.06 -45.61 18.80
C SER B 94 25.47 -46.97 19.14
N THR B 95 26.05 -48.04 18.61
CA THR B 95 25.59 -49.39 18.99
C THR B 95 26.54 -49.87 20.09
N GLU B 96 26.05 -50.02 21.32
CA GLU B 96 26.96 -50.36 22.44
C GLU B 96 26.25 -51.28 23.43
N LYS B 97 26.98 -52.21 24.05
CA LYS B 97 26.39 -53.07 25.09
C LYS B 97 27.07 -52.79 26.44
N SER B 98 28.29 -52.24 26.41
CA SER B 98 29.07 -52.01 27.66
C SER B 98 28.98 -50.55 28.10
N ASN B 99 28.22 -49.73 27.38
CA ASN B 99 28.12 -48.27 27.70
C ASN B 99 29.51 -47.64 27.67
N ILE B 100 30.38 -48.08 26.75
CA ILE B 100 31.72 -47.44 26.60
C ILE B 100 31.53 -46.00 26.13
N ILE B 101 30.59 -45.76 25.21
CA ILE B 101 30.30 -44.36 24.79
C ILE B 101 29.67 -43.63 25.97
N ARG B 102 30.14 -42.42 26.28
CA ARG B 102 29.65 -41.73 27.49
C ARG B 102 29.06 -40.36 27.15
N GLY B 103 29.85 -39.48 26.54
CA GLY B 103 29.36 -38.11 26.33
C GLY B 103 30.00 -37.42 25.15
N TRP B 104 29.59 -36.19 24.88
CA TRP B 104 30.10 -35.45 23.71
C TRP B 104 30.58 -34.08 24.18
N ILE B 105 31.60 -33.51 23.53
CA ILE B 105 32.06 -32.13 23.87
C ILE B 105 31.88 -31.32 22.60
N PHE B 106 31.45 -30.06 22.73
CA PHE B 106 31.16 -29.25 21.52
C PHE B 106 31.75 -27.86 21.71
N GLY B 107 32.04 -27.16 20.62
CA GLY B 107 32.52 -25.77 20.76
C GLY B 107 33.11 -25.25 19.46
N THR B 108 33.74 -24.09 19.50
CA THR B 108 34.44 -23.62 18.27
C THR B 108 35.95 -23.86 18.40
N THR B 109 36.57 -23.44 19.51
CA THR B 109 38.04 -23.56 19.63
C THR B 109 38.42 -24.76 20.50
N LEU B 110 37.67 -24.99 21.57
CA LEU B 110 37.93 -26.14 22.49
C LEU B 110 39.26 -25.95 23.22
N ASP B 111 39.80 -24.73 23.25
CA ASP B 111 41.14 -24.51 23.87
C ASP B 111 41.12 -23.38 24.90
N SER B 112 39.95 -23.05 25.46
CA SER B 112 39.80 -22.00 26.51
C SER B 112 39.73 -20.60 25.91
N LYS B 113 39.88 -20.45 24.60
CA LYS B 113 39.68 -19.12 23.97
C LYS B 113 38.20 -18.75 24.05
N THR B 114 37.30 -19.71 23.82
CA THR B 114 35.84 -19.42 23.79
C THR B 114 35.08 -20.49 24.58
N GLN B 115 33.85 -20.18 25.01
CA GLN B 115 33.07 -21.13 25.85
C GLN B 115 32.79 -22.42 25.09
N SER B 116 32.83 -23.56 25.79
CA SER B 116 32.57 -24.88 25.13
C SER B 116 31.52 -25.64 25.95
N LEU B 117 30.68 -26.45 25.28
CA LEU B 117 29.61 -27.20 25.96
C LEU B 117 30.06 -28.63 26.18
N LEU B 118 29.95 -29.16 27.40
CA LEU B 118 30.29 -30.58 27.65
C LEU B 118 28.99 -31.29 28.03
N ILE B 119 28.82 -32.55 27.63
CA ILE B 119 27.61 -33.30 28.07
C ILE B 119 28.08 -34.66 28.60
N VAL B 120 28.81 -34.66 29.71
CA VAL B 120 29.37 -35.93 30.25
C VAL B 120 28.24 -36.77 30.84
N ASN B 121 28.24 -38.09 30.62
CA ASN B 121 27.23 -38.97 31.26
C ASN B 121 27.98 -39.85 32.26
N ASN B 122 28.15 -39.39 33.48
CA ASN B 122 28.99 -40.12 34.47
C ASN B 122 28.06 -40.83 35.45
N ALA B 123 28.56 -41.83 36.17
CA ALA B 123 27.72 -42.50 37.19
C ALA B 123 27.33 -41.44 38.22
N THR B 124 28.28 -40.60 38.62
CA THR B 124 27.99 -39.57 39.63
C THR B 124 26.98 -38.56 39.09
N ASN B 125 27.19 -38.10 37.84
CA ASN B 125 26.29 -37.02 37.35
C ASN B 125 26.27 -36.86 35.82
N VAL B 126 25.18 -36.29 35.27
CA VAL B 126 25.19 -35.92 33.83
C VAL B 126 25.35 -34.41 33.88
N VAL B 127 26.50 -33.90 33.47
CA VAL B 127 26.73 -32.44 33.64
C VAL B 127 26.74 -31.79 32.28
N ILE B 128 25.75 -30.92 32.01
CA ILE B 128 25.80 -30.15 30.74
C ILE B 128 26.48 -28.81 31.05
N LYS B 129 27.72 -28.85 31.51
CA LYS B 129 28.46 -27.61 31.88
C LYS B 129 28.73 -26.80 30.61
N VAL B 130 28.74 -25.47 30.71
CA VAL B 130 29.07 -24.61 29.54
C VAL B 130 30.15 -23.61 29.94
N CYS B 131 31.40 -24.08 30.11
CA CYS B 131 32.52 -23.16 30.44
C CYS B 131 33.62 -23.30 29.37
N GLU B 132 34.49 -22.30 29.23
CA GLU B 132 35.61 -22.38 28.26
C GLU B 132 36.75 -23.20 28.87
N PHE B 133 36.57 -24.51 29.06
CA PHE B 133 37.68 -25.38 29.52
C PHE B 133 38.64 -25.60 28.36
N GLN B 134 39.93 -25.84 28.64
CA GLN B 134 40.87 -26.18 27.54
C GLN B 134 41.07 -27.69 27.55
N PHE B 135 40.60 -28.37 26.50
CA PHE B 135 40.73 -29.85 26.43
C PHE B 135 42.11 -30.21 25.86
N CYS B 136 42.56 -31.44 26.11
CA CYS B 136 43.85 -31.91 25.56
C CYS B 136 43.65 -32.62 24.22
N ASN B 137 44.76 -33.07 23.60
CA ASN B 137 44.68 -33.75 22.28
C ASN B 137 43.82 -35.00 22.40
N ASP B 138 43.98 -35.77 23.50
CA ASP B 138 43.08 -36.93 23.68
C ASP B 138 42.26 -36.75 24.95
N PRO B 139 41.00 -36.30 24.89
CA PRO B 139 40.12 -36.23 26.06
C PRO B 139 39.46 -37.59 26.26
N PHE B 140 39.58 -38.17 27.45
CA PHE B 140 39.00 -39.50 27.73
C PHE B 140 38.61 -39.60 29.20
N LEU B 141 37.71 -40.53 29.54
CA LEU B 141 37.34 -40.74 30.96
C LEU B 141 37.81 -42.15 31.34
N GLY B 142 38.57 -42.30 32.41
CA GLY B 142 39.13 -43.64 32.71
C GLY B 142 38.33 -44.41 33.74
N VAL B 143 37.87 -45.61 33.38
CA VAL B 143 37.10 -46.48 34.31
C VAL B 143 38.01 -47.62 34.76
N TYR B 144 38.12 -47.85 36.08
CA TYR B 144 39.06 -48.88 36.59
C TYR B 144 38.29 -50.00 37.30
N TYR B 145 38.51 -51.25 36.88
CA TYR B 145 37.86 -52.38 37.59
C TYR B 145 38.95 -53.25 38.23
N HIS B 146 38.84 -53.47 39.55
CA HIS B 146 39.86 -54.28 40.28
C HIS B 146 39.16 -55.27 41.20
N MET B 153 35.81 -47.55 38.79
CA MET B 153 36.03 -46.15 39.27
C MET B 153 36.30 -45.21 38.10
N GLU B 154 35.49 -44.15 37.97
CA GLU B 154 35.75 -43.13 36.93
C GLU B 154 36.77 -42.16 37.52
N SER B 155 37.94 -42.69 37.92
CA SER B 155 39.00 -41.86 38.54
C SER B 155 39.56 -40.87 37.52
N GLU B 156 39.72 -41.30 36.26
CA GLU B 156 40.39 -40.43 35.26
C GLU B 156 39.42 -39.47 34.57
N PHE B 157 39.01 -38.39 35.25
CA PHE B 157 38.20 -37.35 34.58
C PHE B 157 39.21 -36.45 33.86
N ARG B 158 39.77 -36.92 32.73
CA ARG B 158 40.87 -36.17 32.07
C ARG B 158 40.38 -35.43 30.83
N VAL B 159 39.08 -35.19 30.69
CA VAL B 159 38.57 -34.55 29.46
C VAL B 159 39.24 -33.18 29.32
N TYR B 160 39.35 -32.44 30.42
CA TYR B 160 40.10 -31.16 30.35
C TYR B 160 41.17 -31.16 31.45
N SER B 161 42.44 -30.92 31.07
CA SER B 161 43.49 -30.80 32.10
C SER B 161 43.67 -29.31 32.37
N SER B 162 43.06 -28.47 31.53
CA SER B 162 43.24 -27.01 31.67
C SER B 162 41.89 -26.30 31.72
N ALA B 163 41.74 -25.35 32.63
CA ALA B 163 40.50 -24.54 32.68
C ALA B 163 40.96 -23.08 32.78
N ASN B 164 41.40 -22.49 31.66
CA ASN B 164 41.97 -21.12 31.74
C ASN B 164 40.93 -20.14 32.27
N ASN B 165 39.68 -20.22 31.78
CA ASN B 165 38.62 -19.29 32.22
C ASN B 165 37.30 -20.05 32.28
N CYS B 166 36.43 -19.70 33.24
CA CYS B 166 35.07 -20.30 33.27
C CYS B 166 34.09 -19.16 33.47
N THR B 167 33.91 -18.32 32.44
CA THR B 167 33.05 -17.12 32.59
C THR B 167 31.62 -17.55 32.91
N PHE B 168 31.10 -18.57 32.22
CA PHE B 168 29.69 -18.98 32.43
C PHE B 168 29.65 -20.44 32.86
N GLU B 169 28.79 -20.78 33.81
CA GLU B 169 28.62 -22.21 34.19
C GLU B 169 27.12 -22.51 34.26
N TYR B 170 26.67 -23.59 33.61
CA TYR B 170 25.24 -24.01 33.68
C TYR B 170 25.26 -25.51 33.94
N VAL B 171 24.30 -26.04 34.68
CA VAL B 171 24.37 -27.50 35.04
C VAL B 171 23.02 -28.16 34.78
N SER B 172 22.99 -29.49 34.68
CA SER B 172 21.72 -30.23 34.50
C SER B 172 21.66 -31.35 35.54
N GLN B 173 20.53 -32.04 35.65
CA GLN B 173 20.35 -33.05 36.73
C GLN B 173 21.43 -34.13 36.68
N LYS B 187 23.41 -54.88 21.77
CA LYS B 187 21.95 -55.15 21.90
C LYS B 187 21.19 -53.82 21.87
N ASN B 188 21.86 -52.70 22.09
CA ASN B 188 21.13 -51.40 22.19
C ASN B 188 21.68 -50.37 21.20
N LEU B 189 20.82 -49.77 20.39
CA LEU B 189 21.26 -48.67 19.49
C LEU B 189 20.71 -47.37 20.08
N ARG B 190 21.58 -46.42 20.39
CA ARG B 190 21.11 -45.12 20.92
C ARG B 190 21.29 -44.07 19.82
N GLU B 191 20.20 -43.49 19.33
CA GLU B 191 20.30 -42.54 18.20
C GLU B 191 20.07 -41.13 18.72
N PHE B 192 20.95 -40.20 18.39
CA PHE B 192 20.84 -38.82 18.93
C PHE B 192 20.95 -37.84 17.78
N VAL B 193 20.06 -36.85 17.70
CA VAL B 193 20.20 -35.79 16.67
C VAL B 193 20.48 -34.52 17.45
N PHE B 194 21.60 -33.85 17.17
CA PHE B 194 21.95 -32.63 17.93
C PHE B 194 21.88 -31.46 16.97
N LYS B 195 21.05 -30.45 17.25
CA LYS B 195 21.04 -29.24 16.39
C LYS B 195 21.17 -27.98 17.27
N ASN B 196 21.99 -27.02 16.84
CA ASN B 196 22.15 -25.76 17.60
C ASN B 196 21.51 -24.66 16.75
N ILE B 197 20.35 -24.16 17.17
CA ILE B 197 19.62 -23.12 16.37
C ILE B 197 19.24 -21.97 17.30
N ASP B 198 19.54 -20.73 16.91
CA ASP B 198 19.11 -19.53 17.70
C ASP B 198 19.58 -19.62 19.16
N GLY B 199 20.81 -20.07 19.39
CA GLY B 199 21.35 -20.08 20.76
C GLY B 199 20.73 -21.15 21.62
N TYR B 200 20.07 -22.14 21.01
CA TYR B 200 19.52 -23.26 21.79
C TYR B 200 20.10 -24.56 21.26
N PHE B 201 20.62 -25.42 22.14
CA PHE B 201 21.11 -26.73 21.68
C PHE B 201 19.99 -27.73 21.94
N LYS B 202 19.46 -28.36 20.88
CA LYS B 202 18.31 -29.29 21.04
C LYS B 202 18.79 -30.71 20.79
N ILE B 203 18.56 -31.60 21.75
CA ILE B 203 19.00 -33.00 21.59
C ILE B 203 17.76 -33.88 21.50
N TYR B 204 17.66 -34.68 20.45
CA TYR B 204 16.51 -35.60 20.27
C TYR B 204 17.10 -37.00 20.37
N SER B 205 16.38 -37.96 20.92
CA SER B 205 17.01 -39.28 21.10
C SER B 205 16.00 -40.40 21.08
N LYS B 206 16.43 -41.63 20.74
CA LYS B 206 15.55 -42.81 20.78
C LYS B 206 16.42 -44.04 21.03
N HIS B 207 16.12 -44.83 22.05
CA HIS B 207 16.89 -46.08 22.28
C HIS B 207 16.09 -47.27 21.77
N THR B 208 16.62 -48.01 20.78
CA THR B 208 15.89 -49.16 20.19
C THR B 208 16.73 -50.43 20.37
N PRO B 209 16.15 -51.55 20.86
CA PRO B 209 16.90 -52.81 20.99
C PRO B 209 17.14 -53.48 19.63
N ILE B 210 18.40 -53.85 19.34
CA ILE B 210 18.74 -54.47 18.02
C ILE B 210 19.74 -55.62 18.26
N ASN B 211 19.66 -56.68 17.47
CA ASN B 211 20.60 -57.83 17.61
C ASN B 211 21.65 -57.81 16.50
N LEU B 212 21.64 -56.79 15.64
CA LEU B 212 22.58 -56.79 14.48
C LEU B 212 24.03 -56.76 14.98
N VAL B 213 24.89 -57.57 14.37
CA VAL B 213 26.30 -57.67 14.86
C VAL B 213 27.07 -56.36 14.64
N ARG B 214 27.01 -55.75 13.44
CA ARG B 214 27.82 -54.53 13.22
C ARG B 214 27.26 -53.66 12.08
N ASP B 215 26.03 -53.15 12.22
CA ASP B 215 25.48 -52.22 11.19
C ASP B 215 24.29 -51.45 11.77
N LEU B 216 23.97 -50.28 11.21
CA LEU B 216 22.74 -49.57 11.69
C LEU B 216 21.54 -50.25 11.04
N PRO B 217 20.52 -50.65 11.81
CA PRO B 217 19.41 -51.44 11.25
C PRO B 217 18.43 -50.76 10.29
N GLN B 218 17.83 -51.55 9.40
CA GLN B 218 16.76 -51.02 8.52
C GLN B 218 15.50 -50.87 9.35
N GLY B 219 14.57 -50.04 8.91
CA GLY B 219 13.33 -49.80 9.68
C GLY B 219 13.17 -48.33 10.01
N PHE B 220 12.02 -47.95 10.57
CA PHE B 220 11.76 -46.51 10.84
C PHE B 220 11.49 -46.28 12.31
N SER B 221 12.26 -45.39 12.95
CA SER B 221 11.95 -45.00 14.36
C SER B 221 12.14 -43.48 14.47
N ALA B 222 11.11 -42.77 14.93
CA ALA B 222 11.18 -41.30 15.06
C ALA B 222 11.90 -40.94 16.36
N LEU B 223 12.60 -39.81 16.39
CA LEU B 223 13.40 -39.47 17.60
C LEU B 223 12.63 -38.41 18.40
N GLU B 224 12.11 -38.77 19.58
CA GLU B 224 11.36 -37.83 20.45
C GLU B 224 12.34 -36.85 21.09
N PRO B 225 11.99 -35.56 21.30
CA PRO B 225 12.90 -34.64 21.96
C PRO B 225 13.22 -35.04 23.41
N LEU B 226 14.48 -34.88 23.82
CA LEU B 226 14.88 -35.23 25.21
C LEU B 226 15.03 -33.97 26.06
N VAL B 227 15.77 -32.96 25.57
CA VAL B 227 15.86 -31.68 26.33
C VAL B 227 16.28 -30.54 25.38
N ASP B 228 15.98 -29.29 25.75
CA ASP B 228 16.42 -28.13 24.95
C ASP B 228 17.19 -27.21 25.90
N LEU B 229 18.42 -26.83 25.55
CA LEU B 229 19.25 -26.04 26.50
C LEU B 229 19.53 -24.65 25.90
N PRO B 230 19.36 -23.54 26.67
CA PRO B 230 19.68 -22.20 26.17
C PRO B 230 21.17 -21.93 26.34
N ILE B 231 22.01 -22.69 25.64
CA ILE B 231 23.50 -22.58 25.78
C ILE B 231 23.97 -21.20 25.30
N GLY B 232 23.42 -20.71 24.18
CA GLY B 232 23.83 -19.41 23.63
C GLY B 232 25.29 -19.36 23.21
N ILE B 233 25.84 -20.47 22.71
CA ILE B 233 27.25 -20.48 22.20
C ILE B 233 27.21 -20.93 20.73
N ASN B 234 28.26 -20.61 19.97
CA ASN B 234 28.35 -21.07 18.55
C ASN B 234 29.19 -22.35 18.53
N ILE B 235 28.65 -23.44 17.97
CA ILE B 235 29.37 -24.74 17.94
C ILE B 235 29.73 -25.05 16.49
N THR B 236 31.01 -25.20 16.19
CA THR B 236 31.44 -25.55 14.81
C THR B 236 32.20 -26.89 14.84
N ARG B 237 32.66 -27.31 16.02
CA ARG B 237 33.47 -28.55 16.10
C ARG B 237 32.94 -29.42 17.24
N PHE B 238 32.85 -30.73 17.02
CA PHE B 238 32.31 -31.64 18.05
C PHE B 238 33.25 -32.82 18.20
N GLN B 239 33.44 -33.32 19.43
CA GLN B 239 34.26 -34.54 19.58
C GLN B 239 33.58 -35.49 20.55
N THR B 240 33.60 -36.78 20.25
CA THR B 240 33.03 -37.76 21.21
C THR B 240 33.97 -37.90 22.40
N LEU B 241 33.41 -38.08 23.60
CA LEU B 241 34.25 -38.36 24.79
C LEU B 241 34.04 -39.85 25.07
N LEU B 242 35.10 -40.66 24.95
CA LEU B 242 34.91 -42.14 25.07
C LEU B 242 35.59 -42.62 26.35
N ALA B 243 34.91 -43.48 27.10
CA ALA B 243 35.54 -44.05 28.32
C ALA B 243 36.76 -44.87 27.93
N LEU B 244 37.86 -44.72 28.68
CA LEU B 244 39.08 -45.52 28.41
C LEU B 244 39.18 -46.56 29.52
N HIS B 245 39.22 -47.85 29.16
CA HIS B 245 39.18 -48.89 30.23
C HIS B 245 40.61 -49.23 30.67
N ARG B 246 40.98 -48.82 31.89
CA ARG B 246 42.31 -49.18 32.44
C ARG B 246 42.10 -50.13 33.61
N SER B 247 42.80 -51.26 33.62
CA SER B 247 42.59 -52.27 34.68
C SER B 247 43.84 -53.13 34.83
N TYR B 248 43.81 -54.09 35.76
CA TYR B 248 44.97 -55.01 35.98
C TYR B 248 45.21 -55.82 34.69
N LEU B 249 44.17 -55.91 33.85
CA LEU B 249 44.30 -56.65 32.56
C LEU B 249 45.34 -55.96 31.68
N THR B 250 45.27 -54.63 31.57
CA THR B 250 46.19 -53.88 30.68
C THR B 250 46.82 -52.70 31.43
N PRO B 251 47.78 -52.92 32.36
CA PRO B 251 48.47 -51.81 33.01
C PRO B 251 49.29 -51.03 31.97
N GLY B 252 49.93 -51.75 31.03
CA GLY B 252 50.74 -51.12 29.97
C GLY B 252 51.50 -49.91 30.49
N ASP B 253 51.17 -48.72 30.00
CA ASP B 253 51.81 -47.47 30.46
C ASP B 253 50.69 -46.43 30.51
N SER B 254 50.89 -45.25 31.09
CA SER B 254 49.72 -44.34 31.17
C SER B 254 49.21 -44.07 29.74
N SER B 255 50.11 -43.84 28.78
CA SER B 255 49.70 -43.60 27.37
C SER B 255 49.08 -44.84 26.69
N SER B 256 49.63 -46.05 26.91
CA SER B 256 49.14 -47.23 26.14
C SER B 256 48.47 -48.30 27.01
N GLY B 257 48.28 -48.06 28.31
CA GLY B 257 47.70 -49.08 29.18
C GLY B 257 46.19 -49.04 29.17
N TRP B 258 45.56 -49.50 28.08
CA TRP B 258 44.08 -49.38 27.97
C TRP B 258 43.50 -50.52 27.12
N THR B 259 42.21 -50.82 27.27
CA THR B 259 41.54 -51.85 26.46
C THR B 259 40.29 -51.22 25.84
N ALA B 260 40.29 -50.98 24.53
CA ALA B 260 39.14 -50.28 23.89
C ALA B 260 37.85 -51.04 24.14
N GLY B 261 37.89 -52.37 24.12
CA GLY B 261 36.64 -53.15 24.22
C GLY B 261 35.96 -53.16 22.86
N ALA B 262 34.66 -53.44 22.81
CA ALA B 262 33.94 -53.36 21.51
C ALA B 262 33.04 -52.13 21.49
N ALA B 263 33.30 -51.18 20.59
CA ALA B 263 32.41 -50.00 20.47
C ALA B 263 32.31 -49.56 19.00
N ALA B 264 31.11 -49.25 18.53
CA ALA B 264 30.94 -48.75 17.15
C ALA B 264 30.02 -47.53 17.18
N TYR B 265 30.52 -46.37 16.75
CA TYR B 265 29.62 -45.18 16.69
C TYR B 265 29.56 -44.64 15.27
N TYR B 266 28.37 -44.35 14.75
CA TYR B 266 28.22 -43.87 13.35
C TYR B 266 27.76 -42.42 13.35
N VAL B 267 28.43 -41.53 12.65
CA VAL B 267 28.09 -40.07 12.67
C VAL B 267 27.61 -39.63 11.29
N GLY B 268 26.49 -38.91 11.21
CA GLY B 268 25.93 -38.41 9.93
C GLY B 268 25.65 -36.92 10.00
N TYR B 269 25.54 -36.22 8.87
CA TYR B 269 25.38 -34.75 8.91
C TYR B 269 24.03 -34.31 8.33
N LEU B 270 23.31 -33.45 9.06
CA LEU B 270 21.95 -33.02 8.65
C LEU B 270 22.01 -31.98 7.54
N GLN B 271 21.04 -32.00 6.63
CA GLN B 271 20.99 -31.04 5.49
C GLN B 271 19.58 -30.50 5.41
N PRO B 272 19.31 -29.34 4.77
CA PRO B 272 17.94 -28.87 4.64
C PRO B 272 17.15 -29.68 3.62
N ARG B 273 16.11 -30.38 4.06
CA ARG B 273 15.33 -31.27 3.14
C ARG B 273 13.86 -31.12 3.50
N THR B 274 12.96 -31.44 2.57
CA THR B 274 11.50 -31.41 2.84
C THR B 274 11.03 -32.85 2.94
N PHE B 275 10.32 -33.22 4.00
CA PHE B 275 9.92 -34.63 4.18
C PHE B 275 8.41 -34.69 4.34
N LEU B 276 7.75 -35.71 3.80
CA LEU B 276 6.29 -35.86 4.07
C LEU B 276 6.20 -36.84 5.22
N LEU B 277 5.67 -36.44 6.37
CA LEU B 277 5.69 -37.31 7.56
C LEU B 277 4.28 -37.85 7.81
N LYS B 278 4.16 -39.15 8.06
CA LYS B 278 2.84 -39.76 8.30
C LYS B 278 2.65 -39.89 9.80
N TYR B 279 1.66 -39.20 10.36
CA TYR B 279 1.36 -39.28 11.81
C TYR B 279 0.21 -40.29 11.98
N ASN B 280 0.37 -41.26 12.87
CA ASN B 280 -0.65 -42.31 13.08
C ASN B 280 -1.73 -41.80 14.06
N GLU B 281 -2.67 -42.65 14.46
CA GLU B 281 -3.79 -42.16 15.31
C GLU B 281 -3.26 -41.61 16.63
N ASN B 282 -2.30 -42.29 17.25
CA ASN B 282 -1.72 -41.84 18.55
C ASN B 282 -0.99 -40.51 18.37
N GLY B 283 -0.28 -40.31 17.26
CA GLY B 283 0.52 -39.10 17.05
C GLY B 283 1.96 -39.42 16.72
N THR B 284 2.34 -40.70 16.71
CA THR B 284 3.73 -41.12 16.37
C THR B 284 3.96 -41.06 14.85
N ILE B 285 5.17 -40.69 14.41
CA ILE B 285 5.48 -40.58 12.96
C ILE B 285 5.86 -41.98 12.48
N THR B 286 4.88 -42.73 11.95
CA THR B 286 5.11 -44.12 11.47
C THR B 286 6.04 -44.19 10.24
N ASP B 287 5.89 -43.29 9.25
CA ASP B 287 6.68 -43.38 7.99
C ASP B 287 6.95 -41.99 7.42
N ALA B 288 7.94 -41.85 6.55
CA ALA B 288 8.21 -40.55 5.90
C ALA B 288 8.78 -40.75 4.50
N VAL B 289 8.61 -39.77 3.61
CA VAL B 289 9.22 -39.84 2.24
C VAL B 289 10.08 -38.60 2.02
N ASP B 290 11.37 -38.79 1.75
CA ASP B 290 12.25 -37.64 1.43
C ASP B 290 11.73 -37.10 0.10
N CYS B 291 11.65 -35.80 -0.07
CA CYS B 291 11.02 -35.29 -1.32
C CYS B 291 12.05 -35.07 -2.43
N ALA B 292 13.30 -35.48 -2.24
CA ALA B 292 14.29 -35.39 -3.34
C ALA B 292 15.06 -36.70 -3.55
N LEU B 293 14.70 -37.78 -2.87
CA LEU B 293 15.53 -39.02 -2.98
C LEU B 293 15.45 -39.52 -4.41
N ASP B 294 14.26 -39.86 -4.88
CA ASP B 294 14.05 -40.43 -6.24
C ASP B 294 12.94 -39.61 -6.87
N PRO B 295 12.69 -39.67 -8.18
CA PRO B 295 11.54 -38.98 -8.77
C PRO B 295 10.18 -39.46 -8.27
N LEU B 296 10.03 -40.75 -7.98
CA LEU B 296 8.75 -41.24 -7.42
C LEU B 296 8.49 -40.49 -6.11
N SER B 297 9.53 -40.25 -5.31
CA SER B 297 9.37 -39.55 -4.01
C SER B 297 8.85 -38.13 -4.23
N GLU B 298 9.29 -37.43 -5.26
CA GLU B 298 8.74 -36.09 -5.57
C GLU B 298 7.25 -36.20 -5.95
N THR B 299 6.87 -37.22 -6.71
CA THR B 299 5.46 -37.42 -7.11
C THR B 299 4.61 -37.67 -5.86
N LYS B 300 5.09 -38.50 -4.94
CA LYS B 300 4.31 -38.82 -3.71
C LYS B 300 4.17 -37.54 -2.90
N CYS B 301 5.24 -36.77 -2.79
CA CYS B 301 5.24 -35.50 -2.01
C CYS B 301 4.24 -34.52 -2.63
N THR B 302 4.23 -34.40 -3.96
CA THR B 302 3.33 -33.43 -4.65
C THR B 302 1.86 -33.81 -4.49
N LEU B 303 1.54 -35.10 -4.59
CA LEU B 303 0.14 -35.59 -4.47
C LEU B 303 -0.25 -35.63 -2.99
N LYS B 304 0.69 -35.39 -2.07
CA LYS B 304 0.45 -35.45 -0.60
C LYS B 304 -0.05 -36.84 -0.23
N SER B 305 0.51 -37.88 -0.85
CA SER B 305 0.05 -39.26 -0.58
C SER B 305 1.24 -40.20 -0.54
N PHE B 306 1.12 -41.34 0.14
CA PHE B 306 2.21 -42.35 0.15
C PHE B 306 1.95 -43.39 -0.94
N THR B 307 0.79 -43.29 -1.61
CA THR B 307 0.47 -44.22 -2.72
C THR B 307 0.24 -43.37 -3.98
N VAL B 308 0.87 -43.74 -5.11
CA VAL B 308 0.60 -42.99 -6.38
C VAL B 308 -0.10 -43.92 -7.38
N GLU B 309 -1.24 -43.49 -7.92
CA GLU B 309 -1.99 -44.30 -8.92
C GLU B 309 -1.40 -44.08 -10.31
N LYS B 310 -1.74 -44.90 -11.32
CA LYS B 310 -1.08 -44.82 -12.65
C LYS B 310 -1.32 -43.49 -13.33
N GLY B 311 -0.30 -42.89 -13.95
CA GLY B 311 -0.53 -41.66 -14.71
C GLY B 311 0.70 -40.81 -14.87
N ILE B 312 0.59 -39.66 -15.53
CA ILE B 312 1.73 -38.73 -15.66
C ILE B 312 1.43 -37.53 -14.76
N TYR B 313 2.29 -37.26 -13.78
CA TYR B 313 2.03 -36.17 -12.81
C TYR B 313 3.11 -35.10 -12.95
N GLN B 314 2.78 -33.83 -13.07
CA GLN B 314 3.87 -32.84 -13.17
C GLN B 314 4.47 -32.65 -11.79
N THR B 315 5.78 -32.79 -11.62
CA THR B 315 6.35 -32.76 -10.26
C THR B 315 7.34 -31.61 -10.05
N SER B 316 7.69 -30.85 -11.10
CA SER B 316 8.74 -29.81 -10.92
C SER B 316 8.92 -28.94 -12.17
N ASN B 317 9.93 -28.08 -12.18
CA ASN B 317 10.22 -27.22 -13.35
C ASN B 317 11.72 -27.30 -13.62
N PHE B 318 12.11 -27.27 -14.89
CA PHE B 318 13.54 -27.41 -15.26
C PHE B 318 13.95 -26.07 -15.84
N ARG B 319 14.97 -25.40 -15.32
CA ARG B 319 15.45 -24.15 -15.93
C ARG B 319 16.94 -24.24 -16.16
N VAL B 320 17.41 -23.95 -17.38
CA VAL B 320 18.87 -23.93 -17.65
C VAL B 320 19.43 -22.61 -17.10
N GLN B 321 20.22 -22.66 -16.03
CA GLN B 321 20.72 -21.40 -15.40
C GLN B 321 21.88 -20.70 -16.12
N PRO B 322 21.93 -19.33 -16.25
CA PRO B 322 23.05 -18.60 -16.82
C PRO B 322 24.41 -19.01 -16.26
N THR B 323 25.47 -18.78 -17.03
CA THR B 323 26.86 -19.07 -16.54
C THR B 323 27.81 -17.87 -16.69
N GLU B 324 28.25 -17.51 -17.91
CA GLU B 324 29.32 -16.49 -18.14
C GLU B 324 29.04 -15.03 -17.72
N SER B 325 27.85 -14.48 -17.97
CA SER B 325 27.58 -13.03 -17.68
C SER B 325 28.49 -12.04 -18.42
N ILE B 326 28.51 -12.02 -19.76
CA ILE B 326 29.38 -11.10 -20.58
C ILE B 326 28.91 -9.65 -20.53
N VAL B 327 29.70 -8.68 -21.02
CA VAL B 327 29.33 -7.25 -21.09
C VAL B 327 30.10 -6.71 -22.27
N ARG B 328 29.42 -6.34 -23.34
CA ARG B 328 30.10 -5.76 -24.52
C ARG B 328 29.58 -4.34 -24.76
N PHE B 329 30.32 -3.31 -24.34
CA PHE B 329 29.95 -1.89 -24.55
C PHE B 329 30.82 -1.36 -25.68
N PRO B 330 30.60 -0.15 -26.28
CA PRO B 330 31.39 0.32 -27.45
C PRO B 330 32.91 0.14 -27.49
N ASN B 331 33.53 0.33 -28.67
CA ASN B 331 34.98 0.06 -28.86
C ASN B 331 35.86 1.03 -28.09
N ILE B 332 35.31 2.12 -27.55
CA ILE B 332 36.04 3.21 -26.80
C ILE B 332 36.49 4.30 -27.76
N THR B 333 36.80 5.48 -27.24
CA THR B 333 37.12 6.63 -28.14
C THR B 333 38.29 7.42 -27.57
N ASN B 334 38.67 8.52 -28.22
CA ASN B 334 39.85 9.30 -27.77
C ASN B 334 39.62 9.64 -26.30
N LEU B 335 40.65 9.47 -25.47
CA LEU B 335 40.47 9.65 -24.00
C LEU B 335 40.43 11.13 -23.62
N CYS B 336 40.57 11.42 -22.33
CA CYS B 336 40.46 12.82 -21.82
C CYS B 336 41.78 13.59 -22.01
N PRO B 337 41.74 14.92 -22.24
CA PRO B 337 42.96 15.67 -22.55
C PRO B 337 43.75 16.05 -21.31
N PHE B 338 44.43 15.08 -20.72
CA PHE B 338 45.33 15.39 -19.59
C PHE B 338 46.70 15.65 -20.20
N GLY B 339 46.77 15.66 -21.53
CA GLY B 339 48.09 15.82 -22.19
C GLY B 339 48.71 17.13 -21.80
N GLU B 340 47.93 18.22 -21.79
CA GLU B 340 48.45 19.53 -21.34
C GLU B 340 48.79 19.48 -19.85
N VAL B 341 48.11 18.62 -19.09
CA VAL B 341 48.33 18.59 -17.61
C VAL B 341 49.81 18.28 -17.34
N PHE B 342 50.44 17.38 -18.08
CA PHE B 342 51.89 17.16 -17.81
C PHE B 342 52.79 17.69 -18.93
N ASN B 343 52.24 18.31 -19.98
CA ASN B 343 53.10 18.73 -21.13
C ASN B 343 53.38 20.24 -21.14
N ALA B 344 52.99 20.99 -20.11
CA ALA B 344 53.35 22.42 -20.09
C ALA B 344 54.73 22.57 -19.44
N THR B 345 55.71 23.01 -20.21
CA THR B 345 57.09 23.19 -19.68
C THR B 345 57.05 24.24 -18.58
N ARG B 346 56.33 25.34 -18.80
CA ARG B 346 56.20 26.42 -17.78
C ARG B 346 54.77 26.47 -17.27
N PHE B 347 54.57 26.04 -16.01
CA PHE B 347 53.22 26.06 -15.40
C PHE B 347 52.82 27.51 -15.08
N ALA B 348 51.51 27.77 -15.01
CA ALA B 348 51.03 29.13 -14.68
C ALA B 348 51.39 29.48 -13.23
N SER B 349 51.70 30.75 -12.96
CA SER B 349 51.98 31.19 -11.57
C SER B 349 50.66 31.27 -10.78
N VAL B 350 50.71 31.30 -9.46
CA VAL B 350 49.45 31.24 -8.68
C VAL B 350 48.54 32.43 -8.98
N TYR B 351 49.07 33.66 -9.01
CA TYR B 351 48.14 34.80 -9.22
C TYR B 351 47.53 34.70 -10.62
N ALA B 352 48.37 34.39 -11.61
CA ALA B 352 47.89 34.23 -13.00
C ALA B 352 47.53 32.76 -13.24
N TRP B 353 46.50 32.23 -12.58
CA TRP B 353 46.25 30.78 -12.79
C TRP B 353 45.45 30.59 -14.07
N ASN B 354 45.96 29.78 -14.98
CA ASN B 354 45.27 29.52 -16.26
C ASN B 354 44.06 28.63 -15.98
N ARG B 355 42.99 28.79 -16.75
CA ARG B 355 41.82 27.89 -16.58
C ARG B 355 41.68 27.06 -17.87
N LYS B 356 41.50 25.75 -17.74
CA LYS B 356 41.35 24.88 -18.93
C LYS B 356 40.00 24.16 -18.82
N ARG B 357 39.36 23.88 -19.95
CA ARG B 357 38.03 23.22 -19.95
C ARG B 357 38.19 21.77 -20.36
N ILE B 358 37.62 20.84 -19.60
CA ILE B 358 37.69 19.39 -19.95
C ILE B 358 36.27 18.90 -20.23
N SER B 359 36.02 18.28 -21.40
CA SER B 359 34.68 17.72 -21.70
C SER B 359 34.70 16.73 -22.87
N ASN B 360 33.61 16.00 -23.11
CA ASN B 360 33.46 15.11 -24.30
C ASN B 360 34.58 14.07 -24.47
N CYS B 361 34.97 13.36 -23.40
CA CYS B 361 36.11 12.43 -23.51
C CYS B 361 35.94 11.27 -22.52
N VAL B 362 36.78 10.23 -22.60
CA VAL B 362 36.70 9.13 -21.60
C VAL B 362 37.67 9.41 -20.45
N ALA B 363 37.15 9.48 -19.22
CA ALA B 363 37.99 9.81 -18.05
C ALA B 363 38.92 8.65 -17.71
N ASP B 364 40.12 8.95 -17.22
CA ASP B 364 41.05 7.89 -16.77
C ASP B 364 41.58 8.28 -15.39
N TYR B 365 40.71 8.28 -14.38
CA TYR B 365 41.17 8.55 -12.99
C TYR B 365 42.05 7.36 -12.58
N SER B 366 41.88 6.22 -13.25
CA SER B 366 42.78 5.07 -12.98
C SER B 366 44.20 5.49 -13.33
N VAL B 367 44.38 6.24 -14.41
CA VAL B 367 45.75 6.75 -14.76
C VAL B 367 46.21 7.66 -13.63
N LEU B 368 45.31 8.48 -13.09
CA LEU B 368 45.69 9.45 -12.03
C LEU B 368 46.19 8.72 -10.79
N TYR B 369 45.55 7.61 -10.40
CA TYR B 369 45.95 6.93 -9.14
C TYR B 369 46.76 5.65 -9.41
N ASN B 370 47.27 5.47 -10.63
CA ASN B 370 48.12 4.28 -10.91
C ASN B 370 49.42 4.70 -11.61
N SER B 371 49.53 5.98 -12.02
CA SER B 371 50.80 6.46 -12.62
C SER B 371 51.93 6.27 -11.61
N ALA B 372 51.62 6.36 -10.31
CA ALA B 372 52.63 6.11 -9.24
C ALA B 372 53.80 7.10 -9.29
N SER B 373 53.79 8.07 -10.21
CA SER B 373 54.86 9.11 -10.23
C SER B 373 54.33 10.38 -9.57
N PHE B 374 53.00 10.48 -9.47
CA PHE B 374 52.38 11.67 -8.82
C PHE B 374 52.75 11.64 -7.33
N SER B 375 53.06 12.80 -6.75
CA SER B 375 53.44 12.85 -5.31
C SER B 375 52.21 12.87 -4.40
N THR B 376 51.16 13.63 -4.75
CA THR B 376 50.01 13.77 -3.82
C THR B 376 48.69 13.50 -4.55
N PHE B 377 47.71 12.95 -3.84
CA PHE B 377 46.38 12.66 -4.45
C PHE B 377 45.30 12.72 -3.36
N LYS B 378 44.58 13.84 -3.25
CA LYS B 378 43.44 13.89 -2.29
C LYS B 378 42.19 14.33 -3.05
N CYS B 379 41.16 13.49 -3.08
CA CYS B 379 39.89 13.86 -3.75
C CYS B 379 38.76 13.92 -2.71
N TYR B 380 38.34 15.13 -2.32
CA TYR B 380 37.33 15.30 -1.24
C TYR B 380 35.93 14.82 -1.62
N GLY B 381 35.49 15.03 -2.87
CA GLY B 381 34.07 14.77 -3.19
C GLY B 381 33.58 13.36 -2.93
N VAL B 382 34.35 12.35 -3.33
CA VAL B 382 33.96 10.94 -3.05
C VAL B 382 35.24 10.09 -3.17
N SER B 383 35.17 8.81 -2.78
CA SER B 383 36.38 7.96 -2.82
C SER B 383 36.90 8.05 -4.25
N PRO B 384 38.20 8.31 -4.46
CA PRO B 384 38.69 8.53 -5.81
C PRO B 384 38.47 7.29 -6.69
N THR B 385 38.62 6.10 -6.12
CA THR B 385 38.52 4.89 -6.97
C THR B 385 37.11 4.81 -7.61
N LYS B 386 36.06 5.09 -6.85
CA LYS B 386 34.67 4.93 -7.37
C LYS B 386 34.30 6.05 -8.35
N LEU B 387 35.10 7.10 -8.43
CA LEU B 387 34.73 8.28 -9.27
C LEU B 387 34.59 7.90 -10.74
N ASN B 388 35.28 6.84 -11.20
CA ASN B 388 35.28 6.54 -12.65
C ASN B 388 33.83 6.33 -13.14
N ASP B 389 33.01 5.65 -12.35
CA ASP B 389 31.58 5.42 -12.71
C ASP B 389 30.79 6.74 -12.79
N LEU B 390 31.09 7.71 -11.92
CA LEU B 390 30.26 8.94 -11.86
C LEU B 390 30.26 9.70 -13.20
N CYS B 391 29.10 10.21 -13.61
CA CYS B 391 28.97 10.98 -14.88
C CYS B 391 28.52 12.42 -14.58
N PHE B 392 29.12 13.42 -15.24
CA PHE B 392 28.78 14.85 -14.98
C PHE B 392 28.54 15.61 -16.29
N THR B 393 27.83 16.74 -16.25
CA THR B 393 27.66 17.59 -17.47
C THR B 393 28.96 18.28 -17.86
N ASN B 394 29.72 18.84 -16.91
CA ASN B 394 30.92 19.65 -17.28
C ASN B 394 32.08 19.43 -16.29
N VAL B 395 33.31 19.70 -16.71
CA VAL B 395 34.51 19.57 -15.84
C VAL B 395 35.33 20.85 -15.94
N TYR B 396 35.90 21.34 -14.83
CA TYR B 396 36.78 22.54 -14.86
C TYR B 396 38.11 22.22 -14.17
N ALA B 397 39.23 22.68 -14.73
CA ALA B 397 40.55 22.33 -14.16
C ALA B 397 41.51 23.53 -14.17
N ASP B 398 42.39 23.61 -13.17
CA ASP B 398 43.37 24.73 -13.07
C ASP B 398 44.76 24.17 -12.77
N SER B 399 45.79 24.66 -13.46
CA SER B 399 47.18 24.21 -13.17
C SER B 399 48.03 25.38 -12.66
N PHE B 400 48.69 25.21 -11.52
CA PHE B 400 49.57 26.27 -10.97
C PHE B 400 50.63 25.63 -10.07
N VAL B 401 51.73 26.34 -9.82
CA VAL B 401 52.83 25.79 -8.99
C VAL B 401 52.84 26.51 -7.64
N ILE B 402 52.79 25.75 -6.54
CA ILE B 402 52.81 26.36 -5.18
C ILE B 402 53.87 25.65 -4.33
N ARG B 403 54.34 26.31 -3.28
CA ARG B 403 55.36 25.72 -2.38
C ARG B 403 54.74 24.56 -1.60
N GLY B 404 55.58 23.62 -1.15
CA GLY B 404 55.07 22.44 -0.42
C GLY B 404 54.35 22.88 0.84
N ASP B 405 54.83 23.95 1.46
CA ASP B 405 54.19 24.47 2.69
C ASP B 405 52.74 24.87 2.35
N GLU B 406 52.51 25.45 1.17
CA GLU B 406 51.16 25.95 0.85
C GLU B 406 50.26 24.85 0.29
N VAL B 407 50.78 23.66 0.03
CA VAL B 407 49.90 22.65 -0.64
C VAL B 407 48.71 22.34 0.27
N ARG B 408 48.94 22.29 1.59
CA ARG B 408 47.85 21.96 2.54
C ARG B 408 46.76 23.03 2.50
N GLN B 409 47.11 24.27 2.16
CA GLN B 409 46.13 25.39 2.23
C GLN B 409 44.92 25.17 1.32
N ILE B 410 45.09 24.59 0.14
CA ILE B 410 43.93 24.51 -0.79
C ILE B 410 43.00 23.37 -0.36
N ALA B 411 41.79 23.72 0.09
CA ALA B 411 40.78 22.71 0.50
C ALA B 411 39.41 23.42 0.51
N PRO B 412 38.26 22.74 0.40
CA PRO B 412 36.98 23.41 0.50
C PRO B 412 36.78 23.85 1.96
N GLY B 413 36.49 25.14 2.18
CA GLY B 413 36.29 25.66 3.54
C GLY B 413 37.59 25.96 4.26
N GLN B 414 38.73 25.81 3.59
CA GLN B 414 40.05 26.05 4.23
C GLN B 414 40.90 26.91 3.30
N THR B 415 41.79 27.74 3.87
CA THR B 415 42.58 28.67 3.03
C THR B 415 43.96 28.94 3.65
N GLY B 416 44.62 30.01 3.22
CA GLY B 416 45.91 30.43 3.79
C GLY B 416 46.26 31.77 3.15
N LYS B 417 47.45 32.32 3.39
CA LYS B 417 47.72 33.67 2.83
C LYS B 417 47.57 33.57 1.30
N ILE B 418 48.13 32.52 0.72
CA ILE B 418 48.04 32.32 -0.75
C ILE B 418 46.57 32.12 -1.14
N ALA B 419 45.84 31.29 -0.40
CA ALA B 419 44.44 31.03 -0.78
C ALA B 419 43.61 32.30 -0.63
N ASP B 420 43.84 33.08 0.42
CA ASP B 420 43.00 34.27 0.69
C ASP B 420 43.09 35.30 -0.43
N TYR B 421 44.30 35.57 -0.94
CA TYR B 421 44.43 36.65 -1.95
C TYR B 421 44.67 36.10 -3.37
N ASN B 422 45.00 34.82 -3.53
CA ASN B 422 45.35 34.31 -4.88
C ASN B 422 44.31 33.30 -5.36
N TYR B 423 44.51 32.00 -5.07
CA TYR B 423 43.50 30.98 -5.45
C TYR B 423 43.05 30.17 -4.23
N LYS B 424 41.74 29.89 -4.13
CA LYS B 424 41.19 29.19 -2.95
C LYS B 424 40.11 28.21 -3.43
N LEU B 425 39.62 27.34 -2.54
CA LEU B 425 38.62 26.32 -2.96
C LEU B 425 37.24 26.69 -2.43
N PRO B 426 36.16 26.53 -3.23
CA PRO B 426 34.80 26.84 -2.79
C PRO B 426 34.32 25.84 -1.73
N ASP B 427 33.27 26.20 -0.98
CA ASP B 427 32.81 25.33 0.15
C ASP B 427 32.41 23.95 -0.35
N ASP B 428 31.86 23.83 -1.57
CA ASP B 428 31.56 22.47 -2.07
C ASP B 428 32.43 22.13 -3.27
N PHE B 429 33.45 21.28 -3.08
CA PHE B 429 34.26 20.82 -4.24
C PHE B 429 34.12 19.30 -4.33
N THR B 430 33.70 18.79 -5.50
CA THR B 430 33.45 17.34 -5.65
C THR B 430 34.50 16.73 -6.58
N GLY B 431 35.67 17.36 -6.70
CA GLY B 431 36.75 16.83 -7.55
C GLY B 431 37.98 16.42 -6.76
N CYS B 432 39.17 16.62 -7.33
CA CYS B 432 40.42 16.16 -6.66
C CYS B 432 41.51 17.22 -6.72
N VAL B 433 42.51 17.13 -5.82
CA VAL B 433 43.67 18.07 -5.86
C VAL B 433 44.93 17.22 -6.04
N ILE B 434 45.73 17.49 -7.07
CA ILE B 434 46.91 16.61 -7.35
C ILE B 434 48.20 17.43 -7.40
N ALA B 435 49.27 16.92 -6.82
CA ALA B 435 50.56 17.65 -6.80
C ALA B 435 51.72 16.75 -7.25
N TRP B 436 52.58 17.25 -8.15
CA TRP B 436 53.79 16.48 -8.53
C TRP B 436 55.02 17.39 -8.44
N ASN B 437 56.03 16.99 -7.67
CA ASN B 437 57.24 17.82 -7.50
C ASN B 437 58.04 17.80 -8.80
N SER B 438 58.64 18.92 -9.16
CA SER B 438 59.49 18.99 -10.38
C SER B 438 60.80 19.63 -10.00
N ASN B 439 61.63 18.94 -9.22
CA ASN B 439 62.85 19.63 -8.73
C ASN B 439 63.74 20.04 -9.90
N ASN B 440 64.02 19.11 -10.82
CA ASN B 440 64.96 19.48 -11.90
C ASN B 440 64.31 20.50 -12.84
N LEU B 441 63.03 20.30 -13.14
CA LEU B 441 62.35 21.16 -14.14
C LEU B 441 62.22 22.61 -13.70
N ASP B 442 61.87 22.87 -12.44
CA ASP B 442 61.59 24.27 -12.02
C ASP B 442 62.54 24.82 -10.95
N SER B 443 63.74 24.27 -10.81
CA SER B 443 64.70 24.89 -9.86
C SER B 443 66.02 25.09 -10.60
N LYS B 444 66.03 26.00 -11.58
CA LYS B 444 67.24 26.22 -12.42
C LYS B 444 68.30 27.02 -11.67
N VAL B 445 69.57 26.84 -12.05
CA VAL B 445 70.70 27.56 -11.40
C VAL B 445 70.65 29.04 -11.81
N GLY B 446 71.13 29.95 -10.96
CA GLY B 446 71.17 31.40 -11.30
C GLY B 446 69.88 32.14 -11.01
N GLY B 447 68.90 31.46 -10.39
CA GLY B 447 67.62 32.10 -10.02
C GLY B 447 66.52 31.85 -11.03
N ASN B 448 65.26 31.82 -10.58
CA ASN B 448 64.12 31.58 -11.50
C ASN B 448 63.22 32.81 -11.48
N TYR B 449 63.20 33.58 -12.56
CA TYR B 449 62.39 34.82 -12.60
C TYR B 449 61.01 34.47 -13.15
N ASN B 450 60.85 33.22 -13.59
CA ASN B 450 59.57 32.78 -14.22
C ASN B 450 58.38 32.85 -13.25
N TYR B 451 58.58 32.54 -11.97
CA TYR B 451 57.41 32.44 -11.07
C TYR B 451 57.32 33.61 -10.09
N LEU B 452 56.12 34.22 -9.97
CA LEU B 452 55.90 35.31 -8.99
C LEU B 452 54.59 35.01 -8.25
N TYR B 453 54.42 35.50 -7.02
CA TYR B 453 53.21 35.13 -6.24
C TYR B 453 52.49 36.38 -5.71
N ARG B 454 51.15 36.40 -5.77
CA ARG B 454 50.37 37.56 -5.25
C ARG B 454 50.46 37.58 -3.72
N LEU B 455 50.67 38.75 -3.13
CA LEU B 455 50.89 38.83 -1.65
C LEU B 455 49.84 39.70 -0.96
N PHE B 456 49.29 40.70 -1.64
CA PHE B 456 48.39 41.65 -0.92
C PHE B 456 47.05 41.86 -1.63
N ARG B 457 45.93 41.74 -0.90
CA ARG B 457 44.60 42.09 -1.48
C ARG B 457 43.78 42.76 -0.37
N LYS B 458 42.85 43.66 -0.74
CA LYS B 458 42.08 44.40 0.29
C LYS B 458 41.19 43.45 1.10
N SER B 459 40.56 42.47 0.44
CA SER B 459 39.63 41.54 1.14
C SER B 459 39.71 40.16 0.49
N ASN B 460 39.08 39.15 1.11
CA ASN B 460 39.18 37.77 0.57
C ASN B 460 38.59 37.72 -0.85
N LEU B 461 39.30 37.06 -1.75
CA LEU B 461 38.85 36.93 -3.17
C LEU B 461 37.79 35.82 -3.27
N LYS B 462 36.99 35.81 -4.33
CA LYS B 462 35.96 34.75 -4.54
C LYS B 462 36.64 33.44 -4.96
N PRO B 463 36.13 32.25 -4.60
CA PRO B 463 36.70 31.00 -5.08
C PRO B 463 36.58 30.92 -6.60
N PHE B 464 37.56 30.32 -7.29
CA PHE B 464 37.57 30.26 -8.77
C PHE B 464 37.58 31.67 -9.35
N GLU B 465 38.27 32.62 -8.69
CA GLU B 465 38.37 33.98 -9.27
C GLU B 465 39.82 34.30 -9.58
N ARG B 466 40.07 34.77 -10.81
CA ARG B 466 41.44 35.18 -11.19
C ARG B 466 41.56 36.69 -11.06
N ASP B 467 42.14 37.19 -9.97
CA ASP B 467 42.41 38.65 -9.90
C ASP B 467 43.80 38.83 -10.52
N ILE B 468 43.96 38.38 -11.77
CA ILE B 468 45.29 38.41 -12.45
C ILE B 468 45.67 39.87 -12.60
N SER B 469 44.67 40.74 -12.65
CA SER B 469 44.98 42.16 -12.90
C SER B 469 46.02 42.61 -11.87
N THR B 470 47.04 43.31 -12.36
CA THR B 470 48.11 43.81 -11.46
C THR B 470 47.60 45.09 -10.81
N GLU B 471 46.46 45.00 -10.12
CA GLU B 471 45.92 46.18 -9.41
C GLU B 471 46.92 46.53 -8.31
N ILE B 472 47.26 47.82 -8.17
CA ILE B 472 48.17 48.24 -7.06
C ILE B 472 47.28 48.78 -5.93
N TYR B 473 47.63 49.94 -5.38
CA TYR B 473 46.76 50.59 -4.36
C TYR B 473 46.55 49.74 -3.10
N GLN B 474 47.58 48.99 -2.68
CA GLN B 474 47.45 48.29 -1.37
C GLN B 474 47.93 49.27 -0.30
N ALA B 475 47.22 50.39 -0.09
CA ALA B 475 47.71 51.42 0.85
C ALA B 475 46.56 51.97 1.70
N GLY B 476 45.64 52.70 1.07
CA GLY B 476 44.55 53.33 1.84
C GLY B 476 44.75 54.82 2.05
N SER B 477 45.51 55.22 3.07
CA SER B 477 45.62 56.66 3.41
C SER B 477 46.18 57.47 2.23
N THR B 478 47.16 56.94 1.51
CA THR B 478 47.80 57.71 0.42
C THR B 478 47.56 57.02 -0.93
N PRO B 479 47.28 57.75 -2.03
CA PRO B 479 47.14 57.11 -3.33
C PRO B 479 48.48 56.45 -3.72
N CYS B 480 48.43 55.24 -4.27
CA CYS B 480 49.67 54.48 -4.61
C CYS B 480 50.33 55.08 -5.86
N ASN B 481 49.64 55.98 -6.55
CA ASN B 481 50.17 56.51 -7.83
C ASN B 481 51.52 57.18 -7.60
N GLY B 482 51.64 58.01 -6.56
CA GLY B 482 52.92 58.74 -6.40
C GLY B 482 54.12 57.85 -6.13
N VAL B 483 54.01 56.91 -5.18
CA VAL B 483 55.21 56.11 -4.79
C VAL B 483 54.81 54.91 -3.92
N GLU B 484 55.67 53.89 -3.82
CA GLU B 484 55.43 52.77 -2.88
C GLU B 484 56.12 53.17 -1.58
N GLY B 485 55.74 54.32 -0.98
CA GLY B 485 56.47 54.83 0.18
C GLY B 485 56.46 53.93 1.40
N PHE B 486 55.31 53.37 1.76
CA PHE B 486 55.25 52.60 3.02
C PHE B 486 54.27 51.43 2.89
N ASN B 487 53.00 51.67 3.20
CA ASN B 487 51.96 50.63 3.01
C ASN B 487 51.89 50.30 1.52
N CYS B 488 52.03 51.31 0.66
CA CYS B 488 51.91 51.11 -0.80
C CYS B 488 52.99 50.13 -1.26
N TYR B 489 52.61 49.14 -2.08
CA TYR B 489 53.59 48.12 -2.53
C TYR B 489 53.08 47.46 -3.82
N PHE B 490 53.98 46.77 -4.54
CA PHE B 490 53.53 45.98 -5.71
C PHE B 490 53.03 44.66 -5.11
N PRO B 491 51.74 44.25 -5.25
CA PRO B 491 51.25 43.05 -4.56
C PRO B 491 51.85 41.76 -5.14
N LEU B 492 52.67 41.89 -6.17
CA LEU B 492 53.33 40.70 -6.77
C LEU B 492 54.77 40.61 -6.24
N GLN B 493 55.19 39.43 -5.77
CA GLN B 493 56.53 39.29 -5.15
C GLN B 493 57.32 38.18 -5.85
N SER B 494 58.64 38.17 -5.74
CA SER B 494 59.46 37.22 -6.53
C SER B 494 59.68 35.88 -5.84
N TYR B 495 59.37 34.76 -6.52
CA TYR B 495 59.66 33.42 -5.96
C TYR B 495 60.90 32.86 -6.64
N GLY B 496 62.07 33.40 -6.31
CA GLY B 496 63.33 32.92 -6.91
C GLY B 496 63.66 31.52 -6.42
N PHE B 497 64.26 30.68 -7.30
CA PHE B 497 64.54 29.27 -6.91
C PHE B 497 65.99 28.89 -7.20
N GLN B 498 66.57 28.03 -6.35
CA GLN B 498 67.97 27.54 -6.55
C GLN B 498 67.98 26.04 -6.26
N PRO B 499 68.95 25.24 -6.72
CA PRO B 499 68.92 23.78 -6.52
C PRO B 499 68.88 23.43 -5.03
N THR B 500 69.49 24.26 -4.18
CA THR B 500 69.57 23.98 -2.72
C THR B 500 68.19 24.01 -2.05
N ASN B 501 67.17 24.55 -2.71
CA ASN B 501 65.84 24.70 -2.05
C ASN B 501 65.34 23.36 -1.54
N GLY B 502 64.77 23.33 -0.33
CA GLY B 502 64.26 22.09 0.29
C GLY B 502 62.88 21.75 -0.23
N VAL B 503 62.26 20.68 0.28
CA VAL B 503 60.95 20.24 -0.30
C VAL B 503 59.89 21.34 -0.20
N GLY B 504 59.77 21.98 0.98
CA GLY B 504 58.79 23.06 1.14
C GLY B 504 59.12 24.20 0.20
N TYR B 505 60.41 24.54 0.11
CA TYR B 505 60.86 25.59 -0.85
C TYR B 505 60.64 25.09 -2.28
N GLN B 506 60.87 23.79 -2.54
CA GLN B 506 60.81 23.28 -3.94
C GLN B 506 59.42 23.53 -4.54
N PRO B 507 59.35 23.99 -5.80
CA PRO B 507 58.06 24.21 -6.44
C PRO B 507 57.35 22.86 -6.66
N TYR B 508 56.09 22.77 -6.22
CA TYR B 508 55.31 21.55 -6.46
C TYR B 508 54.23 21.91 -7.48
N ARG B 509 54.23 21.25 -8.65
CA ARG B 509 53.17 21.51 -9.64
C ARG B 509 51.85 21.00 -9.06
N VAL B 510 50.75 21.76 -9.22
CA VAL B 510 49.47 21.34 -8.59
C VAL B 510 48.33 21.50 -9.60
N VAL B 511 47.31 20.64 -9.54
CA VAL B 511 46.12 20.80 -10.42
C VAL B 511 44.88 20.63 -9.53
N VAL B 512 43.74 21.16 -9.94
CA VAL B 512 42.49 20.96 -9.16
C VAL B 512 41.36 20.59 -10.13
N LEU B 513 40.45 19.71 -9.70
CA LEU B 513 39.38 19.23 -10.61
C LEU B 513 38.02 19.40 -9.93
N SER B 514 36.95 19.69 -10.68
CA SER B 514 35.57 19.74 -10.11
C SER B 514 34.58 19.38 -11.21
N PHE B 515 33.41 18.86 -10.84
CA PHE B 515 32.44 18.42 -11.88
C PHE B 515 31.01 18.86 -11.51
N GLU B 516 30.17 19.13 -12.51
CA GLU B 516 28.78 19.60 -12.25
C GLU B 516 27.83 19.05 -13.33
N LEU B 517 26.60 18.64 -12.96
CA LEU B 517 25.59 18.19 -13.94
C LEU B 517 24.27 18.93 -13.69
N LEU B 518 23.81 19.75 -14.64
CA LEU B 518 22.48 20.42 -14.50
C LEU B 518 21.76 20.37 -15.84
N THR B 523 28.27 14.49 -20.12
CA THR B 523 29.14 14.26 -21.30
C THR B 523 30.54 13.88 -20.84
N VAL B 524 30.79 13.62 -19.55
CA VAL B 524 32.20 13.28 -19.19
C VAL B 524 32.31 12.08 -18.25
N CYS B 525 32.12 10.85 -18.76
CA CYS B 525 32.14 9.65 -17.87
C CYS B 525 33.47 8.91 -18.06
N GLY B 526 33.52 7.62 -17.72
CA GLY B 526 34.78 6.84 -17.77
C GLY B 526 34.58 5.53 -18.51
N PRO B 527 35.65 4.74 -18.77
CA PRO B 527 35.60 3.71 -19.82
C PRO B 527 34.53 2.66 -19.50
N LYS B 528 33.83 2.17 -20.53
CA LYS B 528 32.70 1.25 -20.27
C LYS B 528 33.19 -0.19 -20.09
N LYS B 529 34.34 -0.57 -20.65
CA LYS B 529 34.93 -1.93 -20.44
C LYS B 529 34.29 -2.97 -21.39
N SER B 530 34.92 -4.13 -21.58
CA SER B 530 34.42 -5.10 -22.60
C SER B 530 34.95 -6.53 -22.43
N THR B 531 34.10 -7.49 -22.03
CA THR B 531 34.42 -8.94 -21.91
C THR B 531 34.12 -9.63 -23.24
N ASN B 532 34.90 -10.65 -23.60
CA ASN B 532 34.73 -11.28 -24.94
C ASN B 532 33.35 -11.96 -25.05
N LEU B 533 32.73 -11.91 -26.23
CA LEU B 533 31.37 -12.48 -26.40
C LEU B 533 31.43 -14.01 -26.46
N VAL B 534 30.48 -14.68 -25.80
CA VAL B 534 30.40 -16.16 -25.84
C VAL B 534 29.08 -16.52 -26.51
N LYS B 535 29.09 -17.42 -27.49
CA LYS B 535 27.84 -17.72 -28.23
C LYS B 535 27.48 -19.20 -28.01
N ASN B 536 26.19 -19.52 -27.96
CA ASN B 536 25.70 -20.92 -27.82
C ASN B 536 25.69 -21.36 -26.35
N LYS B 537 25.80 -20.43 -25.40
CA LYS B 537 25.67 -20.79 -23.96
C LYS B 537 24.64 -19.87 -23.31
N CYS B 538 23.75 -20.38 -22.45
CA CYS B 538 22.82 -19.42 -21.80
C CYS B 538 23.73 -18.50 -21.00
N VAL B 539 23.70 -17.20 -21.28
CA VAL B 539 24.66 -16.25 -20.65
C VAL B 539 23.92 -14.98 -20.29
N ASN B 540 24.24 -14.36 -19.15
CA ASN B 540 23.65 -13.04 -18.84
C ASN B 540 24.35 -12.04 -19.76
N PHE B 541 23.71 -10.95 -20.16
CA PHE B 541 24.44 -10.08 -21.12
C PHE B 541 24.12 -8.60 -20.90
N ASN B 542 25.08 -7.72 -21.13
CA ASN B 542 24.81 -6.27 -21.11
C ASN B 542 25.50 -5.75 -22.35
N PHE B 543 24.75 -5.27 -23.32
CA PHE B 543 25.36 -4.68 -24.53
C PHE B 543 25.44 -3.18 -24.25
N ASN B 544 25.07 -2.33 -25.19
CA ASN B 544 25.11 -0.90 -24.82
C ASN B 544 23.83 -0.59 -24.04
N GLY B 545 23.72 -1.08 -22.81
CA GLY B 545 22.56 -0.75 -21.97
C GLY B 545 21.39 -1.70 -22.07
N LEU B 546 21.47 -2.76 -22.88
CA LEU B 546 20.34 -3.73 -22.87
C LEU B 546 20.79 -4.98 -22.12
N THR B 547 20.05 -5.38 -21.09
CA THR B 547 20.50 -6.51 -20.24
C THR B 547 19.44 -7.62 -20.24
N GLY B 548 19.85 -8.86 -20.49
CA GLY B 548 18.92 -10.00 -20.49
C GLY B 548 19.66 -11.31 -20.41
N THR B 549 18.96 -12.43 -20.24
CA THR B 549 19.62 -13.75 -20.26
C THR B 549 19.16 -14.50 -21.50
N GLY B 550 20.08 -14.96 -22.34
CA GLY B 550 19.66 -15.76 -23.51
C GLY B 550 20.84 -16.46 -24.14
N VAL B 551 20.59 -17.40 -25.03
CA VAL B 551 21.71 -18.04 -25.75
C VAL B 551 21.94 -17.24 -27.04
N LEU B 552 23.01 -16.45 -27.08
CA LEU B 552 23.31 -15.64 -28.28
C LEU B 552 23.77 -16.59 -29.39
N THR B 553 23.40 -16.32 -30.63
CA THR B 553 23.77 -17.17 -31.78
C THR B 553 23.89 -16.29 -33.01
N GLU B 554 24.57 -16.72 -34.07
CA GLU B 554 24.78 -15.86 -35.26
C GLU B 554 23.44 -15.61 -35.97
N SER B 555 23.27 -14.47 -36.65
CA SER B 555 21.94 -14.15 -37.23
C SER B 555 22.00 -13.83 -38.71
N ASN B 556 20.95 -14.20 -39.45
CA ASN B 556 20.87 -13.91 -40.91
C ASN B 556 20.11 -12.60 -41.14
N LYS B 557 19.47 -12.05 -40.11
CA LYS B 557 18.64 -10.83 -40.30
C LYS B 557 19.55 -9.63 -40.56
N LYS B 558 19.18 -8.78 -41.52
CA LYS B 558 20.08 -7.66 -41.89
C LYS B 558 19.51 -6.35 -41.34
N PHE B 559 20.15 -5.80 -40.31
CA PHE B 559 19.71 -4.50 -39.75
C PHE B 559 20.16 -3.42 -40.72
N LEU B 560 19.43 -2.31 -40.78
CA LEU B 560 19.91 -1.16 -41.60
C LEU B 560 21.03 -0.52 -40.80
N PRO B 561 21.87 0.38 -41.35
CA PRO B 561 23.03 0.87 -40.62
C PRO B 561 22.80 1.50 -39.24
N PHE B 562 21.73 2.26 -39.05
CA PHE B 562 21.54 3.01 -37.77
C PHE B 562 20.82 2.19 -36.71
N GLN B 563 20.42 0.95 -37.00
CA GLN B 563 19.57 0.18 -36.04
C GLN B 563 20.45 -0.68 -35.13
N GLN B 564 20.25 -0.58 -33.82
CA GLN B 564 21.13 -1.28 -32.85
C GLN B 564 20.43 -2.44 -32.14
N PHE B 565 19.10 -2.52 -32.15
CA PHE B 565 18.41 -3.70 -31.56
C PHE B 565 17.22 -4.08 -32.43
N GLY B 566 16.69 -5.29 -32.25
CA GLY B 566 15.53 -5.73 -33.03
C GLY B 566 14.48 -6.25 -32.09
N ARG B 567 13.22 -5.93 -32.34
CA ARG B 567 12.13 -6.33 -31.42
C ARG B 567 11.12 -7.10 -32.26
N ASP B 568 10.40 -8.03 -31.64
CA ASP B 568 9.35 -8.76 -32.39
C ASP B 568 7.99 -8.23 -31.99
N ILE B 569 6.91 -8.79 -32.54
CA ILE B 569 5.56 -8.38 -32.09
C ILE B 569 5.52 -8.72 -30.61
N ALA B 570 4.88 -7.90 -29.78
CA ALA B 570 4.87 -8.06 -28.30
C ALA B 570 6.10 -7.36 -27.70
N ASP B 571 6.89 -6.68 -28.53
CA ASP B 571 8.02 -5.86 -28.04
C ASP B 571 9.04 -6.63 -27.21
N THR B 572 9.40 -7.85 -27.58
CA THR B 572 10.46 -8.56 -26.83
C THR B 572 11.72 -8.59 -27.69
N THR B 573 12.88 -8.19 -27.15
CA THR B 573 14.08 -8.10 -28.01
C THR B 573 14.39 -9.50 -28.52
N ASP B 574 14.59 -9.64 -29.82
CA ASP B 574 14.90 -10.96 -30.41
C ASP B 574 16.24 -10.88 -31.15
N ALA B 575 16.84 -9.69 -31.26
CA ALA B 575 18.18 -9.61 -31.87
C ALA B 575 18.90 -8.39 -31.33
N VAL B 576 20.23 -8.42 -31.28
CA VAL B 576 21.06 -7.29 -30.79
C VAL B 576 22.27 -7.22 -31.71
N ARG B 577 22.80 -6.03 -31.95
CA ARG B 577 24.00 -5.87 -32.81
C ARG B 577 25.20 -5.61 -31.89
N ASP B 578 26.24 -6.45 -31.96
CA ASP B 578 27.35 -6.26 -31.00
C ASP B 578 28.03 -4.93 -31.30
N PRO B 579 28.28 -4.09 -30.29
CA PRO B 579 28.85 -2.78 -30.58
C PRO B 579 30.25 -2.87 -31.20
N GLN B 580 31.12 -3.74 -30.70
CA GLN B 580 32.53 -3.82 -31.17
C GLN B 580 32.66 -4.26 -32.63
N THR B 581 31.97 -5.30 -33.07
CA THR B 581 32.20 -5.83 -34.45
C THR B 581 31.02 -5.56 -35.39
N LEU B 582 29.97 -4.89 -34.91
CA LEU B 582 28.80 -4.54 -35.76
C LEU B 582 28.24 -5.79 -36.44
N GLU B 583 28.07 -6.89 -35.70
CA GLU B 583 27.55 -8.15 -36.25
C GLU B 583 26.22 -8.44 -35.58
N ILE B 584 25.21 -8.83 -36.35
CA ILE B 584 23.85 -9.02 -35.75
C ILE B 584 23.80 -10.38 -35.06
N LEU B 585 23.44 -10.42 -33.78
CA LEU B 585 23.40 -11.69 -33.01
C LEU B 585 21.98 -11.92 -32.49
N ASP B 586 21.41 -13.10 -32.72
CA ASP B 586 20.05 -13.43 -32.24
C ASP B 586 20.06 -13.67 -30.73
N ILE B 587 18.93 -13.48 -30.06
CA ILE B 587 18.82 -13.80 -28.62
C ILE B 587 17.68 -14.82 -28.51
N THR B 588 17.95 -16.01 -27.98
CA THR B 588 16.91 -17.05 -27.83
C THR B 588 16.81 -17.39 -26.36
N PRO B 589 15.64 -17.33 -25.71
CA PRO B 589 15.59 -17.59 -24.28
C PRO B 589 16.06 -19.04 -24.15
N CYS B 590 16.83 -19.35 -23.09
CA CYS B 590 17.31 -20.75 -22.87
C CYS B 590 16.20 -21.65 -22.34
N SER B 591 16.42 -22.96 -22.30
CA SER B 591 15.33 -23.93 -22.01
C SER B 591 14.66 -23.81 -20.65
N PHE B 592 13.34 -23.95 -20.63
CA PHE B 592 12.58 -23.98 -19.36
C PHE B 592 11.84 -25.33 -19.39
N GLY B 593 10.51 -25.33 -19.35
CA GLY B 593 9.76 -26.60 -19.45
C GLY B 593 9.48 -27.20 -18.10
N GLY B 594 8.83 -28.37 -18.05
CA GLY B 594 8.47 -28.99 -16.77
C GLY B 594 8.78 -30.47 -16.77
N VAL B 595 9.24 -31.01 -15.64
CA VAL B 595 9.47 -32.48 -15.55
C VAL B 595 8.16 -33.12 -15.10
N SER B 596 7.81 -34.25 -15.68
CA SER B 596 6.57 -34.99 -15.32
C SER B 596 6.96 -36.46 -15.21
N VAL B 597 6.52 -37.19 -14.21
CA VAL B 597 6.98 -38.58 -13.98
C VAL B 597 5.89 -39.56 -14.32
N ILE B 598 6.13 -40.48 -15.25
CA ILE B 598 5.13 -41.49 -15.68
C ILE B 598 5.21 -42.68 -14.75
N THR B 599 4.17 -42.93 -13.97
CA THR B 599 4.20 -44.00 -12.94
C THR B 599 3.29 -45.18 -13.28
N PRO B 600 3.73 -46.47 -13.28
CA PRO B 600 2.88 -47.58 -13.57
C PRO B 600 1.82 -47.76 -12.48
N GLY B 601 1.98 -47.11 -11.33
CA GLY B 601 1.09 -47.25 -10.17
C GLY B 601 1.92 -47.81 -9.06
N THR B 602 1.80 -47.32 -7.84
CA THR B 602 2.72 -47.82 -6.80
C THR B 602 2.51 -49.32 -6.64
N ASN B 603 1.26 -49.77 -6.66
CA ASN B 603 0.97 -51.21 -6.44
C ASN B 603 1.62 -52.06 -7.52
N THR B 604 1.50 -51.67 -8.78
CA THR B 604 2.05 -52.53 -9.86
C THR B 604 3.57 -52.61 -9.74
N SER B 605 4.26 -51.46 -9.67
CA SER B 605 5.73 -51.46 -9.49
C SER B 605 6.23 -50.11 -9.00
N ASN B 606 7.53 -50.01 -8.75
CA ASN B 606 8.12 -48.75 -8.26
C ASN B 606 9.03 -48.14 -9.34
N GLN B 607 8.97 -48.65 -10.56
CA GLN B 607 9.74 -48.05 -11.67
C GLN B 607 9.02 -46.75 -12.07
N VAL B 608 9.71 -45.82 -12.72
CA VAL B 608 9.11 -44.53 -13.16
C VAL B 608 9.81 -44.12 -14.45
N ALA B 609 9.36 -43.05 -15.12
CA ALA B 609 10.06 -42.47 -16.27
C ALA B 609 9.83 -40.98 -16.14
N VAL B 610 10.68 -40.11 -16.65
CA VAL B 610 10.53 -38.65 -16.48
C VAL B 610 10.41 -38.03 -17.86
N LEU B 611 9.44 -37.16 -18.14
CA LEU B 611 9.38 -36.48 -19.46
C LEU B 611 9.74 -35.05 -19.21
N TYR B 612 10.87 -34.60 -19.73
CA TYR B 612 11.26 -33.19 -19.58
C TYR B 612 10.64 -32.54 -20.78
N GLN B 613 9.59 -31.77 -20.62
CA GLN B 613 8.86 -31.27 -21.79
C GLN B 613 9.65 -30.23 -22.55
N ASP B 614 9.64 -30.31 -23.88
CA ASP B 614 10.30 -29.30 -24.75
C ASP B 614 11.77 -29.07 -24.40
N VAL B 615 12.55 -30.12 -24.22
CA VAL B 615 14.01 -29.96 -24.04
C VAL B 615 14.65 -30.99 -24.96
N ASN B 616 15.57 -30.61 -25.83
CA ASN B 616 16.29 -31.58 -26.67
C ASN B 616 17.00 -32.44 -25.68
N CYS B 617 17.12 -33.72 -25.95
CA CYS B 617 17.62 -34.62 -24.88
C CYS B 617 19.09 -34.46 -24.49
N THR B 618 19.88 -33.72 -25.25
CA THR B 618 21.28 -33.48 -24.84
C THR B 618 21.31 -32.66 -23.55
N GLU B 619 20.43 -31.67 -23.39
CA GLU B 619 20.51 -30.74 -22.24
C GLU B 619 19.77 -31.24 -21.01
N VAL B 620 19.06 -32.36 -21.10
CA VAL B 620 18.20 -32.76 -19.95
C VAL B 620 18.98 -32.97 -18.67
N PRO B 621 20.16 -33.61 -18.65
CA PRO B 621 20.77 -33.93 -17.38
C PRO B 621 21.78 -32.94 -16.86
N VAL B 622 21.64 -31.65 -17.18
CA VAL B 622 22.77 -30.85 -16.71
C VAL B 622 22.34 -29.46 -16.25
N ALA B 623 21.13 -29.14 -16.71
CA ALA B 623 20.48 -27.91 -16.28
C ALA B 623 19.37 -28.26 -15.28
N SER B 640 20.03 -44.74 -19.78
CA SER B 640 20.27 -45.66 -20.92
C SER B 640 19.04 -45.76 -21.84
N ASN B 641 17.91 -45.15 -21.48
CA ASN B 641 16.72 -45.33 -22.34
C ASN B 641 16.18 -43.95 -22.72
N VAL B 642 16.91 -43.21 -23.54
CA VAL B 642 16.50 -41.83 -23.91
C VAL B 642 15.75 -41.88 -25.24
N PHE B 643 14.48 -41.52 -25.27
CA PHE B 643 13.71 -41.43 -26.54
C PHE B 643 13.30 -39.98 -26.70
N GLN B 644 13.48 -39.34 -27.85
CA GLN B 644 12.99 -37.94 -27.96
C GLN B 644 11.67 -37.93 -28.70
N THR B 645 10.59 -37.53 -28.04
CA THR B 645 9.23 -37.48 -28.60
C THR B 645 8.94 -36.03 -28.93
N ARG B 646 7.81 -35.70 -29.55
CA ARG B 646 7.50 -34.27 -29.77
C ARG B 646 7.28 -33.58 -28.43
N ALA B 647 6.62 -34.22 -27.48
CA ALA B 647 6.29 -33.54 -26.21
C ALA B 647 7.54 -33.12 -25.45
N GLY B 648 8.58 -33.93 -25.44
CA GLY B 648 9.85 -33.59 -24.76
C GLY B 648 10.73 -34.77 -24.91
N CYS B 649 11.54 -35.10 -23.92
CA CYS B 649 12.22 -36.39 -24.08
C CYS B 649 12.04 -37.30 -22.91
N LEU B 650 11.70 -38.55 -23.18
CA LEU B 650 11.33 -39.49 -22.11
C LEU B 650 12.54 -40.35 -21.75
N ILE B 651 13.02 -40.25 -20.52
CA ILE B 651 14.18 -41.04 -20.06
C ILE B 651 13.63 -42.11 -19.14
N GLY B 652 13.93 -43.36 -19.38
CA GLY B 652 13.46 -44.43 -18.49
C GLY B 652 12.45 -45.32 -19.16
N ALA B 653 12.13 -45.08 -20.43
CA ALA B 653 11.17 -45.93 -21.18
C ALA B 653 11.75 -46.33 -22.54
N GLU B 654 11.35 -47.48 -23.07
CA GLU B 654 11.94 -48.01 -24.34
C GLU B 654 10.95 -47.90 -25.49
N HIS B 655 11.37 -47.34 -26.63
CA HIS B 655 10.46 -47.19 -27.79
C HIS B 655 10.27 -48.53 -28.49
N VAL B 656 9.06 -49.09 -28.43
CA VAL B 656 8.76 -50.40 -29.02
C VAL B 656 8.07 -50.12 -30.35
N ASN B 657 8.47 -50.79 -31.42
CA ASN B 657 7.89 -50.59 -32.78
C ASN B 657 6.42 -50.99 -32.78
N ASN B 658 6.05 -52.04 -32.04
CA ASN B 658 4.65 -52.52 -31.97
C ASN B 658 3.77 -51.42 -31.37
N SER B 659 2.50 -51.35 -31.76
CA SER B 659 1.54 -50.33 -31.23
C SER B 659 0.38 -50.99 -30.54
N TYR B 660 0.03 -50.52 -29.35
CA TYR B 660 -1.08 -51.11 -28.55
C TYR B 660 -1.95 -49.95 -28.07
N GLU B 661 -3.11 -50.19 -27.48
CA GLU B 661 -4.05 -49.12 -27.11
C GLU B 661 -3.46 -48.19 -26.05
N CYS B 662 -3.96 -46.97 -25.89
CA CYS B 662 -3.32 -45.99 -24.96
C CYS B 662 -3.51 -46.37 -23.49
N ASP B 663 -2.48 -46.20 -22.67
CA ASP B 663 -2.59 -46.44 -21.22
C ASP B 663 -2.34 -45.13 -20.49
N ILE B 664 -1.12 -44.60 -20.54
CA ILE B 664 -0.79 -43.28 -19.93
C ILE B 664 -0.52 -42.40 -21.14
N PRO B 665 -1.12 -41.22 -21.30
CA PRO B 665 -0.93 -40.45 -22.51
C PRO B 665 0.22 -39.43 -22.45
N ILE B 666 1.39 -39.73 -23.03
CA ILE B 666 2.56 -38.82 -23.00
C ILE B 666 2.30 -37.62 -23.89
N GLY B 667 1.69 -37.81 -25.06
CA GLY B 667 1.33 -36.66 -25.91
C GLY B 667 1.93 -36.68 -27.29
N ALA B 668 1.22 -36.21 -28.30
CA ALA B 668 1.63 -36.18 -29.72
C ALA B 668 1.52 -37.54 -30.37
N GLY B 669 0.65 -38.39 -29.86
CA GLY B 669 0.43 -39.72 -30.43
C GLY B 669 1.14 -40.79 -29.65
N ILE B 670 2.09 -40.44 -28.79
CA ILE B 670 2.88 -41.49 -28.10
C ILE B 670 2.19 -41.74 -26.77
N CYS B 671 2.05 -43.00 -26.35
CA CYS B 671 1.43 -43.36 -25.07
C CYS B 671 2.43 -44.25 -24.38
N ALA B 672 2.33 -44.46 -23.08
CA ALA B 672 3.34 -45.25 -22.34
C ALA B 672 2.65 -46.27 -21.43
N SER B 673 3.27 -47.40 -21.16
CA SER B 673 2.60 -48.45 -20.36
C SER B 673 3.60 -49.40 -19.72
N TYR B 674 3.16 -50.28 -18.81
CA TYR B 674 4.05 -51.28 -18.15
C TYR B 674 3.84 -52.64 -18.79
N GLN B 675 4.90 -53.27 -19.30
CA GLN B 675 4.78 -54.56 -20.03
C GLN B 675 4.64 -55.71 -19.05
N GLN B 690 9.82 -57.04 -16.64
CA GLN B 690 8.75 -56.07 -16.97
C GLN B 690 9.32 -54.64 -16.91
N SER B 691 9.06 -53.83 -17.94
CA SER B 691 9.62 -52.46 -18.00
C SER B 691 8.59 -51.48 -18.58
N ILE B 692 8.73 -50.18 -18.30
CA ILE B 692 7.81 -49.19 -18.94
C ILE B 692 8.20 -49.11 -20.42
N ILE B 693 7.22 -48.98 -21.32
CA ILE B 693 7.50 -48.95 -22.79
C ILE B 693 6.81 -47.71 -23.36
N ALA B 694 7.30 -47.15 -24.46
CA ALA B 694 6.61 -46.02 -25.11
C ALA B 694 6.32 -46.42 -26.55
N TYR B 695 5.07 -46.29 -27.01
CA TYR B 695 4.67 -46.77 -28.36
C TYR B 695 3.71 -45.76 -28.96
N THR B 696 3.56 -45.75 -30.29
CA THR B 696 2.52 -44.88 -30.92
C THR B 696 1.17 -45.56 -30.66
N MET B 697 0.12 -44.79 -30.35
CA MET B 697 -1.16 -45.44 -29.98
C MET B 697 -1.83 -46.10 -31.18
N SER B 698 -2.58 -47.19 -30.95
CA SER B 698 -3.32 -47.87 -32.03
C SER B 698 -4.78 -47.53 -31.83
N LEU B 699 -5.35 -46.79 -32.77
CA LEU B 699 -6.74 -46.32 -32.69
C LEU B 699 -7.70 -47.51 -32.59
N GLY B 700 -7.48 -48.57 -33.35
CA GLY B 700 -8.40 -49.70 -33.19
C GLY B 700 -8.12 -50.89 -34.07
N ALA B 701 -8.94 -51.91 -33.95
CA ALA B 701 -8.76 -53.16 -34.70
C ALA B 701 -9.20 -52.98 -36.13
N GLU B 702 -8.38 -53.39 -37.08
CA GLU B 702 -8.72 -53.19 -38.51
C GLU B 702 -9.84 -54.15 -38.88
N ASN B 703 -11.01 -53.62 -39.20
CA ASN B 703 -12.15 -54.49 -39.62
C ASN B 703 -12.56 -53.98 -40.97
N SER B 704 -13.03 -54.83 -41.86
CA SER B 704 -13.54 -54.32 -43.14
C SER B 704 -14.80 -55.12 -43.47
N VAL B 705 -15.94 -54.47 -43.70
CA VAL B 705 -17.19 -55.26 -43.91
C VAL B 705 -17.17 -55.75 -45.34
N ALA B 706 -17.79 -56.88 -45.64
CA ALA B 706 -17.71 -57.45 -47.00
C ALA B 706 -18.73 -56.81 -47.91
N TYR B 707 -18.53 -55.56 -48.33
CA TYR B 707 -19.58 -54.88 -49.14
C TYR B 707 -19.68 -55.56 -50.49
N SER B 708 -20.90 -55.77 -50.96
CA SER B 708 -21.11 -56.33 -52.31
C SER B 708 -22.45 -55.81 -52.81
N ASN B 709 -22.67 -55.79 -54.11
CA ASN B 709 -23.91 -55.26 -54.70
C ASN B 709 -25.11 -56.08 -54.26
N ASN B 710 -24.95 -57.38 -54.00
CA ASN B 710 -26.05 -58.26 -53.57
C ASN B 710 -25.66 -59.05 -52.34
N SER B 711 -25.42 -58.43 -51.19
CA SER B 711 -25.17 -59.16 -49.94
C SER B 711 -25.62 -58.34 -48.76
N ILE B 712 -26.44 -58.89 -47.85
CA ILE B 712 -26.93 -58.19 -46.63
C ILE B 712 -26.69 -59.17 -45.51
N ALA B 713 -26.44 -58.70 -44.29
CA ALA B 713 -26.29 -59.60 -43.15
C ALA B 713 -27.37 -59.28 -42.17
N ILE B 714 -28.24 -60.24 -41.82
CA ILE B 714 -29.40 -59.97 -40.93
C ILE B 714 -29.12 -60.65 -39.60
N PRO B 715 -29.16 -59.99 -38.44
CA PRO B 715 -28.83 -60.61 -37.19
C PRO B 715 -29.80 -61.74 -36.86
N THR B 716 -29.36 -62.80 -36.19
CA THR B 716 -30.22 -63.99 -35.92
C THR B 716 -30.48 -64.27 -34.44
N ASN B 717 -29.93 -63.49 -33.50
CA ASN B 717 -30.14 -63.62 -32.03
C ASN B 717 -29.79 -62.27 -31.46
N PHE B 718 -30.15 -62.00 -30.22
CA PHE B 718 -29.98 -60.64 -29.68
C PHE B 718 -29.32 -60.70 -28.32
N THR B 719 -28.81 -59.58 -27.85
CA THR B 719 -28.26 -59.55 -26.49
C THR B 719 -28.89 -58.33 -25.84
N ILE B 720 -29.22 -58.38 -24.55
CA ILE B 720 -29.87 -57.26 -23.82
C ILE B 720 -28.82 -56.75 -22.87
N SER B 721 -28.52 -55.47 -22.89
CA SER B 721 -27.39 -54.99 -22.08
C SER B 721 -27.70 -53.77 -21.22
N VAL B 722 -27.76 -53.91 -19.90
CA VAL B 722 -27.90 -52.73 -19.01
C VAL B 722 -26.53 -52.09 -18.92
N THR B 723 -26.46 -50.77 -18.83
CA THR B 723 -25.19 -50.03 -18.82
C THR B 723 -25.46 -48.85 -17.91
N THR B 724 -24.46 -48.14 -17.41
CA THR B 724 -24.71 -47.10 -16.40
C THR B 724 -24.17 -45.74 -16.82
N GLU B 725 -24.93 -44.66 -16.64
CA GLU B 725 -24.39 -43.31 -16.92
C GLU B 725 -24.49 -42.47 -15.66
N ILE B 726 -23.37 -42.06 -15.10
CA ILE B 726 -23.36 -41.33 -13.80
C ILE B 726 -23.21 -39.87 -14.15
N LEU B 727 -24.17 -39.03 -13.80
CA LEU B 727 -24.12 -37.60 -14.15
C LEU B 727 -24.25 -36.79 -12.87
N PRO B 728 -23.43 -35.77 -12.60
CA PRO B 728 -23.64 -34.92 -11.45
C PRO B 728 -24.82 -33.94 -11.56
N VAL B 729 -25.67 -33.73 -10.53
CA VAL B 729 -26.85 -32.82 -10.53
C VAL B 729 -26.70 -31.63 -9.58
N SER B 730 -25.86 -31.67 -8.53
CA SER B 730 -25.79 -30.53 -7.57
C SER B 730 -24.44 -30.50 -6.88
N MET B 731 -24.06 -29.37 -6.28
CA MET B 731 -22.80 -29.27 -5.53
C MET B 731 -23.12 -28.76 -4.13
N THR B 732 -22.18 -28.84 -3.19
CA THR B 732 -22.51 -28.46 -1.80
C THR B 732 -22.85 -26.98 -1.71
N LYS B 733 -23.91 -26.67 -0.97
CA LYS B 733 -24.40 -25.28 -0.90
C LYS B 733 -23.55 -24.66 0.18
N THR B 734 -22.80 -23.64 -0.14
CA THR B 734 -21.86 -23.05 0.83
C THR B 734 -22.08 -21.55 0.86
N SER B 735 -21.74 -20.92 1.95
CA SER B 735 -21.85 -19.47 2.07
C SER B 735 -20.59 -18.99 2.76
N VAL B 736 -20.25 -17.71 2.66
CA VAL B 736 -19.07 -17.14 3.36
C VAL B 736 -19.56 -15.83 3.94
N ASP B 737 -18.97 -15.40 5.04
CA ASP B 737 -19.32 -14.06 5.57
C ASP B 737 -18.17 -13.15 5.15
N CYS B 738 -18.42 -12.12 4.36
CA CYS B 738 -17.27 -11.30 3.94
C CYS B 738 -16.60 -10.67 5.14
N THR B 739 -17.35 -10.09 6.07
CA THR B 739 -16.66 -9.35 7.14
C THR B 739 -15.83 -10.31 7.97
N MET B 740 -16.34 -11.46 8.33
CA MET B 740 -15.57 -12.31 9.25
C MET B 740 -14.29 -12.81 8.58
N TYR B 741 -14.32 -13.19 7.31
CA TYR B 741 -13.09 -13.73 6.71
C TYR B 741 -12.06 -12.63 6.57
N ILE B 742 -12.41 -11.49 5.98
CA ILE B 742 -11.42 -10.43 5.69
C ILE B 742 -10.85 -9.83 6.96
N CYS B 743 -11.70 -9.56 7.94
CA CYS B 743 -11.28 -8.93 9.21
C CYS B 743 -11.44 -9.98 10.28
N GLY B 744 -12.62 -10.06 10.86
CA GLY B 744 -12.88 -11.16 11.80
C GLY B 744 -12.50 -10.81 13.20
N ASP B 745 -13.47 -10.38 14.00
CA ASP B 745 -13.25 -10.05 15.44
C ASP B 745 -12.61 -8.67 15.63
N SER B 746 -12.48 -7.85 14.60
CA SER B 746 -11.91 -6.51 14.89
C SER B 746 -12.75 -5.36 14.35
N THR B 747 -13.11 -4.42 15.21
CA THR B 747 -13.83 -3.23 14.75
C THR B 747 -12.87 -2.39 13.91
N GLU B 748 -11.61 -2.30 14.31
CA GLU B 748 -10.69 -1.39 13.59
C GLU B 748 -10.52 -1.84 12.14
N CYS B 749 -10.36 -3.13 11.89
CA CYS B 749 -10.29 -3.61 10.50
C CYS B 749 -11.64 -3.38 9.83
N SER B 750 -12.73 -3.64 10.52
CA SER B 750 -14.06 -3.56 9.86
C SER B 750 -14.29 -2.13 9.40
N ASN B 751 -13.91 -1.13 10.20
CA ASN B 751 -14.21 0.27 9.82
C ASN B 751 -13.51 0.59 8.51
N LEU B 752 -12.26 0.16 8.37
CA LEU B 752 -11.52 0.37 7.11
C LEU B 752 -12.19 -0.39 5.94
N LEU B 753 -12.71 -1.59 6.14
CA LEU B 753 -13.35 -2.36 5.05
C LEU B 753 -14.60 -1.61 4.58
N LEU B 754 -15.26 -0.87 5.46
CA LEU B 754 -16.55 -0.24 5.07
C LEU B 754 -16.33 0.68 3.87
N GLN B 755 -15.21 1.38 3.82
CA GLN B 755 -15.00 2.38 2.75
C GLN B 755 -14.70 1.71 1.41
N TYR B 756 -14.41 0.42 1.38
CA TYR B 756 -14.22 -0.27 0.09
C TYR B 756 -15.49 -0.26 -0.77
N GLY B 757 -16.66 -0.55 -0.21
CA GLY B 757 -17.88 -0.42 -1.02
C GLY B 757 -18.77 -1.62 -0.81
N SER B 758 -19.73 -1.85 -1.70
CA SER B 758 -20.52 -3.10 -1.62
C SER B 758 -19.74 -4.16 -2.38
N PHE B 759 -18.53 -4.46 -1.94
CA PHE B 759 -17.72 -5.51 -2.57
C PHE B 759 -17.87 -6.64 -1.60
N CYS B 760 -18.86 -6.52 -0.73
CA CYS B 760 -19.18 -7.63 0.18
C CYS B 760 -20.59 -8.09 -0.12
N THR B 761 -21.54 -7.16 -0.15
CA THR B 761 -22.92 -7.52 -0.49
C THR B 761 -22.93 -8.06 -1.90
N GLN B 762 -22.05 -7.64 -2.79
CA GLN B 762 -22.04 -8.27 -4.12
C GLN B 762 -21.65 -9.73 -3.97
N LEU B 763 -20.65 -10.04 -3.17
CA LEU B 763 -20.13 -11.42 -3.02
C LEU B 763 -21.09 -12.34 -2.27
N ASN B 764 -21.69 -11.87 -1.20
CA ASN B 764 -22.67 -12.68 -0.43
C ASN B 764 -23.85 -12.96 -1.34
N ARG B 765 -24.24 -12.02 -2.18
CA ARG B 765 -25.36 -12.23 -3.10
C ARG B 765 -25.02 -13.33 -4.09
N ALA B 766 -23.80 -13.36 -4.61
CA ALA B 766 -23.46 -14.36 -5.63
C ALA B 766 -23.51 -15.74 -5.03
N LEU B 767 -22.95 -15.93 -3.85
CA LEU B 767 -22.90 -17.30 -3.29
C LEU B 767 -24.31 -17.75 -2.93
N THR B 768 -25.25 -16.83 -2.75
CA THR B 768 -26.66 -17.22 -2.45
C THR B 768 -27.36 -17.64 -3.73
N GLY B 769 -27.06 -16.99 -4.86
CA GLY B 769 -27.63 -17.46 -6.14
C GLY B 769 -27.13 -18.84 -6.50
N ILE B 770 -25.85 -19.12 -6.31
CA ILE B 770 -25.28 -20.47 -6.59
C ILE B 770 -25.94 -21.45 -5.63
N ALA B 771 -26.16 -21.08 -4.37
CA ALA B 771 -26.74 -21.97 -3.35
C ALA B 771 -28.19 -22.34 -3.63
N VAL B 772 -29.02 -21.41 -4.07
CA VAL B 772 -30.47 -21.68 -4.26
C VAL B 772 -30.72 -22.22 -5.66
N GLU B 773 -29.68 -22.32 -6.49
CA GLU B 773 -29.88 -22.93 -7.82
C GLU B 773 -29.42 -24.36 -7.71
N GLN B 774 -28.93 -24.75 -6.53
CA GLN B 774 -28.41 -26.13 -6.36
C GLN B 774 -29.61 -26.90 -5.88
N ASP B 775 -30.74 -26.22 -5.78
CA ASP B 775 -31.99 -26.87 -5.33
C ASP B 775 -32.95 -26.92 -6.51
N LYS B 776 -32.82 -26.05 -7.49
CA LYS B 776 -33.62 -26.16 -8.73
C LYS B 776 -33.06 -27.34 -9.50
N ASN B 777 -31.75 -27.53 -9.48
CA ASN B 777 -31.09 -28.63 -10.23
C ASN B 777 -31.56 -29.96 -9.68
N THR B 778 -31.62 -30.16 -8.37
CA THR B 778 -32.15 -31.42 -7.82
C THR B 778 -33.63 -31.57 -8.11
N GLN B 779 -34.39 -30.49 -8.07
CA GLN B 779 -35.85 -30.61 -8.25
C GLN B 779 -36.15 -31.02 -9.68
N GLU B 780 -35.51 -30.44 -10.68
CA GLU B 780 -35.87 -30.79 -12.07
C GLU B 780 -35.56 -32.24 -12.38
N VAL B 781 -34.41 -32.76 -11.94
CA VAL B 781 -34.00 -34.14 -12.31
C VAL B 781 -34.94 -35.14 -11.69
N PHE B 782 -35.41 -34.92 -10.46
CA PHE B 782 -36.20 -35.94 -9.73
C PHE B 782 -37.69 -35.65 -9.68
N ALA B 783 -38.11 -34.40 -9.57
CA ALA B 783 -39.53 -34.03 -9.41
C ALA B 783 -40.23 -33.98 -10.76
N GLN B 784 -40.40 -35.13 -11.41
CA GLN B 784 -41.05 -35.22 -12.72
C GLN B 784 -42.32 -36.03 -12.51
N VAL B 785 -42.45 -36.64 -11.33
CA VAL B 785 -43.62 -37.48 -11.00
C VAL B 785 -44.51 -36.64 -10.09
N LYS B 786 -45.74 -36.40 -10.49
CA LYS B 786 -46.68 -35.70 -9.60
C LYS B 786 -47.08 -36.59 -8.41
N GLN B 787 -47.33 -37.87 -8.64
CA GLN B 787 -47.89 -38.75 -7.59
C GLN B 787 -46.90 -39.85 -7.24
N ILE B 788 -46.79 -40.20 -5.97
CA ILE B 788 -45.78 -41.21 -5.56
C ILE B 788 -46.43 -42.56 -5.76
N TYR B 789 -46.08 -43.25 -6.84
CA TYR B 789 -46.64 -44.56 -7.17
C TYR B 789 -45.97 -45.61 -6.31
N LYS B 790 -46.58 -46.76 -6.16
CA LYS B 790 -46.05 -47.83 -5.29
C LYS B 790 -46.18 -49.11 -6.09
N THR B 791 -45.24 -50.05 -5.96
CA THR B 791 -45.25 -51.24 -6.85
C THR B 791 -46.12 -52.33 -6.26
N PRO B 792 -46.75 -53.22 -7.07
CA PRO B 792 -47.68 -54.18 -6.52
C PRO B 792 -47.02 -55.03 -5.44
N PRO B 793 -47.72 -55.36 -4.33
CA PRO B 793 -47.11 -56.11 -3.24
C PRO B 793 -46.62 -57.49 -3.66
N ILE B 794 -47.40 -58.22 -4.46
CA ILE B 794 -46.93 -59.52 -5.02
C ILE B 794 -46.16 -59.17 -6.29
N LYS B 795 -44.89 -59.51 -6.35
CA LYS B 795 -44.11 -59.06 -7.51
C LYS B 795 -43.94 -60.23 -8.47
N ASP B 796 -44.78 -60.29 -9.51
CA ASP B 796 -44.62 -61.29 -10.58
C ASP B 796 -44.66 -60.48 -11.85
N PHE B 797 -43.53 -60.21 -12.48
CA PHE B 797 -43.52 -59.29 -13.62
C PHE B 797 -43.21 -60.06 -14.90
N GLY B 798 -43.50 -61.35 -14.95
CA GLY B 798 -43.30 -62.11 -16.19
C GLY B 798 -42.00 -62.86 -16.25
N GLY B 799 -41.27 -62.93 -15.16
CA GLY B 799 -39.98 -63.63 -15.10
C GLY B 799 -38.84 -62.68 -14.91
N PHE B 800 -39.13 -61.40 -14.89
CA PHE B 800 -38.09 -60.37 -14.72
C PHE B 800 -37.96 -60.11 -13.23
N ASN B 801 -36.74 -59.97 -12.71
CA ASN B 801 -36.51 -59.70 -11.28
C ASN B 801 -35.94 -58.30 -11.19
N PHE B 802 -36.60 -57.43 -10.44
CA PHE B 802 -36.17 -56.04 -10.29
C PHE B 802 -35.71 -55.86 -8.85
N SER B 803 -35.28 -56.92 -8.18
CA SER B 803 -34.93 -56.84 -6.74
C SER B 803 -33.81 -55.85 -6.54
N GLN B 804 -32.82 -55.87 -7.40
CA GLN B 804 -31.64 -55.00 -7.23
C GLN B 804 -32.05 -53.54 -7.33
N ILE B 805 -32.98 -53.19 -8.19
CA ILE B 805 -33.34 -51.75 -8.39
C ILE B 805 -34.46 -51.29 -7.44
N LEU B 806 -35.50 -52.08 -7.16
CA LEU B 806 -36.68 -51.63 -6.39
C LEU B 806 -36.32 -51.46 -4.92
N PRO B 807 -36.94 -50.54 -4.16
CA PRO B 807 -36.54 -50.28 -2.79
C PRO B 807 -36.59 -51.49 -1.87
N ASP B 808 -35.54 -51.72 -1.06
CA ASP B 808 -35.41 -52.88 -0.14
C ASP B 808 -36.20 -52.64 1.13
N PRO B 809 -36.98 -53.61 1.64
CA PRO B 809 -37.75 -53.44 2.86
C PRO B 809 -36.99 -53.81 4.14
N SER B 810 -35.72 -54.25 4.04
CA SER B 810 -34.87 -54.52 5.23
C SER B 810 -34.46 -53.16 5.78
N LYS B 811 -34.95 -52.10 5.15
CA LYS B 811 -34.75 -50.73 5.66
C LYS B 811 -33.31 -50.35 5.93
N PRO B 812 -32.38 -50.43 4.95
CA PRO B 812 -31.06 -49.85 5.17
C PRO B 812 -31.47 -48.37 5.32
N SER B 813 -32.21 -47.82 4.37
CA SER B 813 -32.82 -46.48 4.48
C SER B 813 -33.95 -46.55 3.47
N LYS B 814 -34.40 -47.76 3.17
CA LYS B 814 -35.42 -47.98 2.13
C LYS B 814 -34.73 -47.63 0.81
N ARG B 815 -33.41 -47.77 0.76
CA ARG B 815 -32.64 -47.52 -0.47
C ARG B 815 -32.40 -48.87 -1.07
N SER B 816 -32.50 -49.00 -2.38
CA SER B 816 -32.41 -50.31 -3.07
C SER B 816 -31.01 -50.84 -3.03
N PHE B 817 -30.86 -52.13 -3.32
CA PHE B 817 -29.55 -52.77 -3.32
C PHE B 817 -28.50 -52.08 -4.22
N ILE B 818 -28.79 -51.07 -5.07
CA ILE B 818 -27.74 -50.39 -5.81
C ILE B 818 -27.49 -49.01 -5.24
N GLU B 819 -28.54 -48.33 -4.80
CA GLU B 819 -28.37 -47.00 -4.20
C GLU B 819 -27.50 -47.08 -2.95
N ASP B 820 -27.73 -48.08 -2.10
CA ASP B 820 -26.89 -48.25 -0.93
C ASP B 820 -25.45 -48.50 -1.33
N LEU B 821 -25.24 -49.32 -2.35
CA LEU B 821 -23.89 -49.55 -2.85
C LEU B 821 -23.27 -48.26 -3.36
N LEU B 822 -24.04 -47.46 -4.10
CA LEU B 822 -23.51 -46.22 -4.65
C LEU B 822 -23.11 -45.25 -3.55
N PHE B 823 -23.96 -45.09 -2.53
CA PHE B 823 -23.66 -44.13 -1.47
C PHE B 823 -22.40 -44.53 -0.72
N ASN B 824 -22.21 -45.83 -0.46
CA ASN B 824 -21.04 -46.27 0.29
C ASN B 824 -19.76 -45.96 -0.48
N LYS B 825 -19.78 -46.12 -1.79
CA LYS B 825 -18.57 -45.89 -2.59
C LYS B 825 -18.13 -44.44 -2.51
N VAL B 826 -19.06 -43.50 -2.59
CA VAL B 826 -18.72 -42.08 -2.54
C VAL B 826 -18.38 -41.70 -1.12
N THR B 827 -17.24 -41.03 -0.95
CA THR B 827 -16.76 -40.60 0.35
C THR B 827 -16.26 -39.17 0.28
N LYS B 854 -17.65 -23.68 11.22
CA LYS B 854 -16.62 -24.73 11.44
C LYS B 854 -15.26 -24.10 11.23
N PHE B 855 -15.23 -22.89 10.66
CA PHE B 855 -13.93 -22.30 10.31
C PHE B 855 -13.99 -20.79 10.45
N ASN B 856 -13.28 -20.09 9.56
CA ASN B 856 -13.18 -18.62 9.64
C ASN B 856 -14.28 -17.95 8.82
N GLY B 857 -15.54 -18.14 9.18
CA GLY B 857 -16.63 -17.43 8.49
C GLY B 857 -17.36 -18.29 7.49
N LEU B 858 -17.05 -19.59 7.40
CA LEU B 858 -17.61 -20.45 6.34
C LEU B 858 -18.64 -21.38 6.92
N THR B 859 -19.82 -21.47 6.30
CA THR B 859 -20.91 -22.36 6.75
C THR B 859 -21.38 -23.18 5.55
N VAL B 860 -21.84 -24.42 5.74
CA VAL B 860 -22.43 -25.20 4.61
C VAL B 860 -23.91 -25.35 4.90
N LEU B 861 -24.76 -24.75 4.09
CA LEU B 861 -26.22 -24.77 4.33
C LEU B 861 -26.77 -26.17 4.03
N PRO B 862 -27.88 -26.65 4.66
CA PRO B 862 -28.34 -28.02 4.42
C PRO B 862 -29.17 -28.13 3.14
N PRO B 863 -29.18 -29.27 2.43
CA PRO B 863 -29.93 -29.39 1.19
C PRO B 863 -31.45 -29.48 1.43
N LEU B 864 -32.27 -28.82 0.62
CA LEU B 864 -33.73 -28.79 0.90
C LEU B 864 -34.37 -30.17 0.83
N LEU B 865 -34.00 -30.99 -0.15
CA LEU B 865 -34.60 -32.34 -0.31
C LEU B 865 -33.62 -33.37 0.26
N THR B 866 -33.97 -33.99 1.37
CA THR B 866 -33.06 -34.94 2.05
C THR B 866 -32.90 -36.15 1.15
N ASP B 867 -31.82 -36.92 1.29
CA ASP B 867 -31.56 -38.08 0.41
C ASP B 867 -32.66 -39.09 0.58
N GLU B 868 -33.34 -39.10 1.72
CA GLU B 868 -34.49 -39.99 1.93
C GLU B 868 -35.63 -39.63 0.98
N MET B 869 -35.82 -38.36 0.65
CA MET B 869 -36.85 -37.93 -0.31
C MET B 869 -36.34 -37.87 -1.74
N ILE B 870 -35.04 -37.82 -2.00
CA ILE B 870 -34.49 -37.92 -3.38
C ILE B 870 -34.63 -39.37 -3.78
N ALA B 871 -34.78 -40.29 -2.83
CA ALA B 871 -34.95 -41.73 -3.12
C ALA B 871 -36.39 -42.15 -3.05
N GLN B 872 -37.32 -41.27 -2.73
CA GLN B 872 -38.73 -41.67 -2.86
C GLN B 872 -39.16 -41.24 -4.24
N TYR B 873 -38.60 -40.15 -4.74
CA TYR B 873 -38.87 -39.76 -6.13
C TYR B 873 -38.26 -40.80 -7.04
N THR B 874 -37.06 -41.32 -6.81
CA THR B 874 -36.54 -42.36 -7.72
C THR B 874 -37.40 -43.62 -7.66
N SER B 875 -37.88 -44.01 -6.50
CA SER B 875 -38.78 -45.18 -6.38
C SER B 875 -40.12 -44.97 -7.06
N ALA B 876 -40.68 -43.77 -7.07
CA ALA B 876 -41.92 -43.46 -7.81
C ALA B 876 -41.68 -43.55 -9.30
N LEU B 877 -40.55 -43.06 -9.80
CA LEU B 877 -40.24 -43.08 -11.24
C LEU B 877 -40.06 -44.53 -11.67
N LEU B 878 -39.35 -45.34 -10.90
CA LEU B 878 -39.11 -46.77 -11.22
C LEU B 878 -40.39 -47.58 -11.12
N ALA B 879 -41.24 -47.34 -10.13
CA ALA B 879 -42.50 -48.07 -9.93
C ALA B 879 -43.53 -47.72 -10.98
N GLY B 880 -43.55 -46.51 -11.47
CA GLY B 880 -44.43 -46.18 -12.58
C GLY B 880 -44.01 -46.91 -13.82
N THR B 881 -42.72 -47.01 -14.14
CA THR B 881 -42.31 -47.63 -15.42
C THR B 881 -42.74 -49.09 -15.46
N ILE B 882 -42.55 -49.85 -14.40
CA ILE B 882 -42.89 -51.29 -14.36
C ILE B 882 -44.41 -51.41 -14.49
N THR B 883 -45.16 -50.70 -13.66
CA THR B 883 -46.65 -50.78 -13.64
C THR B 883 -47.37 -50.19 -14.86
N SER B 884 -47.02 -49.01 -15.38
CA SER B 884 -47.76 -48.31 -16.45
C SER B 884 -46.98 -48.18 -17.73
N GLY B 885 -45.76 -47.63 -17.69
CA GLY B 885 -44.91 -47.53 -18.87
C GLY B 885 -44.69 -46.09 -19.29
N TRP B 886 -44.96 -45.76 -20.54
CA TRP B 886 -44.86 -44.36 -21.03
C TRP B 886 -46.05 -43.60 -20.45
N THR B 887 -47.19 -44.27 -20.30
CA THR B 887 -48.45 -43.61 -19.90
C THR B 887 -48.35 -42.64 -18.73
N PHE B 888 -47.53 -42.89 -17.72
CA PHE B 888 -47.51 -42.02 -16.52
C PHE B 888 -47.02 -40.64 -16.87
N GLY B 889 -46.05 -40.53 -17.77
CA GLY B 889 -45.43 -39.25 -18.13
C GLY B 889 -46.34 -38.33 -18.88
N ALA B 890 -47.21 -38.86 -19.73
CA ALA B 890 -48.07 -38.03 -20.59
C ALA B 890 -49.32 -37.59 -19.85
N GLY B 891 -50.19 -38.51 -19.53
CA GLY B 891 -51.37 -38.13 -18.76
C GLY B 891 -51.69 -39.06 -17.62
N ALA B 892 -52.87 -39.68 -17.66
CA ALA B 892 -53.31 -40.57 -16.59
C ALA B 892 -52.45 -41.82 -16.68
N ALA B 893 -52.18 -42.54 -15.60
CA ALA B 893 -51.29 -43.72 -15.62
C ALA B 893 -52.14 -44.94 -15.82
N LEU B 894 -51.86 -45.74 -16.84
CA LEU B 894 -52.73 -46.86 -17.21
C LEU B 894 -51.94 -48.15 -17.13
N GLN B 895 -52.39 -49.17 -16.40
CA GLN B 895 -51.65 -50.43 -16.17
C GLN B 895 -51.48 -51.25 -17.44
N ILE B 896 -50.37 -51.98 -17.57
CA ILE B 896 -50.15 -52.87 -18.74
C ILE B 896 -49.37 -54.07 -18.20
N PRO B 897 -49.70 -55.32 -18.54
CA PRO B 897 -48.90 -56.41 -18.06
C PRO B 897 -47.47 -56.15 -18.54
N PHE B 898 -46.44 -56.31 -17.70
CA PHE B 898 -45.06 -55.95 -18.11
C PHE B 898 -44.58 -56.82 -19.27
N ALA B 899 -44.85 -58.12 -19.24
CA ALA B 899 -44.38 -58.88 -20.39
C ALA B 899 -44.82 -58.19 -21.68
N MET B 900 -45.95 -57.47 -21.71
CA MET B 900 -46.53 -56.77 -22.89
C MET B 900 -46.07 -55.32 -22.96
N GLN B 901 -45.51 -54.73 -21.92
CA GLN B 901 -44.91 -53.39 -22.06
C GLN B 901 -43.70 -53.61 -22.90
N MET B 902 -42.93 -54.67 -22.67
CA MET B 902 -41.69 -54.91 -23.43
C MET B 902 -41.97 -55.16 -24.92
N ALA B 903 -43.04 -55.83 -25.27
CA ALA B 903 -43.36 -56.00 -26.69
C ALA B 903 -43.68 -54.69 -27.35
N TYR B 904 -44.40 -53.78 -26.72
CA TYR B 904 -44.63 -52.45 -27.32
C TYR B 904 -43.28 -51.77 -27.51
N ARG B 905 -42.33 -51.90 -26.58
CA ARG B 905 -40.96 -51.36 -26.66
C ARG B 905 -40.11 -52.06 -27.72
N PHE B 906 -40.22 -53.37 -27.95
CA PHE B 906 -39.53 -54.12 -29.05
C PHE B 906 -40.08 -53.71 -30.39
N ASN B 907 -41.38 -53.52 -30.50
CA ASN B 907 -42.02 -53.12 -31.78
C ASN B 907 -41.53 -51.75 -32.16
N GLY B 908 -40.98 -50.98 -31.23
CA GLY B 908 -40.58 -49.61 -31.51
C GLY B 908 -39.14 -49.50 -31.89
N ILE B 909 -38.37 -50.57 -31.82
CA ILE B 909 -36.94 -50.61 -32.26
C ILE B 909 -36.94 -51.27 -33.62
N GLY B 910 -38.10 -51.71 -34.10
CA GLY B 910 -38.23 -52.33 -35.43
C GLY B 910 -38.45 -53.82 -35.41
N VAL B 911 -38.40 -54.49 -34.26
CA VAL B 911 -38.54 -55.97 -34.18
C VAL B 911 -39.99 -56.30 -33.84
N THR B 912 -40.63 -57.24 -34.50
CA THR B 912 -42.05 -57.54 -34.31
C THR B 912 -42.25 -58.14 -32.94
N GLN B 913 -43.45 -58.11 -32.38
CA GLN B 913 -43.78 -58.60 -31.02
C GLN B 913 -43.54 -60.09 -30.87
N ASN B 914 -43.73 -60.88 -31.92
CA ASN B 914 -43.65 -62.35 -31.75
C ASN B 914 -42.31 -62.66 -31.12
N VAL B 915 -41.25 -61.92 -31.43
CA VAL B 915 -39.92 -62.27 -30.88
C VAL B 915 -39.96 -62.17 -29.36
N LEU B 916 -40.63 -61.21 -28.69
CA LEU B 916 -40.64 -61.26 -27.21
C LEU B 916 -41.46 -62.40 -26.68
N TYR B 917 -42.65 -62.64 -27.20
CA TYR B 917 -43.54 -63.63 -26.59
C TYR B 917 -42.92 -65.00 -26.75
N GLU B 918 -42.32 -65.26 -27.89
CA GLU B 918 -41.71 -66.58 -28.16
C GLU B 918 -40.46 -66.77 -27.33
N ASN B 919 -39.68 -65.72 -27.14
CA ASN B 919 -38.40 -65.80 -26.41
C ASN B 919 -38.49 -65.03 -25.10
N GLN B 920 -39.61 -65.06 -24.41
CA GLN B 920 -39.78 -64.31 -23.15
C GLN B 920 -38.86 -64.92 -22.12
N LYS B 921 -38.74 -66.23 -22.12
CA LYS B 921 -37.92 -66.89 -21.08
C LYS B 921 -36.46 -66.47 -21.22
N LEU B 922 -35.91 -66.48 -22.42
CA LEU B 922 -34.53 -66.05 -22.64
C LEU B 922 -34.36 -64.57 -22.39
N ILE B 923 -35.28 -63.72 -22.79
CA ILE B 923 -35.06 -62.25 -22.63
C ILE B 923 -35.03 -61.93 -21.15
N ALA B 924 -35.85 -62.59 -20.33
CA ALA B 924 -35.87 -62.36 -18.88
C ALA B 924 -34.56 -62.81 -18.25
N ASN B 925 -34.03 -63.96 -18.62
CA ASN B 925 -32.75 -64.48 -18.08
C ASN B 925 -31.60 -63.57 -18.50
N GLN B 926 -31.58 -63.07 -19.72
CA GLN B 926 -30.54 -62.11 -20.17
C GLN B 926 -30.66 -60.79 -19.41
N PHE B 927 -31.85 -60.26 -19.19
CA PHE B 927 -32.03 -59.01 -18.41
C PHE B 927 -31.69 -59.23 -16.95
N ASN B 928 -32.13 -60.32 -16.32
CA ASN B 928 -31.91 -60.51 -14.88
C ASN B 928 -30.41 -60.57 -14.64
N SER B 929 -29.66 -61.26 -15.50
CA SER B 929 -28.19 -61.42 -15.36
C SER B 929 -27.45 -60.10 -15.53
N ALA B 930 -27.86 -59.25 -16.48
CA ALA B 930 -27.20 -57.97 -16.75
C ALA B 930 -27.34 -57.00 -15.58
N ILE B 931 -28.51 -56.90 -14.96
CA ILE B 931 -28.70 -56.03 -13.77
C ILE B 931 -27.83 -56.60 -12.66
N GLY B 932 -27.70 -57.92 -12.58
CA GLY B 932 -26.83 -58.55 -11.59
C GLY B 932 -25.37 -58.20 -11.76
N LYS B 933 -24.89 -58.17 -12.98
CA LYS B 933 -23.48 -57.81 -13.24
C LYS B 933 -23.23 -56.35 -12.91
N ILE B 934 -24.24 -55.50 -13.00
CA ILE B 934 -24.03 -54.04 -12.79
C ILE B 934 -23.61 -53.81 -11.34
N GLN B 935 -24.17 -54.53 -10.37
CA GLN B 935 -23.68 -54.32 -9.00
C GLN B 935 -22.22 -54.74 -8.88
N ASP B 936 -21.84 -55.86 -9.48
CA ASP B 936 -20.45 -56.37 -9.35
C ASP B 936 -19.45 -55.38 -9.92
N SER B 937 -19.71 -54.79 -11.07
CA SER B 937 -18.68 -53.90 -11.63
C SER B 937 -18.44 -52.77 -10.62
N LEU B 938 -19.51 -52.16 -10.12
CA LEU B 938 -19.38 -51.12 -9.07
C LEU B 938 -18.93 -51.71 -7.73
N SER B 939 -19.50 -52.84 -7.28
CA SER B 939 -19.21 -53.40 -5.93
C SER B 939 -17.75 -53.76 -5.82
N SER B 940 -17.21 -54.31 -6.91
CA SER B 940 -15.76 -54.55 -6.95
C SER B 940 -15.15 -53.18 -7.23
N THR B 941 -14.58 -52.96 -8.40
CA THR B 941 -14.02 -51.60 -8.53
C THR B 941 -13.80 -51.09 -9.94
N ALA B 942 -13.82 -49.78 -10.05
CA ALA B 942 -13.46 -49.05 -11.28
C ALA B 942 -13.52 -47.62 -10.73
N SER B 943 -12.99 -46.61 -11.40
CA SER B 943 -13.23 -45.24 -10.88
C SER B 943 -14.59 -44.84 -11.43
N ALA B 944 -15.62 -45.60 -11.09
CA ALA B 944 -16.93 -45.36 -11.72
C ALA B 944 -17.53 -44.02 -11.30
N LEU B 945 -17.48 -43.71 -10.02
CA LEU B 945 -18.18 -42.53 -9.50
C LEU B 945 -17.23 -41.35 -9.57
N GLY B 946 -16.17 -41.47 -10.34
CA GLY B 946 -15.16 -40.41 -10.41
C GLY B 946 -15.78 -39.14 -10.89
N LYS B 947 -16.86 -39.22 -11.66
CA LYS B 947 -17.60 -38.03 -12.12
C LYS B 947 -18.27 -37.32 -10.95
N LEU B 948 -18.95 -38.06 -10.05
CA LEU B 948 -19.60 -37.49 -8.85
C LEU B 948 -18.52 -37.03 -7.88
N GLN B 949 -17.46 -37.80 -7.69
CA GLN B 949 -16.40 -37.46 -6.69
C GLN B 949 -15.56 -36.26 -7.09
N ASP B 950 -15.19 -36.10 -8.34
CA ASP B 950 -14.27 -34.98 -8.66
C ASP B 950 -14.93 -33.66 -8.25
N VAL B 951 -16.24 -33.55 -8.33
CA VAL B 951 -16.95 -32.33 -7.86
C VAL B 951 -16.75 -32.18 -6.36
N VAL B 952 -16.76 -33.27 -5.58
CA VAL B 952 -16.54 -33.19 -4.11
C VAL B 952 -15.12 -32.72 -3.85
N ASN B 953 -14.15 -33.29 -4.56
CA ASN B 953 -12.73 -32.94 -4.38
C ASN B 953 -12.41 -31.52 -4.85
N GLN B 954 -12.90 -31.09 -6.02
CA GLN B 954 -12.53 -29.77 -6.55
C GLN B 954 -13.13 -28.69 -5.68
N ASN B 955 -14.34 -28.90 -5.18
CA ASN B 955 -14.94 -27.91 -4.29
C ASN B 955 -14.15 -27.82 -2.99
N ALA B 956 -13.70 -28.95 -2.44
CA ALA B 956 -12.91 -28.99 -1.19
C ALA B 956 -11.54 -28.36 -1.33
N GLN B 957 -10.84 -28.57 -2.44
CA GLN B 957 -9.53 -27.88 -2.61
C GLN B 957 -9.74 -26.36 -2.64
N ALA B 958 -10.83 -25.89 -3.22
CA ALA B 958 -11.12 -24.44 -3.21
C ALA B 958 -11.42 -23.87 -1.82
N LEU B 959 -12.16 -24.56 -0.96
CA LEU B 959 -12.39 -24.04 0.40
C LEU B 959 -11.08 -24.04 1.16
N ASN B 960 -10.27 -25.09 1.03
CA ASN B 960 -9.00 -25.17 1.79
C ASN B 960 -8.08 -24.06 1.32
N THR B 961 -8.02 -23.76 0.03
CA THR B 961 -7.12 -22.64 -0.36
C THR B 961 -7.65 -21.28 0.14
N LEU B 962 -8.96 -21.06 0.26
CA LEU B 962 -9.44 -19.77 0.82
C LEU B 962 -9.01 -19.66 2.28
N VAL B 963 -9.05 -20.76 3.04
CA VAL B 963 -8.71 -20.74 4.49
C VAL B 963 -7.19 -20.60 4.68
N LYS B 964 -6.38 -21.16 3.80
CA LYS B 964 -4.91 -20.96 3.89
C LYS B 964 -4.53 -19.52 3.62
N GLN B 965 -5.19 -18.85 2.69
CA GLN B 965 -4.78 -17.48 2.33
C GLN B 965 -5.09 -16.56 3.49
N LEU B 966 -5.77 -17.03 4.53
CA LEU B 966 -5.96 -16.19 5.73
C LEU B 966 -4.64 -16.15 6.48
N SER B 967 -3.66 -16.97 6.09
CA SER B 967 -2.34 -17.04 6.75
C SER B 967 -1.19 -16.59 5.85
N SER B 968 -1.39 -15.62 4.95
CA SER B 968 -0.31 -15.07 4.10
C SER B 968 -0.19 -13.57 4.37
N ASN B 969 1.02 -13.04 4.52
CA ASN B 969 1.24 -11.64 4.94
C ASN B 969 0.73 -10.63 3.92
N PHE B 970 0.73 -11.00 2.65
CA PHE B 970 0.21 -10.12 1.58
C PHE B 970 1.01 -8.84 1.59
N GLY B 971 2.26 -8.87 2.05
CA GLY B 971 3.15 -7.70 2.09
C GLY B 971 3.20 -6.92 3.40
N ALA B 972 2.57 -7.41 4.46
CA ALA B 972 2.50 -6.67 5.74
C ALA B 972 3.40 -7.34 6.77
N ILE B 973 3.60 -6.72 7.92
CA ILE B 973 4.52 -7.27 8.96
C ILE B 973 4.01 -8.63 9.42
N SER B 974 2.72 -8.79 9.65
CA SER B 974 2.28 -10.11 10.16
C SER B 974 0.92 -10.48 9.61
N SER B 975 0.68 -11.77 9.41
CA SER B 975 -0.64 -12.23 8.94
C SER B 975 -1.71 -11.92 9.99
N VAL B 976 -1.42 -12.11 11.28
CA VAL B 976 -2.49 -11.96 12.33
C VAL B 976 -2.80 -10.48 12.52
N LEU B 977 -4.07 -10.11 12.39
CA LEU B 977 -4.48 -8.69 12.50
C LEU B 977 -4.25 -8.21 13.92
N ASN B 978 -4.47 -9.06 14.92
CA ASN B 978 -4.33 -8.61 16.35
C ASN B 978 -2.89 -8.22 16.66
N ASP B 979 -1.92 -8.97 16.17
CA ASP B 979 -0.49 -8.62 16.37
C ASP B 979 -0.15 -7.32 15.65
N ILE B 980 -0.60 -7.10 14.43
CA ILE B 980 -0.26 -5.79 13.82
C ILE B 980 -0.84 -4.71 14.71
N LEU B 981 -2.05 -4.88 15.21
CA LEU B 981 -2.73 -3.83 16.01
C LEU B 981 -1.98 -3.62 17.34
N SER B 982 -1.60 -4.70 18.02
CA SER B 982 -0.93 -4.60 19.34
C SER B 982 0.45 -3.94 19.26
N ARG B 983 1.23 -4.23 18.21
CA ARG B 983 2.62 -3.72 18.16
C ARG B 983 2.78 -2.59 17.16
N LEU B 984 1.74 -1.83 16.89
CA LEU B 984 1.93 -0.63 16.02
C LEU B 984 1.02 0.52 16.45
N ASP B 985 1.41 1.75 16.15
CA ASP B 985 0.63 2.95 16.55
C ASP B 985 -0.65 2.97 15.74
N PRO B 986 -1.78 3.51 16.22
CA PRO B 986 -3.00 3.45 15.46
C PRO B 986 -2.81 4.06 14.06
N PRO B 987 -2.09 5.17 13.84
CA PRO B 987 -1.89 5.65 12.48
C PRO B 987 -1.15 4.67 11.56
N GLU B 988 -0.09 4.03 12.01
CA GLU B 988 0.68 3.17 11.06
C GLU B 988 0.11 1.76 10.98
N ALA B 989 -0.79 1.39 11.89
CA ALA B 989 -1.44 0.07 11.77
C ALA B 989 -2.30 0.11 10.52
N GLU B 990 -2.97 1.23 10.26
CA GLU B 990 -3.91 1.26 9.13
C GLU B 990 -3.15 0.94 7.85
N VAL B 991 -1.94 1.43 7.66
CA VAL B 991 -1.29 1.09 6.37
C VAL B 991 -1.11 -0.42 6.29
N GLN B 992 -0.62 -1.05 7.36
CA GLN B 992 -0.41 -2.52 7.36
C GLN B 992 -1.75 -3.27 7.28
N ILE B 993 -2.76 -2.83 8.02
CA ILE B 993 -4.06 -3.56 8.05
C ILE B 993 -4.59 -3.53 6.63
N ASP B 994 -4.48 -2.41 5.93
CA ASP B 994 -5.08 -2.34 4.58
C ASP B 994 -4.31 -3.20 3.58
N ARG B 995 -3.06 -3.56 3.88
CA ARG B 995 -2.37 -4.52 2.97
C ARG B 995 -3.08 -5.86 3.04
N LEU B 996 -3.52 -6.30 4.21
CA LEU B 996 -4.28 -7.55 4.35
C LEU B 996 -5.65 -7.42 3.69
N ILE B 997 -6.39 -6.34 3.89
CA ILE B 997 -7.78 -6.23 3.35
C ILE B 997 -7.76 -6.31 1.83
N THR B 998 -6.75 -5.77 1.17
CA THR B 998 -6.82 -5.82 -0.31
C THR B 998 -6.39 -7.21 -0.72
N GLY B 999 -5.52 -7.85 0.04
CA GLY B 999 -5.20 -9.24 -0.29
C GLY B 999 -6.32 -10.20 0.00
N ARG B 1000 -6.94 -10.11 1.16
CA ARG B 1000 -8.01 -11.03 1.57
C ARG B 1000 -9.23 -10.83 0.69
N LEU B 1001 -9.58 -9.62 0.29
CA LEU B 1001 -10.70 -9.40 -0.66
C LEU B 1001 -10.34 -10.05 -1.99
N GLN B 1002 -9.10 -9.98 -2.47
CA GLN B 1002 -8.81 -10.70 -3.75
C GLN B 1002 -9.00 -12.19 -3.56
N SER B 1003 -8.58 -12.77 -2.44
CA SER B 1003 -8.67 -14.22 -2.26
C SER B 1003 -10.15 -14.61 -2.23
N LEU B 1004 -11.03 -13.84 -1.60
CA LEU B 1004 -12.48 -14.13 -1.60
C LEU B 1004 -13.03 -13.96 -3.00
N GLN B 1005 -12.69 -12.90 -3.71
CA GLN B 1005 -13.32 -12.69 -5.03
C GLN B 1005 -12.87 -13.78 -5.99
N THR B 1006 -11.67 -14.32 -5.86
CA THR B 1006 -11.28 -15.45 -6.73
C THR B 1006 -12.14 -16.69 -6.43
N TYR B 1007 -12.48 -16.98 -5.19
CA TYR B 1007 -13.39 -18.11 -4.94
C TYR B 1007 -14.75 -17.81 -5.55
N VAL B 1008 -15.34 -16.65 -5.33
CA VAL B 1008 -16.72 -16.45 -5.85
C VAL B 1008 -16.65 -16.58 -7.36
N THR B 1009 -15.67 -16.02 -8.05
CA THR B 1009 -15.68 -16.11 -9.53
C THR B 1009 -15.51 -17.54 -9.96
N GLN B 1010 -14.58 -18.28 -9.39
CA GLN B 1010 -14.34 -19.66 -9.85
C GLN B 1010 -15.51 -20.55 -9.48
N GLN B 1011 -16.19 -20.32 -8.37
CA GLN B 1011 -17.41 -21.11 -8.07
C GLN B 1011 -18.52 -20.82 -9.07
N LEU B 1012 -18.74 -19.58 -9.51
CA LEU B 1012 -19.77 -19.20 -10.51
C LEU B 1012 -19.47 -19.87 -11.83
N ILE B 1013 -18.21 -19.99 -12.22
CA ILE B 1013 -17.85 -20.74 -13.47
C ILE B 1013 -18.15 -22.24 -13.30
N ARG B 1014 -17.80 -22.87 -12.18
CA ARG B 1014 -18.08 -24.30 -11.92
C ARG B 1014 -19.56 -24.57 -11.73
N ALA B 1015 -20.29 -23.68 -11.11
CA ALA B 1015 -21.74 -23.86 -10.91
C ALA B 1015 -22.42 -23.92 -12.26
N ALA B 1016 -21.94 -23.20 -13.26
CA ALA B 1016 -22.50 -23.30 -14.62
C ALA B 1016 -22.29 -24.68 -15.23
N GLU B 1017 -21.16 -25.35 -15.01
CA GLU B 1017 -20.97 -26.73 -15.48
C GLU B 1017 -21.93 -27.67 -14.79
N ILE B 1018 -22.20 -27.52 -13.49
CA ILE B 1018 -23.21 -28.43 -12.88
C ILE B 1018 -24.57 -28.15 -13.49
N ARG B 1019 -24.93 -26.91 -13.78
CA ARG B 1019 -26.27 -26.62 -14.30
C ARG B 1019 -26.42 -27.28 -15.65
N ALA B 1020 -25.39 -27.32 -16.47
CA ALA B 1020 -25.48 -28.03 -17.76
C ALA B 1020 -25.63 -29.53 -17.54
N SER B 1021 -24.92 -30.14 -16.59
CA SER B 1021 -25.09 -31.56 -16.23
C SER B 1021 -26.45 -31.85 -15.61
N ALA B 1022 -27.00 -30.97 -14.79
CA ALA B 1022 -28.36 -31.13 -14.24
C ALA B 1022 -29.38 -31.01 -15.32
N ASN B 1023 -29.18 -30.15 -16.32
CA ASN B 1023 -30.08 -29.99 -17.48
C ASN B 1023 -30.00 -31.21 -18.40
N LEU B 1024 -28.86 -31.86 -18.56
CA LEU B 1024 -28.77 -33.14 -19.32
C LEU B 1024 -29.44 -34.27 -18.53
N ALA B 1025 -29.35 -34.29 -17.22
CA ALA B 1025 -30.02 -35.32 -16.43
C ALA B 1025 -31.53 -35.16 -16.47
N ALA B 1026 -32.06 -33.96 -16.47
CA ALA B 1026 -33.51 -33.76 -16.62
C ALA B 1026 -33.98 -34.21 -17.98
N THR B 1027 -33.22 -34.02 -19.07
CA THR B 1027 -33.58 -34.51 -20.41
C THR B 1027 -33.41 -36.02 -20.49
N LYS B 1028 -32.38 -36.62 -19.90
CA LYS B 1028 -32.30 -38.10 -19.94
C LYS B 1028 -33.43 -38.68 -19.09
N MET B 1029 -33.85 -38.01 -18.02
CA MET B 1029 -34.96 -38.50 -17.17
C MET B 1029 -36.28 -38.45 -17.93
N SER B 1030 -36.51 -37.39 -18.69
CA SER B 1030 -37.79 -37.22 -19.41
C SER B 1030 -37.79 -38.06 -20.67
N GLU B 1031 -36.73 -38.03 -21.44
CA GLU B 1031 -36.70 -38.73 -22.74
C GLU B 1031 -36.53 -40.22 -22.63
N CYS B 1032 -35.69 -40.69 -21.73
CA CYS B 1032 -35.35 -42.12 -21.57
C CYS B 1032 -36.09 -42.85 -20.46
N VAL B 1033 -36.17 -42.35 -19.24
CA VAL B 1033 -37.00 -43.03 -18.19
C VAL B 1033 -38.49 -42.98 -18.51
N LEU B 1034 -39.04 -41.85 -18.96
CA LEU B 1034 -40.53 -41.71 -19.16
C LEU B 1034 -40.98 -42.02 -20.60
N GLY B 1035 -40.08 -42.40 -21.50
CA GLY B 1035 -40.39 -42.68 -22.91
C GLY B 1035 -39.34 -43.61 -23.49
N GLN B 1036 -39.35 -43.91 -24.77
CA GLN B 1036 -38.26 -44.70 -25.39
C GLN B 1036 -37.62 -43.75 -26.39
N SER B 1037 -36.31 -43.63 -26.43
CA SER B 1037 -35.67 -42.61 -27.30
C SER B 1037 -35.26 -43.25 -28.61
N LYS B 1038 -35.42 -42.52 -29.72
CA LYS B 1038 -34.93 -42.99 -31.02
C LYS B 1038 -33.68 -42.23 -31.35
N ARG B 1039 -33.20 -41.37 -30.45
CA ARG B 1039 -32.01 -40.53 -30.67
C ARG B 1039 -30.79 -41.39 -30.44
N VAL B 1040 -29.94 -41.64 -31.44
CA VAL B 1040 -28.82 -42.62 -31.29
C VAL B 1040 -27.78 -42.22 -30.26
N ASP B 1041 -27.48 -43.08 -29.30
CA ASP B 1041 -26.42 -42.89 -28.28
C ASP B 1041 -26.79 -41.87 -27.23
N PHE B 1042 -28.01 -41.35 -27.22
CA PHE B 1042 -28.43 -40.47 -26.11
C PHE B 1042 -28.57 -41.38 -24.91
N CYS B 1043 -29.16 -42.53 -25.12
CA CYS B 1043 -29.45 -43.41 -24.00
C CYS B 1043 -28.90 -44.82 -24.25
N GLY B 1044 -27.58 -44.97 -24.20
CA GLY B 1044 -26.94 -46.27 -24.36
C GLY B 1044 -26.41 -46.58 -25.72
N LYS B 1045 -25.49 -47.54 -25.84
CA LYS B 1045 -25.02 -47.99 -27.16
C LYS B 1045 -25.84 -49.22 -27.55
N GLY B 1046 -26.78 -49.06 -28.46
CA GLY B 1046 -27.69 -50.15 -28.83
C GLY B 1046 -28.99 -49.49 -29.15
N TYR B 1047 -30.03 -50.24 -29.44
CA TYR B 1047 -31.34 -49.60 -29.63
C TYR B 1047 -32.03 -49.61 -28.29
N HIS B 1048 -32.43 -48.48 -27.74
CA HIS B 1048 -32.97 -48.37 -26.36
C HIS B 1048 -34.26 -49.11 -26.16
N LEU B 1049 -34.43 -49.82 -25.05
CA LEU B 1049 -35.70 -50.44 -24.71
C LEU B 1049 -36.28 -49.70 -23.49
N MET B 1050 -35.54 -49.44 -22.43
CA MET B 1050 -36.06 -48.86 -21.17
C MET B 1050 -34.90 -48.22 -20.42
N SER B 1051 -35.11 -47.50 -19.35
CA SER B 1051 -33.98 -47.00 -18.54
C SER B 1051 -34.50 -46.76 -17.14
N PHE B 1052 -33.66 -46.85 -16.12
CA PHE B 1052 -34.14 -46.80 -14.72
C PHE B 1052 -33.29 -45.84 -13.91
N PRO B 1053 -33.89 -44.92 -13.15
CA PRO B 1053 -33.11 -43.95 -12.46
C PRO B 1053 -32.67 -44.51 -11.12
N GLN B 1054 -31.44 -44.36 -10.69
CA GLN B 1054 -31.04 -44.76 -9.33
C GLN B 1054 -30.32 -43.54 -8.77
N SER B 1055 -30.56 -43.15 -7.53
CA SER B 1055 -29.95 -41.94 -6.95
C SER B 1055 -28.52 -42.22 -6.53
N ALA B 1056 -27.75 -41.19 -6.22
CA ALA B 1056 -26.34 -41.35 -5.87
C ALA B 1056 -26.07 -40.22 -4.92
N PRO B 1057 -24.88 -40.05 -4.32
CA PRO B 1057 -24.72 -38.98 -3.37
C PRO B 1057 -24.97 -37.55 -3.86
N HIS B 1058 -24.44 -37.09 -4.99
CA HIS B 1058 -24.86 -35.77 -5.51
C HIS B 1058 -25.09 -35.85 -7.00
N GLY B 1059 -25.97 -36.72 -7.44
CA GLY B 1059 -26.10 -36.98 -8.88
C GLY B 1059 -27.05 -38.11 -9.10
N VAL B 1060 -27.16 -38.60 -10.32
CA VAL B 1060 -28.11 -39.68 -10.67
C VAL B 1060 -27.35 -40.70 -11.49
N VAL B 1061 -27.61 -41.97 -11.33
CA VAL B 1061 -27.00 -43.04 -12.16
C VAL B 1061 -28.17 -43.64 -12.90
N PHE B 1062 -28.15 -43.70 -14.23
CA PHE B 1062 -29.29 -44.23 -14.98
C PHE B 1062 -28.81 -45.52 -15.58
N LEU B 1063 -29.52 -46.62 -15.41
CA LEU B 1063 -29.11 -47.92 -15.96
C LEU B 1063 -29.93 -48.12 -17.20
N HIS B 1064 -29.32 -48.08 -18.36
CA HIS B 1064 -30.05 -48.07 -19.64
C HIS B 1064 -30.09 -49.45 -20.28
N VAL B 1065 -31.26 -50.07 -20.39
CA VAL B 1065 -31.44 -51.40 -21.02
C VAL B 1065 -31.56 -51.20 -22.52
N THR B 1066 -30.74 -51.88 -23.34
CA THR B 1066 -30.70 -51.69 -24.80
C THR B 1066 -30.60 -53.06 -25.46
N TYR B 1067 -31.25 -53.29 -26.59
CA TYR B 1067 -31.17 -54.54 -27.37
C TYR B 1067 -30.04 -54.42 -28.34
N VAL B 1068 -28.98 -55.21 -28.25
CA VAL B 1068 -27.82 -55.16 -29.17
C VAL B 1068 -27.93 -56.35 -30.11
N PRO B 1069 -27.98 -56.19 -31.44
CA PRO B 1069 -28.17 -57.30 -32.32
C PRO B 1069 -26.98 -58.26 -32.37
N ALA B 1070 -27.16 -59.55 -32.62
CA ALA B 1070 -25.99 -60.45 -32.55
C ALA B 1070 -26.13 -61.71 -33.39
N GLN B 1071 -25.06 -62.51 -33.54
CA GLN B 1071 -25.04 -63.74 -34.36
C GLN B 1071 -25.48 -63.48 -35.79
N GLU B 1072 -24.75 -62.66 -36.54
CA GLU B 1072 -25.08 -62.29 -37.94
C GLU B 1072 -24.83 -63.42 -38.93
N LYS B 1073 -25.58 -63.47 -40.03
CA LYS B 1073 -25.35 -64.48 -41.08
C LYS B 1073 -25.43 -63.74 -42.40
N ASN B 1074 -24.74 -64.16 -43.44
CA ASN B 1074 -24.71 -63.35 -44.69
C ASN B 1074 -25.61 -63.98 -45.72
N PHE B 1075 -26.47 -63.19 -46.37
CA PHE B 1075 -27.45 -63.74 -47.34
C PHE B 1075 -27.39 -62.89 -48.60
N THR B 1076 -27.95 -63.36 -49.70
CA THR B 1076 -27.96 -62.63 -50.99
C THR B 1076 -29.30 -61.93 -51.14
N THR B 1077 -29.34 -60.68 -51.56
CA THR B 1077 -30.59 -59.89 -51.59
C THR B 1077 -30.80 -59.17 -52.91
N ALA B 1078 -32.02 -58.73 -53.20
CA ALA B 1078 -32.35 -58.02 -54.44
C ALA B 1078 -33.24 -56.84 -54.13
N PRO B 1079 -33.24 -55.75 -54.90
CA PRO B 1079 -34.16 -54.66 -54.67
C PRO B 1079 -35.65 -54.97 -54.85
N ALA B 1080 -36.02 -55.79 -55.82
CA ALA B 1080 -37.41 -56.13 -56.11
C ALA B 1080 -37.45 -57.52 -56.70
N ILE B 1081 -38.62 -58.13 -56.87
CA ILE B 1081 -38.76 -59.49 -57.50
C ILE B 1081 -39.80 -59.35 -58.60
N CYS B 1082 -39.52 -59.79 -59.82
CA CYS B 1082 -40.44 -59.58 -60.95
C CYS B 1082 -41.24 -60.83 -61.26
N HIS B 1083 -42.54 -60.82 -61.05
CA HIS B 1083 -43.43 -61.96 -61.42
C HIS B 1083 -44.54 -61.40 -62.31
N ASP B 1084 -44.87 -62.06 -63.40
CA ASP B 1084 -45.99 -61.64 -64.27
C ASP B 1084 -45.73 -60.23 -64.82
N GLY B 1085 -44.48 -59.88 -65.06
CA GLY B 1085 -44.16 -58.59 -65.69
C GLY B 1085 -44.38 -57.40 -64.79
N LYS B 1086 -44.52 -57.60 -63.49
CA LYS B 1086 -44.78 -56.50 -62.54
C LYS B 1086 -43.71 -56.56 -61.46
N ALA B 1087 -43.23 -55.43 -60.95
CA ALA B 1087 -42.12 -55.50 -59.99
C ALA B 1087 -42.68 -55.41 -58.59
N HIS B 1088 -42.40 -56.38 -57.72
CA HIS B 1088 -43.00 -56.42 -56.36
C HIS B 1088 -41.92 -56.04 -55.36
N PHE B 1089 -42.15 -55.06 -54.50
CA PHE B 1089 -41.13 -54.56 -53.56
C PHE B 1089 -41.57 -54.87 -52.13
N PRO B 1090 -40.71 -55.19 -51.15
CA PRO B 1090 -41.18 -55.60 -49.85
C PRO B 1090 -41.95 -54.51 -49.11
N ARG B 1091 -43.11 -54.79 -48.49
CA ARG B 1091 -43.81 -53.73 -47.72
C ARG B 1091 -42.99 -53.35 -46.50
N GLU B 1092 -42.58 -54.32 -45.69
CA GLU B 1092 -41.63 -54.05 -44.58
C GLU B 1092 -40.74 -55.28 -44.53
N GLY B 1093 -39.46 -55.15 -44.86
CA GLY B 1093 -38.64 -56.35 -44.95
C GLY B 1093 -37.56 -56.20 -45.97
N VAL B 1094 -36.73 -57.21 -46.14
CA VAL B 1094 -35.63 -57.20 -47.12
C VAL B 1094 -35.86 -58.51 -47.82
N PHE B 1095 -35.53 -58.66 -49.09
CA PHE B 1095 -35.69 -59.97 -49.73
C PHE B 1095 -34.37 -60.71 -49.52
N VAL B 1096 -34.36 -61.95 -49.05
CA VAL B 1096 -33.09 -62.66 -48.73
C VAL B 1096 -33.16 -64.06 -49.32
N SER B 1097 -32.03 -64.67 -49.67
CA SER B 1097 -32.04 -65.98 -50.35
C SER B 1097 -31.07 -66.97 -49.74
N ASN B 1098 -31.52 -68.15 -49.33
CA ASN B 1098 -30.61 -69.21 -48.82
C ASN B 1098 -30.10 -69.99 -50.02
N GLY B 1099 -29.34 -69.35 -50.90
CA GLY B 1099 -28.75 -70.05 -52.04
C GLY B 1099 -29.75 -70.41 -53.12
N THR B 1100 -30.81 -71.13 -52.80
CA THR B 1100 -31.73 -71.60 -53.88
C THR B 1100 -33.14 -71.02 -53.80
N HIS B 1101 -33.58 -70.45 -52.68
CA HIS B 1101 -35.00 -70.02 -52.58
C HIS B 1101 -35.09 -68.61 -52.03
N TRP B 1102 -36.16 -67.88 -52.33
CA TRP B 1102 -36.23 -66.46 -51.94
C TRP B 1102 -37.32 -66.22 -50.89
N PHE B 1103 -37.10 -65.33 -49.92
CA PHE B 1103 -38.04 -65.09 -48.80
C PHE B 1103 -37.93 -63.64 -48.35
N VAL B 1104 -38.92 -63.11 -47.60
CA VAL B 1104 -38.92 -61.72 -47.08
C VAL B 1104 -38.73 -61.82 -45.57
N THR B 1105 -37.76 -61.11 -45.01
CA THR B 1105 -37.45 -61.20 -43.56
C THR B 1105 -37.51 -59.81 -42.94
N GLN B 1106 -37.80 -59.71 -41.64
CA GLN B 1106 -37.75 -58.40 -40.95
C GLN B 1106 -36.29 -57.94 -41.01
N ARG B 1107 -36.04 -56.64 -41.07
CA ARG B 1107 -34.64 -56.19 -41.26
C ARG B 1107 -33.77 -56.44 -40.03
N ASN B 1108 -34.30 -56.42 -38.80
CA ASN B 1108 -33.45 -56.54 -37.58
C ASN B 1108 -33.50 -57.91 -36.90
N PHE B 1109 -34.06 -58.94 -37.52
CA PHE B 1109 -34.00 -60.31 -36.96
C PHE B 1109 -34.26 -61.24 -38.15
N TYR B 1110 -33.75 -62.44 -38.17
CA TYR B 1110 -34.00 -63.27 -39.36
C TYR B 1110 -35.19 -64.16 -39.10
N GLU B 1111 -36.35 -63.77 -39.59
CA GLU B 1111 -37.53 -64.66 -39.53
C GLU B 1111 -37.91 -64.79 -40.99
N PRO B 1112 -37.65 -65.90 -41.67
CA PRO B 1112 -37.89 -65.96 -43.08
C PRO B 1112 -39.29 -66.41 -43.47
N GLN B 1113 -40.01 -65.62 -44.28
CA GLN B 1113 -41.40 -65.94 -44.66
C GLN B 1113 -41.54 -65.91 -46.17
N ILE B 1114 -42.38 -66.74 -46.77
CA ILE B 1114 -42.49 -66.85 -48.25
C ILE B 1114 -42.95 -65.51 -48.82
N ILE B 1115 -42.62 -65.19 -50.08
CA ILE B 1115 -43.01 -63.90 -50.71
C ILE B 1115 -44.45 -64.10 -51.17
N THR B 1116 -45.39 -63.32 -50.66
CA THR B 1116 -46.83 -63.53 -50.98
C THR B 1116 -47.44 -62.18 -51.31
N THR B 1117 -48.63 -62.14 -51.89
CA THR B 1117 -49.19 -60.85 -52.35
C THR B 1117 -49.52 -59.96 -51.16
N ASP B 1118 -49.50 -60.50 -49.94
CA ASP B 1118 -49.76 -59.67 -48.74
C ASP B 1118 -48.50 -59.14 -48.06
N ASN B 1119 -47.30 -59.61 -48.41
CA ASN B 1119 -46.07 -58.99 -47.84
C ASN B 1119 -45.33 -58.20 -48.92
N THR B 1120 -45.91 -58.04 -50.11
CA THR B 1120 -45.21 -57.39 -51.22
C THR B 1120 -46.16 -56.40 -51.93
N PHE B 1121 -45.67 -55.22 -52.32
CA PHE B 1121 -46.48 -54.17 -52.99
C PHE B 1121 -46.04 -54.08 -54.44
N VAL B 1122 -46.95 -53.99 -55.41
CA VAL B 1122 -46.56 -54.04 -56.84
C VAL B 1122 -46.45 -52.63 -57.36
N SER B 1123 -45.30 -52.20 -57.83
CA SER B 1123 -45.22 -50.86 -58.43
C SER B 1123 -44.45 -50.88 -59.74
N GLY B 1124 -45.10 -50.59 -60.86
CA GLY B 1124 -44.36 -50.45 -62.13
C GLY B 1124 -44.12 -51.74 -62.89
N ASN B 1125 -43.15 -51.72 -63.80
CA ASN B 1125 -42.81 -52.90 -64.63
C ASN B 1125 -41.36 -53.28 -64.38
N CYS B 1126 -40.93 -54.44 -64.84
CA CYS B 1126 -39.58 -54.97 -64.52
C CYS B 1126 -38.40 -54.14 -65.02
N ASP B 1127 -38.50 -53.42 -66.12
CA ASP B 1127 -37.31 -52.73 -66.71
C ASP B 1127 -36.65 -51.65 -65.84
N VAL B 1128 -37.41 -50.81 -65.15
CA VAL B 1128 -36.80 -49.66 -64.43
C VAL B 1128 -35.84 -50.03 -63.29
N VAL B 1129 -36.13 -51.00 -62.42
CA VAL B 1129 -35.23 -51.27 -61.27
C VAL B 1129 -34.00 -52.00 -61.80
N ILE B 1130 -32.80 -51.71 -61.27
CA ILE B 1130 -31.56 -52.42 -61.68
C ILE B 1130 -31.28 -53.44 -60.60
N GLY B 1131 -31.28 -54.72 -60.92
CA GLY B 1131 -31.09 -55.77 -59.90
C GLY B 1131 -32.32 -56.61 -59.65
N ILE B 1132 -33.40 -56.43 -60.38
CA ILE B 1132 -34.57 -57.28 -60.04
C ILE B 1132 -34.23 -58.73 -60.30
N VAL B 1133 -34.47 -59.61 -59.35
CA VAL B 1133 -34.31 -61.06 -59.57
C VAL B 1133 -35.70 -61.57 -59.87
N ASN B 1134 -35.84 -62.69 -60.55
CA ASN B 1134 -37.16 -63.18 -60.97
C ASN B 1134 -37.52 -64.39 -60.10
N ASN B 1135 -38.69 -64.38 -59.49
CA ASN B 1135 -39.11 -65.47 -58.57
C ASN B 1135 -40.62 -65.41 -58.53
N THR B 1136 -41.30 -66.35 -57.87
CA THR B 1136 -42.78 -66.37 -57.91
C THR B 1136 -43.35 -65.73 -56.67
N VAL B 1137 -44.29 -64.81 -56.80
CA VAL B 1137 -44.99 -64.22 -55.62
C VAL B 1137 -46.31 -64.96 -55.50
N TYR B 1138 -46.48 -65.73 -54.42
CA TYR B 1138 -47.69 -66.59 -54.28
C TYR B 1138 -48.92 -65.75 -53.98
N ASP B 1139 -50.07 -66.12 -54.53
CA ASP B 1139 -51.33 -65.38 -54.28
C ASP B 1139 -52.18 -66.18 -53.32
N PRO B 1140 -52.51 -65.65 -52.12
CA PRO B 1140 -53.27 -66.40 -51.14
C PRO B 1140 -54.67 -66.82 -51.60
N LEU B 1141 -55.36 -65.99 -52.37
CA LEU B 1141 -56.76 -66.27 -52.78
C LEU B 1141 -56.89 -67.50 -53.68
N GLN B 1142 -55.98 -67.71 -54.63
CA GLN B 1142 -56.16 -68.80 -55.61
C GLN B 1142 -56.23 -70.19 -54.96
N PRO B 1143 -55.44 -70.55 -53.93
CA PRO B 1143 -55.61 -71.83 -53.28
C PRO B 1143 -57.02 -71.96 -52.68
N GLU B 1144 -57.56 -70.90 -52.05
CA GLU B 1144 -58.96 -70.94 -51.56
C GLU B 1144 -59.93 -71.02 -52.74
N LEU B 1145 -59.65 -70.29 -53.81
CA LEU B 1145 -60.47 -70.35 -55.05
C LEU B 1145 -60.36 -71.79 -55.58
N PRO C 26 3.90 34.87 -48.03
CA PRO C 26 4.64 33.67 -48.39
C PRO C 26 3.62 32.65 -48.93
N ALA C 27 3.92 32.06 -50.08
CA ALA C 27 2.99 31.07 -50.68
C ALA C 27 2.87 29.87 -49.74
N TYR C 28 1.89 29.01 -49.97
CA TYR C 28 1.81 27.77 -49.14
C TYR C 28 1.66 26.56 -50.08
N THR C 29 2.14 25.40 -49.64
CA THR C 29 2.07 24.17 -50.46
C THR C 29 1.53 23.04 -49.58
N ASN C 30 1.02 21.97 -50.18
CA ASN C 30 0.48 20.82 -49.41
C ASN C 30 1.58 19.76 -49.29
N SER C 31 1.89 19.34 -48.07
CA SER C 31 2.90 18.27 -47.86
C SER C 31 2.18 16.94 -47.92
N PHE C 32 2.27 16.22 -49.03
CA PHE C 32 1.49 14.98 -49.17
C PHE C 32 2.34 13.81 -48.69
N THR C 33 2.00 13.21 -47.55
CA THR C 33 2.72 11.99 -47.10
C THR C 33 4.24 12.21 -47.06
N ARG C 34 4.71 13.32 -46.49
CA ARG C 34 6.17 13.53 -46.37
C ARG C 34 6.50 13.85 -44.92
N GLY C 35 7.76 13.66 -44.49
CA GLY C 35 8.14 14.06 -43.12
C GLY C 35 8.08 12.94 -42.12
N VAL C 36 7.90 11.69 -42.57
CA VAL C 36 7.95 10.55 -41.62
C VAL C 36 9.41 10.16 -41.47
N TYR C 37 9.90 10.05 -40.24
CA TYR C 37 11.33 9.76 -39.99
C TYR C 37 11.36 8.52 -39.12
N TYR C 38 12.45 7.75 -39.14
CA TYR C 38 12.41 6.50 -38.35
C TYR C 38 12.43 6.95 -36.90
N PRO C 39 11.39 6.66 -36.09
CA PRO C 39 11.30 7.19 -34.74
C PRO C 39 12.40 6.73 -33.77
N ASP C 40 12.82 5.46 -33.84
CA ASP C 40 13.79 4.92 -32.84
C ASP C 40 14.84 4.07 -33.55
N LYS C 41 15.69 3.38 -32.78
CA LYS C 41 16.72 2.47 -33.38
C LYS C 41 16.28 1.01 -33.27
N VAL C 42 15.13 0.71 -32.70
CA VAL C 42 14.64 -0.70 -32.73
C VAL C 42 14.34 -1.05 -34.19
N PHE C 43 14.60 -2.28 -34.60
CA PHE C 43 14.36 -2.71 -36.00
C PHE C 43 13.18 -3.66 -35.98
N ARG C 44 12.23 -3.49 -36.89
CA ARG C 44 11.02 -4.33 -36.88
C ARG C 44 10.76 -4.78 -38.31
N SER C 45 10.44 -6.05 -38.54
CA SER C 45 10.23 -6.49 -39.94
C SER C 45 8.84 -7.08 -40.09
N SER C 46 8.16 -6.79 -41.20
CA SER C 46 6.80 -7.31 -41.45
C SER C 46 5.85 -6.93 -40.31
N VAL C 47 5.97 -5.71 -39.81
CA VAL C 47 5.15 -5.31 -38.63
C VAL C 47 4.58 -3.92 -38.88
N LEU C 48 3.43 -3.60 -38.28
CA LEU C 48 2.87 -2.23 -38.36
C LEU C 48 2.93 -1.69 -36.93
N HIS C 49 3.61 -0.58 -36.68
CA HIS C 49 3.78 -0.10 -35.28
C HIS C 49 3.11 1.25 -35.09
N SER C 50 2.33 1.43 -34.02
CA SER C 50 1.72 2.74 -33.72
C SER C 50 2.66 3.55 -32.84
N THR C 51 3.15 4.70 -33.33
CA THR C 51 4.15 5.50 -32.58
C THR C 51 3.61 6.89 -32.28
N GLN C 52 3.74 7.37 -31.05
CA GLN C 52 3.32 8.76 -30.74
C GLN C 52 4.58 9.62 -30.61
N ASP C 53 4.73 10.62 -31.47
CA ASP C 53 5.95 11.49 -31.47
C ASP C 53 5.60 12.76 -32.23
N LEU C 54 6.53 13.70 -32.33
CA LEU C 54 6.28 14.94 -33.08
C LEU C 54 6.51 14.63 -34.56
N PHE C 55 5.44 14.57 -35.35
CA PHE C 55 5.55 14.25 -36.80
C PHE C 55 4.78 15.34 -37.56
N LEU C 56 5.13 15.58 -38.83
CA LEU C 56 4.45 16.63 -39.63
C LEU C 56 3.10 16.07 -40.06
N PRO C 57 1.97 16.72 -39.71
CA PRO C 57 0.68 16.14 -40.04
C PRO C 57 0.54 15.97 -41.55
N PHE C 58 -0.01 14.84 -41.98
CA PHE C 58 -0.18 14.57 -43.42
C PHE C 58 -1.12 15.62 -44.01
N PHE C 59 -0.86 16.03 -45.26
CA PHE C 59 -1.71 17.05 -45.92
C PHE C 59 -1.75 18.31 -45.07
N SER C 60 -0.59 18.94 -44.87
CA SER C 60 -0.50 20.19 -44.12
C SER C 60 -0.10 21.34 -45.03
N ASN C 61 -0.13 22.56 -44.49
CA ASN C 61 0.29 23.75 -45.28
C ASN C 61 1.72 24.15 -44.90
N VAL C 62 2.68 23.92 -45.80
CA VAL C 62 4.10 24.21 -45.49
C VAL C 62 4.44 25.57 -46.11
N THR C 63 4.86 26.52 -45.28
CA THR C 63 5.17 27.86 -45.79
C THR C 63 6.28 27.72 -46.83
N TRP C 64 6.12 28.35 -47.98
CA TRP C 64 7.14 28.19 -49.05
C TRP C 64 7.84 29.54 -49.23
N PHE C 65 9.16 29.56 -49.01
CA PHE C 65 9.93 30.82 -49.18
C PHE C 65 10.68 30.69 -50.50
N HIS C 66 10.53 31.68 -51.37
CA HIS C 66 11.14 31.59 -52.73
C HIS C 66 12.19 32.68 -52.91
N ALA C 67 13.43 32.30 -53.23
CA ALA C 67 14.44 33.33 -53.56
C ALA C 67 14.44 33.40 -55.09
N ILE C 68 13.95 34.49 -55.68
CA ILE C 68 13.80 34.52 -57.17
C ILE C 68 14.64 35.66 -57.77
N THR C 76 13.48 39.41 -60.16
CA THR C 76 13.36 40.40 -59.06
C THR C 76 14.36 39.97 -57.99
N LYS C 77 14.42 40.64 -56.85
CA LYS C 77 15.30 40.15 -55.77
C LYS C 77 14.38 39.74 -54.61
N ARG C 78 14.42 38.48 -54.19
CA ARG C 78 13.58 38.10 -53.01
C ARG C 78 14.47 37.44 -51.96
N PHE C 79 14.61 38.07 -50.80
CA PHE C 79 15.51 37.54 -49.75
C PHE C 79 14.67 36.95 -48.62
N ASP C 80 14.93 35.69 -48.30
CA ASP C 80 14.12 35.02 -47.26
C ASP C 80 15.05 34.42 -46.22
N ASN C 81 15.45 35.22 -45.22
CA ASN C 81 16.22 34.67 -44.08
C ASN C 81 15.55 35.26 -42.85
N PRO C 82 14.25 35.03 -42.62
CA PRO C 82 13.51 35.70 -41.56
C PRO C 82 13.31 34.99 -40.21
N VAL C 83 12.29 35.41 -39.46
CA VAL C 83 11.97 34.81 -38.14
C VAL C 83 11.02 33.63 -38.33
N LEU C 84 11.54 32.41 -38.32
CA LEU C 84 10.60 31.25 -38.37
C LEU C 84 10.74 30.59 -37.00
N PRO C 85 9.72 30.63 -36.13
CA PRO C 85 9.89 30.10 -34.77
C PRO C 85 9.87 28.57 -34.70
N PHE C 86 10.86 27.98 -34.03
CA PHE C 86 10.95 26.51 -33.86
C PHE C 86 10.02 26.16 -32.72
N ASN C 87 8.71 26.15 -32.95
CA ASN C 87 7.73 25.94 -31.84
C ASN C 87 7.90 24.55 -31.22
N ASP C 88 8.02 23.51 -32.04
CA ASP C 88 8.31 22.17 -31.49
C ASP C 88 9.44 21.54 -32.30
N GLY C 89 9.32 21.61 -33.62
CA GLY C 89 10.34 21.05 -34.52
C GLY C 89 10.15 21.71 -35.86
N VAL C 90 11.00 21.44 -36.84
CA VAL C 90 10.85 22.15 -38.14
C VAL C 90 11.25 21.22 -39.29
N TYR C 91 10.30 20.75 -40.09
CA TYR C 91 10.69 19.97 -41.30
C TYR C 91 11.28 20.99 -42.28
N PHE C 92 12.31 20.63 -43.06
CA PHE C 92 12.95 21.65 -43.92
C PHE C 92 13.40 21.01 -45.24
N ALA C 93 12.53 20.96 -46.24
CA ALA C 93 12.86 20.32 -47.52
C ALA C 93 13.54 21.32 -48.44
N SER C 94 14.74 21.77 -48.08
CA SER C 94 15.43 22.69 -49.01
C SER C 94 15.71 21.95 -50.32
N THR C 95 15.35 22.54 -51.45
CA THR C 95 15.72 21.90 -52.75
C THR C 95 16.56 22.93 -53.52
N GLU C 96 17.84 22.62 -53.75
CA GLU C 96 18.72 23.59 -54.43
C GLU C 96 19.67 22.88 -55.39
N LYS C 97 19.55 23.15 -56.68
CA LYS C 97 20.46 22.56 -57.71
C LYS C 97 21.88 23.12 -57.56
N SER C 98 22.01 24.42 -57.25
CA SER C 98 23.35 25.08 -57.22
C SER C 98 24.02 25.01 -55.85
N ASN C 99 23.40 24.35 -54.87
CA ASN C 99 23.96 24.22 -53.50
C ASN C 99 24.07 25.61 -52.83
N ILE C 100 23.22 26.56 -53.21
CA ILE C 100 23.19 27.90 -52.57
C ILE C 100 22.78 27.75 -51.10
N ILE C 101 21.82 26.88 -50.79
CA ILE C 101 21.34 26.74 -49.39
C ILE C 101 22.31 25.79 -48.71
N ARG C 102 23.09 26.28 -47.75
CA ARG C 102 24.15 25.41 -47.18
C ARG C 102 24.10 25.30 -45.66
N GLY C 103 23.31 26.10 -44.97
CA GLY C 103 23.40 26.04 -43.49
C GLY C 103 22.16 26.52 -42.78
N TRP C 104 22.07 26.25 -41.48
CA TRP C 104 20.94 26.71 -40.66
C TRP C 104 21.51 27.30 -39.37
N ILE C 105 20.91 28.37 -38.86
CA ILE C 105 21.41 29.03 -37.62
C ILE C 105 20.27 28.96 -36.61
N PHE C 106 20.50 28.39 -35.44
CA PHE C 106 19.40 28.22 -34.46
C PHE C 106 19.71 29.07 -33.24
N GLY C 107 18.70 29.54 -32.52
CA GLY C 107 18.98 30.45 -31.40
C GLY C 107 17.86 30.56 -30.39
N THR C 108 18.14 31.13 -29.22
CA THR C 108 17.08 31.38 -28.21
C THR C 108 16.55 32.80 -28.37
N LEU C 117 23.01 32.10 -27.03
CA LEU C 117 23.36 30.73 -27.46
C LEU C 117 22.96 30.52 -28.91
N LEU C 118 23.92 30.15 -29.76
CA LEU C 118 23.58 29.84 -31.17
C LEU C 118 24.09 28.45 -31.49
N ILE C 119 23.21 27.53 -31.87
CA ILE C 119 23.67 26.17 -32.31
C ILE C 119 23.96 26.23 -33.81
N VAL C 120 24.86 27.12 -34.23
CA VAL C 120 25.14 27.29 -35.68
C VAL C 120 25.48 25.93 -36.28
N ASN C 121 24.92 25.60 -37.45
CA ASN C 121 25.25 24.33 -38.14
C ASN C 121 25.66 24.80 -39.52
N ASN C 122 26.77 25.51 -39.58
CA ASN C 122 27.20 26.12 -40.85
C ASN C 122 27.71 25.04 -41.80
N ALA C 123 27.95 25.45 -43.04
CA ALA C 123 28.42 24.47 -44.05
C ALA C 123 29.72 23.87 -43.55
N THR C 124 30.62 24.68 -42.98
CA THR C 124 31.94 24.18 -42.49
C THR C 124 31.84 23.23 -41.28
N ASN C 125 31.08 23.57 -40.23
CA ASN C 125 31.06 22.72 -39.02
C ASN C 125 29.92 23.09 -38.08
N VAL C 126 29.57 22.19 -37.17
CA VAL C 126 28.53 22.52 -36.15
C VAL C 126 29.26 23.11 -34.96
N VAL C 127 29.08 24.39 -34.69
CA VAL C 127 29.72 25.03 -33.50
C VAL C 127 28.62 25.62 -32.64
N ILE C 128 28.62 25.32 -31.35
CA ILE C 128 27.61 25.94 -30.43
C ILE C 128 28.33 27.04 -29.65
N LYS C 129 28.01 28.30 -29.94
CA LYS C 129 28.62 29.43 -29.19
C LYS C 129 27.52 30.05 -28.35
N PRO C 139 21.16 38.61 -40.85
CA PRO C 139 22.34 37.78 -40.64
C PRO C 139 22.42 36.76 -41.79
N PHE C 140 23.35 36.96 -42.71
CA PHE C 140 23.43 36.07 -43.89
C PHE C 140 24.89 35.83 -44.23
N LEU C 141 25.15 34.81 -45.05
CA LEU C 141 26.55 34.59 -45.50
C LEU C 141 26.69 35.30 -46.84
N GLY C 142 27.62 36.25 -46.93
CA GLY C 142 27.88 36.91 -48.22
C GLY C 142 28.82 36.06 -49.02
N VAL C 143 28.32 34.96 -49.58
CA VAL C 143 29.20 34.01 -50.32
C VAL C 143 29.08 34.28 -51.82
N TYR C 144 30.18 34.69 -52.47
CA TYR C 144 30.07 35.08 -53.90
C TYR C 144 31.26 34.55 -54.71
N TYR C 145 31.06 34.40 -56.02
CA TYR C 145 32.17 33.98 -56.91
C TYR C 145 32.53 35.17 -57.80
N TRP C 152 34.20 33.47 -51.68
CA TRP C 152 32.92 33.40 -50.91
C TRP C 152 33.17 33.81 -49.46
N MET C 153 33.00 35.08 -49.13
CA MET C 153 33.32 35.57 -47.76
C MET C 153 32.40 34.91 -46.73
N GLU C 154 32.97 34.45 -45.61
CA GLU C 154 32.16 33.78 -44.55
C GLU C 154 32.53 34.34 -43.17
N SER C 155 32.16 35.58 -42.87
CA SER C 155 32.40 36.13 -41.51
C SER C 155 31.10 36.75 -41.00
N GLU C 156 30.11 35.90 -40.71
CA GLU C 156 28.77 36.41 -40.29
C GLU C 156 28.48 35.91 -38.88
N PHE C 157 28.18 36.81 -37.94
CA PHE C 157 27.86 36.41 -36.56
C PHE C 157 27.06 37.54 -35.89
N ARG C 158 26.37 37.23 -34.79
CA ARG C 158 25.62 38.27 -34.04
C ARG C 158 26.10 38.26 -32.58
N GLU C 169 31.60 25.27 -26.09
CA GLU C 169 31.42 25.23 -27.56
C GLU C 169 31.53 23.79 -28.05
N TYR C 170 30.44 23.21 -28.53
CA TYR C 170 30.55 21.87 -29.16
C TYR C 170 31.18 22.09 -30.54
N VAL C 171 31.92 21.12 -31.06
CA VAL C 171 32.45 21.26 -32.45
C VAL C 171 32.23 19.90 -33.14
N SER C 172 32.17 19.87 -34.48
CA SER C 172 31.85 18.60 -35.15
C SER C 172 32.71 18.41 -36.39
N GLN C 173 32.57 17.26 -37.06
CA GLN C 173 33.45 16.95 -38.22
C GLN C 173 33.37 18.09 -39.23
N PRO C 174 34.51 18.59 -39.74
CA PRO C 174 34.49 19.69 -40.71
C PRO C 174 33.90 19.20 -42.04
N PHE C 175 32.98 19.99 -42.62
CA PHE C 175 32.40 19.64 -43.93
C PHE C 175 32.89 20.67 -44.95
N ASN C 188 17.55 17.97 -56.63
CA ASN C 188 17.45 16.94 -55.58
C ASN C 188 16.63 17.51 -54.40
N LEU C 189 16.16 16.65 -53.50
CA LEU C 189 15.42 17.12 -52.30
C LEU C 189 16.20 16.75 -51.04
N ARG C 190 16.42 17.68 -50.13
CA ARG C 190 17.04 17.34 -48.83
C ARG C 190 15.95 17.58 -47.78
N GLU C 191 15.52 16.57 -47.03
CA GLU C 191 14.34 16.76 -46.15
C GLU C 191 14.74 16.64 -44.68
N PHE C 192 15.49 17.60 -44.16
CA PHE C 192 15.97 17.54 -42.76
C PHE C 192 14.83 17.74 -41.79
N VAL C 193 14.84 17.03 -40.66
CA VAL C 193 13.84 17.27 -39.59
C VAL C 193 14.66 17.56 -38.35
N PHE C 194 14.44 18.69 -37.69
CA PHE C 194 15.28 19.09 -36.54
C PHE C 194 14.40 19.12 -35.29
N LYS C 195 14.81 18.47 -34.21
CA LYS C 195 14.05 18.54 -32.94
C LYS C 195 15.05 18.75 -31.80
N ASN C 196 14.59 19.29 -30.67
CA ASN C 196 15.51 19.56 -29.53
C ASN C 196 14.89 18.99 -28.25
N ILE C 197 14.96 17.68 -28.07
CA ILE C 197 14.29 17.03 -26.90
C ILE C 197 15.32 16.62 -25.86
N ASP C 198 15.08 16.91 -24.58
CA ASP C 198 16.00 16.50 -23.47
C ASP C 198 17.40 17.05 -23.70
N GLY C 199 17.52 18.15 -24.42
CA GLY C 199 18.83 18.82 -24.54
C GLY C 199 19.69 18.20 -25.63
N TYR C 200 19.17 17.23 -26.36
CA TYR C 200 19.93 16.67 -27.50
C TYR C 200 19.33 17.25 -28.77
N PHE C 201 20.14 17.88 -29.62
CA PHE C 201 19.57 18.36 -30.90
C PHE C 201 19.62 17.18 -31.87
N LYS C 202 18.46 16.67 -32.27
CA LYS C 202 18.44 15.47 -33.13
C LYS C 202 18.08 15.91 -34.54
N ILE C 203 18.89 15.55 -35.52
CA ILE C 203 18.58 15.89 -36.94
C ILE C 203 18.48 14.57 -37.72
N TYR C 204 17.43 14.40 -38.52
CA TYR C 204 17.23 13.19 -39.34
C TYR C 204 17.17 13.66 -40.77
N SER C 205 17.81 12.99 -41.72
CA SER C 205 17.74 13.57 -43.08
C SER C 205 17.82 12.53 -44.17
N LYS C 206 17.17 12.78 -45.31
CA LYS C 206 17.30 11.89 -46.48
C LYS C 206 17.33 12.74 -47.73
N HIS C 207 18.34 12.55 -48.59
CA HIS C 207 18.41 13.29 -49.87
C HIS C 207 17.84 12.36 -50.94
N THR C 208 16.79 12.78 -51.65
CA THR C 208 16.16 11.86 -52.64
C THR C 208 16.81 12.12 -53.99
N PRO C 209 17.49 11.13 -54.61
CA PRO C 209 18.23 11.37 -55.85
C PRO C 209 17.29 11.82 -56.97
N ILE C 210 16.09 11.24 -57.02
CA ILE C 210 15.11 11.66 -58.05
C ILE C 210 14.86 13.15 -57.84
N ASN C 211 14.96 13.94 -58.90
CA ASN C 211 14.78 15.42 -58.79
C ASN C 211 13.28 15.74 -58.73
N LEU C 212 12.93 16.94 -58.26
CA LEU C 212 11.50 17.30 -58.11
C LEU C 212 11.00 18.08 -59.33
N VAL C 213 10.26 17.44 -60.22
CA VAL C 213 9.62 18.22 -61.33
C VAL C 213 8.56 19.08 -60.65
N ARG C 214 7.81 18.50 -59.70
CA ARG C 214 6.77 19.24 -58.93
C ARG C 214 7.44 19.87 -57.70
N ASP C 215 6.79 20.84 -57.05
CA ASP C 215 7.44 21.53 -55.91
C ASP C 215 7.75 20.52 -54.81
N LEU C 216 6.82 19.62 -54.47
CA LEU C 216 7.14 18.54 -53.50
C LEU C 216 6.56 17.24 -54.06
N PRO C 217 7.36 16.16 -54.25
CA PRO C 217 6.84 14.94 -54.84
C PRO C 217 5.92 14.19 -53.87
N GLN C 218 5.02 13.36 -54.39
CA GLN C 218 4.12 12.57 -53.52
C GLN C 218 4.69 11.15 -53.36
N GLY C 219 5.37 10.88 -52.25
CA GLY C 219 5.90 9.52 -51.99
C GLY C 219 6.23 9.37 -50.52
N PHE C 220 6.33 8.15 -50.01
CA PHE C 220 6.77 8.00 -48.60
C PHE C 220 8.26 7.72 -48.60
N SER C 221 9.07 8.72 -48.22
CA SER C 221 10.51 8.45 -48.06
C SER C 221 10.80 8.72 -46.58
N ALA C 222 11.21 7.71 -45.84
CA ALA C 222 11.41 7.92 -44.39
C ALA C 222 12.77 8.56 -44.18
N LEU C 223 12.96 9.28 -43.08
CA LEU C 223 14.26 10.00 -42.91
C LEU C 223 15.13 9.26 -41.89
N GLU C 224 16.30 8.77 -42.32
CA GLU C 224 17.23 8.02 -41.45
C GLU C 224 17.99 8.96 -40.52
N PRO C 225 18.20 8.64 -39.22
CA PRO C 225 18.87 9.57 -38.32
C PRO C 225 20.29 9.90 -38.79
N LEU C 226 20.66 11.18 -38.79
CA LEU C 226 22.00 11.60 -39.30
C LEU C 226 22.93 11.86 -38.12
N VAL C 227 22.48 12.65 -37.15
CA VAL C 227 23.40 13.02 -36.04
C VAL C 227 22.60 13.40 -34.80
N ASP C 228 23.20 13.29 -33.63
CA ASP C 228 22.56 13.76 -32.38
C ASP C 228 23.67 14.49 -31.62
N LEU C 229 23.41 15.71 -31.16
CA LEU C 229 24.45 16.49 -30.44
C LEU C 229 23.93 16.74 -29.02
N PRO C 230 24.68 16.46 -27.94
CA PRO C 230 24.20 16.76 -26.58
C PRO C 230 24.45 18.22 -26.16
N ILE C 231 23.79 19.17 -26.82
CA ILE C 231 24.00 20.63 -26.56
C ILE C 231 23.53 21.04 -25.16
N GLY C 232 22.43 20.48 -24.68
CA GLY C 232 21.86 20.91 -23.39
C GLY C 232 21.48 22.38 -23.39
N ILE C 233 20.80 22.84 -24.45
CA ILE C 233 20.45 24.28 -24.58
C ILE C 233 18.98 24.43 -25.00
N ASN C 234 18.48 25.67 -25.06
CA ASN C 234 17.08 25.94 -25.47
C ASN C 234 17.08 26.60 -26.86
N ILE C 235 16.19 26.17 -27.77
CA ILE C 235 16.07 26.85 -29.10
C ILE C 235 14.63 27.35 -29.24
N THR C 236 14.44 28.62 -29.59
CA THR C 236 13.08 29.21 -29.68
C THR C 236 12.81 29.66 -31.12
N ARG C 237 13.83 30.16 -31.82
CA ARG C 237 13.63 30.55 -33.24
C ARG C 237 14.85 30.15 -34.07
N PHE C 238 14.67 29.96 -35.37
CA PHE C 238 15.77 29.50 -36.24
C PHE C 238 15.79 30.36 -37.50
N GLN C 239 16.86 30.29 -38.29
CA GLN C 239 16.88 31.01 -39.60
C GLN C 239 17.84 30.30 -40.56
N THR C 240 17.49 30.24 -41.83
CA THR C 240 18.36 29.58 -42.83
C THR C 240 19.58 30.45 -43.13
N LEU C 241 20.69 29.86 -43.59
CA LEU C 241 21.90 30.63 -44.00
C LEU C 241 22.19 30.24 -45.45
N LEU C 242 22.31 31.20 -46.36
CA LEU C 242 22.50 30.82 -47.79
C LEU C 242 23.53 31.72 -48.46
N ALA C 243 24.11 31.25 -49.57
CA ALA C 243 25.14 32.02 -50.29
C ALA C 243 24.66 33.46 -50.54
N ALA C 260 19.80 35.41 -56.22
CA ALA C 260 18.95 34.49 -55.44
C ALA C 260 19.12 33.06 -55.97
N GLY C 261 19.17 32.91 -57.29
CA GLY C 261 19.32 31.58 -57.89
C GLY C 261 18.03 30.79 -57.75
N ALA C 262 18.10 29.47 -57.97
CA ALA C 262 16.91 28.61 -57.80
C ALA C 262 16.81 28.12 -56.35
N ALA C 263 16.47 29.01 -55.41
CA ALA C 263 16.47 28.60 -53.98
C ALA C 263 15.04 28.47 -53.46
N ALA C 264 14.66 27.27 -53.01
CA ALA C 264 13.31 27.03 -52.47
C ALA C 264 13.40 26.25 -51.16
N TYR C 265 13.14 26.91 -50.03
CA TYR C 265 13.13 26.19 -48.74
C TYR C 265 11.72 26.18 -48.15
N TYR C 266 11.18 24.99 -47.86
CA TYR C 266 9.81 24.89 -47.33
C TYR C 266 9.88 24.50 -45.87
N VAL C 267 9.28 25.26 -44.98
CA VAL C 267 9.37 24.99 -43.53
C VAL C 267 7.99 24.71 -42.98
N GLY C 268 7.75 23.51 -42.42
CA GLY C 268 6.47 23.20 -41.79
C GLY C 268 6.71 22.71 -40.39
N TYR C 269 6.03 23.27 -39.38
CA TYR C 269 6.35 22.91 -37.98
C TYR C 269 5.77 21.53 -37.62
N LEU C 270 6.56 20.72 -36.91
CA LEU C 270 6.14 19.37 -36.48
C LEU C 270 5.12 19.52 -35.35
N GLN C 271 4.17 18.59 -35.24
CA GLN C 271 3.12 18.69 -34.20
C GLN C 271 2.98 17.34 -33.52
N PRO C 272 2.52 17.26 -32.25
CA PRO C 272 2.30 15.97 -31.64
C PRO C 272 1.24 15.22 -32.45
N ARG C 273 1.48 13.96 -32.80
CA ARG C 273 0.55 13.17 -33.64
C ARG C 273 0.77 11.69 -33.38
N THR C 274 -0.17 10.82 -33.75
CA THR C 274 0.05 9.35 -33.65
C THR C 274 -0.01 8.78 -35.05
N PHE C 275 0.98 7.99 -35.45
CA PHE C 275 1.04 7.45 -36.84
C PHE C 275 1.21 5.94 -36.76
N LEU C 276 0.62 5.20 -37.68
CA LEU C 276 0.87 3.73 -37.74
C LEU C 276 1.84 3.56 -38.89
N LEU C 277 3.04 3.03 -38.64
CA LEU C 277 4.06 2.99 -39.70
C LEU C 277 4.25 1.54 -40.12
N LYS C 278 4.33 1.27 -41.41
CA LYS C 278 4.49 -0.12 -41.88
C LYS C 278 5.97 -0.34 -42.13
N TYR C 279 6.55 -1.36 -41.51
CA TYR C 279 7.98 -1.68 -41.70
C TYR C 279 8.01 -2.84 -42.68
N ASN C 280 8.82 -2.79 -43.74
CA ASN C 280 8.79 -3.86 -44.78
C ASN C 280 9.37 -5.17 -44.26
N GLU C 281 10.41 -5.71 -44.89
CA GLU C 281 11.05 -6.93 -44.35
C GLU C 281 12.48 -6.59 -43.96
N ASN C 282 13.01 -5.50 -44.53
CA ASN C 282 14.41 -5.10 -44.26
C ASN C 282 14.41 -3.94 -43.26
N GLY C 283 13.26 -3.63 -42.67
CA GLY C 283 13.20 -2.57 -41.64
C GLY C 283 12.93 -1.19 -42.17
N THR C 284 12.60 -1.03 -43.46
CA THR C 284 12.41 0.33 -44.04
C THR C 284 10.94 0.73 -43.90
N ILE C 285 10.63 1.88 -43.29
CA ILE C 285 9.20 2.31 -43.25
C ILE C 285 8.80 2.54 -44.70
N THR C 286 7.72 1.89 -45.16
CA THR C 286 7.31 1.99 -46.58
C THR C 286 5.95 2.69 -46.71
N ASP C 287 5.17 2.77 -45.63
CA ASP C 287 3.84 3.44 -45.65
C ASP C 287 3.52 3.96 -44.24
N ALA C 288 2.62 4.93 -44.11
CA ALA C 288 2.20 5.40 -42.78
C ALA C 288 0.78 5.93 -42.85
N VAL C 289 0.02 5.88 -41.75
CA VAL C 289 -1.35 6.50 -41.78
C VAL C 289 -1.45 7.51 -40.63
N ASP C 290 -1.63 8.80 -40.96
CA ASP C 290 -1.84 9.81 -39.91
C ASP C 290 -3.15 9.42 -39.25
N CYS C 291 -3.20 9.32 -37.93
CA CYS C 291 -4.43 8.77 -37.30
C CYS C 291 -5.33 9.83 -36.69
N ALA C 292 -5.23 11.05 -37.18
CA ALA C 292 -6.15 12.11 -36.72
C ALA C 292 -6.71 12.84 -37.93
N LEU C 293 -6.59 12.25 -39.12
CA LEU C 293 -7.04 12.95 -40.34
C LEU C 293 -8.47 12.50 -40.69
N ASP C 294 -8.63 11.70 -41.74
CA ASP C 294 -9.97 11.26 -42.20
C ASP C 294 -10.56 10.30 -41.17
N PRO C 295 -11.88 10.05 -41.16
CA PRO C 295 -12.44 9.06 -40.25
C PRO C 295 -11.86 7.67 -40.57
N LEU C 296 -11.64 7.35 -41.85
CA LEU C 296 -11.11 6.02 -42.25
C LEU C 296 -9.71 5.83 -41.64
N SER C 297 -8.86 6.86 -41.65
CA SER C 297 -7.49 6.76 -41.11
C SER C 297 -7.53 6.47 -39.61
N GLU C 298 -8.45 7.09 -38.88
CA GLU C 298 -8.59 6.78 -37.43
C GLU C 298 -9.02 5.32 -37.23
N THR C 299 -9.91 4.82 -38.09
CA THR C 299 -10.39 3.42 -38.00
C THR C 299 -9.23 2.46 -38.26
N LYS C 300 -8.36 2.78 -39.21
CA LYS C 300 -7.26 1.85 -39.58
C LYS C 300 -6.35 1.67 -38.37
N CYS C 301 -6.11 2.73 -37.62
CA CYS C 301 -5.26 2.62 -36.39
C CYS C 301 -5.92 1.74 -35.33
N THR C 302 -7.23 1.85 -35.15
CA THR C 302 -7.94 1.04 -34.13
C THR C 302 -7.78 -0.44 -34.47
N LEU C 303 -7.90 -0.80 -35.76
CA LEU C 303 -7.80 -2.21 -36.19
C LEU C 303 -6.33 -2.58 -36.38
N LYS C 304 -5.41 -1.61 -36.33
CA LYS C 304 -3.96 -1.85 -36.57
C LYS C 304 -3.74 -2.53 -37.92
N SER C 305 -4.44 -2.06 -38.96
CA SER C 305 -4.27 -2.63 -40.31
C SER C 305 -4.38 -1.50 -41.33
N PHE C 306 -3.78 -1.69 -42.50
CA PHE C 306 -3.88 -0.67 -43.57
C PHE C 306 -5.06 -0.98 -44.49
N THR C 307 -5.71 -2.12 -44.30
CA THR C 307 -6.92 -2.47 -45.11
C THR C 307 -8.07 -2.82 -44.17
N VAL C 308 -9.22 -2.13 -44.31
CA VAL C 308 -10.41 -2.40 -43.44
C VAL C 308 -11.32 -3.38 -44.18
N GLU C 309 -12.34 -3.93 -43.52
CA GLU C 309 -13.31 -4.81 -44.22
C GLU C 309 -14.71 -4.24 -43.97
N LYS C 310 -15.75 -4.75 -44.62
CA LYS C 310 -17.09 -4.13 -44.45
C LYS C 310 -17.51 -4.20 -43.00
N GLY C 311 -18.06 -3.12 -42.46
CA GLY C 311 -18.62 -3.20 -41.10
C GLY C 311 -18.75 -1.86 -40.45
N ILE C 312 -19.39 -1.81 -39.28
CA ILE C 312 -19.44 -0.55 -38.50
C ILE C 312 -18.40 -0.72 -37.40
N TYR C 313 -17.36 0.11 -37.38
CA TYR C 313 -16.25 -0.05 -36.41
C TYR C 313 -16.19 1.16 -35.50
N GLN C 314 -16.20 0.96 -34.18
CA GLN C 314 -16.14 2.09 -33.22
C GLN C 314 -14.76 2.69 -33.24
N THR C 315 -14.65 4.01 -33.33
CA THR C 315 -13.32 4.66 -33.45
C THR C 315 -13.00 5.43 -32.16
N SER C 316 -13.89 6.30 -31.64
CA SER C 316 -13.52 7.10 -30.46
C SER C 316 -14.74 7.57 -29.68
N ASN C 317 -14.62 8.67 -28.93
CA ASN C 317 -15.75 9.19 -28.13
C ASN C 317 -15.89 10.69 -28.38
N PHE C 318 -17.11 11.16 -28.58
CA PHE C 318 -17.37 12.60 -28.81
C PHE C 318 -17.85 13.17 -27.49
N ARG C 319 -17.11 14.08 -26.86
CA ARG C 319 -17.66 14.69 -25.63
C ARG C 319 -17.80 16.20 -25.86
N VAL C 320 -19.03 16.72 -25.76
CA VAL C 320 -19.22 18.19 -25.89
C VAL C 320 -18.43 18.84 -24.76
N GLN C 321 -17.45 19.68 -25.11
CA GLN C 321 -16.59 20.31 -24.08
C GLN C 321 -17.29 21.54 -23.51
N PRO C 322 -17.11 21.86 -22.20
CA PRO C 322 -17.66 23.06 -21.59
C PRO C 322 -17.24 24.39 -22.23
N THR C 323 -18.00 25.46 -21.98
CA THR C 323 -17.66 26.80 -22.54
C THR C 323 -17.18 27.76 -21.46
N GLU C 324 -18.03 28.13 -20.49
CA GLU C 324 -17.65 29.16 -19.47
C GLU C 324 -17.35 28.53 -18.09
N SER C 325 -17.57 29.30 -17.03
CA SER C 325 -17.35 28.81 -15.64
C SER C 325 -18.18 29.65 -14.67
N ILE C 326 -19.49 29.43 -14.64
CA ILE C 326 -20.36 30.27 -13.78
C ILE C 326 -20.16 29.91 -12.32
N VAL C 327 -19.91 30.92 -11.48
CA VAL C 327 -19.76 30.73 -10.01
C VAL C 327 -20.81 31.60 -9.35
N ARG C 328 -21.86 31.03 -8.76
CA ARG C 328 -22.94 31.87 -8.19
C ARG C 328 -23.08 31.64 -6.69
N PHE C 329 -22.79 32.65 -5.86
CA PHE C 329 -22.94 32.57 -4.39
C PHE C 329 -24.15 33.42 -4.01
N PRO C 330 -24.63 33.51 -2.74
CA PRO C 330 -25.86 34.28 -2.44
C PRO C 330 -25.72 35.79 -2.64
N ASN C 331 -26.80 36.54 -2.41
CA ASN C 331 -26.76 38.02 -2.56
C ASN C 331 -25.73 38.56 -1.56
N ILE C 332 -25.71 38.00 -0.34
CA ILE C 332 -24.74 38.39 0.73
C ILE C 332 -25.29 39.61 1.49
N THR C 333 -24.97 39.72 2.78
CA THR C 333 -25.86 40.44 3.73
C THR C 333 -25.14 41.63 4.33
N ASN C 334 -24.42 41.44 5.45
CA ASN C 334 -23.70 42.55 6.12
C ASN C 334 -22.21 42.21 6.13
N LEU C 335 -21.37 43.17 5.73
CA LEU C 335 -19.91 42.92 5.67
C LEU C 335 -19.31 43.08 7.06
N CYS C 336 -18.02 43.39 7.14
CA CYS C 336 -17.31 43.45 8.46
C CYS C 336 -17.38 44.84 9.09
N PRO C 337 -17.42 44.96 10.43
CA PRO C 337 -17.62 46.26 11.08
C PRO C 337 -16.33 47.07 11.18
N PHE C 338 -15.89 47.62 10.06
CA PHE C 338 -14.72 48.54 10.10
C PHE C 338 -15.30 49.94 10.29
N GLY C 339 -16.62 50.03 10.49
CA GLY C 339 -17.25 51.36 10.59
C GLY C 339 -16.66 52.13 11.75
N GLU C 340 -16.49 51.48 12.90
CA GLU C 340 -15.86 52.14 14.07
C GLU C 340 -14.39 52.44 13.76
N VAL C 341 -13.76 51.66 12.88
CA VAL C 341 -12.31 51.85 12.60
C VAL C 341 -12.09 53.28 12.10
N PHE C 342 -12.96 53.81 11.25
CA PHE C 342 -12.73 55.23 10.83
C PHE C 342 -13.75 56.20 11.42
N ASN C 343 -14.69 55.74 12.24
CA ASN C 343 -15.77 56.65 12.73
C ASN C 343 -15.56 57.10 14.18
N ALA C 344 -14.43 56.79 14.80
CA ALA C 344 -14.20 57.31 16.16
C ALA C 344 -13.54 58.68 16.06
N THR C 345 -14.24 59.72 16.50
CA THR C 345 -13.70 61.10 16.44
C THR C 345 -12.44 61.16 17.32
N ARG C 346 -12.50 60.56 18.51
CA ARG C 346 -11.34 60.56 19.44
C ARG C 346 -10.82 59.12 19.57
N PHE C 347 -9.63 58.86 18.99
CA PHE C 347 -9.03 57.50 19.07
C PHE C 347 -8.50 57.27 20.49
N ALA C 348 -8.39 56.00 20.90
CA ALA C 348 -7.86 55.67 22.23
C ALA C 348 -6.38 56.04 22.32
N SER C 349 -5.91 56.50 23.50
CA SER C 349 -4.47 56.80 23.70
C SER C 349 -3.70 55.49 23.82
N VAL C 350 -2.38 55.53 23.63
CA VAL C 350 -1.61 54.24 23.60
C VAL C 350 -1.74 53.48 24.93
N TYR C 351 -1.58 54.14 26.08
CA TYR C 351 -1.62 53.36 27.34
C TYR C 351 -3.02 52.76 27.50
N ALA C 352 -4.05 53.57 27.25
CA ALA C 352 -5.45 53.10 27.35
C ALA C 352 -5.90 52.59 25.99
N TRP C 353 -5.32 51.49 25.48
CA TRP C 353 -5.74 51.09 24.12
C TRP C 353 -7.03 50.28 24.21
N ASN C 354 -8.06 50.72 23.49
CA ASN C 354 -9.37 50.02 23.51
C ASN C 354 -9.22 48.71 22.72
N ARG C 355 -9.95 47.68 23.12
CA ARG C 355 -9.92 46.42 22.33
C ARG C 355 -11.30 46.21 21.73
N LYS C 356 -11.38 45.87 20.44
CA LYS C 356 -12.68 45.64 19.77
C LYS C 356 -12.67 44.22 19.20
N ARG C 357 -13.84 43.57 19.17
CA ARG C 357 -13.92 42.17 18.68
C ARG C 357 -14.55 42.17 17.29
N ILE C 358 -13.94 41.49 16.33
CA ILE C 358 -14.49 41.40 14.95
C ILE C 358 -14.84 39.93 14.68
N SER C 359 -16.08 39.64 14.26
CA SER C 359 -16.47 38.25 13.91
C SER C 359 -17.77 38.18 13.10
N ASN C 360 -18.10 37.01 12.54
CA ASN C 360 -19.43 36.78 11.87
C ASN C 360 -19.74 37.78 10.75
N CYS C 361 -18.80 38.07 9.85
CA CYS C 361 -19.04 39.10 8.80
C CYS C 361 -18.22 38.79 7.55
N VAL C 362 -18.47 39.50 6.44
CA VAL C 362 -17.63 39.29 5.22
C VAL C 362 -16.45 40.27 5.22
N ALA C 363 -15.22 39.74 5.17
CA ALA C 363 -14.02 40.60 5.23
C ALA C 363 -13.85 41.38 3.93
N ASP C 364 -13.32 42.60 4.02
CA ASP C 364 -13.05 43.39 2.80
C ASP C 364 -11.62 43.94 2.92
N TYR C 365 -10.63 43.06 2.87
CA TYR C 365 -9.21 43.53 2.88
C TYR C 365 -8.98 44.27 1.57
N SER C 366 -9.81 43.99 0.55
CA SER C 366 -9.72 44.73 -0.73
C SER C 366 -9.99 46.20 -0.42
N VAL C 367 -10.94 46.48 0.49
CA VAL C 367 -11.20 47.89 0.88
C VAL C 367 -9.93 48.44 1.49
N LEU C 368 -9.29 47.66 2.37
CA LEU C 368 -8.09 48.11 3.11
C LEU C 368 -6.98 48.57 2.16
N TYR C 369 -6.52 47.71 1.24
CA TYR C 369 -5.37 48.08 0.38
C TYR C 369 -5.78 48.86 -0.88
N ASN C 370 -7.09 49.02 -1.13
CA ASN C 370 -7.51 49.69 -2.40
C ASN C 370 -8.06 51.09 -2.11
N SER C 371 -8.55 51.33 -0.89
CA SER C 371 -9.15 52.67 -0.57
C SER C 371 -8.21 53.78 -1.05
N ALA C 372 -6.89 53.62 -0.86
CA ALA C 372 -5.86 54.58 -1.37
C ALA C 372 -5.77 55.86 -0.52
N SER C 373 -6.55 55.98 0.57
CA SER C 373 -6.42 57.15 1.47
C SER C 373 -5.57 56.75 2.68
N PHE C 374 -5.45 55.44 2.92
CA PHE C 374 -4.63 54.94 4.06
C PHE C 374 -3.17 55.29 3.77
N SER C 375 -2.42 55.72 4.80
CA SER C 375 -0.99 56.09 4.58
C SER C 375 -0.08 54.85 4.62
N THR C 376 -0.32 53.90 5.53
CA THR C 376 0.62 52.74 5.67
C THR C 376 -0.14 51.42 5.66
N PHE C 377 0.48 50.38 5.13
CA PHE C 377 -0.15 49.04 5.08
C PHE C 377 0.92 47.95 5.11
N LYS C 378 1.20 47.36 6.26
CA LYS C 378 2.16 46.22 6.31
C LYS C 378 1.47 45.03 6.99
N CYS C 379 1.33 43.92 6.28
CA CYS C 379 0.72 42.71 6.90
C CYS C 379 1.76 41.58 6.93
N TYR C 380 2.32 41.30 8.11
CA TYR C 380 3.41 40.29 8.24
C TYR C 380 2.96 38.86 7.98
N GLY C 381 1.76 38.45 8.42
CA GLY C 381 1.41 37.02 8.37
C GLY C 381 1.46 36.38 7.00
N VAL C 382 0.91 37.03 5.98
CA VAL C 382 0.98 36.48 4.60
C VAL C 382 0.73 37.65 3.63
N SER C 383 0.94 37.43 2.33
CA SER C 383 0.77 38.55 1.36
C SER C 383 -0.63 39.09 1.59
N PRO C 384 -0.81 40.42 1.74
CA PRO C 384 -2.11 40.95 2.10
C PRO C 384 -3.16 40.61 1.03
N THR C 385 -2.78 40.61 -0.24
CA THR C 385 -3.79 40.39 -1.29
C THR C 385 -4.43 38.99 -1.12
N LYS C 386 -3.64 37.96 -0.83
CA LYS C 386 -4.18 36.57 -0.76
C LYS C 386 -4.98 36.35 0.53
N LEU C 387 -4.91 37.25 1.49
CA LEU C 387 -5.56 37.04 2.81
C LEU C 387 -7.08 36.89 2.66
N ASN C 388 -7.68 37.45 1.62
CA ASN C 388 -9.17 37.44 1.53
C ASN C 388 -9.67 36.00 1.56
N ASP C 389 -8.98 35.08 0.87
CA ASP C 389 -9.38 33.64 0.87
C ASP C 389 -9.26 33.01 2.26
N LEU C 390 -8.27 33.40 3.05
CA LEU C 390 -8.02 32.72 4.35
C LEU C 390 -9.23 32.82 5.28
N CYS C 391 -9.57 31.73 5.98
CA CYS C 391 -10.70 31.71 6.95
C CYS C 391 -10.19 31.42 8.37
N PHE C 392 -10.70 32.15 9.37
CA PHE C 392 -10.23 31.96 10.78
C PHE C 392 -11.42 31.82 11.74
N THR C 393 -11.21 31.25 12.93
CA THR C 393 -12.29 31.19 13.95
C THR C 393 -12.58 32.57 14.55
N ASN C 394 -11.56 33.37 14.88
CA ASN C 394 -11.80 34.66 15.58
C ASN C 394 -10.87 35.77 15.10
N VAL C 395 -11.24 37.04 15.30
CA VAL C 395 -10.39 38.20 14.89
C VAL C 395 -10.30 39.16 16.08
N TYR C 396 -9.14 39.76 16.32
CA TYR C 396 -9.00 40.78 17.40
C TYR C 396 -8.37 42.05 16.83
N ALA C 397 -8.85 43.22 17.24
CA ALA C 397 -8.34 44.49 16.66
C ALA C 397 -8.17 45.57 17.73
N ASP C 398 -7.16 46.44 17.56
CA ASP C 398 -6.91 47.54 18.55
C ASP C 398 -6.69 48.85 17.80
N SER C 399 -7.30 49.94 18.26
CA SER C 399 -7.08 51.26 17.61
C SER C 399 -6.41 52.24 18.59
N PHE C 400 -5.30 52.86 18.19
CA PHE C 400 -4.60 53.85 19.05
C PHE C 400 -3.82 54.81 18.16
N VAL C 401 -3.47 55.98 18.70
CA VAL C 401 -2.73 57.00 17.90
C VAL C 401 -1.29 57.06 18.41
N ILE C 402 -0.32 56.91 17.52
CA ILE C 402 1.12 56.98 17.92
C ILE C 402 1.86 57.93 16.98
N ARG C 403 3.00 58.46 17.42
CA ARG C 403 3.80 59.40 16.59
C ARG C 403 4.40 58.64 15.41
N GLY C 404 4.71 59.35 14.32
CA GLY C 404 5.25 58.71 13.11
C GLY C 404 6.56 58.02 13.45
N ASP C 405 7.34 58.62 14.34
CA ASP C 405 8.62 58.02 14.76
C ASP C 405 8.36 56.63 15.36
N GLU C 406 7.27 56.48 16.12
CA GLU C 406 7.04 55.19 16.83
C GLU C 406 6.32 54.19 15.93
N VAL C 407 5.88 54.58 14.73
CA VAL C 407 5.07 53.61 13.93
C VAL C 407 5.93 52.38 13.63
N ARG C 408 7.23 52.57 13.37
CA ARG C 408 8.12 51.44 13.02
C ARG C 408 8.23 50.47 14.21
N GLN C 409 8.09 50.96 15.43
CA GLN C 409 8.32 50.11 16.64
C GLN C 409 7.40 48.91 16.69
N ILE C 410 6.13 49.04 16.29
CA ILE C 410 5.20 47.89 16.47
C ILE C 410 5.47 46.83 15.39
N ALA C 411 5.97 45.65 15.80
CA ALA C 411 6.23 44.53 14.87
C ALA C 411 6.33 43.26 15.72
N PRO C 412 6.13 42.03 15.19
CA PRO C 412 6.33 40.82 16.00
C PRO C 412 7.84 40.65 16.23
N GLY C 413 8.24 40.51 17.50
CA GLY C 413 9.67 40.35 17.83
C GLY C 413 10.43 41.67 17.88
N GLN C 414 9.74 42.80 17.68
CA GLN C 414 10.40 44.13 17.68
C GLN C 414 9.61 45.08 18.58
N THR C 415 10.29 46.05 19.19
CA THR C 415 9.60 46.95 20.15
C THR C 415 10.26 48.33 20.17
N GLY C 416 9.98 49.12 21.21
CA GLY C 416 10.61 50.45 21.40
C GLY C 416 10.17 50.95 22.75
N LYS C 417 10.49 52.19 23.13
CA LYS C 417 10.12 52.62 24.50
C LYS C 417 8.61 52.49 24.65
N ILE C 418 7.88 52.94 23.63
CA ILE C 418 6.38 52.84 23.67
C ILE C 418 5.98 51.37 23.70
N ALA C 419 6.59 50.53 22.86
CA ALA C 419 6.17 49.12 22.81
C ALA C 419 6.51 48.43 24.13
N ASP C 420 7.67 48.74 24.73
CA ASP C 420 8.11 48.02 25.95
C ASP C 420 7.15 48.27 27.12
N TYR C 421 6.68 49.49 27.31
CA TYR C 421 5.84 49.76 28.52
C TYR C 421 4.36 49.96 28.16
N ASN C 422 4.01 50.15 26.88
CA ASN C 422 2.60 50.47 26.53
C ASN C 422 1.98 49.32 25.73
N TYR C 423 2.08 49.36 24.39
CA TYR C 423 1.54 48.25 23.56
C TYR C 423 2.63 47.69 22.64
N LYS C 424 2.70 46.37 22.49
CA LYS C 424 3.76 45.72 21.69
C LYS C 424 3.14 44.54 20.92
N LEU C 425 3.90 43.95 19.99
CA LEU C 425 3.33 42.84 19.17
C LEU C 425 3.91 41.51 19.61
N PRO C 426 3.10 40.43 19.70
CA PRO C 426 3.58 39.10 20.09
C PRO C 426 4.48 38.49 19.00
N ASP C 427 5.29 37.48 19.36
CA ASP C 427 6.28 36.91 18.41
C ASP C 427 5.57 36.36 17.16
N ASP C 428 4.35 35.82 17.29
CA ASP C 428 3.66 35.38 16.05
C ASP C 428 2.41 36.23 15.80
N PHE C 429 2.47 37.13 14.82
CA PHE C 429 1.26 37.91 14.45
C PHE C 429 0.95 37.60 12.98
N THR C 430 -0.28 37.14 12.71
CA THR C 430 -0.64 36.74 11.32
C THR C 430 -1.66 37.73 10.74
N GLY C 431 -1.69 38.96 11.25
CA GLY C 431 -2.61 39.99 10.73
C GLY C 431 -1.88 41.15 10.08
N CYS C 432 -2.42 42.36 10.21
CA CYS C 432 -1.83 43.54 9.52
C CYS C 432 -1.73 44.75 10.45
N VAL C 433 -0.86 45.71 10.11
CA VAL C 433 -0.76 46.98 10.91
C VAL C 433 -1.07 48.13 9.96
N ILE C 434 -2.04 48.98 10.28
CA ILE C 434 -2.45 50.05 9.33
C ILE C 434 -2.39 51.42 10.00
N ALA C 435 -1.88 52.43 9.28
CA ALA C 435 -1.75 53.79 9.85
C ALA C 435 -2.34 54.84 8.90
N TRP C 436 -3.15 55.76 9.42
CA TRP C 436 -3.64 56.90 8.58
C TRP C 436 -3.42 58.21 9.33
N ASN C 437 -2.72 59.16 8.70
CA ASN C 437 -2.43 60.46 9.36
C ASN C 437 -3.73 61.27 9.43
N SER C 438 -3.91 62.00 10.53
CA SER C 438 -5.11 62.86 10.67
C SER C 438 -4.65 64.23 11.11
N ASN C 439 -3.98 64.97 10.22
CA ASN C 439 -3.38 66.25 10.68
C ASN C 439 -4.49 67.19 11.15
N ASN C 440 -5.53 67.39 10.35
CA ASN C 440 -6.55 68.38 10.75
C ASN C 440 -7.33 67.87 11.96
N LEU C 441 -7.66 66.57 11.97
CA LEU C 441 -8.52 66.02 13.04
C LEU C 441 -7.87 66.04 14.42
N ASP C 442 -6.58 65.70 14.52
CA ASP C 442 -5.97 65.57 15.87
C ASP C 442 -4.83 66.56 16.14
N SER C 443 -4.76 67.69 15.43
CA SER C 443 -3.74 68.70 15.80
C SER C 443 -4.44 70.05 15.95
N LYS C 444 -5.27 70.17 17.00
CA LYS C 444 -6.07 71.41 17.19
C LYS C 444 -5.21 72.54 17.75
N VAL C 445 -5.61 73.79 17.48
CA VAL C 445 -4.87 74.99 17.97
C VAL C 445 -5.06 75.11 19.49
N GLY C 446 -4.08 75.67 20.21
CA GLY C 446 -4.22 75.89 21.67
C GLY C 446 -3.81 74.68 22.50
N GLY C 447 -3.30 73.62 21.86
CA GLY C 447 -2.83 72.42 22.58
C GLY C 447 -3.87 71.31 22.60
N ASN C 448 -3.43 70.05 22.65
CA ASN C 448 -4.37 68.91 22.69
C ASN C 448 -4.16 68.15 24.00
N TYR C 449 -5.13 68.24 24.91
CA TYR C 449 -4.97 67.57 26.23
C TYR C 449 -5.58 66.17 26.12
N ASN C 450 -6.19 65.87 24.97
CA ASN C 450 -6.87 64.56 24.78
C ASN C 450 -5.91 63.37 24.85
N TYR C 451 -4.69 63.52 24.32
CA TYR C 451 -3.81 62.33 24.23
C TYR C 451 -2.67 62.35 25.25
N LEU C 452 -2.46 61.23 25.96
CA LEU C 452 -1.33 61.12 26.93
C LEU C 452 -0.65 59.77 26.66
N TYR C 453 0.65 59.64 26.99
CA TYR C 453 1.37 58.38 26.65
C TYR C 453 2.08 57.80 27.88
N ARG C 454 2.02 56.47 28.05
CA ARG C 454 2.71 55.81 29.20
C ARG C 454 4.22 55.89 28.98
N LEU C 455 4.99 56.22 30.04
CA LEU C 455 6.45 56.42 29.87
C LEU C 455 7.27 55.46 30.75
N PHE C 456 6.75 55.05 31.90
CA PHE C 456 7.59 54.25 32.82
C PHE C 456 6.93 52.95 33.29
N ARG C 457 7.63 51.81 33.18
CA ARG C 457 7.12 50.54 33.77
C ARG C 457 8.31 49.79 34.36
N LYS C 458 8.08 48.97 35.40
CA LYS C 458 9.21 48.28 36.07
C LYS C 458 9.87 47.27 35.11
N SER C 459 9.07 46.54 34.32
CA SER C 459 9.62 45.49 33.42
C SER C 459 8.79 45.44 32.14
N ASN C 460 9.24 44.68 31.14
CA ASN C 460 8.51 44.63 29.84
C ASN C 460 7.10 44.07 30.06
N LEU C 461 6.10 44.71 29.47
CA LEU C 461 4.69 44.27 29.60
C LEU C 461 4.43 43.10 28.64
N LYS C 462 3.37 42.31 28.89
CA LYS C 462 3.02 41.17 27.99
C LYS C 462 2.40 41.71 26.69
N PRO C 463 2.59 41.06 25.52
CA PRO C 463 1.92 41.50 24.29
C PRO C 463 0.41 41.39 24.45
N PHE C 464 -0.35 42.31 23.86
CA PHE C 464 -1.83 42.33 24.01
C PHE C 464 -2.20 42.52 25.48
N GLU C 465 -1.41 43.30 26.23
CA GLU C 465 -1.77 43.56 27.65
C GLU C 465 -2.05 45.05 27.85
N ARG C 466 -3.18 45.36 28.46
CA ARG C 466 -3.51 46.77 28.76
C ARG C 466 -3.16 47.06 30.21
N ASP C 467 -2.00 47.67 30.48
CA ASP C 467 -1.71 48.12 31.87
C ASP C 467 -2.31 49.52 31.97
N ILE C 468 -3.61 49.65 31.68
CA ILE C 468 -4.29 50.98 31.68
C ILE C 468 -4.21 51.53 33.09
N SER C 469 -4.13 50.64 34.06
CA SER C 469 -4.17 51.10 35.46
C SER C 469 -3.10 52.18 35.63
N THR C 470 -3.48 53.28 36.29
CA THR C 470 -2.52 54.38 36.53
C THR C 470 -1.68 54.01 37.74
N GLU C 471 -1.02 52.85 37.68
CA GLU C 471 -0.14 52.44 38.80
C GLU C 471 1.00 53.46 38.87
N ILE C 472 1.34 53.93 40.06
CA ILE C 472 2.49 54.86 40.21
C ILE C 472 3.68 54.03 40.68
N TYR C 473 4.41 54.49 41.70
CA TYR C 473 5.51 53.70 42.29
C TYR C 473 6.63 53.38 41.30
N GLN C 474 6.95 54.30 40.38
CA GLN C 474 8.13 54.06 39.52
C GLN C 474 9.34 54.64 40.27
N ALA C 475 9.70 54.06 41.42
CA ALA C 475 10.79 54.65 42.24
C ALA C 475 11.71 53.55 42.79
N GLY C 476 11.19 52.73 43.70
CA GLY C 476 12.04 51.70 44.33
C GLY C 476 12.47 52.07 45.75
N SER C 477 13.54 52.86 45.89
CA SER C 477 14.08 53.13 47.25
C SER C 477 13.04 53.79 48.16
N THR C 478 12.25 54.72 47.62
CA THR C 478 11.29 55.45 48.48
C THR C 478 9.86 55.16 48.02
N PRO C 479 8.88 54.98 48.93
CA PRO C 479 7.48 54.79 48.51
C PRO C 479 7.00 56.04 47.76
N CYS C 480 6.28 55.87 46.66
CA CYS C 480 5.83 57.02 45.83
C CYS C 480 4.70 57.77 46.52
N ASN C 481 4.14 57.19 47.58
CA ASN C 481 2.94 57.80 48.23
C ASN C 481 3.27 59.22 48.71
N GLY C 482 4.42 59.42 49.35
CA GLY C 482 4.68 60.76 49.90
C GLY C 482 4.82 61.84 48.85
N VAL C 483 5.63 61.61 47.80
CA VAL C 483 5.89 62.72 46.82
C VAL C 483 6.57 62.17 45.56
N GLU C 484 6.52 62.90 44.44
CA GLU C 484 7.29 62.52 43.23
C GLU C 484 8.64 63.23 43.36
N GLY C 485 9.38 62.98 44.43
CA GLY C 485 10.61 63.75 44.70
C GLY C 485 11.69 63.62 43.64
N PHE C 486 11.97 62.40 43.16
CA PHE C 486 13.10 62.23 42.21
C PHE C 486 12.79 61.13 41.21
N ASN C 487 13.14 59.89 41.54
CA ASN C 487 12.80 58.74 40.66
C ASN C 487 11.27 58.66 40.57
N CYS C 488 10.58 58.92 41.68
CA CYS C 488 9.10 58.80 41.70
C CYS C 488 8.50 59.77 40.68
N TYR C 489 7.56 59.30 39.87
CA TYR C 489 6.94 60.16 38.82
C TYR C 489 5.58 59.61 38.42
N PHE C 490 4.77 60.43 37.75
CA PHE C 490 3.49 59.92 37.19
C PHE C 490 3.89 59.26 35.87
N PRO C 491 3.69 57.94 35.64
CA PRO C 491 4.19 57.30 34.41
C PRO C 491 3.43 57.76 33.15
N LEU C 492 2.43 58.61 33.33
CA LEU C 492 1.66 59.14 32.18
C LEU C 492 2.18 60.54 31.85
N GLN C 493 2.47 60.83 30.58
CA GLN C 493 3.06 62.14 30.19
C GLN C 493 2.20 62.80 29.12
N SER C 494 2.31 64.11 28.95
CA SER C 494 1.38 64.83 28.03
C SER C 494 1.86 64.89 26.58
N TYR C 495 1.03 64.47 25.63
CA TYR C 495 1.39 64.58 24.18
C TYR C 495 0.63 65.78 23.59
N GLY C 496 1.03 67.00 23.95
CA GLY C 496 0.36 68.20 23.42
C GLY C 496 0.63 68.37 21.93
N PHE C 497 -0.34 68.87 21.16
CA PHE C 497 -0.17 68.99 19.69
C PHE C 497 -0.52 70.40 19.20
N GLN C 498 0.20 70.86 18.16
CA GLN C 498 -0.08 72.20 17.56
C GLN C 498 -0.01 72.02 16.03
N PRO C 499 -0.58 72.91 15.20
CA PRO C 499 -0.60 72.71 13.75
C PRO C 499 0.82 72.61 13.18
N THR C 500 1.79 73.31 13.81
CA THR C 500 3.19 73.33 13.31
C THR C 500 3.85 71.96 13.39
N ASN C 501 3.28 71.01 14.14
CA ASN C 501 3.96 69.69 14.35
C ASN C 501 4.27 69.04 13.01
N GLY C 502 5.46 68.45 12.87
CA GLY C 502 5.90 67.79 11.62
C GLY C 502 5.34 66.39 11.52
N VAL C 503 5.68 65.64 10.47
CA VAL C 503 5.04 64.30 10.26
C VAL C 503 5.31 63.37 11.45
N GLY C 504 6.56 63.31 11.92
CA GLY C 504 6.88 62.45 13.06
C GLY C 504 6.12 62.92 14.29
N TYR C 505 6.08 64.24 14.49
CA TYR C 505 5.28 64.82 15.60
C TYR C 505 3.79 64.57 15.35
N GLN C 506 3.35 64.66 14.09
CA GLN C 506 1.88 64.56 13.80
C GLN C 506 1.34 63.22 14.29
N PRO C 507 0.16 63.21 14.94
CA PRO C 507 -0.44 61.96 15.39
C PRO C 507 -0.86 61.13 14.18
N TYR C 508 -0.44 59.86 14.17
CA TYR C 508 -0.85 58.93 13.08
C TYR C 508 -1.82 57.93 13.72
N ARG C 509 -3.05 57.87 13.23
CA ARG C 509 -4.00 56.86 13.76
C ARG C 509 -3.50 55.47 13.33
N VAL C 510 -3.55 54.48 14.22
CA VAL C 510 -2.99 53.14 13.87
C VAL C 510 -3.96 52.05 14.30
N VAL C 511 -4.03 50.94 13.57
CA VAL C 511 -4.87 49.79 13.99
C VAL C 511 -4.01 48.52 13.82
N VAL C 512 -4.34 47.46 14.54
CA VAL C 512 -3.59 46.18 14.37
C VAL C 512 -4.60 45.04 14.26
N LEU C 513 -4.31 44.02 13.46
CA LEU C 513 -5.28 42.92 13.25
C LEU C 513 -4.57 41.57 13.46
N SER C 514 -5.29 40.60 14.03
CA SER C 514 -4.70 39.26 14.31
C SER C 514 -5.83 38.22 14.31
N PHE C 515 -5.58 37.04 13.74
CA PHE C 515 -6.67 36.04 13.61
C PHE C 515 -6.22 34.69 14.18
N GLU C 516 -7.16 33.78 14.47
CA GLU C 516 -6.84 32.45 15.04
C GLU C 516 -7.98 31.46 14.77
N LEU C 517 -7.67 30.20 14.45
CA LEU C 517 -8.72 29.15 14.27
C LEU C 517 -8.35 27.92 15.11
N LEU C 518 -9.17 27.57 16.11
CA LEU C 518 -8.94 26.33 16.90
C LEU C 518 -10.27 25.62 17.13
N THR C 523 -15.37 31.49 11.24
CA THR C 523 -16.57 32.35 11.09
C THR C 523 -16.17 33.69 10.47
N VAL C 524 -14.92 33.85 10.03
CA VAL C 524 -14.51 35.18 9.51
C VAL C 524 -13.82 35.05 8.14
N CYS C 525 -14.58 35.12 7.04
CA CYS C 525 -14.04 35.07 5.65
C CYS C 525 -15.21 34.97 4.66
N GLY C 526 -14.93 34.68 3.39
CA GLY C 526 -16.03 34.45 2.43
C GLY C 526 -15.73 34.88 1.00
N PRO C 527 -15.79 33.96 0.01
CA PRO C 527 -15.61 34.29 -1.41
C PRO C 527 -16.89 34.88 -2.01
N LYS C 528 -16.78 35.62 -3.12
CA LYS C 528 -17.98 36.26 -3.71
C LYS C 528 -17.93 36.23 -5.24
N LYS C 529 -17.82 37.40 -5.88
CA LYS C 529 -17.80 37.53 -7.37
C LYS C 529 -19.20 37.26 -7.93
N SER C 530 -19.85 36.14 -7.58
CA SER C 530 -21.25 35.91 -8.01
C SER C 530 -21.42 36.15 -9.53
N THR C 531 -20.66 35.43 -10.36
CA THR C 531 -20.70 35.61 -11.83
C THR C 531 -22.10 35.30 -12.37
N ASN C 532 -22.53 35.98 -13.43
CA ASN C 532 -23.92 35.84 -13.94
C ASN C 532 -24.21 34.42 -14.45
N LEU C 533 -25.46 33.96 -14.31
CA LEU C 533 -25.85 32.58 -14.73
C LEU C 533 -26.02 32.46 -16.25
N VAL C 534 -25.73 31.27 -16.80
CA VAL C 534 -25.93 31.03 -18.26
C VAL C 534 -26.75 29.74 -18.39
N LYS C 535 -27.61 29.64 -19.39
CA LYS C 535 -28.49 28.45 -19.49
C LYS C 535 -28.43 27.82 -20.88
N ASN C 536 -28.63 26.50 -20.97
CA ASN C 536 -28.67 25.79 -22.27
C ASN C 536 -27.30 25.69 -22.92
N LYS C 537 -26.21 25.79 -22.15
CA LYS C 537 -24.85 25.60 -22.72
C LYS C 537 -24.09 24.65 -21.78
N CYS C 538 -23.14 23.84 -22.28
CA CYS C 538 -22.46 22.95 -21.31
C CYS C 538 -21.46 23.84 -20.59
N VAL C 539 -21.78 24.27 -19.37
CA VAL C 539 -20.91 25.24 -18.63
C VAL C 539 -20.47 24.60 -17.31
N ASN C 540 -19.18 24.68 -16.99
CA ASN C 540 -18.70 24.17 -15.68
C ASN C 540 -19.34 25.05 -14.62
N PHE C 541 -19.73 24.52 -13.46
CA PHE C 541 -20.39 25.43 -12.52
C PHE C 541 -19.91 25.22 -11.09
N ASN C 542 -19.74 26.30 -10.33
CA ASN C 542 -19.45 26.16 -8.88
C ASN C 542 -20.52 27.00 -8.19
N PHE C 543 -21.43 26.34 -7.47
CA PHE C 543 -22.54 27.07 -6.80
C PHE C 543 -22.08 27.28 -5.37
N ASN C 544 -22.97 27.16 -4.39
CA ASN C 544 -22.49 27.45 -3.01
C ASN C 544 -21.78 26.19 -2.50
N GLY C 545 -20.58 25.91 -3.02
CA GLY C 545 -19.79 24.76 -2.55
C GLY C 545 -20.03 23.45 -3.29
N LEU C 546 -20.93 23.41 -4.27
CA LEU C 546 -21.09 22.17 -5.08
C LEU C 546 -20.67 22.46 -6.52
N THR C 547 -19.77 21.63 -7.07
CA THR C 547 -19.23 21.92 -8.43
C THR C 547 -19.44 20.74 -9.38
N GLY C 548 -19.93 21.02 -10.60
CA GLY C 548 -20.14 19.98 -11.61
C GLY C 548 -20.18 20.61 -13.00
N THR C 549 -20.09 19.82 -14.07
CA THR C 549 -20.24 20.38 -15.44
C THR C 549 -21.57 19.90 -16.01
N GLY C 550 -22.46 20.83 -16.40
CA GLY C 550 -23.78 20.44 -16.91
C GLY C 550 -24.48 21.55 -17.65
N VAL C 551 -25.57 21.23 -18.35
CA VAL C 551 -26.39 22.30 -18.99
C VAL C 551 -27.52 22.63 -18.00
N LEU C 552 -27.60 23.87 -17.53
CA LEU C 552 -28.58 24.24 -16.48
C LEU C 552 -29.82 24.83 -17.13
N THR C 553 -31.01 24.28 -16.86
CA THR C 553 -32.27 24.72 -17.51
C THR C 553 -33.33 24.92 -16.45
N GLU C 554 -34.45 25.59 -16.77
CA GLU C 554 -35.55 25.84 -15.79
C GLU C 554 -36.12 24.51 -15.28
N SER C 555 -36.43 24.43 -13.98
CA SER C 555 -36.89 23.14 -13.39
C SER C 555 -38.33 23.24 -12.88
N ASN C 556 -39.11 22.17 -13.09
CA ASN C 556 -40.52 22.15 -12.60
C ASN C 556 -40.59 21.58 -11.18
N LYS C 557 -39.45 21.10 -10.64
CA LYS C 557 -39.44 20.47 -9.29
C LYS C 557 -39.83 21.51 -8.25
N LYS C 558 -40.68 21.13 -7.29
CA LYS C 558 -41.00 22.09 -6.20
C LYS C 558 -40.17 21.77 -4.96
N PHE C 559 -39.08 22.49 -4.77
CA PHE C 559 -38.21 22.27 -3.59
C PHE C 559 -38.86 22.87 -2.36
N LEU C 560 -38.76 22.19 -1.21
CA LEU C 560 -39.25 22.79 0.05
C LEU C 560 -38.23 23.86 0.44
N PRO C 561 -38.54 24.85 1.30
CA PRO C 561 -37.60 25.97 1.56
C PRO C 561 -36.19 25.64 2.07
N PHE C 562 -36.07 24.71 3.02
CA PHE C 562 -34.74 24.33 3.57
C PHE C 562 -33.85 23.68 2.51
N GLN C 563 -34.42 22.90 1.59
CA GLN C 563 -33.60 22.11 0.61
C GLN C 563 -32.76 23.00 -0.30
N GLN C 564 -31.48 22.64 -0.49
CA GLN C 564 -30.55 23.43 -1.35
C GLN C 564 -30.33 22.75 -2.70
N PHE C 565 -29.87 21.50 -2.70
CA PHE C 565 -29.69 20.75 -3.96
C PHE C 565 -30.70 19.61 -4.00
N GLY C 566 -30.86 18.96 -5.15
CA GLY C 566 -31.76 17.79 -5.25
C GLY C 566 -31.06 16.63 -5.89
N ARG C 567 -31.10 15.45 -5.28
CA ARG C 567 -30.35 14.30 -5.82
C ARG C 567 -31.31 13.23 -6.32
N ASP C 568 -30.99 12.59 -7.44
CA ASP C 568 -31.81 11.45 -7.93
C ASP C 568 -31.25 10.14 -7.37
N ILE C 569 -31.90 9.02 -7.68
CA ILE C 569 -31.42 7.70 -7.19
C ILE C 569 -30.01 7.51 -7.73
N ALA C 570 -29.12 6.85 -6.97
CA ALA C 570 -27.70 6.65 -7.37
C ALA C 570 -26.82 7.82 -6.95
N ASP C 571 -27.31 8.71 -6.07
CA ASP C 571 -26.47 9.81 -5.51
C ASP C 571 -25.90 10.72 -6.60
N THR C 572 -26.70 11.15 -7.58
CA THR C 572 -26.20 12.11 -8.59
C THR C 572 -27.01 13.40 -8.46
N THR C 573 -26.37 14.58 -8.45
CA THR C 573 -27.14 15.83 -8.20
C THR C 573 -27.79 16.29 -9.51
N ASP C 574 -29.11 16.16 -9.61
CA ASP C 574 -29.81 16.52 -10.86
C ASP C 574 -30.54 17.85 -10.74
N ALA C 575 -30.47 18.51 -9.58
CA ALA C 575 -31.10 19.84 -9.46
C ALA C 575 -30.32 20.72 -8.48
N VAL C 576 -30.26 22.03 -8.73
CA VAL C 576 -29.62 22.97 -7.77
C VAL C 576 -30.50 24.21 -7.72
N ARG C 577 -30.60 24.86 -6.56
CA ARG C 577 -31.39 26.11 -6.46
C ARG C 577 -30.40 27.28 -6.43
N ASP C 578 -30.53 28.24 -7.36
CA ASP C 578 -29.51 29.31 -7.42
C ASP C 578 -29.65 30.17 -6.17
N PRO C 579 -28.55 30.47 -5.44
CA PRO C 579 -28.68 31.22 -4.22
C PRO C 579 -29.23 32.63 -4.44
N GLN C 580 -28.76 33.34 -5.47
CA GLN C 580 -29.15 34.76 -5.65
C GLN C 580 -30.64 34.95 -5.91
N THR C 581 -31.26 34.17 -6.78
CA THR C 581 -32.68 34.45 -7.11
C THR C 581 -33.59 33.35 -6.56
N LEU C 582 -33.03 32.40 -5.80
CA LEU C 582 -33.85 31.31 -5.18
C LEU C 582 -34.68 30.60 -6.26
N GLU C 583 -34.07 30.23 -7.39
CA GLU C 583 -34.81 29.55 -8.49
C GLU C 583 -34.21 28.15 -8.71
N ILE C 584 -35.05 27.16 -8.94
CA ILE C 584 -34.55 25.75 -9.07
C ILE C 584 -34.09 25.51 -10.51
N LEU C 585 -32.85 25.09 -10.71
CA LEU C 585 -32.30 24.90 -12.07
C LEU C 585 -31.89 23.44 -12.23
N ASP C 586 -32.37 22.76 -13.27
CA ASP C 586 -32.03 21.34 -13.53
C ASP C 586 -30.62 21.22 -14.07
N ILE C 587 -29.92 20.14 -13.75
CA ILE C 587 -28.57 19.89 -14.32
C ILE C 587 -28.65 18.60 -15.13
N THR C 588 -28.26 18.63 -16.40
CA THR C 588 -28.25 17.41 -17.24
C THR C 588 -26.85 17.26 -17.86
N PRO C 589 -26.20 16.09 -17.79
CA PRO C 589 -24.85 15.96 -18.32
C PRO C 589 -24.95 16.39 -19.78
N CYS C 590 -23.88 16.99 -20.31
CA CYS C 590 -23.86 17.31 -21.76
C CYS C 590 -23.46 16.09 -22.59
N SER C 591 -23.62 16.15 -23.93
CA SER C 591 -23.48 14.96 -24.81
C SER C 591 -22.15 14.23 -24.79
N PHE C 592 -22.20 12.90 -24.90
CA PHE C 592 -21.00 12.03 -24.99
C PHE C 592 -21.49 10.76 -25.66
N GLY C 593 -21.03 10.51 -26.88
CA GLY C 593 -21.46 9.33 -27.62
C GLY C 593 -20.29 8.82 -28.41
N GLY C 594 -20.27 7.58 -28.82
CA GLY C 594 -19.07 7.08 -29.49
C GLY C 594 -19.17 7.13 -31.00
N VAL C 595 -18.28 7.87 -31.64
CA VAL C 595 -18.29 7.89 -33.11
C VAL C 595 -17.98 6.49 -33.58
N SER C 596 -18.63 5.99 -34.64
CA SER C 596 -18.39 4.67 -35.24
C SER C 596 -18.24 4.92 -36.72
N VAL C 597 -17.55 4.11 -37.50
CA VAL C 597 -17.35 4.45 -38.94
C VAL C 597 -17.89 3.31 -39.80
N ILE C 598 -18.79 3.59 -40.73
CA ILE C 598 -19.42 2.57 -41.60
C ILE C 598 -18.63 2.59 -42.89
N THR C 599 -17.89 1.53 -43.21
CA THR C 599 -17.00 1.53 -44.38
C THR C 599 -17.49 0.51 -45.41
N PRO C 600 -17.66 0.88 -46.69
CA PRO C 600 -18.09 -0.07 -47.68
C PRO C 600 -17.04 -1.18 -47.80
N GLY C 601 -15.83 -0.97 -47.30
CA GLY C 601 -14.72 -1.93 -47.41
C GLY C 601 -13.60 -1.22 -48.13
N THR C 602 -12.35 -1.38 -47.73
CA THR C 602 -11.31 -0.56 -48.40
C THR C 602 -11.20 -0.92 -49.87
N ASN C 603 -11.34 -2.19 -50.23
CA ASN C 603 -11.24 -2.63 -51.64
C ASN C 603 -12.34 -2.01 -52.51
N THR C 604 -13.57 -1.97 -52.02
CA THR C 604 -14.67 -1.32 -52.78
C THR C 604 -14.51 0.20 -52.85
N SER C 605 -14.33 0.89 -51.72
CA SER C 605 -14.23 2.36 -51.79
C SER C 605 -13.61 2.94 -50.52
N ASN C 606 -13.15 4.18 -50.59
CA ASN C 606 -12.55 4.86 -49.42
C ASN C 606 -13.58 5.81 -48.83
N GLN C 607 -14.82 5.72 -49.29
CA GLN C 607 -15.89 6.54 -48.68
C GLN C 607 -16.18 5.94 -47.32
N VAL C 608 -16.68 6.73 -46.38
CA VAL C 608 -17.05 6.22 -45.04
C VAL C 608 -18.22 7.09 -44.59
N ALA C 609 -19.03 6.59 -43.66
CA ALA C 609 -20.10 7.40 -43.07
C ALA C 609 -19.96 7.24 -41.57
N VAL C 610 -20.14 8.28 -40.77
CA VAL C 610 -19.83 8.18 -39.32
C VAL C 610 -21.09 8.34 -38.49
N LEU C 611 -21.37 7.41 -37.57
CA LEU C 611 -22.58 7.49 -36.70
C LEU C 611 -22.14 8.05 -35.37
N TYR C 612 -22.53 9.28 -35.03
CA TYR C 612 -22.24 9.83 -33.68
C TYR C 612 -23.38 9.32 -32.80
N GLN C 613 -23.15 8.33 -31.96
CA GLN C 613 -24.26 7.68 -31.24
C GLN C 613 -24.88 8.57 -30.18
N ASP C 614 -26.19 8.48 -29.98
CA ASP C 614 -26.88 9.22 -28.91
C ASP C 614 -26.65 10.72 -28.95
N VAL C 615 -26.67 11.35 -30.12
CA VAL C 615 -26.52 12.82 -30.20
C VAL C 615 -27.59 13.34 -31.13
N ASN C 616 -28.43 14.27 -30.68
CA ASN C 616 -29.42 14.90 -31.57
C ASN C 616 -28.54 15.59 -32.59
N CYS C 617 -28.85 15.49 -33.86
CA CYS C 617 -27.86 16.01 -34.82
C CYS C 617 -27.96 17.50 -34.97
N THR C 618 -27.79 18.22 -33.87
CA THR C 618 -27.72 19.70 -33.93
C THR C 618 -26.46 20.09 -33.16
N GLU C 619 -25.82 19.12 -32.49
CA GLU C 619 -24.63 19.41 -31.65
C GLU C 619 -23.38 18.72 -32.19
N VAL C 620 -23.47 18.00 -33.31
CA VAL C 620 -22.30 17.23 -33.82
C VAL C 620 -21.11 18.11 -34.20
N PRO C 621 -21.21 19.31 -34.81
CA PRO C 621 -20.02 20.07 -35.15
C PRO C 621 -19.50 20.86 -33.94
N ASN C 641 -24.82 14.31 -45.67
CA ASN C 641 -26.30 14.36 -45.65
C ASN C 641 -26.79 13.91 -44.28
N VAL C 642 -26.99 14.84 -43.35
CA VAL C 642 -27.35 14.46 -41.95
C VAL C 642 -28.71 13.78 -41.91
N PHE C 643 -28.80 12.66 -41.19
CA PHE C 643 -30.06 11.88 -41.03
C PHE C 643 -30.16 11.59 -39.54
N GLN C 644 -31.30 11.76 -38.88
CA GLN C 644 -31.33 11.40 -37.45
C GLN C 644 -31.99 10.04 -37.33
N THR C 645 -31.34 9.09 -36.67
CA THR C 645 -31.85 7.72 -36.50
C THR C 645 -32.09 7.52 -35.00
N ARG C 646 -32.74 6.45 -34.57
CA ARG C 646 -32.92 6.15 -33.12
C ARG C 646 -31.61 5.73 -32.47
N ALA C 647 -30.62 5.32 -33.26
CA ALA C 647 -29.32 4.85 -32.73
C ALA C 647 -28.27 5.93 -32.86
N GLY C 648 -28.65 7.13 -33.22
CA GLY C 648 -27.66 8.21 -33.26
C GLY C 648 -27.90 9.15 -34.40
N CYS C 649 -26.87 9.81 -34.87
CA CYS C 649 -27.03 10.66 -36.05
C CYS C 649 -26.06 10.18 -37.12
N LEU C 650 -26.50 9.90 -38.34
CA LEU C 650 -25.58 9.31 -39.34
C LEU C 650 -25.26 10.35 -40.38
N ILE C 651 -24.00 10.78 -40.47
CA ILE C 651 -23.58 11.83 -41.42
C ILE C 651 -22.79 11.10 -42.48
N GLY C 652 -23.04 11.37 -43.75
CA GLY C 652 -22.33 10.71 -44.87
C GLY C 652 -23.15 9.69 -45.61
N ALA C 653 -24.39 9.45 -45.22
CA ALA C 653 -25.26 8.44 -45.86
C ALA C 653 -26.60 9.05 -46.17
N GLU C 654 -27.20 8.69 -47.30
CA GLU C 654 -28.50 9.26 -47.74
C GLU C 654 -29.65 8.31 -47.44
N HIS C 655 -30.72 8.76 -46.83
CA HIS C 655 -31.84 7.83 -46.62
C HIS C 655 -32.44 7.46 -47.97
N VAL C 656 -32.75 6.20 -48.19
CA VAL C 656 -33.44 5.79 -49.44
C VAL C 656 -34.78 5.21 -48.96
N ASN C 657 -35.91 5.59 -49.56
CA ASN C 657 -37.24 5.13 -49.06
C ASN C 657 -37.46 3.66 -49.40
N ASN C 658 -36.60 3.08 -50.23
CA ASN C 658 -36.72 1.65 -50.59
C ASN C 658 -36.36 0.79 -49.39
N SER C 659 -36.47 -0.52 -49.51
CA SER C 659 -36.00 -1.40 -48.42
C SER C 659 -35.30 -2.61 -49.03
N TYR C 660 -34.29 -3.15 -48.39
CA TYR C 660 -33.50 -4.27 -48.94
C TYR C 660 -32.99 -5.09 -47.77
N GLU C 661 -32.25 -6.16 -48.01
CA GLU C 661 -31.68 -6.99 -46.92
C GLU C 661 -30.59 -6.22 -46.18
N CYS C 662 -30.29 -6.58 -44.94
CA CYS C 662 -29.31 -5.80 -44.15
C CYS C 662 -27.88 -6.12 -44.57
N ASP C 663 -27.06 -5.10 -44.84
CA ASP C 663 -25.64 -5.32 -45.20
C ASP C 663 -24.78 -4.96 -44.00
N ILE C 664 -24.67 -3.68 -43.67
CA ILE C 664 -23.89 -3.24 -42.47
C ILE C 664 -24.94 -2.81 -41.45
N PRO C 665 -25.00 -3.37 -40.23
CA PRO C 665 -26.08 -3.06 -39.30
C PRO C 665 -25.98 -1.85 -38.36
N ILE C 666 -26.48 -0.68 -38.75
CA ILE C 666 -26.43 0.58 -37.96
C ILE C 666 -27.25 0.50 -36.66
N GLY C 667 -28.44 -0.10 -36.64
CA GLY C 667 -29.19 -0.27 -35.37
C GLY C 667 -30.60 0.27 -35.42
N ALA C 668 -31.53 -0.33 -34.68
CA ALA C 668 -32.97 0.05 -34.64
C ALA C 668 -33.68 -0.10 -35.97
N GLY C 669 -33.34 -1.12 -36.76
CA GLY C 669 -34.05 -1.38 -38.03
C GLY C 669 -33.39 -0.73 -39.21
N ILE C 670 -32.38 0.11 -38.99
CA ILE C 670 -31.73 0.87 -40.09
C ILE C 670 -30.43 0.14 -40.42
N CYS C 671 -30.16 -0.12 -41.69
CA CYS C 671 -28.88 -0.76 -42.11
C CYS C 671 -28.26 0.16 -43.15
N ALA C 672 -27.02 -0.08 -43.60
CA ALA C 672 -26.49 0.79 -44.66
C ALA C 672 -25.76 -0.08 -45.65
N SER C 673 -25.56 0.38 -46.88
CA SER C 673 -24.81 -0.39 -47.90
C SER C 673 -24.28 0.53 -48.99
N TYR C 674 -23.33 0.09 -49.80
CA TYR C 674 -22.86 0.89 -50.96
C TYR C 674 -23.92 0.75 -52.05
N GLN C 675 -24.50 1.85 -52.53
CA GLN C 675 -25.64 1.83 -53.47
C GLN C 675 -25.18 1.34 -54.82
N SER C 691 -22.47 5.40 -53.54
CA SER C 691 -22.93 6.14 -52.35
C SER C 691 -23.15 5.19 -51.18
N ILE C 692 -23.28 5.68 -49.97
CA ILE C 692 -23.65 4.79 -48.85
C ILE C 692 -25.09 5.14 -48.54
N ILE C 693 -26.03 4.20 -48.61
CA ILE C 693 -27.49 4.46 -48.47
C ILE C 693 -27.99 3.87 -47.15
N ALA C 694 -28.74 4.60 -46.34
CA ALA C 694 -29.31 4.05 -45.10
C ALA C 694 -30.76 3.72 -45.35
N TYR C 695 -31.21 2.46 -45.21
CA TYR C 695 -32.58 2.04 -45.55
C TYR C 695 -33.15 1.21 -44.40
N THR C 696 -34.47 1.16 -44.21
CA THR C 696 -35.03 0.25 -43.17
C THR C 696 -34.86 -1.18 -43.65
N MET C 697 -34.49 -2.10 -42.77
CA MET C 697 -34.21 -3.50 -43.16
C MET C 697 -35.48 -4.17 -43.65
N SER C 698 -35.37 -5.07 -44.63
CA SER C 698 -36.55 -5.84 -45.09
C SER C 698 -36.42 -7.25 -44.55
N LEU C 699 -37.41 -7.71 -43.81
CA LEU C 699 -37.35 -9.01 -43.12
C LEU C 699 -37.33 -10.16 -44.12
N GLY C 700 -38.00 -10.04 -45.25
CA GLY C 700 -37.94 -11.10 -46.27
C GLY C 700 -39.00 -10.87 -47.32
N ALA C 701 -39.08 -11.72 -48.31
CA ALA C 701 -40.11 -11.60 -49.36
C ALA C 701 -41.47 -11.71 -48.73
N GLU C 702 -42.52 -11.35 -49.44
CA GLU C 702 -43.84 -11.58 -48.82
C GLU C 702 -44.60 -12.53 -49.69
N ASN C 703 -44.90 -13.74 -49.21
CA ASN C 703 -45.74 -14.65 -50.03
C ASN C 703 -46.92 -15.18 -49.21
N SER C 704 -48.06 -15.42 -49.85
CA SER C 704 -49.25 -15.97 -49.16
C SER C 704 -49.63 -17.30 -49.78
N VAL C 705 -49.66 -18.38 -48.99
CA VAL C 705 -50.11 -19.70 -49.53
C VAL C 705 -51.60 -19.55 -49.84
N ALA C 706 -52.12 -20.25 -50.85
CA ALA C 706 -53.51 -20.03 -51.26
C ALA C 706 -54.51 -20.32 -50.14
N TYR C 707 -54.35 -21.42 -49.42
CA TYR C 707 -55.29 -21.86 -48.34
C TYR C 707 -56.76 -21.90 -48.76
N SER C 708 -57.31 -23.10 -48.72
CA SER C 708 -58.74 -23.30 -49.01
C SER C 708 -59.19 -24.55 -48.27
N ASN C 709 -60.47 -24.69 -48.00
CA ASN C 709 -61.02 -25.84 -47.27
C ASN C 709 -60.72 -27.11 -48.05
N ASN C 710 -60.69 -27.05 -49.36
CA ASN C 710 -60.49 -28.27 -50.18
C ASN C 710 -59.40 -28.05 -51.21
N SER C 711 -58.14 -27.88 -50.83
CA SER C 711 -57.04 -27.83 -51.81
C SER C 711 -55.78 -28.25 -51.09
N ILE C 712 -54.98 -29.15 -51.67
CA ILE C 712 -53.72 -29.65 -51.06
C ILE C 712 -52.70 -29.48 -52.15
N ALA C 713 -51.42 -29.28 -51.84
CA ALA C 713 -50.40 -29.28 -52.88
C ALA C 713 -49.41 -30.41 -52.61
N ILE C 714 -49.19 -31.35 -53.52
CA ILE C 714 -48.31 -32.53 -53.28
C ILE C 714 -47.06 -32.39 -54.15
N PRO C 715 -45.81 -32.35 -53.61
CA PRO C 715 -44.62 -32.28 -54.40
C PRO C 715 -44.61 -33.31 -55.52
N THR C 716 -44.04 -33.03 -56.67
CA THR C 716 -43.96 -34.06 -57.73
C THR C 716 -42.53 -34.39 -58.16
N ASN C 717 -41.49 -33.87 -57.51
CA ASN C 717 -40.07 -34.15 -57.81
C ASN C 717 -39.28 -33.77 -56.56
N PHE C 718 -37.99 -34.07 -56.50
CA PHE C 718 -37.20 -33.81 -55.28
C PHE C 718 -35.86 -33.18 -55.60
N THR C 719 -35.14 -32.71 -54.61
CA THR C 719 -33.76 -32.24 -54.83
C THR C 719 -32.92 -32.80 -53.69
N ILE C 720 -31.82 -33.52 -53.93
CA ILE C 720 -30.93 -33.99 -52.83
C ILE C 720 -29.89 -32.90 -52.62
N SER C 721 -29.74 -32.36 -51.42
CA SER C 721 -28.85 -31.20 -51.23
C SER C 721 -27.87 -31.34 -50.08
N VAL C 722 -26.58 -31.38 -50.36
CA VAL C 722 -25.53 -31.46 -49.32
C VAL C 722 -25.25 -30.05 -48.81
N THR C 723 -25.16 -29.86 -47.50
CA THR C 723 -24.96 -28.53 -46.88
C THR C 723 -23.65 -28.63 -46.14
N THR C 724 -23.43 -27.83 -45.09
CA THR C 724 -22.16 -27.84 -44.34
C THR C 724 -22.43 -27.28 -42.94
N GLU C 725 -21.66 -27.68 -41.93
CA GLU C 725 -21.78 -27.08 -40.59
C GLU C 725 -20.41 -27.12 -39.95
N ILE C 726 -19.76 -25.99 -39.74
CA ILE C 726 -18.39 -25.94 -39.19
C ILE C 726 -18.55 -25.68 -37.70
N LEU C 727 -18.21 -26.64 -36.84
CA LEU C 727 -18.41 -26.48 -35.39
C LEU C 727 -17.04 -26.54 -34.76
N PRO C 728 -16.63 -25.67 -33.82
CA PRO C 728 -15.30 -25.81 -33.25
C PRO C 728 -15.05 -26.74 -32.05
N VAL C 729 -14.52 -27.96 -32.22
CA VAL C 729 -14.31 -28.98 -31.13
C VAL C 729 -13.25 -28.63 -30.07
N SER C 730 -12.12 -28.01 -30.37
CA SER C 730 -11.04 -27.81 -29.38
C SER C 730 -10.32 -26.48 -29.56
N MET C 731 -9.53 -26.05 -28.58
CA MET C 731 -8.73 -24.81 -28.67
C MET C 731 -7.30 -25.16 -28.25
N THR C 732 -6.31 -24.33 -28.57
CA THR C 732 -4.89 -24.66 -28.29
C THR C 732 -4.62 -24.79 -26.80
N LYS C 733 -3.90 -25.86 -26.41
CA LYS C 733 -3.58 -26.10 -25.00
C LYS C 733 -2.41 -25.16 -24.77
N THR C 734 -2.33 -24.54 -23.63
CA THR C 734 -1.29 -23.53 -23.37
C THR C 734 -1.10 -23.48 -21.88
N SER C 735 0.06 -23.02 -21.44
CA SER C 735 0.34 -22.92 -20.00
C SER C 735 1.21 -21.70 -19.82
N VAL C 736 1.16 -21.05 -18.66
CA VAL C 736 2.01 -19.88 -18.33
C VAL C 736 2.59 -20.20 -16.97
N ASP C 737 3.90 -20.06 -16.78
CA ASP C 737 4.45 -20.28 -15.43
C ASP C 737 4.33 -18.97 -14.67
N CYS C 738 3.71 -18.97 -13.51
CA CYS C 738 3.50 -17.70 -12.81
C CYS C 738 4.83 -17.08 -12.40
N THR C 739 5.74 -17.87 -11.88
CA THR C 739 6.95 -17.18 -11.38
C THR C 739 7.66 -16.52 -12.56
N MET C 740 7.79 -17.20 -13.68
CA MET C 740 8.55 -16.62 -14.80
C MET C 740 7.84 -15.41 -15.40
N TYR C 741 6.52 -15.44 -15.52
CA TYR C 741 5.86 -14.23 -16.05
C TYR C 741 5.91 -13.08 -15.04
N ILE C 742 5.49 -13.29 -13.79
CA ILE C 742 5.35 -12.20 -12.79
C ILE C 742 6.69 -11.64 -12.37
N CYS C 743 7.69 -12.49 -12.19
CA CYS C 743 9.01 -12.02 -11.72
C CYS C 743 10.03 -12.29 -12.79
N GLY C 744 10.53 -13.51 -12.87
CA GLY C 744 11.38 -13.83 -14.02
C GLY C 744 12.83 -13.59 -13.81
N ASP C 745 13.58 -14.62 -13.46
CA ASP C 745 15.06 -14.52 -13.33
C ASP C 745 15.49 -13.59 -12.18
N SER C 746 14.61 -13.30 -11.23
CA SER C 746 15.07 -12.52 -10.06
C SER C 746 14.75 -13.22 -8.75
N THR C 747 15.78 -13.56 -7.98
CA THR C 747 15.57 -14.19 -6.66
C THR C 747 14.89 -13.15 -5.78
N GLU C 748 15.26 -11.88 -5.92
CA GLU C 748 14.69 -10.83 -5.05
C GLU C 748 13.19 -10.65 -5.26
N CYS C 749 12.71 -10.61 -6.51
CA CYS C 749 11.26 -10.54 -6.80
C CYS C 749 10.56 -11.84 -6.39
N SER C 750 11.18 -12.98 -6.63
CA SER C 750 10.54 -14.29 -6.35
C SER C 750 10.25 -14.44 -4.87
N ASN C 751 11.13 -13.94 -4.01
CA ASN C 751 10.89 -14.01 -2.54
C ASN C 751 9.64 -13.20 -2.17
N LEU C 752 9.47 -12.04 -2.78
CA LEU C 752 8.28 -11.20 -2.49
C LEU C 752 7.01 -11.91 -2.94
N LEU C 753 7.03 -12.61 -4.08
CA LEU C 753 5.82 -13.28 -4.62
C LEU C 753 5.39 -14.37 -3.64
N LEU C 754 6.30 -14.95 -2.89
CA LEU C 754 5.97 -16.07 -1.96
C LEU C 754 5.00 -15.57 -0.90
N GLN C 755 4.97 -14.28 -0.65
CA GLN C 755 4.11 -13.73 0.42
C GLN C 755 2.71 -13.50 -0.09
N TYR C 756 2.41 -13.87 -1.33
CA TYR C 756 1.03 -13.75 -1.86
C TYR C 756 0.33 -15.10 -1.79
N GLY C 757 0.92 -16.06 -1.08
CA GLY C 757 0.24 -17.35 -0.88
C GLY C 757 0.23 -18.17 -2.14
N SER C 758 -0.65 -19.16 -2.22
CA SER C 758 -0.78 -19.95 -3.47
C SER C 758 -1.75 -19.18 -4.37
N PHE C 759 -1.44 -18.01 -4.77
CA PHE C 759 -2.30 -17.27 -5.72
C PHE C 759 -1.80 -17.62 -7.11
N CYS C 760 -0.72 -18.45 -7.17
CA CYS C 760 -0.19 -18.79 -8.51
C CYS C 760 -0.11 -20.31 -8.71
N THR C 761 -0.17 -21.11 -7.65
CA THR C 761 -0.35 -22.56 -7.85
C THR C 761 -1.75 -22.72 -8.38
N GLN C 762 -2.69 -21.93 -7.87
CA GLN C 762 -4.11 -22.02 -8.30
C GLN C 762 -4.28 -21.57 -9.75
N LEU C 763 -3.55 -20.55 -10.19
CA LEU C 763 -3.64 -20.13 -11.60
C LEU C 763 -3.13 -21.25 -12.51
N ASN C 764 -2.05 -21.90 -12.14
CA ASN C 764 -1.49 -23.02 -12.94
C ASN C 764 -2.44 -24.22 -12.97
N ARG C 765 -3.13 -24.53 -11.89
CA ARG C 765 -4.12 -25.63 -11.92
C ARG C 765 -5.23 -25.28 -12.89
N ALA C 766 -5.67 -24.03 -12.94
CA ALA C 766 -6.80 -23.64 -13.80
C ALA C 766 -6.44 -23.78 -15.26
N LEU C 767 -5.28 -23.29 -15.69
CA LEU C 767 -4.83 -23.45 -17.09
C LEU C 767 -4.55 -24.92 -17.40
N THR C 768 -4.04 -25.71 -16.47
CA THR C 768 -3.86 -27.16 -16.69
C THR C 768 -5.22 -27.83 -16.88
N GLY C 769 -6.22 -27.41 -16.15
CA GLY C 769 -7.55 -28.02 -16.26
C GLY C 769 -8.16 -27.82 -17.61
N ILE C 770 -8.07 -26.62 -18.17
CA ILE C 770 -8.62 -26.32 -19.51
C ILE C 770 -7.86 -27.17 -20.52
N ALA C 771 -6.56 -27.39 -20.32
CA ALA C 771 -5.72 -28.17 -21.25
C ALA C 771 -6.08 -29.65 -21.34
N VAL C 772 -6.31 -30.33 -20.24
CA VAL C 772 -6.74 -31.76 -20.29
C VAL C 772 -8.13 -31.86 -20.91
N GLU C 773 -9.03 -30.94 -20.60
CA GLU C 773 -10.39 -30.95 -21.18
C GLU C 773 -10.28 -30.85 -22.68
N GLN C 774 -9.31 -30.14 -23.20
CA GLN C 774 -9.27 -29.88 -24.65
C GLN C 774 -8.94 -31.16 -25.40
N ASP C 775 -8.59 -32.21 -24.70
CA ASP C 775 -8.32 -33.53 -25.33
C ASP C 775 -9.45 -34.49 -25.01
N LYS C 776 -10.42 -34.09 -24.21
CA LYS C 776 -11.61 -34.93 -24.00
C LYS C 776 -12.64 -34.42 -24.98
N ASN C 777 -12.56 -33.14 -25.34
CA ASN C 777 -13.49 -32.56 -26.33
C ASN C 777 -13.23 -33.26 -27.67
N THR C 778 -11.98 -33.43 -28.08
CA THR C 778 -11.61 -34.11 -29.35
C THR C 778 -11.93 -35.59 -29.27
N GLN C 779 -11.72 -36.25 -28.15
CA GLN C 779 -11.95 -37.70 -28.12
C GLN C 779 -13.43 -37.95 -28.24
N GLU C 780 -14.27 -37.14 -27.62
CA GLU C 780 -15.73 -37.41 -27.64
C GLU C 780 -16.32 -37.26 -29.04
N VAL C 781 -15.91 -36.26 -29.80
CA VAL C 781 -16.48 -36.00 -31.14
C VAL C 781 -16.04 -37.06 -32.12
N PHE C 782 -14.78 -37.47 -32.12
CA PHE C 782 -14.27 -38.35 -33.20
C PHE C 782 -14.18 -39.81 -32.79
N ALA C 783 -13.75 -40.10 -31.58
CA ALA C 783 -13.53 -41.49 -31.18
C ALA C 783 -14.79 -42.17 -30.74
N GLN C 784 -15.68 -42.50 -31.66
CA GLN C 784 -16.99 -43.08 -31.29
C GLN C 784 -17.10 -44.47 -31.91
N VAL C 785 -16.10 -44.90 -32.65
CA VAL C 785 -16.08 -46.27 -33.22
C VAL C 785 -14.77 -46.88 -32.74
N LYS C 786 -14.83 -47.99 -32.02
CA LYS C 786 -13.57 -48.65 -31.62
C LYS C 786 -12.86 -49.25 -32.82
N GLN C 787 -13.58 -49.85 -33.77
CA GLN C 787 -12.94 -50.57 -34.89
C GLN C 787 -12.75 -49.66 -36.08
N ILE C 788 -11.60 -49.71 -36.72
CA ILE C 788 -11.29 -48.83 -37.87
C ILE C 788 -11.73 -49.55 -39.13
N TYR C 789 -12.91 -49.23 -39.62
CA TYR C 789 -13.49 -49.90 -40.80
C TYR C 789 -12.77 -49.37 -42.02
N LYS C 790 -12.84 -50.08 -43.12
CA LYS C 790 -12.07 -49.69 -44.30
C LYS C 790 -12.99 -49.88 -45.50
N THR C 791 -12.89 -49.04 -46.52
CA THR C 791 -13.85 -49.08 -47.64
C THR C 791 -13.48 -50.22 -48.57
N PRO C 792 -14.42 -50.83 -49.32
CA PRO C 792 -14.10 -51.97 -50.15
C PRO C 792 -13.06 -51.53 -51.17
N PRO C 793 -12.17 -52.42 -51.64
CA PRO C 793 -11.13 -52.06 -52.58
C PRO C 793 -11.66 -51.51 -53.91
N ILE C 794 -12.73 -52.09 -54.44
CA ILE C 794 -13.38 -51.59 -55.69
C ILE C 794 -14.65 -50.84 -55.31
N LYS C 795 -14.80 -49.61 -55.78
CA LYS C 795 -15.95 -48.78 -55.38
C LYS C 795 -17.07 -48.87 -56.41
N ASP C 796 -18.14 -49.61 -56.11
CA ASP C 796 -19.34 -49.66 -56.98
C ASP C 796 -20.48 -49.38 -56.02
N PHE C 797 -20.65 -48.14 -55.60
CA PHE C 797 -21.64 -47.83 -54.54
C PHE C 797 -22.99 -47.62 -55.18
N GLY C 798 -23.15 -48.03 -56.43
CA GLY C 798 -24.48 -47.97 -57.05
C GLY C 798 -24.65 -46.75 -57.92
N GLY C 799 -23.59 -45.99 -58.11
CA GLY C 799 -23.64 -44.79 -58.95
C GLY C 799 -23.11 -43.61 -58.20
N PHE C 800 -23.05 -43.72 -56.90
CA PHE C 800 -22.66 -42.57 -56.07
C PHE C 800 -21.14 -42.49 -56.08
N ASN C 801 -20.58 -41.30 -56.22
CA ASN C 801 -19.11 -41.14 -56.18
C ASN C 801 -18.80 -40.42 -54.88
N PHE C 802 -18.08 -41.08 -54.00
CA PHE C 802 -17.76 -40.48 -52.71
C PHE C 802 -16.30 -40.11 -52.77
N SER C 803 -15.75 -39.89 -53.95
CA SER C 803 -14.31 -39.67 -54.10
C SER C 803 -13.88 -38.47 -53.32
N GLN C 804 -14.71 -37.45 -53.26
CA GLN C 804 -14.29 -36.19 -52.64
C GLN C 804 -14.42 -36.20 -51.14
N ILE C 805 -14.99 -37.23 -50.55
CA ILE C 805 -15.02 -37.28 -49.08
C ILE C 805 -14.12 -38.42 -48.60
N LEU C 806 -13.88 -39.44 -49.42
CA LEU C 806 -13.14 -40.64 -48.98
C LEU C 806 -11.65 -40.36 -48.98
N PRO C 807 -10.84 -41.02 -48.13
CA PRO C 807 -9.43 -40.75 -48.06
C PRO C 807 -8.70 -41.07 -49.36
N ASP C 808 -7.80 -40.19 -49.80
CA ASP C 808 -7.08 -40.37 -51.09
C ASP C 808 -5.62 -40.64 -50.80
N PRO C 809 -4.99 -41.73 -51.29
CA PRO C 809 -3.62 -42.07 -50.91
C PRO C 809 -2.52 -41.05 -51.30
N SER C 810 -2.62 -40.42 -52.47
CA SER C 810 -1.55 -39.49 -52.94
C SER C 810 -1.36 -38.32 -51.98
N LYS C 811 -2.41 -37.78 -51.38
CA LYS C 811 -2.32 -36.54 -50.55
C LYS C 811 -1.80 -36.84 -49.14
N PRO C 812 -1.90 -35.93 -48.13
CA PRO C 812 -1.48 -36.24 -46.77
C PRO C 812 -2.18 -37.54 -46.40
N SER C 813 -1.51 -38.38 -45.65
CA SER C 813 -1.99 -39.75 -45.39
C SER C 813 -3.40 -40.01 -45.87
N LYS C 814 -4.36 -39.42 -45.19
CA LYS C 814 -5.74 -39.78 -45.52
C LYS C 814 -6.54 -38.53 -45.86
N ARG C 815 -5.89 -37.38 -45.89
CA ARG C 815 -6.76 -36.20 -46.08
C ARG C 815 -7.46 -36.40 -47.41
N SER C 816 -8.77 -36.20 -47.44
CA SER C 816 -9.60 -36.47 -48.62
C SER C 816 -9.50 -35.31 -49.56
N PHE C 817 -10.20 -35.36 -50.67
CA PHE C 817 -10.05 -34.18 -51.52
C PHE C 817 -10.53 -32.93 -50.77
N ILE C 818 -11.42 -32.99 -49.77
CA ILE C 818 -11.99 -31.79 -49.06
C ILE C 818 -11.23 -31.37 -47.79
N GLU C 819 -10.97 -32.20 -46.77
CA GLU C 819 -10.18 -31.87 -45.60
C GLU C 819 -8.92 -31.11 -45.99
N ASP C 820 -8.23 -31.58 -47.03
CA ASP C 820 -7.05 -30.87 -47.52
C ASP C 820 -7.42 -29.45 -47.94
N LEU C 821 -8.55 -29.30 -48.62
CA LEU C 821 -9.05 -27.97 -48.95
C LEU C 821 -9.34 -27.18 -47.68
N LEU C 822 -9.91 -27.82 -46.68
CA LEU C 822 -10.27 -27.13 -45.45
C LEU C 822 -9.03 -26.70 -44.68
N PHE C 823 -8.07 -27.60 -44.51
CA PHE C 823 -6.88 -27.28 -43.72
C PHE C 823 -6.08 -26.14 -44.35
N ASN C 824 -5.85 -26.21 -45.66
CA ASN C 824 -5.13 -25.11 -46.34
C ASN C 824 -5.84 -23.78 -46.08
N LYS C 825 -7.18 -23.76 -46.13
CA LYS C 825 -7.93 -22.48 -45.98
C LYS C 825 -7.73 -21.85 -44.59
N VAL C 826 -7.87 -22.61 -43.50
CA VAL C 826 -7.56 -22.05 -42.15
C VAL C 826 -6.05 -21.91 -42.00
N THR C 827 -5.29 -22.90 -42.50
CA THR C 827 -3.81 -22.92 -42.36
C THR C 827 -3.46 -23.26 -40.91
N PHE C 855 8.18 -18.82 -26.30
CA PHE C 855 9.11 -17.82 -25.67
C PHE C 855 9.06 -17.64 -24.13
N ASN C 856 8.73 -16.44 -23.60
CA ASN C 856 8.85 -16.12 -22.13
C ASN C 856 7.71 -16.55 -21.19
N GLY C 857 7.85 -17.69 -20.51
CA GLY C 857 6.85 -18.20 -19.55
C GLY C 857 5.73 -18.95 -20.22
N LEU C 858 5.65 -18.96 -21.55
CA LEU C 858 4.50 -19.53 -22.27
C LEU C 858 4.91 -20.80 -22.99
N THR C 859 4.14 -21.86 -22.87
CA THR C 859 4.44 -23.13 -23.57
C THR C 859 3.18 -23.64 -24.23
N VAL C 860 3.21 -24.05 -25.49
CA VAL C 860 1.99 -24.65 -26.08
C VAL C 860 2.19 -26.16 -26.00
N LEU C 861 1.37 -26.83 -25.20
CA LEU C 861 1.49 -28.29 -25.04
C LEU C 861 0.97 -28.97 -26.30
N PRO C 862 1.54 -30.11 -26.78
CA PRO C 862 1.11 -30.69 -28.05
C PRO C 862 -0.18 -31.50 -27.93
N PRO C 863 -1.08 -31.46 -28.93
CA PRO C 863 -2.33 -32.18 -28.87
C PRO C 863 -2.10 -33.70 -28.85
N LEU C 864 -2.86 -34.44 -28.05
CA LEU C 864 -2.62 -35.89 -27.91
C LEU C 864 -2.84 -36.62 -29.23
N LEU C 865 -3.91 -36.30 -29.96
CA LEU C 865 -4.22 -37.03 -31.21
C LEU C 865 -3.78 -36.17 -32.40
N THR C 866 -2.74 -36.61 -33.10
CA THR C 866 -2.19 -35.88 -34.25
C THR C 866 -3.26 -35.82 -35.32
N ASP C 867 -3.20 -34.84 -36.19
CA ASP C 867 -4.27 -34.67 -37.18
C ASP C 867 -4.29 -35.88 -38.10
N GLU C 868 -3.22 -36.63 -38.22
CA GLU C 868 -3.30 -37.87 -39.02
C GLU C 868 -4.27 -38.83 -38.34
N MET C 869 -4.27 -38.95 -37.02
CA MET C 869 -5.19 -39.82 -36.25
C MET C 869 -6.61 -39.30 -36.21
N ILE C 870 -6.81 -37.99 -36.13
CA ILE C 870 -8.18 -37.41 -36.13
C ILE C 870 -8.78 -37.71 -37.50
N ALA C 871 -7.97 -37.89 -38.54
CA ALA C 871 -8.46 -38.23 -39.89
C ALA C 871 -8.58 -39.73 -40.12
N GLN C 872 -7.96 -40.58 -39.33
CA GLN C 872 -8.21 -42.04 -39.45
C GLN C 872 -9.58 -42.34 -38.88
N TYR C 873 -9.98 -41.65 -37.82
CA TYR C 873 -11.31 -41.81 -37.23
C TYR C 873 -12.36 -41.31 -38.19
N THR C 874 -12.22 -40.13 -38.77
CA THR C 874 -13.26 -39.58 -39.65
C THR C 874 -13.39 -40.50 -40.85
N SER C 875 -12.30 -41.07 -41.33
CA SER C 875 -12.34 -42.02 -42.47
C SER C 875 -12.99 -43.33 -42.10
N ALA C 876 -12.87 -43.82 -40.87
CA ALA C 876 -13.57 -45.05 -40.41
C ALA C 876 -15.06 -44.83 -40.32
N LEU C 877 -15.48 -43.71 -39.76
CA LEU C 877 -16.92 -43.43 -39.59
C LEU C 877 -17.50 -43.36 -40.98
N LEU C 878 -16.83 -42.75 -41.95
CA LEU C 878 -17.35 -42.59 -43.32
C LEU C 878 -17.43 -43.95 -44.02
N ALA C 879 -16.45 -44.82 -43.88
CA ALA C 879 -16.45 -46.13 -44.53
C ALA C 879 -17.43 -47.04 -43.87
N GLY C 880 -17.69 -46.85 -42.59
CA GLY C 880 -18.74 -47.62 -41.93
C GLY C 880 -20.10 -47.24 -42.44
N THR C 881 -20.39 -45.97 -42.64
CA THR C 881 -21.72 -45.51 -43.09
C THR C 881 -21.98 -45.93 -44.52
N ILE C 882 -21.01 -45.86 -45.40
CA ILE C 882 -21.14 -46.20 -46.84
C ILE C 882 -21.42 -47.69 -46.97
N THR C 883 -20.94 -48.52 -46.06
CA THR C 883 -21.06 -50.00 -46.15
C THR C 883 -22.07 -50.61 -45.18
N SER C 884 -22.14 -50.21 -43.91
CA SER C 884 -23.03 -50.80 -42.91
C SER C 884 -24.28 -49.97 -42.69
N GLY C 885 -24.15 -48.67 -42.51
CA GLY C 885 -25.29 -47.78 -42.27
C GLY C 885 -25.45 -47.36 -40.83
N TRP C 886 -26.66 -47.44 -40.34
CA TRP C 886 -26.94 -47.16 -38.91
C TRP C 886 -26.43 -48.31 -38.06
N THR C 887 -26.22 -49.49 -38.65
CA THR C 887 -25.88 -50.73 -37.92
C THR C 887 -24.55 -50.67 -37.19
N PHE C 888 -23.60 -49.89 -37.66
CA PHE C 888 -22.25 -49.83 -37.04
C PHE C 888 -22.33 -49.27 -35.62
N GLY C 889 -23.18 -48.28 -35.38
CA GLY C 889 -23.32 -47.65 -34.07
C GLY C 889 -24.01 -48.50 -33.03
N ALA C 890 -25.09 -49.17 -33.42
CA ALA C 890 -25.86 -50.06 -32.52
C ALA C 890 -25.10 -51.28 -32.08
N GLY C 891 -24.40 -51.94 -32.98
CA GLY C 891 -23.76 -53.19 -32.58
C GLY C 891 -22.86 -53.73 -33.66
N ALA C 892 -22.90 -55.03 -33.85
CA ALA C 892 -22.02 -55.65 -34.84
C ALA C 892 -22.34 -54.98 -36.16
N ALA C 893 -21.35 -54.66 -36.99
CA ALA C 893 -21.58 -53.95 -38.26
C ALA C 893 -22.13 -54.94 -39.25
N LEU C 894 -23.19 -54.57 -39.95
CA LEU C 894 -23.86 -55.50 -40.86
C LEU C 894 -23.93 -54.86 -42.24
N GLN C 895 -23.39 -55.52 -43.27
CA GLN C 895 -23.34 -54.94 -44.65
C GLN C 895 -24.73 -54.77 -45.28
N ILE C 896 -24.87 -53.83 -46.21
CA ILE C 896 -26.12 -53.66 -47.00
C ILE C 896 -25.68 -52.98 -48.28
N PRO C 897 -26.15 -53.36 -49.47
CA PRO C 897 -25.81 -52.60 -50.65
C PRO C 897 -26.20 -51.12 -50.55
N PHE C 898 -25.36 -50.15 -50.92
CA PHE C 898 -25.68 -48.69 -50.71
C PHE C 898 -26.93 -48.27 -51.47
N ALA C 899 -27.18 -48.80 -52.65
CA ALA C 899 -28.42 -48.36 -53.29
C ALA C 899 -29.58 -48.68 -52.34
N MET C 900 -29.58 -49.79 -51.58
CA MET C 900 -30.60 -50.15 -50.54
C MET C 900 -30.51 -49.33 -49.27
N GLN C 901 -29.33 -49.01 -48.78
CA GLN C 901 -29.31 -48.23 -47.55
C GLN C 901 -30.01 -46.96 -47.91
N MET C 902 -29.81 -46.40 -49.08
CA MET C 902 -30.47 -45.11 -49.38
C MET C 902 -31.99 -45.27 -49.40
N ALA C 903 -32.54 -46.41 -49.81
CA ALA C 903 -34.00 -46.63 -49.85
C ALA C 903 -34.58 -46.72 -48.45
N TYR C 904 -33.88 -47.31 -47.50
CA TYR C 904 -34.33 -47.35 -46.09
C TYR C 904 -34.35 -45.93 -45.55
N ARG C 905 -33.37 -45.10 -45.92
CA ARG C 905 -33.32 -43.68 -45.49
C ARG C 905 -34.48 -42.91 -46.12
N PHE C 906 -34.90 -43.21 -47.34
CA PHE C 906 -36.11 -42.63 -47.98
C PHE C 906 -37.39 -43.14 -47.31
N ASN C 907 -37.45 -44.36 -46.82
CA ASN C 907 -38.65 -44.82 -46.07
C ASN C 907 -38.80 -44.02 -44.77
N GLY C 908 -37.70 -43.60 -44.18
CA GLY C 908 -37.74 -42.86 -42.92
C GLY C 908 -38.34 -41.50 -43.12
N ILE C 909 -37.91 -40.79 -44.17
CA ILE C 909 -38.42 -39.41 -44.43
C ILE C 909 -39.92 -39.49 -44.68
N GLY C 910 -40.38 -40.51 -45.39
CA GLY C 910 -41.83 -40.71 -45.59
C GLY C 910 -42.12 -41.23 -46.98
N VAL C 911 -41.16 -41.11 -47.90
CA VAL C 911 -41.37 -41.53 -49.32
C VAL C 911 -41.22 -43.04 -49.37
N THR C 912 -41.73 -43.71 -50.39
CA THR C 912 -41.71 -45.17 -50.48
C THR C 912 -40.38 -45.61 -51.07
N GLN C 913 -40.06 -46.90 -51.06
CA GLN C 913 -38.80 -47.45 -51.63
C GLN C 913 -38.80 -47.30 -53.12
N ASN C 914 -39.95 -47.41 -53.76
CA ASN C 914 -39.99 -47.38 -55.24
C ASN C 914 -39.37 -46.10 -55.75
N VAL C 915 -39.56 -44.96 -55.12
CA VAL C 915 -39.02 -43.71 -55.68
C VAL C 915 -37.51 -43.82 -55.81
N LEU C 916 -36.77 -44.47 -54.90
CA LEU C 916 -35.30 -44.54 -55.16
C LEU C 916 -35.00 -45.47 -56.31
N TYR C 917 -35.54 -46.68 -56.32
CA TYR C 917 -35.11 -47.66 -57.34
C TYR C 917 -35.50 -47.19 -58.71
N GLU C 918 -36.69 -46.64 -58.86
CA GLU C 918 -37.19 -46.16 -60.15
C GLU C 918 -36.41 -44.95 -60.65
N ASN C 919 -36.00 -44.05 -59.75
CA ASN C 919 -35.26 -42.82 -60.11
C ASN C 919 -33.84 -42.85 -59.53
N GLN C 920 -33.13 -43.96 -59.52
CA GLN C 920 -31.79 -44.09 -58.88
C GLN C 920 -30.75 -43.29 -59.64
N LYS C 921 -30.77 -43.34 -60.96
CA LYS C 921 -29.73 -42.63 -61.75
C LYS C 921 -29.87 -41.14 -61.56
N LEU C 922 -31.08 -40.60 -61.52
CA LEU C 922 -31.29 -39.15 -61.23
C LEU C 922 -30.84 -38.81 -59.82
N ILE C 923 -31.12 -39.63 -58.81
CA ILE C 923 -30.65 -39.37 -57.43
C ILE C 923 -29.12 -39.44 -57.36
N ALA C 924 -28.47 -40.42 -58.00
CA ALA C 924 -27.00 -40.56 -57.91
C ALA C 924 -26.34 -39.38 -58.55
N ASN C 925 -26.80 -38.94 -59.72
CA ASN C 925 -26.29 -37.76 -60.45
C ASN C 925 -26.59 -36.47 -59.68
N GLN C 926 -27.74 -36.33 -59.04
CA GLN C 926 -28.03 -35.15 -58.18
C GLN C 926 -27.14 -35.12 -56.95
N PHE C 927 -26.90 -36.26 -56.31
CA PHE C 927 -25.98 -36.28 -55.15
C PHE C 927 -24.55 -36.03 -55.60
N ASN C 928 -24.09 -36.65 -56.67
CA ASN C 928 -22.68 -36.52 -57.04
C ASN C 928 -22.42 -35.05 -57.33
N SER C 929 -23.32 -34.35 -58.03
CA SER C 929 -23.13 -32.92 -58.42
C SER C 929 -23.09 -32.01 -57.21
N ALA C 930 -23.94 -32.21 -56.21
CA ALA C 930 -23.98 -31.39 -54.99
C ALA C 930 -22.71 -31.54 -54.15
N ILE C 931 -22.14 -32.74 -54.03
CA ILE C 931 -20.85 -32.89 -53.30
C ILE C 931 -19.83 -32.06 -54.06
N GLY C 932 -19.93 -32.05 -55.38
CA GLY C 932 -18.95 -31.31 -56.19
C GLY C 932 -18.98 -29.86 -55.84
N LYS C 933 -20.16 -29.28 -55.68
CA LYS C 933 -20.28 -27.84 -55.35
C LYS C 933 -19.72 -27.53 -53.97
N ILE C 934 -19.79 -28.45 -53.01
CA ILE C 934 -19.35 -28.10 -51.63
C ILE C 934 -17.88 -27.72 -51.72
N GLN C 935 -17.07 -28.42 -52.51
CA GLN C 935 -15.64 -28.01 -52.50
C GLN C 935 -15.50 -26.64 -53.12
N ASP C 936 -16.19 -26.37 -54.22
CA ASP C 936 -16.09 -25.07 -54.92
C ASP C 936 -16.62 -23.95 -54.03
N SER C 937 -17.65 -24.18 -53.23
CA SER C 937 -18.12 -23.05 -52.41
C SER C 937 -16.98 -22.64 -51.51
N LEU C 938 -16.29 -23.60 -50.93
CA LEU C 938 -15.10 -23.29 -50.11
C LEU C 938 -13.92 -22.83 -50.99
N SER C 939 -13.66 -23.50 -52.13
CA SER C 939 -12.52 -23.18 -53.04
C SER C 939 -12.71 -21.82 -53.71
N SER C 940 -13.94 -21.48 -54.12
CA SER C 940 -14.25 -20.14 -54.68
C SER C 940 -14.07 -19.19 -53.52
N THR C 941 -13.86 -19.75 -52.34
CA THR C 941 -13.52 -18.93 -51.16
C THR C 941 -14.71 -18.18 -50.59
N ALA C 942 -14.47 -17.41 -49.53
CA ALA C 942 -15.47 -16.65 -48.78
C ALA C 942 -14.82 -16.69 -47.39
N SER C 943 -15.58 -16.62 -46.31
CA SER C 943 -14.99 -16.83 -44.98
C SER C 943 -15.86 -17.88 -44.32
N ALA C 944 -15.94 -19.03 -44.96
CA ALA C 944 -16.79 -20.12 -44.44
C ALA C 944 -16.19 -20.68 -43.16
N LEU C 945 -14.87 -20.86 -43.14
CA LEU C 945 -14.28 -21.47 -41.94
C LEU C 945 -14.56 -20.53 -40.79
N GLY C 946 -14.39 -19.24 -40.91
CA GLY C 946 -14.77 -18.23 -39.91
C GLY C 946 -14.96 -18.70 -38.49
N LYS C 947 -15.88 -19.59 -38.21
CA LYS C 947 -16.16 -19.99 -36.81
C LYS C 947 -14.89 -20.60 -36.24
N LEU C 948 -14.20 -21.42 -37.02
CA LEU C 948 -12.95 -22.06 -36.58
C LEU C 948 -11.81 -21.04 -36.50
N GLN C 949 -11.80 -19.99 -37.31
CA GLN C 949 -10.64 -19.07 -37.35
C GLN C 949 -10.88 -17.83 -36.50
N ASP C 950 -11.96 -17.80 -35.73
CA ASP C 950 -12.14 -16.69 -34.78
C ASP C 950 -11.75 -17.26 -33.42
N VAL C 951 -11.77 -18.57 -33.25
CA VAL C 951 -11.25 -19.19 -32.01
C VAL C 951 -9.73 -19.03 -32.04
N VAL C 952 -9.07 -19.16 -33.19
CA VAL C 952 -7.60 -18.96 -33.29
C VAL C 952 -7.24 -17.51 -32.99
N ASN C 953 -7.95 -16.57 -33.59
CA ASN C 953 -7.62 -15.13 -33.42
C ASN C 953 -7.86 -14.68 -31.99
N GLN C 954 -8.99 -15.03 -31.39
CA GLN C 954 -9.30 -14.55 -30.04
C GLN C 954 -8.30 -15.13 -29.05
N ASN C 955 -7.92 -16.38 -29.23
CA ASN C 955 -6.90 -16.99 -28.32
C ASN C 955 -5.54 -16.31 -28.47
N ALA C 956 -5.06 -16.04 -29.68
CA ALA C 956 -3.77 -15.37 -29.93
C ALA C 956 -3.75 -13.90 -29.53
N GLN C 957 -4.80 -13.16 -29.75
CA GLN C 957 -4.81 -11.76 -29.26
C GLN C 957 -4.73 -11.72 -27.73
N ALA C 958 -5.35 -12.64 -27.01
CA ALA C 958 -5.22 -12.62 -25.55
C ALA C 958 -3.79 -12.88 -25.14
N LEU C 959 -3.09 -13.79 -25.80
CA LEU C 959 -1.72 -14.10 -25.33
C LEU C 959 -0.85 -12.88 -25.62
N ASN C 960 -1.04 -12.18 -26.74
CA ASN C 960 -0.28 -10.95 -27.02
C ASN C 960 -0.59 -9.87 -26.00
N THR C 961 -1.83 -9.70 -25.57
CA THR C 961 -2.08 -8.72 -24.48
C THR C 961 -1.37 -9.14 -23.19
N LEU C 962 -1.30 -10.41 -22.84
CA LEU C 962 -0.55 -10.79 -21.62
C LEU C 962 0.90 -10.40 -21.83
N VAL C 963 1.49 -10.72 -22.98
CA VAL C 963 2.93 -10.47 -23.21
C VAL C 963 3.20 -8.96 -23.23
N LYS C 964 2.28 -8.14 -23.73
CA LYS C 964 2.54 -6.70 -23.88
C LYS C 964 2.14 -5.94 -22.62
N GLN C 965 1.77 -6.64 -21.57
CA GLN C 965 1.45 -5.98 -20.28
C GLN C 965 2.63 -6.21 -19.37
N LEU C 966 3.72 -6.77 -19.91
CA LEU C 966 4.96 -6.92 -19.12
C LEU C 966 5.77 -5.66 -19.39
N SER C 967 5.22 -4.74 -20.16
CA SER C 967 5.91 -3.49 -20.51
C SER C 967 5.08 -2.34 -19.99
N SER C 968 4.36 -2.53 -18.89
CA SER C 968 3.64 -1.40 -18.26
C SER C 968 4.11 -1.18 -16.83
N ASN C 969 4.35 0.07 -16.44
CA ASN C 969 4.91 0.42 -15.11
C ASN C 969 3.96 0.02 -13.99
N PHE C 970 2.66 0.24 -14.18
CA PHE C 970 1.67 -0.04 -13.12
C PHE C 970 1.95 0.87 -11.95
N GLY C 971 2.63 1.99 -12.21
CA GLY C 971 2.91 2.99 -11.16
C GLY C 971 4.35 3.00 -10.65
N ALA C 972 5.14 2.00 -11.01
CA ALA C 972 6.53 1.89 -10.53
C ALA C 972 7.43 2.82 -11.32
N ILE C 973 8.66 3.01 -10.85
CA ILE C 973 9.64 3.90 -11.55
C ILE C 973 9.96 3.31 -12.92
N SER C 974 10.09 1.99 -13.01
CA SER C 974 10.47 1.39 -14.31
C SER C 974 9.72 0.10 -14.53
N SER C 975 9.56 -0.31 -15.79
CA SER C 975 8.82 -1.54 -16.15
C SER C 975 9.80 -2.70 -16.17
N VAL C 976 11.07 -2.44 -15.91
CA VAL C 976 12.07 -3.54 -16.04
C VAL C 976 12.61 -3.80 -14.66
N LEU C 977 12.53 -5.03 -14.21
CA LEU C 977 12.92 -5.37 -12.82
C LEU C 977 14.41 -5.07 -12.61
N ASN C 978 15.27 -5.37 -13.57
CA ASN C 978 16.71 -5.18 -13.28
C ASN C 978 17.01 -3.71 -13.00
N ASP C 979 16.40 -2.79 -13.75
CA ASP C 979 16.66 -1.34 -13.55
C ASP C 979 16.20 -0.93 -12.16
N ILE C 980 15.03 -1.36 -11.73
CA ILE C 980 14.56 -0.89 -10.41
C ILE C 980 15.56 -1.40 -9.39
N LEU C 981 15.93 -2.67 -9.47
CA LEU C 981 16.80 -3.24 -8.41
C LEU C 981 18.17 -2.55 -8.42
N SER C 982 18.77 -2.35 -9.60
CA SER C 982 20.13 -1.76 -9.70
C SER C 982 20.19 -0.28 -9.32
N ARG C 983 19.27 0.56 -9.80
CA ARG C 983 19.38 2.03 -9.57
C ARG C 983 18.63 2.52 -8.32
N LEU C 984 17.98 1.64 -7.56
CA LEU C 984 17.35 2.10 -6.31
C LEU C 984 17.84 1.22 -5.17
N ASP C 985 17.89 1.75 -3.95
CA ASP C 985 18.44 0.99 -2.79
C ASP C 985 17.50 -0.15 -2.45
N PRO C 986 17.96 -1.28 -1.90
CA PRO C 986 17.08 -2.41 -1.69
C PRO C 986 15.81 -2.13 -0.87
N PRO C 987 15.78 -1.35 0.21
CA PRO C 987 14.51 -1.11 0.88
C PRO C 987 13.51 -0.42 -0.05
N GLU C 988 13.95 0.59 -0.82
CA GLU C 988 13.03 1.34 -1.71
C GLU C 988 12.59 0.46 -2.88
N ALA C 989 13.48 -0.36 -3.41
CA ALA C 989 13.13 -1.16 -4.60
C ALA C 989 11.94 -2.05 -4.22
N GLU C 990 11.90 -2.61 -3.03
CA GLU C 990 10.79 -3.53 -2.74
C GLU C 990 9.47 -2.78 -2.91
N VAL C 991 9.42 -1.48 -2.61
CA VAL C 991 8.17 -0.69 -2.83
C VAL C 991 7.86 -0.64 -4.32
N GLN C 992 8.85 -0.33 -5.16
CA GLN C 992 8.65 -0.28 -6.62
C GLN C 992 8.38 -1.68 -7.20
N ILE C 993 9.09 -2.71 -6.75
CA ILE C 993 8.90 -4.10 -7.27
C ILE C 993 7.49 -4.54 -6.91
N ASP C 994 6.99 -4.21 -5.74
CA ASP C 994 5.66 -4.72 -5.35
C ASP C 994 4.63 -4.21 -6.33
N ARG C 995 4.77 -3.00 -6.83
CA ARG C 995 3.73 -2.45 -7.75
C ARG C 995 3.71 -3.31 -9.00
N LEU C 996 4.86 -3.73 -9.49
CA LEU C 996 4.92 -4.64 -10.66
C LEU C 996 4.28 -5.97 -10.29
N ILE C 997 4.58 -6.53 -9.13
CA ILE C 997 4.03 -7.87 -8.78
C ILE C 997 2.53 -7.75 -8.72
N THR C 998 1.98 -6.71 -8.13
CA THR C 998 0.49 -6.66 -8.04
C THR C 998 -0.10 -6.52 -9.43
N GLY C 999 0.47 -5.71 -10.28
CA GLY C 999 -0.15 -5.53 -11.60
C GLY C 999 0.04 -6.73 -12.50
N ARG C 1000 1.21 -7.35 -12.51
CA ARG C 1000 1.48 -8.45 -13.44
C ARG C 1000 0.71 -9.67 -12.94
N LEU C 1001 0.21 -9.67 -11.71
CA LEU C 1001 -0.63 -10.78 -11.20
C LEU C 1001 -2.09 -10.51 -11.56
N GLN C 1002 -2.54 -9.28 -11.56
CA GLN C 1002 -3.92 -8.98 -12.03
C GLN C 1002 -3.99 -9.33 -13.51
N SER C 1003 -2.94 -9.02 -14.25
CA SER C 1003 -2.90 -9.34 -15.70
C SER C 1003 -2.97 -10.83 -15.96
N LEU C 1004 -2.30 -11.69 -15.19
CA LEU C 1004 -2.43 -13.16 -15.35
C LEU C 1004 -3.81 -13.61 -14.93
N GLN C 1005 -4.37 -13.06 -13.86
CA GLN C 1005 -5.70 -13.48 -13.37
C GLN C 1005 -6.75 -13.15 -14.40
N THR C 1006 -6.68 -12.00 -15.07
CA THR C 1006 -7.65 -11.73 -16.16
C THR C 1006 -7.48 -12.73 -17.32
N TYR C 1007 -6.27 -13.09 -17.73
CA TYR C 1007 -6.18 -14.02 -18.86
C TYR C 1007 -6.78 -15.31 -18.42
N VAL C 1008 -6.43 -15.81 -17.24
CA VAL C 1008 -6.95 -17.14 -16.88
C VAL C 1008 -8.46 -17.06 -16.82
N THR C 1009 -9.05 -16.03 -16.25
CA THR C 1009 -10.52 -15.99 -16.12
C THR C 1009 -11.19 -15.92 -17.49
N GLN C 1010 -10.68 -15.14 -18.42
CA GLN C 1010 -11.28 -15.13 -19.77
C GLN C 1010 -11.09 -16.49 -20.44
N GLN C 1011 -9.97 -17.15 -20.29
CA GLN C 1011 -9.84 -18.51 -20.88
C GLN C 1011 -10.83 -19.46 -20.26
N LEU C 1012 -11.09 -19.38 -18.97
CA LEU C 1012 -12.04 -20.30 -18.29
C LEU C 1012 -13.45 -20.07 -18.84
N ILE C 1013 -13.87 -18.85 -19.10
CA ILE C 1013 -15.18 -18.55 -19.75
C ILE C 1013 -15.20 -18.97 -21.23
N ARG C 1014 -14.13 -18.75 -22.00
CA ARG C 1014 -14.03 -19.17 -23.42
C ARG C 1014 -13.90 -20.67 -23.57
N ALA C 1015 -13.30 -21.39 -22.64
CA ALA C 1015 -13.22 -22.86 -22.68
C ALA C 1015 -14.61 -23.45 -22.61
N ALA C 1016 -15.50 -22.86 -21.85
CA ALA C 1016 -16.90 -23.31 -21.75
C ALA C 1016 -17.66 -23.12 -23.06
N GLU C 1017 -17.44 -22.06 -23.81
CA GLU C 1017 -18.09 -21.91 -25.11
C GLU C 1017 -17.62 -23.03 -26.00
N ILE C 1018 -16.34 -23.37 -25.99
CA ILE C 1018 -15.82 -24.52 -26.79
C ILE C 1018 -16.36 -25.83 -26.24
N ARG C 1019 -16.52 -26.01 -24.94
CA ARG C 1019 -17.05 -27.30 -24.48
C ARG C 1019 -18.47 -27.48 -24.97
N ALA C 1020 -19.27 -26.43 -25.00
CA ALA C 1020 -20.63 -26.54 -25.56
C ALA C 1020 -20.63 -26.86 -27.05
N SER C 1021 -19.77 -26.29 -27.89
CA SER C 1021 -19.64 -26.66 -29.32
C SER C 1021 -19.07 -28.06 -29.47
N ALA C 1022 -18.16 -28.50 -28.63
CA ALA C 1022 -17.64 -29.85 -28.65
C ALA C 1022 -18.73 -30.82 -28.28
N ASN C 1023 -19.60 -30.49 -27.33
CA ASN C 1023 -20.78 -31.32 -26.94
C ASN C 1023 -21.87 -31.33 -28.02
N LEU C 1024 -22.15 -30.23 -28.72
CA LEU C 1024 -23.11 -30.26 -29.85
C LEU C 1024 -22.53 -31.07 -31.00
N ALA C 1025 -21.24 -31.04 -31.26
CA ALA C 1025 -20.61 -31.78 -32.36
C ALA C 1025 -20.67 -33.27 -32.11
N ALA C 1026 -20.48 -33.71 -30.89
CA ALA C 1026 -20.62 -35.13 -30.53
C ALA C 1026 -22.05 -35.60 -30.70
N THR C 1027 -23.07 -34.82 -30.36
CA THR C 1027 -24.51 -35.15 -30.54
C THR C 1027 -24.82 -35.21 -32.02
N LYS C 1028 -24.26 -34.35 -32.81
CA LYS C 1028 -24.46 -34.44 -34.27
C LYS C 1028 -23.75 -35.68 -34.80
N MET C 1029 -22.60 -36.09 -34.29
CA MET C 1029 -22.00 -37.31 -34.88
C MET C 1029 -22.83 -38.54 -34.59
N SER C 1030 -23.30 -38.70 -33.39
CA SER C 1030 -24.07 -39.90 -33.02
C SER C 1030 -25.42 -39.90 -33.69
N GLU C 1031 -26.14 -38.81 -33.71
CA GLU C 1031 -27.53 -38.82 -34.20
C GLU C 1031 -27.63 -38.54 -35.66
N CYS C 1032 -26.66 -37.89 -36.26
CA CYS C 1032 -26.67 -37.53 -37.67
C CYS C 1032 -25.75 -38.43 -38.49
N VAL C 1033 -24.50 -38.67 -38.12
CA VAL C 1033 -23.63 -39.65 -38.82
C VAL C 1033 -24.06 -41.09 -38.56
N LEU C 1034 -24.33 -41.50 -37.33
CA LEU C 1034 -24.61 -42.92 -37.05
C LEU C 1034 -26.10 -43.28 -37.06
N GLY C 1035 -27.02 -42.39 -37.40
CA GLY C 1035 -28.44 -42.72 -37.56
C GLY C 1035 -29.14 -41.65 -38.33
N GLN C 1036 -30.36 -41.84 -38.79
CA GLN C 1036 -31.12 -40.74 -39.45
C GLN C 1036 -31.84 -39.97 -38.35
N SER C 1037 -31.99 -38.64 -38.47
CA SER C 1037 -32.60 -37.83 -37.38
C SER C 1037 -33.94 -37.26 -37.82
N LYS C 1038 -34.97 -37.36 -36.98
CA LYS C 1038 -36.29 -36.79 -37.30
C LYS C 1038 -36.41 -35.42 -36.65
N ARG C 1039 -35.38 -35.00 -35.91
CA ARG C 1039 -35.39 -33.66 -35.28
C ARG C 1039 -35.28 -32.64 -36.40
N VAL C 1040 -36.14 -31.63 -36.42
CA VAL C 1040 -36.18 -30.68 -37.57
C VAL C 1040 -35.06 -29.65 -37.48
N ASP C 1041 -34.22 -29.52 -38.52
CA ASP C 1041 -33.19 -28.46 -38.61
C ASP C 1041 -32.00 -28.74 -37.70
N PHE C 1042 -31.99 -29.88 -37.01
CA PHE C 1042 -30.78 -30.26 -36.24
C PHE C 1042 -29.71 -30.53 -37.27
N CYS C 1043 -30.09 -31.19 -38.36
CA CYS C 1043 -29.10 -31.61 -39.37
C CYS C 1043 -29.53 -31.22 -40.78
N GLY C 1044 -29.42 -29.93 -41.10
CA GLY C 1044 -29.73 -29.45 -42.47
C GLY C 1044 -31.14 -28.98 -42.60
N LYS C 1045 -31.43 -28.16 -43.60
CA LYS C 1045 -32.83 -27.76 -43.86
C LYS C 1045 -33.39 -28.70 -44.91
N GLY C 1046 -34.36 -29.53 -44.53
CA GLY C 1046 -34.91 -30.54 -45.45
C GLY C 1046 -35.19 -31.79 -44.64
N TYR C 1047 -35.54 -32.89 -45.28
CA TYR C 1047 -35.70 -34.15 -44.53
C TYR C 1047 -34.36 -34.87 -44.59
N HIS C 1048 -33.77 -35.26 -43.45
CA HIS C 1048 -32.41 -35.84 -43.42
C HIS C 1048 -32.34 -37.21 -44.06
N LEU C 1049 -31.35 -37.45 -44.91
CA LEU C 1049 -31.14 -38.78 -45.48
C LEU C 1049 -29.87 -39.36 -44.84
N MET C 1050 -28.76 -38.62 -44.81
CA MET C 1050 -27.49 -39.10 -44.25
C MET C 1050 -26.56 -37.90 -44.04
N SER C 1051 -25.50 -38.05 -43.25
CA SER C 1051 -24.52 -36.94 -43.06
C SER C 1051 -23.13 -37.55 -43.02
N PHE C 1052 -22.11 -36.80 -43.45
CA PHE C 1052 -20.74 -37.36 -43.58
C PHE C 1052 -19.78 -36.52 -42.78
N PRO C 1053 -18.90 -37.09 -41.92
CA PRO C 1053 -18.07 -36.28 -41.07
C PRO C 1053 -16.73 -35.90 -41.68
N GLN C 1054 -16.30 -34.64 -41.73
CA GLN C 1054 -14.98 -34.36 -42.34
C GLN C 1054 -14.20 -33.45 -41.40
N SER C 1055 -12.95 -33.77 -41.04
CA SER C 1055 -12.18 -33.00 -40.04
C SER C 1055 -11.69 -31.67 -40.57
N ALA C 1056 -11.36 -30.73 -39.70
CA ALA C 1056 -10.90 -29.39 -40.08
C ALA C 1056 -9.80 -29.07 -39.11
N PRO C 1057 -9.02 -27.97 -39.18
CA PRO C 1057 -7.97 -27.73 -38.22
C PRO C 1057 -8.35 -28.12 -36.78
N HIS C 1058 -9.20 -27.34 -36.12
CA HIS C 1058 -9.56 -27.64 -34.71
C HIS C 1058 -11.06 -27.76 -34.59
N GLY C 1059 -11.71 -28.40 -35.56
CA GLY C 1059 -13.17 -28.51 -35.60
C GLY C 1059 -13.59 -29.60 -36.55
N VAL C 1060 -14.88 -29.80 -36.74
CA VAL C 1060 -15.42 -30.85 -37.65
C VAL C 1060 -16.40 -30.16 -38.59
N VAL C 1061 -16.47 -30.56 -39.85
CA VAL C 1061 -17.42 -30.01 -40.84
C VAL C 1061 -18.30 -31.20 -41.20
N PHE C 1062 -19.62 -31.07 -41.22
CA PHE C 1062 -20.46 -32.23 -41.47
C PHE C 1062 -21.16 -31.86 -42.74
N LEU C 1063 -21.19 -32.71 -43.75
CA LEU C 1063 -21.88 -32.46 -45.02
C LEU C 1063 -23.22 -33.15 -44.94
N HIS C 1064 -24.29 -32.43 -44.71
CA HIS C 1064 -25.59 -33.03 -44.43
C HIS C 1064 -26.44 -33.23 -45.66
N VAL C 1065 -26.59 -34.45 -46.19
CA VAL C 1065 -27.49 -34.74 -47.35
C VAL C 1065 -28.91 -34.64 -46.84
N THR C 1066 -29.87 -34.08 -47.60
CA THR C 1066 -31.27 -33.85 -47.21
C THR C 1066 -32.11 -33.92 -48.47
N TYR C 1067 -33.38 -34.29 -48.42
CA TYR C 1067 -34.28 -34.39 -49.59
C TYR C 1067 -35.21 -33.22 -49.50
N VAL C 1068 -35.16 -32.27 -50.43
CA VAL C 1068 -35.99 -31.05 -50.32
C VAL C 1068 -37.06 -31.19 -51.39
N PRO C 1069 -38.36 -31.21 -51.05
CA PRO C 1069 -39.37 -31.47 -52.04
C PRO C 1069 -39.57 -30.36 -53.08
N ALA C 1070 -39.96 -30.67 -54.31
CA ALA C 1070 -40.04 -29.60 -55.35
C ALA C 1070 -41.08 -29.85 -56.42
N GLN C 1071 -41.31 -28.89 -57.29
CA GLN C 1071 -42.33 -28.97 -58.36
C GLN C 1071 -43.74 -29.24 -57.84
N GLU C 1072 -44.23 -28.45 -56.90
CA GLU C 1072 -45.56 -28.64 -56.29
C GLU C 1072 -46.68 -28.44 -57.30
N LYS C 1073 -47.79 -29.16 -57.16
CA LYS C 1073 -48.97 -29.00 -58.03
C LYS C 1073 -50.19 -29.00 -57.12
N ASN C 1074 -51.26 -28.27 -57.44
CA ASN C 1074 -52.39 -28.15 -56.48
C ASN C 1074 -53.57 -29.00 -56.92
N PHE C 1075 -54.18 -29.76 -56.00
CA PHE C 1075 -55.28 -30.69 -56.33
C PHE C 1075 -56.34 -30.60 -55.24
N THR C 1076 -57.60 -30.89 -55.53
CA THR C 1076 -58.71 -30.79 -54.56
C THR C 1076 -58.76 -32.07 -53.76
N THR C 1077 -59.07 -32.02 -52.46
CA THR C 1077 -58.98 -33.21 -51.61
C THR C 1077 -60.11 -33.28 -50.63
N ALA C 1078 -60.39 -34.48 -50.09
CA ALA C 1078 -61.53 -34.67 -49.20
C ALA C 1078 -61.07 -35.39 -47.95
N PRO C 1079 -61.69 -35.18 -46.79
CA PRO C 1079 -61.33 -35.96 -45.62
C PRO C 1079 -61.58 -37.47 -45.74
N ALA C 1080 -62.68 -37.90 -46.34
CA ALA C 1080 -63.03 -39.32 -46.48
C ALA C 1080 -63.80 -39.49 -47.78
N ILE C 1081 -64.02 -40.70 -48.27
CA ILE C 1081 -64.83 -40.96 -49.49
C ILE C 1081 -65.96 -41.92 -49.14
N CYS C 1082 -67.21 -41.62 -49.50
CA CYS C 1082 -68.36 -42.47 -49.08
C CYS C 1082 -68.77 -43.46 -50.16
N HIS C 1083 -68.65 -44.75 -49.91
CA HIS C 1083 -69.14 -45.77 -50.86
C HIS C 1083 -69.98 -46.77 -50.06
N ASP C 1084 -71.17 -47.14 -50.55
CA ASP C 1084 -72.04 -48.14 -49.86
C ASP C 1084 -72.37 -47.66 -48.45
N GLY C 1085 -72.62 -46.36 -48.27
CA GLY C 1085 -73.03 -45.84 -46.96
C GLY C 1085 -71.99 -46.05 -45.87
N LYS C 1086 -70.71 -46.02 -46.22
CA LYS C 1086 -69.61 -46.18 -45.23
C LYS C 1086 -68.54 -45.15 -45.57
N ALA C 1087 -67.80 -44.65 -44.60
CA ALA C 1087 -66.83 -43.59 -44.92
C ALA C 1087 -65.44 -44.22 -44.98
N HIS C 1088 -64.79 -44.22 -46.13
CA HIS C 1088 -63.50 -44.89 -46.27
C HIS C 1088 -62.40 -43.85 -46.12
N PHE C 1089 -61.45 -44.04 -45.20
CA PHE C 1089 -60.40 -43.04 -44.94
C PHE C 1089 -59.08 -43.61 -45.45
N PRO C 1090 -58.10 -42.79 -45.89
CA PRO C 1090 -56.90 -43.34 -46.48
C PRO C 1090 -55.98 -44.00 -45.46
N ARG C 1091 -55.53 -45.23 -45.72
CA ARG C 1091 -54.71 -45.94 -44.71
C ARG C 1091 -53.38 -45.21 -44.55
N GLU C 1092 -52.72 -44.86 -45.65
CA GLU C 1092 -51.46 -44.07 -45.60
C GLU C 1092 -51.42 -43.25 -46.88
N GLY C 1093 -51.81 -41.98 -46.81
CA GLY C 1093 -51.91 -41.21 -48.05
C GLY C 1093 -52.97 -40.14 -48.00
N VAL C 1094 -53.17 -39.44 -49.10
CA VAL C 1094 -54.12 -38.31 -49.14
C VAL C 1094 -55.05 -38.57 -50.33
N PHE C 1095 -56.36 -38.38 -50.18
CA PHE C 1095 -57.24 -38.52 -51.35
C PHE C 1095 -57.09 -37.24 -52.17
N VAL C 1096 -56.86 -37.31 -53.48
CA VAL C 1096 -56.61 -36.12 -54.33
C VAL C 1096 -57.45 -36.26 -55.60
N SER C 1097 -57.76 -35.15 -56.29
CA SER C 1097 -58.61 -35.20 -57.51
C SER C 1097 -57.99 -34.43 -58.67
N ASN C 1098 -57.88 -35.04 -59.85
CA ASN C 1098 -57.40 -34.31 -61.05
C ASN C 1098 -58.61 -33.71 -61.77
N GLY C 1099 -59.37 -32.84 -61.10
CA GLY C 1099 -60.59 -32.28 -61.69
C GLY C 1099 -61.74 -33.27 -61.75
N THR C 1100 -61.59 -34.41 -62.41
CA THR C 1100 -62.73 -35.35 -62.59
C THR C 1100 -62.58 -36.67 -61.84
N HIS C 1101 -61.36 -37.10 -61.50
CA HIS C 1101 -61.20 -38.45 -60.90
C HIS C 1101 -60.57 -38.38 -59.51
N TRP C 1102 -60.96 -39.29 -58.63
CA TRP C 1102 -60.43 -39.29 -57.23
C TRP C 1102 -59.39 -40.40 -57.09
N PHE C 1103 -58.24 -40.10 -56.48
CA PHE C 1103 -57.13 -41.07 -56.37
C PHE C 1103 -56.48 -40.96 -54.99
N VAL C 1104 -55.79 -42.00 -54.51
CA VAL C 1104 -55.03 -41.94 -53.22
C VAL C 1104 -53.56 -41.77 -53.58
N THR C 1105 -52.89 -40.77 -53.02
CA THR C 1105 -51.47 -40.52 -53.36
C THR C 1105 -50.69 -40.49 -52.06
N GLN C 1106 -49.39 -40.80 -52.09
CA GLN C 1106 -48.59 -40.68 -50.86
C GLN C 1106 -48.43 -39.19 -50.57
N ARG C 1107 -48.24 -38.80 -49.33
CA ARG C 1107 -48.21 -37.37 -48.98
C ARG C 1107 -47.02 -36.60 -49.55
N ASN C 1108 -45.82 -37.18 -49.63
CA ASN C 1108 -44.61 -36.40 -50.01
C ASN C 1108 -44.17 -36.55 -51.47
N PHE C 1109 -44.94 -37.22 -52.32
CA PHE C 1109 -44.62 -37.32 -53.76
C PHE C 1109 -45.94 -37.63 -54.45
N TYR C 1110 -46.09 -37.31 -55.72
CA TYR C 1110 -47.42 -37.56 -56.33
C TYR C 1110 -47.34 -38.90 -57.05
N GLU C 1111 -47.97 -39.93 -56.50
CA GLU C 1111 -48.03 -41.24 -57.18
C GLU C 1111 -49.49 -41.63 -57.18
N PRO C 1112 -50.33 -41.12 -58.11
CA PRO C 1112 -51.76 -41.39 -58.03
C PRO C 1112 -52.07 -42.88 -58.17
N GLN C 1113 -52.96 -43.39 -57.34
CA GLN C 1113 -53.34 -44.83 -57.39
C GLN C 1113 -54.85 -44.95 -57.22
N ILE C 1114 -55.45 -45.99 -57.79
CA ILE C 1114 -56.94 -46.15 -57.72
C ILE C 1114 -57.32 -46.45 -56.27
N ILE C 1115 -58.45 -45.94 -55.81
CA ILE C 1115 -58.93 -46.20 -54.42
C ILE C 1115 -59.47 -47.62 -54.39
N THR C 1116 -59.00 -48.46 -53.47
CA THR C 1116 -59.42 -49.88 -53.37
C THR C 1116 -59.56 -50.21 -51.89
N THR C 1117 -60.10 -51.38 -51.55
CA THR C 1117 -60.23 -51.81 -50.14
C THR C 1117 -58.84 -51.92 -49.50
N ASP C 1118 -57.82 -52.29 -50.28
CA ASP C 1118 -56.45 -52.44 -49.75
C ASP C 1118 -55.88 -51.10 -49.24
N ASN C 1119 -56.13 -49.99 -49.94
CA ASN C 1119 -55.51 -48.69 -49.55
C ASN C 1119 -56.44 -47.82 -48.69
N THR C 1120 -57.63 -48.31 -48.31
CA THR C 1120 -58.60 -47.51 -47.52
C THR C 1120 -59.15 -48.33 -46.35
N PHE C 1121 -59.53 -47.67 -45.24
CA PHE C 1121 -60.15 -48.37 -44.08
C PHE C 1121 -61.53 -47.78 -43.81
N VAL C 1122 -62.51 -48.59 -43.42
CA VAL C 1122 -63.91 -48.10 -43.24
C VAL C 1122 -64.16 -47.89 -41.75
N SER C 1123 -64.61 -46.69 -41.37
CA SER C 1123 -64.97 -46.49 -39.94
C SER C 1123 -66.16 -45.56 -39.78
N GLY C 1124 -67.38 -46.00 -40.10
CA GLY C 1124 -68.52 -45.11 -39.79
C GLY C 1124 -69.56 -44.98 -40.87
N ASN C 1125 -70.30 -43.87 -40.85
CA ASN C 1125 -71.35 -43.59 -41.86
C ASN C 1125 -71.08 -42.20 -42.45
N CYS C 1126 -71.65 -41.90 -43.61
CA CYS C 1126 -71.39 -40.63 -44.32
C CYS C 1126 -71.78 -39.38 -43.51
N ASP C 1127 -72.51 -39.49 -42.41
CA ASP C 1127 -73.02 -38.30 -41.69
C ASP C 1127 -72.00 -37.51 -40.87
N VAL C 1128 -71.13 -38.17 -40.10
CA VAL C 1128 -70.22 -37.44 -39.16
C VAL C 1128 -69.13 -36.60 -39.83
N VAL C 1129 -68.42 -37.07 -40.85
CA VAL C 1129 -67.29 -36.27 -41.41
C VAL C 1129 -67.84 -35.08 -42.20
N ILE C 1130 -67.23 -33.91 -42.05
CA ILE C 1130 -67.66 -32.70 -42.82
C ILE C 1130 -66.72 -32.57 -44.01
N GLY C 1131 -67.22 -32.76 -45.23
CA GLY C 1131 -66.34 -32.77 -46.40
C GLY C 1131 -66.31 -34.10 -47.10
N ILE C 1132 -67.09 -35.08 -46.69
CA ILE C 1132 -66.96 -36.38 -47.39
C ILE C 1132 -67.41 -36.21 -48.82
N VAL C 1133 -66.63 -36.70 -49.76
CA VAL C 1133 -67.04 -36.67 -51.18
C VAL C 1133 -67.53 -38.06 -51.46
N ASN C 1134 -68.29 -38.25 -52.52
CA ASN C 1134 -68.88 -39.56 -52.82
C ASN C 1134 -68.21 -40.07 -54.07
N ASN C 1135 -67.61 -41.25 -54.02
CA ASN C 1135 -66.88 -41.82 -55.18
C ASN C 1135 -66.91 -43.33 -54.99
N THR C 1136 -66.45 -44.11 -55.97
CA THR C 1136 -66.56 -45.59 -55.86
C THR C 1136 -65.24 -46.19 -55.42
N VAL C 1137 -65.27 -47.01 -54.36
CA VAL C 1137 -64.05 -47.67 -53.85
C VAL C 1137 -64.10 -49.10 -54.38
N TYR C 1138 -63.11 -49.49 -55.17
CA TYR C 1138 -63.12 -50.80 -55.85
C TYR C 1138 -62.80 -51.93 -54.88
N ASP C 1139 -63.24 -53.14 -55.18
CA ASP C 1139 -62.91 -54.32 -54.36
C ASP C 1139 -62.13 -55.27 -55.25
N PRO C 1140 -60.89 -55.64 -54.93
CA PRO C 1140 -60.12 -56.49 -55.83
C PRO C 1140 -60.75 -57.88 -56.07
N LEU C 1141 -61.41 -58.46 -55.06
CA LEU C 1141 -62.03 -59.82 -55.16
C LEU C 1141 -63.20 -59.89 -56.13
N GLN C 1142 -64.05 -58.88 -56.22
CA GLN C 1142 -65.29 -59.02 -57.03
C GLN C 1142 -65.02 -59.36 -58.48
N PRO C 1143 -64.05 -58.77 -59.20
CA PRO C 1143 -63.76 -59.21 -60.56
C PRO C 1143 -63.36 -60.70 -60.58
N GLU C 1144 -62.52 -61.14 -59.64
CA GLU C 1144 -62.06 -62.55 -59.63
C GLU C 1144 -63.22 -63.50 -59.33
N LEU C 1145 -64.10 -63.12 -58.40
CA LEU C 1145 -65.28 -63.96 -58.05
C LEU C 1145 -66.18 -64.07 -59.28
N VAL D 2 10.79 76.30 24.66
CA VAL D 2 11.98 76.75 23.89
C VAL D 2 12.66 77.91 24.62
N GLN D 3 12.01 79.08 24.70
CA GLN D 3 12.61 80.20 25.46
C GLN D 3 11.69 80.61 26.63
N LEU D 4 12.16 80.47 27.87
CA LEU D 4 11.36 80.91 29.04
C LEU D 4 11.73 82.36 29.34
N VAL D 5 10.74 83.24 29.50
CA VAL D 5 11.05 84.70 29.69
C VAL D 5 10.61 85.14 31.09
N GLU D 6 11.48 85.89 31.80
CA GLU D 6 11.17 86.26 33.20
C GLU D 6 11.38 87.76 33.43
N SER D 7 10.76 88.29 34.49
CA SER D 7 10.90 89.73 34.84
C SER D 7 10.97 89.87 36.36
N GLY D 8 11.44 91.02 36.86
CA GLY D 8 11.45 91.25 38.33
C GLY D 8 12.76 90.89 39.01
N GLY D 9 13.81 90.58 38.27
CA GLY D 9 15.11 90.32 38.91
C GLY D 9 15.95 91.57 39.04
N GLY D 10 16.12 92.09 40.26
CA GLY D 10 16.85 93.35 40.46
C GLY D 10 17.29 93.56 41.91
N LEU D 11 18.18 94.53 42.16
CA LEU D 11 18.58 94.87 43.54
C LEU D 11 17.34 95.41 44.28
N ILE D 12 17.15 94.99 45.53
CA ILE D 12 15.98 95.47 46.32
C ILE D 12 16.40 95.59 47.79
N GLN D 13 15.76 96.47 48.56
CA GLN D 13 16.04 96.54 50.02
C GLN D 13 15.42 95.29 50.66
N PRO D 14 15.98 94.74 51.76
CA PRO D 14 15.47 93.50 52.34
C PRO D 14 14.02 93.65 52.86
N GLY D 15 13.22 92.59 52.72
CA GLY D 15 11.83 92.62 53.21
C GLY D 15 10.83 92.88 52.08
N GLY D 16 11.28 93.50 50.99
CA GLY D 16 10.36 93.85 49.88
C GLY D 16 9.77 92.60 49.23
N SER D 17 8.49 92.64 48.88
CA SER D 17 7.82 91.46 48.29
C SER D 17 7.97 91.50 46.76
N LEU D 18 8.58 90.47 46.18
CA LEU D 18 8.83 90.46 44.71
C LEU D 18 8.13 89.25 44.10
N ARG D 19 7.35 89.46 43.04
CA ARG D 19 6.73 88.30 42.34
C ARG D 19 7.56 88.01 41.09
N LEU D 20 7.97 86.75 40.93
CA LEU D 20 8.82 86.38 39.77
C LEU D 20 7.95 85.66 38.75
N SER D 21 7.92 86.16 37.51
CA SER D 21 7.07 85.55 36.46
C SER D 21 7.94 84.98 35.35
N CYS D 22 7.76 83.70 35.00
CA CYS D 22 8.55 83.04 33.92
C CYS D 22 7.53 82.44 32.95
N ALA D 23 7.83 82.32 31.65
CA ALA D 23 6.77 81.86 30.72
C ALA D 23 7.09 80.51 30.07
N VAL D 24 6.20 79.53 30.25
CA VAL D 24 6.40 78.18 29.66
C VAL D 24 6.36 78.31 28.14
N SER D 25 7.29 77.65 27.44
CA SER D 25 7.37 77.85 25.97
C SER D 25 7.46 76.54 25.21
N GLY D 26 6.62 76.33 24.20
CA GLY D 26 6.75 75.16 23.32
C GLY D 26 6.22 73.86 23.90
N PHE D 27 5.65 73.87 25.11
CA PHE D 27 5.04 72.64 25.66
C PHE D 27 3.84 72.98 26.56
N THR D 28 2.92 72.02 26.76
CA THR D 28 1.78 72.24 27.68
C THR D 28 2.33 72.40 29.09
N VAL D 29 1.73 73.27 29.92
CA VAL D 29 2.31 73.55 31.26
C VAL D 29 2.45 72.22 32.00
N SER D 30 3.63 71.97 32.59
CA SER D 30 3.79 70.74 33.40
C SER D 30 4.58 71.01 34.68
N ARG D 31 5.90 71.22 34.58
CA ARG D 31 6.72 71.35 35.82
C ARG D 31 7.70 72.52 35.74
N MET D 32 7.98 73.17 36.88
CA MET D 32 8.97 74.27 36.92
C MET D 32 9.86 74.12 38.17
N SER D 33 11.16 74.42 38.05
CA SER D 33 12.10 74.33 39.20
C SER D 33 12.89 75.63 39.32
N TRP D 34 13.30 75.99 40.54
CA TRP D 34 14.12 77.22 40.73
C TRP D 34 15.55 76.83 41.15
N VAL D 35 16.55 77.34 40.43
CA VAL D 35 17.98 77.06 40.75
C VAL D 35 18.70 78.41 40.86
N ARG D 36 19.58 78.58 41.85
CA ARG D 36 20.23 79.90 42.06
C ARG D 36 21.76 79.78 41.95
N GLN D 37 22.42 80.70 41.23
CA GLN D 37 23.90 80.68 41.10
C GLN D 37 24.48 81.94 41.75
N ALA D 38 25.41 81.78 42.69
CA ALA D 38 25.98 82.97 43.39
C ALA D 38 26.85 83.75 42.40
N PRO D 39 26.89 85.10 42.44
CA PRO D 39 27.67 85.85 41.46
C PRO D 39 29.14 85.47 41.63
N GLY D 40 29.83 85.18 40.52
CA GLY D 40 31.23 84.73 40.62
C GLY D 40 31.36 83.47 41.47
N LYS D 41 30.38 82.57 41.42
CA LYS D 41 30.38 81.34 42.27
C LYS D 41 29.48 80.28 41.64
N GLY D 42 29.55 79.03 42.10
CA GLY D 42 28.76 77.93 41.52
C GLY D 42 27.28 78.02 41.80
N LEU D 43 26.46 77.41 40.95
CA LEU D 43 24.98 77.40 41.14
C LEU D 43 24.59 76.44 42.26
N GLU D 44 23.34 76.51 42.75
CA GLU D 44 22.85 75.59 43.81
C GLU D 44 21.34 75.37 43.64
N CYS D 45 20.92 74.12 43.38
CA CYS D 45 19.47 73.77 43.20
C CYS D 45 18.73 73.96 44.52
N VAL D 46 17.49 74.48 44.50
CA VAL D 46 16.80 74.77 45.79
C VAL D 46 15.28 74.46 45.81
N SER D 47 14.44 75.20 45.07
CA SER D 47 12.96 75.03 45.19
C SER D 47 12.33 74.47 43.92
N VAL D 48 11.40 73.50 44.05
CA VAL D 48 10.79 72.83 42.87
C VAL D 48 9.29 72.60 43.10
N ILE D 49 8.50 72.46 42.03
CA ILE D 49 7.05 72.11 42.14
C ILE D 49 6.80 70.94 41.19
N TYR D 50 5.72 70.18 41.39
CA TYR D 50 5.46 68.99 40.55
C TYR D 50 4.12 69.13 39.83
N THR D 51 3.99 68.49 38.66
CA THR D 51 2.72 68.50 37.89
C THR D 51 1.65 67.86 38.77
N GLY D 52 2.04 66.85 39.55
CA GLY D 52 1.10 66.15 40.46
C GLY D 52 0.55 67.09 41.53
N GLY D 53 1.21 68.24 41.73
CA GLY D 53 0.79 69.15 42.81
C GLY D 53 1.59 68.89 44.06
N ASN D 54 2.46 67.89 44.01
CA ASN D 54 3.38 67.63 45.14
C ASN D 54 4.43 68.74 45.15
N THR D 55 4.94 69.12 46.33
CA THR D 55 5.90 70.25 46.39
C THR D 55 7.16 69.85 47.15
N ASP D 56 8.33 70.20 46.63
CA ASP D 56 9.59 69.94 47.36
C ASP D 56 10.38 71.24 47.53
N TYR D 57 10.78 71.55 48.77
CA TYR D 57 11.61 72.76 49.01
C TYR D 57 12.86 72.35 49.77
N ALA D 58 14.02 72.81 49.35
CA ALA D 58 15.28 72.48 50.05
C ALA D 58 15.32 73.28 51.36
N ASP D 59 16.22 72.92 52.27
CA ASP D 59 16.27 73.60 53.60
C ASP D 59 16.49 75.10 53.38
N SER D 60 17.18 75.47 52.30
CA SER D 60 17.44 76.90 51.99
C SER D 60 16.12 77.66 51.82
N VAL D 61 15.11 77.04 51.18
CA VAL D 61 13.79 77.72 50.97
C VAL D 61 12.67 76.94 51.65
N LYS D 62 12.96 76.02 52.58
CA LYS D 62 11.87 75.18 53.11
C LYS D 62 10.87 76.05 53.88
N GLY D 63 9.60 76.05 53.45
CA GLY D 63 8.54 76.83 54.15
C GLY D 63 8.70 78.31 53.92
N ARG D 64 9.60 78.72 53.02
CA ARG D 64 9.87 80.16 52.84
C ARG D 64 9.52 80.62 51.42
N PHE D 65 9.31 79.67 50.50
CA PHE D 65 9.08 80.07 49.10
C PHE D 65 7.74 79.51 48.61
N THR D 66 6.97 80.31 47.87
CA THR D 66 5.70 79.81 47.28
C THR D 66 5.94 79.59 45.79
N ILE D 67 5.83 78.35 45.31
CA ILE D 67 6.16 78.08 43.88
C ILE D 67 4.91 77.62 43.14
N SER D 68 4.62 78.20 41.98
CA SER D 68 3.36 77.88 41.25
C SER D 68 3.45 78.20 39.77
N ARG D 69 2.48 77.72 38.99
CA ARG D 69 2.42 78.00 37.53
C ARG D 69 0.96 78.30 37.18
N ASP D 70 0.72 78.99 36.06
CA ASP D 70 -0.69 79.18 35.64
C ASP D 70 -0.94 78.34 34.40
N ASN D 71 -1.91 77.43 34.45
CA ASN D 71 -2.26 76.65 33.23
C ASN D 71 -2.83 77.59 32.17
N SER D 72 -3.70 78.52 32.56
CA SER D 72 -4.38 79.41 31.59
C SER D 72 -3.40 80.38 30.90
N LYS D 73 -2.49 81.00 31.65
CA LYS D 73 -1.62 82.04 31.03
C LYS D 73 -0.20 81.51 30.77
N ASN D 74 0.09 80.28 31.19
CA ASN D 74 1.44 79.69 30.98
C ASN D 74 2.47 80.61 31.63
N THR D 75 2.10 81.25 32.74
CA THR D 75 3.02 82.17 33.44
C THR D 75 3.35 81.57 34.81
N LEU D 76 4.62 81.37 35.10
CA LEU D 76 5.02 80.71 36.36
C LEU D 76 4.99 81.73 37.49
N TYR D 77 4.38 81.39 38.63
CA TYR D 77 4.24 82.37 39.74
C TYR D 77 5.15 82.04 40.91
N LEU D 78 6.09 82.92 41.25
CA LEU D 78 6.91 82.72 42.48
C LEU D 78 6.76 83.99 43.30
N GLN D 79 6.38 83.89 44.58
CA GLN D 79 6.33 85.13 45.41
C GLN D 79 7.49 85.11 46.40
N MET D 80 8.28 86.19 46.43
CA MET D 80 9.46 86.24 47.33
C MET D 80 8.97 86.37 48.77
N ASN D 81 9.48 85.53 49.67
CA ASN D 81 9.12 85.63 51.11
C ASN D 81 10.39 85.42 51.93
N SER D 82 10.46 85.99 53.13
CA SER D 82 11.63 85.77 54.04
C SER D 82 12.96 86.00 53.30
N LEU D 83 13.14 87.18 52.70
CA LEU D 83 14.36 87.43 51.90
C LEU D 83 15.58 87.16 52.78
N ARG D 84 16.55 86.39 52.27
CA ARG D 84 17.75 86.03 53.06
C ARG D 84 19.00 86.22 52.21
N ALA D 85 20.16 86.43 52.84
CA ALA D 85 21.42 86.66 52.10
C ALA D 85 21.80 85.41 51.28
N GLU D 86 21.60 84.21 51.84
CA GLU D 86 22.04 82.98 51.13
C GLU D 86 21.29 82.79 49.80
N ASP D 87 19.97 82.98 49.80
CA ASP D 87 19.15 82.74 48.57
C ASP D 87 19.45 83.76 47.48
N THR D 88 19.63 85.04 47.85
CA THR D 88 19.76 86.11 46.80
C THR D 88 20.97 85.88 45.89
N ALA D 89 20.77 85.97 44.57
CA ALA D 89 21.84 85.73 43.56
C ALA D 89 21.13 85.55 42.21
N LEU D 90 21.81 84.94 41.24
CA LEU D 90 21.13 84.63 39.95
C LEU D 90 19.97 83.68 40.24
N TYR D 91 18.80 83.90 39.64
CA TYR D 91 17.65 82.98 39.81
C TYR D 91 17.27 82.41 38.44
N TYR D 92 17.07 81.10 38.34
CA TYR D 92 16.80 80.48 37.02
C TYR D 92 15.52 79.64 37.07
N CYS D 93 14.63 79.81 36.09
CA CYS D 93 13.43 78.92 36.03
C CYS D 93 13.75 77.81 35.04
N VAL D 94 13.70 76.55 35.49
CA VAL D 94 14.07 75.39 34.63
C VAL D 94 12.92 74.38 34.75
N ARG D 95 12.87 73.36 33.90
CA ARG D 95 11.80 72.34 34.08
C ARG D 95 11.92 71.74 35.49
N GLY D 96 10.80 71.52 36.17
CA GLY D 96 10.87 71.06 37.57
C GLY D 96 11.58 69.74 37.72
N SER D 97 11.26 68.77 36.87
CA SER D 97 11.88 67.42 36.95
C SER D 97 11.71 66.71 35.61
N GLY D 98 12.41 65.61 35.38
CA GLY D 98 12.20 64.86 34.14
C GLY D 98 13.17 63.72 33.96
N GLY D 99 13.15 63.10 32.78
CA GLY D 99 14.12 62.03 32.47
C GLY D 99 13.81 60.80 33.28
N ILE D 100 14.75 59.86 33.34
CA ILE D 100 14.53 58.70 34.24
C ILE D 100 14.55 59.26 35.67
N HIS D 101 15.46 60.20 35.94
CA HIS D 101 15.58 60.71 37.34
C HIS D 101 15.88 62.21 37.42
N ASP D 102 14.94 63.04 37.89
CA ASP D 102 15.22 64.48 38.17
C ASP D 102 15.98 65.22 37.06
N ALA D 103 15.51 65.16 35.81
CA ALA D 103 16.30 65.80 34.73
C ALA D 103 15.64 67.09 34.27
N PHE D 104 16.38 68.20 34.24
CA PHE D 104 15.84 69.48 33.71
C PHE D 104 16.67 69.87 32.49
N ASP D 105 16.02 70.17 31.35
CA ASP D 105 16.78 70.41 30.11
C ASP D 105 16.42 71.75 29.45
N ILE D 106 15.14 72.11 29.43
CA ILE D 106 14.73 73.32 28.71
C ILE D 106 14.74 74.48 29.70
N TRP D 107 15.61 75.45 29.45
CA TRP D 107 15.86 76.55 30.39
C TRP D 107 15.59 77.90 29.73
N GLY D 108 15.65 78.94 30.54
CA GLY D 108 15.48 80.31 30.09
C GLY D 108 16.51 81.24 30.69
N GLN D 109 16.38 82.54 30.45
CA GLN D 109 17.44 83.45 30.89
C GLN D 109 17.42 83.66 32.41
N GLY D 110 16.26 83.56 33.04
CA GLY D 110 16.17 83.74 34.47
C GLY D 110 16.18 85.21 34.86
N THR D 111 16.32 85.45 36.17
CA THR D 111 16.34 86.85 36.69
C THR D 111 17.34 86.94 37.84
N MET D 112 18.55 87.46 37.57
CA MET D 112 19.58 87.60 38.63
C MET D 112 19.03 88.56 39.69
N VAL D 113 19.23 88.25 40.96
CA VAL D 113 18.62 89.10 42.03
C VAL D 113 19.68 89.54 43.04
N THR D 114 19.79 90.84 43.29
CA THR D 114 20.68 91.37 44.29
C THR D 114 19.88 91.82 45.51
N VAL D 115 20.50 91.78 46.68
CA VAL D 115 19.95 92.42 47.87
C VAL D 115 21.06 93.21 48.54
N SER D 116 20.73 94.44 48.94
CA SER D 116 21.68 95.35 49.58
C SER D 116 20.91 96.56 50.07
N SER D 117 21.64 97.57 50.53
CA SER D 117 21.05 98.85 50.88
C SER D 117 20.44 99.51 49.64
N ASP E 1 22.63 69.69 51.61
CA ASP E 1 23.94 69.72 50.90
C ASP E 1 24.52 68.30 50.86
N ILE E 2 25.61 68.11 50.11
CA ILE E 2 26.25 66.77 50.04
C ILE E 2 27.77 66.98 50.01
N GLN E 3 28.56 65.99 50.45
CA GLN E 3 30.02 66.18 50.52
C GLN E 3 30.73 65.32 49.46
N MET E 4 31.27 65.95 48.41
CA MET E 4 31.94 65.22 47.30
C MET E 4 32.98 66.18 46.71
N THR E 5 33.93 65.68 45.92
CA THR E 5 34.89 66.59 45.24
C THR E 5 34.96 66.25 43.75
N GLN E 6 35.07 67.25 42.88
CA GLN E 6 35.09 67.02 41.41
C GLN E 6 36.48 67.37 40.86
N SER E 7 36.99 66.54 39.95
CA SER E 7 38.34 66.78 39.35
C SER E 7 38.24 66.71 37.83
N PRO E 8 39.14 67.36 37.06
CA PRO E 8 40.24 68.16 37.62
C PRO E 8 39.76 69.51 38.13
N SER E 9 39.93 69.78 39.43
CA SER E 9 39.44 71.07 40.01
C SER E 9 40.03 72.21 39.18
N SER E 10 41.24 72.02 38.67
CA SER E 10 41.91 73.06 37.85
C SER E 10 42.19 72.50 36.45
N VAL E 11 41.87 73.25 35.40
CA VAL E 11 42.01 72.71 34.01
C VAL E 11 42.89 73.62 33.15
N SER E 12 44.02 73.11 32.65
CA SER E 12 44.86 73.89 31.70
C SER E 12 44.28 73.67 30.30
N ALA E 13 44.73 74.44 29.30
CA ALA E 13 44.11 74.32 27.96
C ALA E 13 44.28 72.87 27.47
N SER E 14 43.18 72.27 27.00
CA SER E 14 43.22 70.85 26.53
C SER E 14 43.26 70.83 25.00
N VAL E 15 44.37 70.36 24.41
CA VAL E 15 44.49 70.42 22.91
C VAL E 15 44.63 69.00 22.33
N GLY E 16 43.74 68.62 21.41
CA GLY E 16 43.85 67.32 20.72
C GLY E 16 43.97 66.15 21.69
N ASP E 17 43.17 66.15 22.78
CA ASP E 17 43.31 65.08 23.80
C ASP E 17 41.95 64.76 24.44
N ARG E 18 41.84 63.59 25.05
CA ARG E 18 40.58 63.25 25.79
C ARG E 18 40.50 64.11 27.06
N VAL E 19 39.29 64.52 27.44
CA VAL E 19 39.11 65.31 28.69
C VAL E 19 38.30 64.45 29.66
N THR E 20 38.72 64.36 30.93
CA THR E 20 38.03 63.43 31.86
C THR E 20 37.32 64.20 32.97
N ILE E 21 36.07 63.83 33.26
CA ILE E 21 35.30 64.51 34.34
C ILE E 21 35.05 63.49 35.47
N THR E 22 35.31 63.86 36.73
CA THR E 22 35.20 62.87 37.82
C THR E 22 34.53 63.47 39.07
N CYS E 23 33.92 62.65 39.92
CA CYS E 23 33.33 63.12 41.20
C CYS E 23 33.27 61.93 42.18
N ARG E 24 33.17 62.17 43.50
CA ARG E 24 33.23 61.05 44.49
C ARG E 24 31.93 60.88 45.28
N ALA E 25 31.49 59.62 45.55
CA ALA E 25 30.18 59.34 46.20
C ALA E 25 30.03 59.87 47.62
N SER E 26 28.86 60.44 47.95
CA SER E 26 28.56 60.86 49.34
C SER E 26 27.31 60.13 49.82
N GLN E 27 26.47 59.68 48.89
CA GLN E 27 25.19 59.00 49.24
C GLN E 27 25.17 57.60 48.62
N GLY E 28 26.34 57.00 48.37
CA GLY E 28 26.36 55.70 47.67
C GLY E 28 25.69 55.85 46.32
N ILE E 29 25.98 56.94 45.62
CA ILE E 29 25.34 57.21 44.30
C ILE E 29 25.67 56.08 43.33
N SER E 30 24.67 55.57 42.61
CA SER E 30 24.94 54.55 41.57
C SER E 30 24.18 54.98 40.32
N THR E 31 24.91 55.27 39.23
CA THR E 31 24.26 55.76 37.96
C THR E 31 23.34 56.93 38.29
N TRP E 32 23.80 57.85 39.15
CA TRP E 32 22.98 59.04 39.51
C TRP E 32 23.80 60.33 39.39
N LEU E 33 24.13 60.75 38.17
CA LEU E 33 24.84 62.03 37.98
C LEU E 33 24.42 62.59 36.61
N ALA E 34 24.24 63.90 36.49
CA ALA E 34 23.92 64.51 35.17
C ALA E 34 25.01 65.51 34.81
N TRP E 35 25.66 65.31 33.67
CA TRP E 35 26.78 66.21 33.28
C TRP E 35 26.23 67.49 32.68
N TYR E 36 26.99 68.59 32.75
CA TYR E 36 26.43 69.89 32.28
C TYR E 36 27.39 70.65 31.38
N GLN E 37 26.87 71.37 30.39
CA GLN E 37 27.71 72.27 29.55
C GLN E 37 27.09 73.67 29.61
N GLN E 38 27.88 74.70 29.90
CA GLN E 38 27.29 76.06 30.05
C GLN E 38 28.15 77.07 29.31
N LYS E 39 27.53 78.06 28.66
CA LYS E 39 28.31 79.15 28.02
C LYS E 39 27.93 80.44 28.75
N PRO E 40 28.89 81.31 29.16
CA PRO E 40 28.55 82.50 29.94
C PRO E 40 27.61 83.41 29.14
N GLY E 41 26.61 83.99 29.81
CA GLY E 41 25.63 84.84 29.11
C GLY E 41 24.54 84.02 28.46
N LYS E 42 24.54 82.71 28.69
CA LYS E 42 23.55 81.79 28.07
C LYS E 42 23.06 80.82 29.17
N ALA E 43 21.92 80.15 28.96
CA ALA E 43 21.39 79.17 29.94
C ALA E 43 22.21 77.88 29.92
N PRO E 44 22.65 77.34 31.09
CA PRO E 44 23.37 76.06 31.13
C PRO E 44 22.51 74.88 30.65
N LYS E 45 23.12 73.93 29.97
CA LYS E 45 22.36 72.78 29.41
C LYS E 45 23.05 71.48 29.84
N VAL E 46 22.29 70.37 29.90
CA VAL E 46 22.89 69.06 30.25
C VAL E 46 23.88 68.65 29.15
N LEU E 47 25.01 68.06 29.53
CA LEU E 47 26.00 67.58 28.52
C LEU E 47 25.66 66.12 28.17
N ILE E 48 24.70 65.53 28.90
CA ILE E 48 24.35 64.09 28.70
C ILE E 48 22.92 63.92 29.21
N ASN E 49 22.31 62.73 29.04
CA ASN E 49 20.95 62.48 29.62
C ASN E 49 21.06 62.09 31.09
N ALA E 50 22.27 61.98 31.65
CA ALA E 50 22.54 61.61 33.06
C ALA E 50 22.70 60.09 33.17
N ALA E 51 22.29 59.36 32.13
CA ALA E 51 22.53 57.91 32.09
C ALA E 51 22.07 57.23 33.40
N SER E 52 20.89 57.59 33.92
CA SER E 52 20.42 56.87 35.12
C SER E 52 20.25 55.39 34.77
N GLY E 53 19.68 55.09 33.62
CA GLY E 53 19.59 53.69 33.17
C GLY E 53 20.54 53.45 32.01
N LEU E 54 20.49 54.32 30.99
CA LEU E 54 21.42 54.22 29.83
C LEU E 54 21.69 55.63 29.31
N GLN E 55 22.88 55.88 28.77
CA GLN E 55 23.14 57.21 28.14
C GLN E 55 22.35 57.29 26.82
N SER E 56 21.71 58.43 26.56
CA SER E 56 20.90 58.60 25.32
C SER E 56 20.78 60.09 24.97
N GLY E 57 20.46 60.41 23.71
CA GLY E 57 20.26 61.81 23.29
C GLY E 57 21.52 62.63 23.49
N VAL E 58 22.69 62.00 23.39
CA VAL E 58 23.98 62.69 23.64
C VAL E 58 24.98 62.21 22.59
N PRO E 59 25.92 63.06 22.10
CA PRO E 59 26.96 62.57 21.19
C PRO E 59 27.78 61.56 21.99
N SER E 60 28.25 60.48 21.34
CA SER E 60 28.95 59.39 22.07
C SER E 60 30.28 59.91 22.65
N ARG E 61 30.71 61.09 22.22
CA ARG E 61 32.04 61.60 22.65
C ARG E 61 32.09 61.70 24.18
N PHE E 62 31.01 62.15 24.82
CA PHE E 62 31.01 62.17 26.31
C PHE E 62 30.41 60.85 26.83
N SER E 63 31.25 59.92 27.27
CA SER E 63 30.76 58.63 27.83
C SER E 63 31.50 58.32 29.14
N GLY E 64 30.77 57.91 30.18
CA GLY E 64 31.42 57.53 31.45
C GLY E 64 30.57 56.60 32.27
N SER E 65 31.17 55.88 33.21
CA SER E 65 30.39 55.00 34.10
C SER E 65 30.35 55.59 35.51
N GLY E 66 29.15 55.83 36.04
CA GLY E 66 29.02 56.34 37.42
C GLY E 66 28.36 55.31 38.32
N SER E 67 29.07 54.83 39.34
CA SER E 67 28.52 53.85 40.31
C SER E 67 29.46 53.85 41.52
N GLY E 68 29.03 53.31 42.65
CA GLY E 68 29.98 53.23 43.78
C GLY E 68 30.55 54.61 44.05
N THR E 69 31.88 54.73 44.14
CA THR E 69 32.50 56.07 44.31
C THR E 69 32.99 56.57 42.96
N ASP E 70 32.91 55.72 41.93
CA ASP E 70 33.48 56.11 40.61
C ASP E 70 32.41 56.78 39.73
N PHE E 71 32.57 58.08 39.47
CA PHE E 71 31.64 58.81 38.56
C PHE E 71 32.53 59.52 37.54
N THR E 72 33.15 58.75 36.64
CA THR E 72 34.10 59.35 35.70
C THR E 72 33.50 59.34 34.29
N LEU E 73 33.84 60.34 33.48
CA LEU E 73 33.36 60.36 32.07
C LEU E 73 34.48 60.95 31.20
N THR E 74 34.52 60.61 29.91
CA THR E 74 35.60 61.09 29.01
C THR E 74 35.01 61.87 27.84
N ILE E 75 35.77 62.80 27.26
CA ILE E 75 35.32 63.58 26.08
C ILE E 75 36.21 63.15 24.91
N SER E 76 35.65 62.86 23.73
CA SER E 76 36.49 62.32 22.63
C SER E 76 37.58 63.29 22.18
N SER E 77 37.27 64.57 21.95
CA SER E 77 38.31 65.50 21.41
C SER E 77 37.98 66.97 21.72
N LEU E 78 38.99 67.84 21.64
CA LEU E 78 38.77 69.30 21.88
C LEU E 78 38.00 69.92 20.72
N GLN E 79 37.06 70.83 21.01
CA GLN E 79 36.26 71.53 19.97
C GLN E 79 36.01 72.95 20.46
N PRO E 80 35.65 73.94 19.61
CA PRO E 80 35.31 75.27 20.11
C PRO E 80 34.08 75.16 21.02
N GLU E 81 33.09 74.36 20.63
CA GLU E 81 31.91 74.11 21.52
C GLU E 81 32.39 73.36 22.76
N ASP E 82 33.38 72.45 22.60
CA ASP E 82 33.91 71.63 23.72
C ASP E 82 34.67 72.54 24.69
N PHE E 83 34.96 73.78 24.28
CA PHE E 83 35.58 74.71 25.25
C PHE E 83 34.47 75.26 26.15
N ALA E 84 34.02 74.46 27.14
CA ALA E 84 32.84 74.88 27.93
C ALA E 84 32.92 74.51 29.42
N THR E 85 32.58 75.45 30.30
CA THR E 85 32.45 75.25 31.77
C THR E 85 31.65 73.97 32.03
N TYR E 86 32.07 73.16 33.01
CA TYR E 86 31.39 71.87 33.29
C TYR E 86 31.08 71.73 34.78
N TYR E 87 29.99 71.04 35.13
CA TYR E 87 29.60 70.89 36.56
C TYR E 87 28.99 69.51 36.80
N CYS E 88 28.71 69.18 38.07
CA CYS E 88 28.07 67.90 38.43
C CYS E 88 26.92 68.21 39.40
N GLN E 89 25.92 67.34 39.52
CA GLN E 89 24.76 67.65 40.39
C GLN E 89 24.45 66.43 41.26
N GLN E 90 24.05 66.64 42.51
CA GLN E 90 23.64 65.47 43.34
C GLN E 90 22.33 64.96 42.77
N ALA E 91 22.20 63.64 42.58
CA ALA E 91 20.97 63.15 41.92
C ALA E 91 20.09 62.30 42.84
N HIS E 92 20.66 61.38 43.63
CA HIS E 92 19.81 60.42 44.39
C HIS E 92 18.85 61.08 45.40
N SER E 93 19.29 62.10 46.14
CA SER E 93 18.38 62.63 47.19
C SER E 93 18.30 64.15 47.24
N PHE E 94 17.25 64.65 47.87
CA PHE E 94 17.08 66.11 48.05
C PHE E 94 18.09 66.61 49.10
N PRO E 95 18.53 67.89 49.03
CA PRO E 95 18.49 68.66 47.80
C PRO E 95 19.62 68.26 46.83
N PRO E 96 19.43 68.37 45.49
CA PRO E 96 20.52 68.11 44.56
C PRO E 96 21.59 69.18 44.84
N THR E 97 22.86 68.77 44.89
CA THR E 97 23.95 69.73 45.22
C THR E 97 25.01 69.70 44.13
N PHE E 98 25.44 70.87 43.65
CA PHE E 98 26.41 70.92 42.52
C PHE E 98 27.84 70.66 42.99
N GLY E 99 28.64 69.97 42.17
CA GLY E 99 30.06 69.77 42.47
C GLY E 99 30.86 71.04 42.15
N PRO E 100 32.06 71.26 42.73
CA PRO E 100 32.81 72.50 42.53
C PRO E 100 32.74 73.08 41.11
N GLY E 101 32.98 72.25 40.09
CA GLY E 101 32.93 72.67 38.68
C GLY E 101 34.27 73.18 38.18
N THR E 102 34.51 73.07 36.87
CA THR E 102 35.78 73.54 36.27
C THR E 102 35.49 74.28 34.96
N LYS E 103 36.37 75.20 34.55
CA LYS E 103 36.22 75.93 33.28
C LYS E 103 37.54 75.83 32.50
N LEU E 104 37.50 76.01 31.19
CA LEU E 104 38.72 75.85 30.36
C LEU E 104 39.44 77.19 30.19
N VAL F 2 71.22 36.58 3.09
CA VAL F 2 71.76 36.05 4.38
C VAL F 2 72.83 37.01 4.92
N GLN F 3 73.98 37.12 4.25
CA GLN F 3 75.01 38.09 4.70
C GLN F 3 75.28 39.14 3.62
N LEU F 4 75.01 40.42 3.91
CA LEU F 4 75.30 41.50 2.94
C LEU F 4 76.71 42.01 3.25
N VAL F 5 77.57 42.12 2.23
CA VAL F 5 78.99 42.52 2.48
C VAL F 5 79.28 43.88 1.84
N GLU F 6 79.94 44.78 2.57
CA GLU F 6 80.15 46.17 2.07
C GLU F 6 81.61 46.59 2.20
N SER F 7 82.02 47.60 1.43
CA SER F 7 83.41 48.13 1.50
C SER F 7 83.37 49.65 1.34
N GLY F 8 84.45 50.34 1.72
CA GLY F 8 84.53 51.81 1.51
C GLY F 8 84.08 52.63 2.71
N GLY F 9 83.86 52.01 3.87
CA GLY F 9 83.52 52.81 5.06
C GLY F 9 84.75 53.21 5.85
N GLY F 10 85.12 54.49 5.83
CA GLY F 10 86.35 54.94 6.51
C GLY F 10 86.40 56.44 6.72
N LEU F 11 87.33 56.92 7.55
CA LEU F 11 87.52 58.39 7.74
C LEU F 11 87.96 58.98 6.41
N ILE F 12 87.41 60.14 6.04
CA ILE F 12 87.79 60.81 4.76
C ILE F 12 87.75 62.32 4.96
N GLN F 13 88.54 63.07 4.20
CA GLN F 13 88.44 64.56 4.25
C GLN F 13 87.12 64.96 3.57
N PRO F 14 86.45 66.06 3.97
CA PRO F 14 85.16 66.42 3.39
C PRO F 14 85.25 66.73 1.89
N GLY F 15 84.21 66.36 1.13
CA GLY F 15 84.19 66.64 -0.32
C GLY F 15 84.57 65.41 -1.14
N GLY F 16 85.31 64.47 -0.54
CA GLY F 16 85.78 63.29 -1.30
C GLY F 16 84.62 62.43 -1.77
N SER F 17 84.71 61.89 -2.99
CA SER F 17 83.60 61.08 -3.55
C SER F 17 83.82 59.61 -3.17
N LEU F 18 82.85 59.01 -2.46
CA LEU F 18 83.01 57.61 -2.00
C LEU F 18 81.88 56.76 -2.59
N ARG F 19 82.22 55.62 -3.20
CA ARG F 19 81.14 54.72 -3.70
C ARG F 19 80.98 53.58 -2.69
N LEU F 20 79.76 53.33 -2.24
CA LEU F 20 79.52 52.28 -1.22
C LEU F 20 78.92 51.07 -1.93
N SER F 21 79.56 49.90 -1.78
CA SER F 21 79.08 48.67 -2.47
C SER F 21 78.63 47.65 -1.42
N CYS F 22 77.40 47.15 -1.53
CA CYS F 22 76.87 46.12 -0.58
C CYS F 22 76.38 44.95 -1.45
N ALA F 23 76.41 43.71 -0.95
CA ALA F 23 76.06 42.58 -1.86
C ALA F 23 74.80 41.84 -1.43
N VAL F 24 73.80 41.78 -2.32
CA VAL F 24 72.52 41.06 -2.02
C VAL F 24 72.84 39.59 -1.83
N SER F 25 72.26 38.96 -0.80
CA SER F 25 72.62 37.55 -0.51
C SER F 25 71.40 36.66 -0.28
N GLY F 26 71.31 35.53 -0.97
CA GLY F 26 70.24 34.54 -0.70
C GLY F 26 68.89 34.89 -1.29
N PHE F 27 68.77 36.00 -2.02
CA PHE F 27 67.48 36.32 -2.69
C PHE F 27 67.71 37.06 -4.01
N THR F 28 66.74 37.01 -4.93
CA THR F 28 66.86 37.77 -6.20
C THR F 28 66.85 39.26 -5.86
N VAL F 29 67.63 40.08 -6.60
CA VAL F 29 67.74 41.51 -6.22
C VAL F 29 66.34 42.12 -6.16
N SER F 30 66.03 42.84 -5.09
CA SER F 30 64.71 43.51 -5.03
C SER F 30 64.83 44.93 -4.44
N ARG F 31 65.06 45.05 -3.12
CA ARG F 31 65.04 46.40 -2.49
C ARG F 31 66.21 46.59 -1.53
N MET F 32 66.72 47.83 -1.43
CA MET F 32 67.82 48.14 -0.47
C MET F 32 67.51 49.48 0.23
N SER F 33 67.84 49.60 1.52
CA SER F 33 67.61 50.85 2.28
C SER F 33 68.89 51.23 3.03
N TRP F 34 69.12 52.53 3.24
CA TRP F 34 70.30 52.98 4.02
C TRP F 34 69.87 53.56 5.37
N VAL F 35 70.46 53.05 6.47
CA VAL F 35 70.14 53.54 7.84
C VAL F 35 71.46 53.91 8.51
N ARG F 36 71.53 55.03 9.23
CA ARG F 36 72.81 55.48 9.82
C ARG F 36 72.70 55.58 11.36
N GLN F 37 73.70 55.09 12.09
CA GLN F 37 73.69 55.18 13.59
C GLN F 37 74.88 56.04 14.04
N ALA F 38 74.61 57.08 14.82
CA ALA F 38 75.70 57.98 15.27
C ALA F 38 76.58 57.23 16.27
N PRO F 39 77.92 57.42 16.28
CA PRO F 39 78.78 56.66 17.17
C PRO F 39 78.38 57.00 18.61
N GLY F 40 78.22 55.98 19.47
CA GLY F 40 77.75 56.23 20.85
C GLY F 40 76.41 56.94 20.87
N LYS F 41 75.52 56.65 19.92
CA LYS F 41 74.20 57.35 19.82
C LYS F 41 73.22 56.47 19.03
N GLY F 42 71.93 56.80 19.05
CA GLY F 42 70.89 55.99 18.38
C GLY F 42 70.96 56.06 16.86
N LEU F 43 70.46 55.02 16.18
CA LEU F 43 70.42 54.99 14.70
C LEU F 43 69.35 55.93 14.16
N GLU F 44 69.36 56.23 12.86
CA GLU F 44 68.33 57.10 12.23
C GLU F 44 68.13 56.69 10.76
N CYS F 45 66.91 56.23 10.40
CA CYS F 45 66.60 55.81 9.00
C CYS F 45 66.63 57.02 8.06
N VAL F 46 67.15 56.86 6.84
CA VAL F 46 67.28 58.07 5.96
C VAL F 46 66.98 57.82 4.47
N SER F 47 67.81 57.06 3.74
CA SER F 47 67.63 56.94 2.25
C SER F 47 67.21 55.53 1.83
N VAL F 48 66.24 55.42 0.90
CA VAL F 48 65.70 54.08 0.48
C VAL F 48 65.45 54.06 -1.03
N ILE F 49 65.44 52.88 -1.66
CA ILE F 49 65.07 52.76 -3.10
C ILE F 49 64.02 51.64 -3.20
N TYR F 50 63.25 51.60 -4.28
CA TYR F 50 62.16 50.59 -4.39
C TYR F 50 62.37 49.70 -5.61
N THR F 51 61.87 48.46 -5.56
CA THR F 51 61.98 47.52 -6.70
C THR F 51 61.24 48.16 -7.88
N GLY F 52 60.15 48.87 -7.59
CA GLY F 52 59.36 49.53 -8.65
C GLY F 52 60.17 50.61 -9.36
N GLY F 53 61.28 51.05 -8.77
CA GLY F 53 62.08 52.14 -9.34
C GLY F 53 61.67 53.46 -8.73
N ASN F 54 60.68 53.43 -7.84
CA ASN F 54 60.28 54.65 -7.10
C ASN F 54 61.38 54.93 -6.08
N THR F 55 61.63 56.21 -5.75
CA THR F 55 62.75 56.54 -4.84
C THR F 55 62.26 57.43 -3.69
N ASP F 56 62.66 57.13 -2.46
CA ASP F 56 62.31 58.01 -1.31
C ASP F 56 63.59 58.44 -0.59
N TYR F 57 63.76 59.73 -0.38
CA TYR F 57 64.94 60.23 0.39
C TYR F 57 64.43 61.13 1.52
N ALA F 58 64.94 60.92 2.73
CA ALA F 58 64.55 61.77 3.88
C ALA F 58 65.18 63.15 3.70
N ASP F 59 64.73 64.14 4.47
CA ASP F 59 65.24 65.53 4.33
C ASP F 59 66.75 65.51 4.55
N SER F 60 67.25 64.59 5.37
CA SER F 60 68.70 64.49 5.65
C SER F 60 69.47 64.22 4.36
N VAL F 61 68.94 63.37 3.47
CA VAL F 61 69.63 63.05 2.18
C VAL F 61 68.78 63.46 0.98
N LYS F 62 67.78 64.32 1.16
CA LYS F 62 66.87 64.58 0.01
C LYS F 62 67.65 65.29 -1.11
N GLY F 63 67.70 64.69 -2.30
CA GLY F 63 68.38 65.29 -3.46
C GLY F 63 69.89 65.26 -3.30
N ARG F 64 70.39 64.56 -2.28
CA ARG F 64 71.86 64.57 -2.00
C ARG F 64 72.46 63.18 -2.15
N PHE F 65 71.63 62.15 -2.21
CA PHE F 65 72.18 60.77 -2.25
C PHE F 65 71.69 60.03 -3.49
N THR F 66 72.57 59.29 -4.15
CA THR F 66 72.15 58.47 -5.31
C THR F 66 72.09 57.02 -4.85
N ILE F 67 70.92 56.39 -4.88
CA ILE F 67 70.81 55.00 -4.33
C ILE F 67 70.43 54.04 -5.45
N SER F 68 71.15 52.91 -5.57
CA SER F 68 70.91 51.98 -6.71
C SER F 68 71.39 50.57 -6.41
N ARG F 69 71.00 49.60 -7.24
CA ARG F 69 71.46 48.19 -7.11
C ARG F 69 71.80 47.67 -8.50
N ASP F 70 72.60 46.61 -8.59
CA ASP F 70 72.85 46.01 -9.92
C ASP F 70 72.16 44.66 -9.96
N ASN F 71 71.24 44.46 -10.92
CA ASN F 71 70.61 43.12 -11.07
C ASN F 71 71.67 42.10 -11.49
N SER F 72 72.55 42.47 -12.43
CA SER F 72 73.55 41.51 -12.97
C SER F 72 74.58 41.10 -11.92
N LYS F 73 75.12 42.04 -11.14
CA LYS F 73 76.22 41.67 -10.20
C LYS F 73 75.71 41.56 -8.76
N ASN F 74 74.44 41.87 -8.51
CA ASN F 74 73.88 41.81 -7.13
C ASN F 74 74.72 42.70 -6.23
N THR F 75 75.23 43.81 -6.77
CA THR F 75 76.06 44.74 -5.98
C THR F 75 75.31 46.06 -5.85
N LEU F 76 75.08 46.51 -4.61
CA LEU F 76 74.28 47.73 -4.40
C LEU F 76 75.17 48.97 -4.61
N TYR F 77 74.69 49.95 -5.38
CA TYR F 77 75.54 51.13 -5.69
C TYR F 77 75.07 52.37 -4.96
N LEU F 78 75.92 52.95 -4.09
CA LEU F 78 75.57 54.25 -3.47
C LEU F 78 76.75 55.18 -3.75
N GLN F 79 76.50 56.37 -4.30
CA GLN F 79 77.63 57.31 -4.50
C GLN F 79 77.50 58.46 -3.50
N MET F 80 78.57 58.73 -2.74
CA MET F 80 78.52 59.79 -1.71
C MET F 80 78.49 61.15 -2.40
N ASN F 81 77.55 62.02 -2.00
CA ASN F 81 77.48 63.39 -2.58
C ASN F 81 77.18 64.36 -1.43
N SER F 82 77.61 65.61 -1.55
CA SER F 82 77.28 66.64 -0.53
C SER F 82 77.60 66.15 0.89
N LEU F 83 78.83 65.72 1.14
CA LEU F 83 79.18 65.14 2.46
C LEU F 83 78.81 66.16 3.55
N ARG F 84 78.09 65.71 4.59
CA ARG F 84 77.64 66.62 5.67
C ARG F 84 77.93 65.98 7.03
N ALA F 85 78.07 66.81 8.07
CA ALA F 85 78.37 66.29 9.42
C ALA F 85 77.23 65.40 9.93
N GLU F 86 75.98 65.78 9.68
CA GLU F 86 74.83 65.02 10.24
C GLU F 86 74.79 63.58 9.69
N ASP F 87 74.98 63.40 8.38
CA ASP F 87 74.88 62.05 7.77
C ASP F 87 76.04 61.13 8.20
N THR F 88 77.26 61.66 8.30
CA THR F 88 78.44 60.78 8.56
C THR F 88 78.31 60.04 9.91
N ALA F 89 78.56 58.72 9.90
CA ALA F 89 78.43 57.85 11.10
C ALA F 89 78.40 56.40 10.61
N LEU F 90 77.91 55.48 11.42
CA LEU F 90 77.75 54.08 10.95
C LEU F 90 76.76 54.08 9.78
N TYR F 91 77.06 53.34 8.70
CA TYR F 91 76.13 53.24 7.55
C TYR F 91 75.72 51.78 7.40
N TYR F 92 74.42 51.49 7.23
CA TYR F 92 73.96 50.09 7.16
C TYR F 92 73.13 49.85 5.90
N CYS F 93 73.40 48.78 5.16
CA CYS F 93 72.53 48.45 4.00
C CYS F 93 71.53 47.39 4.47
N VAL F 94 70.24 47.69 4.37
CA VAL F 94 69.18 46.77 4.89
C VAL F 94 68.17 46.60 3.75
N ARG F 95 67.25 45.64 3.85
CA ARG F 95 66.22 45.55 2.77
C ARG F 95 65.47 46.88 2.70
N GLY F 96 65.16 47.36 1.49
CA GLY F 96 64.55 48.70 1.37
C GLY F 96 63.21 48.80 2.06
N SER F 97 62.35 47.80 1.89
CA SER F 97 61.00 47.83 2.50
C SER F 97 60.45 46.40 2.53
N GLY F 98 59.38 46.16 3.30
CA GLY F 98 58.77 44.82 3.27
C GLY F 98 57.66 44.66 4.28
N GLY F 99 57.18 43.42 4.44
CA GLY F 99 56.16 43.14 5.46
C GLY F 99 54.84 43.76 5.06
N ILE F 100 53.90 43.84 6.00
CA ILE F 100 52.64 44.57 5.66
C ILE F 100 53.04 46.03 5.46
N HIS F 101 53.94 46.55 6.31
CA HIS F 101 54.28 48.00 6.22
C HIS F 101 55.77 48.29 6.48
N ASP F 102 56.55 48.69 5.47
CA ASP F 102 57.93 49.19 5.67
C ASP F 102 58.79 48.29 6.58
N ALA F 103 58.88 46.98 6.31
CA ALA F 103 59.64 46.11 7.23
C ALA F 103 60.98 45.71 6.62
N PHE F 104 62.08 45.91 7.35
CA PHE F 104 63.41 45.47 6.87
C PHE F 104 63.94 44.42 7.86
N ASP F 105 64.36 43.25 7.37
CA ASP F 105 64.74 42.15 8.31
C ASP F 105 66.14 41.60 8.03
N ILE F 106 66.52 41.44 6.76
CA ILE F 106 67.80 40.81 6.44
C ILE F 106 68.83 41.92 6.29
N TRP F 107 69.84 41.92 7.16
CA TRP F 107 70.81 42.99 7.26
C TRP F 107 72.22 42.46 7.07
N GLY F 108 73.17 43.39 7.00
CA GLY F 108 74.58 43.06 6.87
C GLY F 108 75.44 43.92 7.78
N GLN F 109 76.77 43.80 7.69
CA GLN F 109 77.61 44.50 8.65
C GLN F 109 77.65 46.00 8.40
N GLY F 110 77.47 46.44 7.16
CA GLY F 110 77.49 47.86 6.87
C GLY F 110 78.91 48.42 6.79
N THR F 111 79.00 49.75 6.73
CA THR F 111 80.33 50.41 6.65
C THR F 111 80.29 51.70 7.48
N MET F 112 80.84 51.67 8.70
CA MET F 112 80.86 52.89 9.56
C MET F 112 81.69 53.95 8.86
N VAL F 113 81.23 55.21 8.87
CA VAL F 113 81.96 56.25 8.09
C VAL F 113 82.28 57.45 8.99
N THR F 114 83.55 57.86 9.03
CA THR F 114 83.95 59.04 9.77
C THR F 114 84.25 60.16 8.78
N VAL F 115 84.09 61.40 9.23
CA VAL F 115 84.58 62.56 8.50
C VAL F 115 85.30 63.48 9.49
N SER F 116 86.47 63.97 9.09
CA SER F 116 87.29 64.83 9.92
C SER F 116 88.44 65.32 9.06
N SER F 117 89.39 66.01 9.70
CA SER F 117 90.62 66.40 9.04
C SER F 117 91.43 65.18 8.63
N ASP G 1 61.58 64.07 10.96
CA ASP G 1 61.68 63.57 12.36
C ASP G 1 60.28 63.45 12.96
N ILE G 2 60.17 62.85 14.14
CA ILE G 2 58.85 62.73 14.82
C ILE G 2 59.06 62.95 16.33
N GLN G 3 58.02 63.38 17.05
CA GLN G 3 58.20 63.69 18.49
C GLN G 3 57.47 62.66 19.35
N MET G 4 58.21 61.77 20.02
CA MET G 4 57.61 60.70 20.87
C MET G 4 58.64 60.38 21.96
N THR G 5 58.22 59.69 23.03
CA THR G 5 59.21 59.27 24.07
C THR G 5 59.03 57.77 24.36
N GLN G 6 60.13 57.04 24.58
CA GLN G 6 60.07 55.58 24.83
C GLN G 6 60.48 55.28 26.27
N SER G 7 59.76 54.37 26.93
CA SER G 7 60.06 54.01 28.33
C SER G 7 60.16 52.50 28.46
N PRO G 8 60.90 51.94 29.46
CA PRO G 8 61.62 52.75 30.45
C PRO G 8 62.91 53.33 29.87
N SER G 9 63.04 54.66 29.85
CA SER G 9 64.24 55.30 29.27
C SER G 9 65.47 54.71 29.94
N SER G 10 65.34 54.36 31.23
CA SER G 10 66.48 53.76 31.99
C SER G 10 66.07 52.37 32.48
N VAL G 11 66.94 51.37 32.31
CA VAL G 11 66.56 49.96 32.66
C VAL G 11 67.56 49.36 33.64
N SER G 12 67.10 48.97 34.84
CA SER G 12 67.99 48.25 35.79
C SER G 12 67.94 46.77 35.43
N ALA G 13 68.82 45.93 36.01
CA ALA G 13 68.84 44.51 35.60
C ALA G 13 67.47 43.90 35.85
N SER G 14 66.91 43.20 34.85
CA SER G 14 65.56 42.59 34.99
C SER G 14 65.71 41.09 35.24
N VAL G 15 65.32 40.61 36.43
CA VAL G 15 65.54 39.17 36.77
C VAL G 15 64.20 38.46 37.01
N GLY G 16 63.93 37.38 36.28
CA GLY G 16 62.71 36.58 36.51
C GLY G 16 61.44 37.41 36.49
N ASP G 17 61.32 38.36 35.55
CA ASP G 17 60.13 39.27 35.56
C ASP G 17 59.75 39.66 34.13
N ARG G 18 58.51 40.11 33.94
CA ARG G 18 58.09 40.62 32.59
C ARG G 18 58.80 41.95 32.31
N VAL G 19 59.18 42.19 31.05
CA VAL G 19 59.82 43.49 30.68
C VAL G 19 58.85 44.21 29.76
N THR G 20 58.62 45.51 29.98
CA THR G 20 57.58 46.22 29.18
C THR G 20 58.23 47.29 28.30
N ILE G 21 57.83 47.36 27.03
CA ILE G 21 58.37 48.38 26.11
C ILE G 21 57.24 49.33 25.70
N THR G 22 57.46 50.65 25.77
CA THR G 22 56.35 51.60 25.52
C THR G 22 56.81 52.79 24.67
N CYS G 23 55.89 53.44 23.94
CA CYS G 23 56.22 54.68 23.17
C CYS G 23 54.93 55.49 22.98
N ARG G 24 55.01 56.80 22.68
CA ARG G 24 53.78 57.67 22.63
C ARG G 24 53.52 58.22 21.22
N ALA G 25 52.25 58.28 20.77
CA ALA G 25 51.91 58.69 19.39
C ALA G 25 52.26 60.13 19.02
N SER G 26 52.79 60.34 17.80
CA SER G 26 53.05 61.72 17.30
C SER G 26 52.27 61.93 16.00
N GLN G 27 51.94 60.83 15.31
CA GLN G 27 51.22 60.92 14.01
C GLN G 27 49.90 60.14 14.09
N GLY G 28 49.34 59.99 15.29
CA GLY G 28 48.12 59.17 15.45
C GLY G 28 48.41 57.75 14.98
N ILE G 29 49.58 57.23 15.36
CA ILE G 29 50.00 55.88 14.91
C ILE G 29 48.99 54.85 15.40
N SER G 30 48.57 53.94 14.52
CA SER G 30 47.68 52.84 14.95
C SER G 30 48.24 51.54 14.38
N THR G 31 48.66 50.60 15.24
CA THR G 31 49.28 49.33 14.79
C THR G 31 50.42 49.65 13.81
N TRP G 32 51.23 50.66 14.12
CA TRP G 32 52.37 51.03 13.24
C TRP G 32 53.66 51.18 14.05
N LEU G 33 54.21 50.08 14.55
CA LEU G 33 55.52 50.13 15.27
C LEU G 33 56.23 48.79 15.04
N ALA G 34 57.55 48.79 14.85
CA ALA G 34 58.30 47.52 14.72
C ALA G 34 59.32 47.45 15.84
N TRP G 35 59.26 46.39 16.65
CA TRP G 35 60.19 46.28 17.81
C TRP G 35 61.54 45.75 17.33
N TYR G 36 62.63 46.06 18.04
CA TYR G 36 63.97 45.65 17.54
C TYR G 36 64.83 45.00 18.62
N GLN G 37 65.66 44.03 18.24
CA GLN G 37 66.65 43.44 19.18
C GLN G 37 68.02 43.56 18.53
N GLN G 38 69.02 44.07 19.25
CA GLN G 38 70.35 44.29 18.63
C GLN G 38 71.44 43.80 19.58
N LYS G 39 72.50 43.18 19.03
CA LYS G 39 73.65 42.80 19.88
C LYS G 39 74.86 43.60 19.38
N PRO G 40 75.66 44.24 20.26
CA PRO G 40 76.76 45.09 19.79
C PRO G 40 77.75 44.27 18.96
N GLY G 41 78.27 44.84 17.86
CA GLY G 41 79.20 44.11 16.98
C GLY G 41 78.45 43.21 16.01
N LYS G 42 77.12 43.30 16.00
CA LYS G 42 76.27 42.44 15.12
C LYS G 42 75.19 43.33 14.49
N ALA G 43 74.55 42.89 13.41
CA ALA G 43 73.46 43.66 12.76
C ALA G 43 72.17 43.62 13.59
N PRO G 44 71.51 44.77 13.87
CA PRO G 44 70.23 44.77 14.59
C PRO G 44 69.13 44.04 13.83
N LYS G 45 68.24 43.34 14.55
CA LYS G 45 67.16 42.56 13.89
C LYS G 45 65.83 42.94 14.52
N VAL G 46 64.73 42.77 13.79
CA VAL G 46 63.38 43.05 14.36
C VAL G 46 63.10 42.07 15.49
N LEU G 47 62.48 42.54 16.57
CA LEU G 47 62.10 41.64 17.69
C LEU G 47 60.70 41.09 17.44
N ILE G 48 60.02 41.58 16.41
CA ILE G 48 58.62 41.17 16.11
C ILE G 48 58.38 41.45 14.61
N ASN G 49 57.23 41.06 14.06
CA ASN G 49 56.92 41.39 12.63
C ASN G 49 56.36 42.82 12.52
N ALA G 50 56.18 43.52 13.65
CA ALA G 50 55.65 44.91 13.71
C ALA G 50 54.14 44.87 13.88
N ALA G 51 53.53 43.70 13.64
CA ALA G 51 52.08 43.55 13.90
C ALA G 51 51.28 44.68 13.27
N SER G 52 51.57 45.05 12.01
CA SER G 52 50.72 46.09 11.39
C SER G 52 49.29 45.56 11.29
N GLY G 53 49.13 44.30 10.90
CA GLY G 53 47.78 43.69 10.90
C GLY G 53 47.68 42.67 12.01
N LEU G 54 48.65 41.76 12.10
CA LEU G 54 48.69 40.75 13.19
C LEU G 54 50.15 40.43 13.51
N GLN G 55 50.46 40.10 14.76
CA GLN G 55 51.85 39.67 15.09
C GLN G 55 52.08 38.28 14.50
N SER G 56 53.25 38.05 13.88
CA SER G 56 53.56 36.73 13.28
C SER G 56 55.07 36.54 13.18
N GLY G 57 55.54 35.28 13.04
CA GLY G 57 56.98 35.00 12.89
C GLY G 57 57.77 35.47 14.09
N VAL G 58 57.14 35.47 15.27
CA VAL G 58 57.81 36.00 16.50
C VAL G 58 57.46 35.05 17.65
N PRO G 59 58.34 34.80 18.64
CA PRO G 59 57.96 34.01 19.80
C PRO G 59 56.85 34.80 20.51
N SER G 60 55.86 34.11 21.09
CA SER G 60 54.69 34.81 21.69
C SER G 60 55.14 35.63 22.91
N ARG G 61 56.37 35.41 23.40
CA ARG G 61 56.82 36.08 24.63
C ARG G 61 56.75 37.61 24.46
N PHE G 62 57.13 38.13 23.29
CA PHE G 62 56.97 39.60 23.07
C PHE G 62 55.62 39.86 22.42
N SER G 63 54.63 40.32 23.20
CA SER G 63 53.29 40.66 22.66
C SER G 63 52.83 42.01 23.20
N GLY G 64 52.31 42.87 22.33
CA GLY G 64 51.79 44.18 22.79
C GLY G 64 50.75 44.75 21.85
N SER G 65 49.95 45.69 22.32
CA SER G 65 48.96 46.35 21.43
C SER G 65 49.39 47.80 21.17
N GLY G 66 49.56 48.17 19.90
CA GLY G 66 49.92 49.56 19.56
C GLY G 66 48.79 50.22 18.81
N SER G 67 48.21 51.28 19.37
CA SER G 67 47.12 52.05 18.69
C SER G 67 46.98 53.36 19.44
N GLY G 68 46.31 54.36 18.86
CA GLY G 68 46.11 55.60 19.63
C GLY G 68 47.44 56.10 20.13
N THR G 69 47.55 56.40 21.43
CA THR G 69 48.86 56.81 22.00
C THR G 69 49.51 55.61 22.67
N ASP G 70 48.78 54.49 22.76
CA ASP G 70 49.33 53.33 23.50
C ASP G 70 50.10 52.39 22.58
N PHE G 71 51.42 52.29 22.75
CA PHE G 71 52.23 51.34 21.96
C PHE G 71 53.06 50.55 22.97
N THR G 72 52.39 49.68 23.73
CA THR G 72 53.10 48.95 24.80
C THR G 72 53.25 47.48 24.41
N LEU G 73 54.33 46.84 24.84
CA LEU G 73 54.52 45.39 24.59
C LEU G 73 55.20 44.77 25.81
N THR G 74 55.01 43.47 26.04
CA THR G 74 55.59 42.80 27.24
C THR G 74 56.50 41.65 26.80
N ILE G 75 57.48 41.30 27.64
CA ILE G 75 58.39 40.15 27.34
C ILE G 75 58.11 39.09 28.42
N SER G 76 57.95 37.82 28.02
CA SER G 76 57.54 36.80 29.03
C SER G 76 58.55 36.63 30.16
N SER G 77 59.85 36.50 29.86
CA SER G 77 60.84 36.23 30.95
C SER G 77 62.26 36.64 30.57
N LEU G 78 63.13 36.81 31.56
CA LEU G 78 64.55 37.18 31.29
C LEU G 78 65.30 36.00 30.68
N GLN G 79 66.17 36.25 29.69
CA GLN G 79 66.98 35.18 29.05
C GLN G 79 68.34 35.80 28.70
N PRO G 80 69.42 35.02 28.46
CA PRO G 80 70.70 35.61 28.02
C PRO G 80 70.48 36.32 26.68
N GLU G 81 69.73 35.70 25.76
CA GLU G 81 69.38 36.37 24.48
C GLU G 81 68.48 37.58 24.79
N ASP G 82 67.61 37.45 25.79
CA ASP G 82 66.67 38.54 26.16
C ASP G 82 67.46 39.70 26.76
N PHE G 83 68.73 39.49 27.09
CA PHE G 83 69.56 40.65 27.56
C PHE G 83 69.98 41.42 26.31
N ALA G 84 69.09 42.23 25.74
CA ALA G 84 69.41 42.88 24.45
C ALA G 84 68.89 44.32 24.31
N THR G 85 69.71 45.24 23.83
CA THR G 85 69.35 46.64 23.48
C THR G 85 68.05 46.64 22.67
N TYR G 86 67.13 47.57 22.96
CA TYR G 86 65.81 47.60 22.27
C TYR G 86 65.52 49.00 21.74
N TYR G 87 64.78 49.11 20.62
CA TYR G 87 64.47 50.44 20.03
C TYR G 87 63.07 50.43 19.43
N CYS G 88 62.60 51.60 18.96
CA CYS G 88 61.28 51.72 18.30
C CYS G 88 61.49 52.53 17.01
N GLN G 89 60.61 52.39 16.02
CA GLN G 89 60.82 53.12 14.74
C GLN G 89 59.51 53.79 14.32
N GLN G 90 59.57 55.00 13.74
CA GLN G 90 58.32 55.61 13.24
C GLN G 90 57.88 54.80 12.03
N ALA G 91 56.59 54.46 11.94
CA ALA G 91 56.19 53.57 10.83
C ALA G 91 55.23 54.24 9.84
N HIS G 92 54.23 54.99 10.30
CA HIS G 92 53.19 55.51 9.37
C HIS G 92 53.73 56.44 8.28
N SER G 93 54.66 57.35 8.57
CA SER G 93 55.07 58.30 7.51
C SER G 93 56.57 58.51 7.40
N PHE G 94 57.00 59.04 6.26
CA PHE G 94 58.44 59.35 6.05
C PHE G 94 58.80 60.58 6.87
N PRO G 95 60.08 60.73 7.31
CA PRO G 95 60.99 59.59 7.44
C PRO G 95 60.70 58.76 8.70
N PRO G 96 60.96 57.44 8.71
CA PRO G 96 60.81 56.66 9.93
C PRO G 96 61.83 57.21 10.93
N THR G 97 61.43 57.40 12.18
CA THR G 97 62.35 57.99 13.20
C THR G 97 62.43 57.07 14.41
N PHE G 98 63.65 56.79 14.89
CA PHE G 98 63.83 55.84 16.01
C PHE G 98 63.51 56.47 17.36
N GLY G 99 62.92 55.71 18.28
CA GLY G 99 62.68 56.20 19.65
C GLY G 99 63.98 56.14 20.46
N PRO G 100 64.13 56.91 21.56
CA PRO G 100 65.39 56.96 22.32
C PRO G 100 66.12 55.61 22.44
N GLY G 101 65.41 54.57 22.85
CA GLY G 101 66.00 53.22 22.99
C GLY G 101 66.56 52.98 24.39
N THR G 102 66.60 51.72 24.81
CA THR G 102 67.14 51.37 26.16
C THR G 102 68.02 50.12 26.05
N LYS G 103 68.97 49.96 26.97
CA LYS G 103 69.85 48.75 26.99
C LYS G 103 69.83 48.18 28.41
N LEU G 104 70.16 46.90 28.55
CA LEU G 104 70.10 46.25 29.89
C LEU G 104 71.45 46.34 30.60
N GLU G 105 71.51 45.90 31.87
CA GLU G 105 72.74 45.90 32.66
C GLU G 105 72.91 44.59 33.41
N VAL H 2 38.61 10.71 71.34
CA VAL H 2 38.04 12.01 71.80
C VAL H 2 38.99 12.65 72.82
N GLN H 3 39.12 12.05 74.01
CA GLN H 3 40.09 12.60 75.01
C GLN H 3 41.17 11.56 75.32
N LEU H 4 42.44 11.87 75.03
CA LEU H 4 43.56 10.95 75.37
C LEU H 4 44.07 11.35 76.75
N VAL H 5 44.22 10.39 77.67
CA VAL H 5 44.62 10.74 79.08
C VAL H 5 46.00 10.16 79.38
N GLU H 6 46.88 10.96 79.99
CA GLU H 6 48.28 10.51 80.21
C GLU H 6 48.71 10.74 81.66
N SER H 7 49.75 10.02 82.11
CA SER H 7 50.28 10.20 83.49
C SER H 7 51.81 10.08 83.45
N GLY H 8 52.50 10.54 84.50
CA GLY H 8 53.96 10.38 84.56
C GLY H 8 54.75 11.57 84.04
N GLY H 9 54.09 12.70 83.75
CA GLY H 9 54.86 13.88 83.34
C GLY H 9 55.24 14.76 84.52
N GLY H 10 56.52 14.79 84.88
CA GLY H 10 56.97 15.57 86.06
C GLY H 10 58.47 15.82 86.08
N LEU H 11 58.93 16.72 86.95
CA LEU H 11 60.39 16.96 87.11
C LEU H 11 61.03 15.67 87.64
N ILE H 12 62.19 15.30 87.09
CA ILE H 12 62.89 14.07 87.54
C ILE H 12 64.40 14.31 87.47
N GLN H 13 65.19 13.61 88.30
CA GLN H 13 66.67 13.71 88.18
C GLN H 13 67.08 12.96 86.91
N PRO H 14 68.16 13.34 86.21
CA PRO H 14 68.53 12.70 84.95
C PRO H 14 68.88 11.22 85.12
N GLY H 15 68.52 10.39 84.14
CA GLY H 15 68.84 8.94 84.21
C GLY H 15 67.64 8.11 84.64
N GLY H 16 66.69 8.73 85.36
CA GLY H 16 65.54 7.98 85.88
C GLY H 16 64.68 7.40 84.76
N SER H 17 64.18 6.18 84.93
CA SER H 17 63.37 5.54 83.86
C SER H 17 61.89 5.87 84.06
N LEU H 18 61.27 6.51 83.08
CA LEU H 18 59.84 6.94 83.22
C LEU H 18 59.01 6.26 82.13
N ARG H 19 57.89 5.64 82.51
CA ARG H 19 57.00 5.06 81.48
C ARG H 19 55.84 6.02 81.27
N LEU H 20 55.57 6.39 80.02
CA LEU H 20 54.48 7.36 79.73
C LEU H 20 53.29 6.58 79.20
N SER H 21 52.12 6.73 79.83
CA SER H 21 50.91 5.99 79.40
C SER H 21 49.85 6.97 78.90
N CYS H 22 49.33 6.78 77.69
CA CYS H 22 48.28 7.66 77.10
C CYS H 22 47.13 6.73 76.69
N ALA H 23 45.88 7.20 76.69
CA ALA H 23 44.77 6.24 76.42
C ALA H 23 44.01 6.57 75.13
N VAL H 24 43.96 5.62 74.19
CA VAL H 24 43.24 5.81 72.90
C VAL H 24 41.75 5.99 73.22
N SER H 25 41.09 6.96 72.59
CA SER H 25 39.68 7.23 72.94
C SER H 25 38.78 7.36 71.71
N GLY H 26 37.66 6.64 71.69
CA GLY H 26 36.66 6.82 70.61
C GLY H 26 37.02 6.15 69.29
N PHE H 27 38.14 5.45 69.20
CA PHE H 27 38.48 4.71 67.96
C PHE H 27 39.25 3.43 68.27
N THR H 28 39.22 2.45 67.35
CA THR H 28 40.02 1.21 67.53
C THR H 28 41.50 1.59 67.50
N VAL H 29 42.34 0.92 68.30
CA VAL H 29 43.77 1.35 68.39
C VAL H 29 44.36 1.34 66.98
N SER H 30 45.05 2.41 66.60
CA SER H 30 45.71 2.41 65.27
C SER H 30 47.11 3.05 65.34
N ARG H 31 47.20 4.37 65.49
CA ARG H 31 48.52 5.04 65.41
C ARG H 31 48.70 6.08 66.52
N MET H 32 49.93 6.24 67.02
CA MET H 32 50.23 7.28 68.04
C MET H 32 51.55 7.99 67.69
N SER H 33 51.63 9.31 67.94
CA SER H 33 52.86 10.09 67.65
C SER H 33 53.23 10.92 68.87
N TRP H 34 54.52 11.18 69.07
CA TRP H 34 54.95 12.04 70.21
C TRP H 34 55.49 13.38 69.70
N VAL H 35 54.96 14.49 70.22
CA VAL H 35 55.42 15.86 69.81
C VAL H 35 55.77 16.63 71.08
N ARG H 36 56.87 17.38 71.09
CA ARG H 36 57.31 18.05 72.33
C ARG H 36 57.37 19.58 72.13
N GLN H 37 56.85 20.37 73.09
CA GLN H 37 56.90 21.85 72.99
C GLN H 37 57.76 22.41 74.13
N ALA H 38 58.78 23.21 73.80
CA ALA H 38 59.68 23.74 74.86
C ALA H 38 58.90 24.77 75.69
N PRO H 39 59.11 24.86 77.03
CA PRO H 39 58.33 25.79 77.84
C PRO H 39 58.62 27.21 77.35
N GLY H 40 57.58 28.02 77.13
CA GLY H 40 57.78 29.38 76.58
C GLY H 40 58.49 29.33 75.24
N LYS H 41 58.22 28.32 74.42
CA LYS H 41 58.91 28.16 73.10
C LYS H 41 58.04 27.29 72.18
N GLY H 42 58.36 27.26 70.88
CA GLY H 42 57.56 26.49 69.90
C GLY H 42 57.67 24.98 70.06
N LEU H 43 56.65 24.25 69.60
CA LEU H 43 56.66 22.76 69.66
C LEU H 43 57.62 22.18 68.61
N GLU H 44 57.94 20.90 68.70
CA GLU H 44 58.83 20.22 67.69
C GLU H 44 58.45 18.74 67.59
N CYS H 45 58.00 18.29 66.41
CA CYS H 45 57.61 16.86 66.18
C CYS H 45 58.85 15.97 66.25
N VAL H 46 58.73 14.77 66.85
CA VAL H 46 59.96 13.95 67.03
C VAL H 46 59.76 12.42 66.81
N SER H 47 59.02 11.71 67.69
CA SER H 47 58.95 10.22 67.60
C SER H 47 57.54 9.73 67.23
N VAL H 48 57.46 8.74 66.32
CA VAL H 48 56.13 8.26 65.83
C VAL H 48 56.15 6.73 65.66
N ILE H 49 54.99 6.08 65.69
CA ILE H 49 54.89 4.62 65.42
C ILE H 49 53.78 4.43 64.39
N TYR H 50 53.75 3.29 63.69
CA TYR H 50 52.74 3.09 62.61
C TYR H 50 51.89 1.86 62.91
N THR H 51 50.65 1.84 62.42
CA THR H 51 49.74 0.68 62.61
C THR H 51 50.41 -0.52 61.93
N GLY H 52 51.10 -0.28 60.82
CA GLY H 52 51.79 -1.37 60.09
C GLY H 52 52.89 -1.98 60.93
N GLY H 53 53.32 -1.31 62.00
CA GLY H 53 54.44 -1.83 62.82
C GLY H 53 55.74 -1.20 62.35
N ASN H 54 55.67 -0.37 61.31
CA ASN H 54 56.86 0.38 60.87
C ASN H 54 57.13 1.48 61.91
N THR H 55 58.39 1.84 62.12
CA THR H 55 58.71 2.84 63.18
C THR H 55 59.56 3.98 62.61
N ASP H 56 59.22 5.22 62.94
CA ASP H 56 60.07 6.37 62.51
C ASP H 56 60.49 7.19 63.74
N TYR H 57 61.79 7.44 63.89
CA TYR H 57 62.27 8.28 65.01
C TYR H 57 63.13 9.41 64.42
N ALA H 58 62.89 10.65 64.85
CA ALA H 58 63.71 11.79 64.38
C ALA H 58 65.09 11.70 65.01
N ASP H 59 66.06 12.46 64.51
CA ASP H 59 67.45 12.39 65.01
C ASP H 59 67.45 12.70 66.52
N SER H 60 66.50 13.53 66.96
CA SER H 60 66.41 13.89 68.40
C SER H 60 66.17 12.64 69.25
N VAL H 61 65.36 11.70 68.78
CA VAL H 61 65.08 10.46 69.55
C VAL H 61 65.50 9.21 68.77
N LYS H 62 66.35 9.35 67.75
CA LYS H 62 66.65 8.16 66.91
C LYS H 62 67.38 7.11 67.76
N GLY H 63 66.82 5.90 67.88
CA GLY H 63 67.46 4.81 68.63
C GLY H 63 67.43 5.06 70.13
N ARG H 64 66.71 6.08 70.58
CA ARG H 64 66.74 6.45 72.02
C ARG H 64 65.35 6.30 72.64
N PHE H 65 64.31 6.16 71.82
CA PHE H 65 62.94 6.12 72.39
C PHE H 65 62.24 4.83 71.97
N THR H 66 61.51 4.21 72.91
CA THR H 66 60.72 3.00 72.56
C THR H 66 59.25 3.41 72.50
N ILE H 67 58.62 3.30 71.33
CA ILE H 67 57.22 3.80 71.20
C ILE H 67 56.28 2.62 70.91
N SER H 68 55.17 2.52 71.64
CA SER H 68 54.27 1.35 71.48
C SER H 68 52.85 1.64 71.96
N ARG H 69 51.91 0.75 71.63
CA ARG H 69 50.50 0.89 72.09
C ARG H 69 50.02 -0.50 72.51
N ASP H 70 48.97 -0.57 73.33
CA ASP H 70 48.41 -1.91 73.66
C ASP H 70 47.04 -2.03 72.99
N ASN H 71 46.87 -3.04 72.13
CA ASN H 71 45.54 -3.27 71.53
C ASN H 71 44.54 -3.65 72.63
N SER H 72 44.95 -4.53 73.55
CA SER H 72 44.01 -5.03 74.59
C SER H 72 43.57 -3.94 75.56
N LYS H 73 44.49 -3.10 76.04
CA LYS H 73 44.10 -2.11 77.08
C LYS H 73 43.95 -0.70 76.50
N ASN H 74 44.25 -0.52 75.21
CA ASN H 74 44.13 0.82 74.56
C ASN H 74 45.01 1.81 75.34
N THR H 75 46.14 1.32 75.87
CA THR H 75 47.05 2.20 76.64
C THR H 75 48.36 2.31 75.86
N LEU H 76 48.78 3.54 75.56
CA LEU H 76 49.99 3.73 74.74
C LEU H 76 51.23 3.62 75.63
N TYR H 77 52.23 2.85 75.19
CA TYR H 77 53.42 2.62 76.05
C TYR H 77 54.65 3.36 75.52
N LEU H 78 55.20 4.29 76.30
CA LEU H 78 56.47 4.94 75.91
C LEU H 78 57.43 4.75 77.10
N GLN H 79 58.63 4.21 76.87
CA GLN H 79 59.59 4.11 78.00
C GLN H 79 60.71 5.13 77.80
N MET H 80 60.96 5.97 78.81
CA MET H 80 61.99 7.02 78.69
C MET H 80 63.37 6.37 78.70
N ASN H 81 64.22 6.72 77.72
CA ASN H 81 65.60 6.19 77.68
C ASN H 81 66.53 7.34 77.29
N SER H 82 67.80 7.29 77.72
CA SER H 82 68.80 8.32 77.32
C SER H 82 68.26 9.73 77.55
N LEU H 83 67.84 10.05 78.78
CA LEU H 83 67.22 11.37 79.05
C LEU H 83 68.20 12.46 78.60
N ARG H 84 67.72 13.44 77.83
CA ARG H 84 68.60 14.52 77.30
C ARG H 84 67.93 15.87 77.51
N ALA H 85 68.72 16.95 77.57
CA ALA H 85 68.16 18.30 77.81
C ALA H 85 67.25 18.72 76.65
N GLU H 86 67.63 18.40 75.41
CA GLU H 86 66.84 18.87 74.24
C GLU H 86 65.42 18.27 74.24
N ASP H 87 65.29 16.97 74.51
CA ASP H 87 63.95 16.31 74.46
C ASP H 87 63.03 16.79 75.59
N THR H 88 63.56 16.98 76.81
CA THR H 88 62.68 17.30 77.98
C THR H 88 61.91 18.59 77.77
N ALA H 89 60.59 18.57 78.04
CA ALA H 89 59.69 19.73 77.84
C ALA H 89 58.26 19.20 77.86
N LEU H 90 57.31 19.96 77.32
CA LEU H 90 55.92 19.45 77.20
C LEU H 90 55.95 18.22 76.29
N TYR H 91 55.24 17.14 76.67
CA TYR H 91 55.15 15.93 75.80
C TYR H 91 53.70 15.71 75.43
N TYR H 92 53.42 15.46 74.15
CA TYR H 92 52.01 15.32 73.69
C TYR H 92 51.80 14.00 72.95
N CYS H 93 50.75 13.25 73.28
CA CYS H 93 50.45 12.04 72.48
C CYS H 93 49.37 12.42 71.46
N VAL H 94 49.66 12.24 70.17
CA VAL H 94 48.72 12.67 69.09
C VAL H 94 48.58 11.47 68.16
N ARG H 95 47.60 11.47 67.23
CA ARG H 95 47.54 10.34 66.28
C ARG H 95 48.86 10.26 65.51
N GLY H 96 49.38 9.05 65.28
CA GLY H 96 50.71 8.92 64.66
C GLY H 96 50.78 9.54 63.29
N SER H 97 49.78 9.28 62.46
CA SER H 97 49.77 9.82 61.07
C SER H 97 48.35 9.77 60.53
N GLY H 98 48.08 10.46 59.41
CA GLY H 98 46.73 10.37 58.82
C GLY H 98 46.54 11.30 57.66
N GLY H 99 45.29 11.40 57.18
CA GLY H 99 44.98 12.34 56.10
C GLY H 99 45.59 11.88 54.79
N ILE H 100 45.64 12.76 53.80
CA ILE H 100 46.37 12.38 52.57
C ILE H 100 47.84 12.23 52.95
N HIS H 101 48.34 13.15 53.79
CA HIS H 101 49.79 13.12 54.13
C HIS H 101 50.09 13.48 55.59
N ASP H 102 50.52 12.53 56.43
CA ASP H 102 51.02 12.83 57.80
C ASP H 102 50.10 13.76 58.61
N ALA H 103 48.81 13.45 58.73
CA ALA H 103 47.92 14.40 59.43
C ALA H 103 47.54 13.86 60.81
N PHE H 104 47.74 14.66 61.87
CA PHE H 104 47.31 14.24 63.23
C PHE H 104 46.25 15.24 63.71
N ASP H 105 45.09 14.75 64.16
CA ASP H 105 43.97 15.68 64.49
C ASP H 105 43.44 15.47 65.92
N ILE H 106 43.32 14.21 66.37
CA ILE H 106 42.71 13.96 67.67
C ILE H 106 43.82 13.91 68.71
N TRP H 107 43.80 14.84 69.66
CA TRP H 107 44.88 15.03 70.61
C TRP H 107 44.37 14.91 72.04
N GLY H 108 45.31 14.93 72.99
CA GLY H 108 45.00 14.87 74.40
C GLY H 108 45.83 15.87 75.19
N GLN H 109 45.73 15.84 76.52
CA GLN H 109 46.41 16.87 77.30
C GLN H 109 47.92 16.67 77.34
N GLY H 110 48.39 15.43 77.24
CA GLY H 110 49.81 15.18 77.26
C GLY H 110 50.39 15.20 78.67
N THR H 111 51.72 15.19 78.76
CA THR H 111 52.39 15.21 80.08
C THR H 111 53.66 16.07 79.98
N MET H 112 53.60 17.32 80.45
CA MET H 112 54.79 18.22 80.41
C MET H 112 55.88 17.58 81.26
N VAL H 113 57.13 17.61 80.80
CA VAL H 113 58.20 16.91 81.56
C VAL H 113 59.37 17.86 81.82
N THR H 114 59.79 17.99 83.07
CA THR H 114 60.96 18.79 83.43
C THR H 114 62.11 17.86 83.77
N VAL H 115 63.33 18.33 83.57
CA VAL H 115 64.52 17.66 84.10
C VAL H 115 65.41 18.71 84.74
N SER H 116 65.91 18.39 85.92
CA SER H 116 66.76 19.30 86.69
C SER H 116 67.30 18.52 87.89
N SER H 117 67.96 19.24 88.79
CA SER H 117 68.39 18.67 90.06
C SER H 117 67.18 18.27 90.90
N ASP I 1 65.77 18.75 60.97
CA ASP I 1 65.24 20.13 61.00
C ASP I 1 65.09 20.64 59.56
N ILE I 2 64.46 21.79 59.39
CA ILE I 2 64.30 22.40 58.02
C ILE I 2 64.48 23.91 58.14
N GLN I 3 64.89 24.58 57.06
CA GLN I 3 65.15 26.04 57.15
C GLN I 3 64.09 26.83 56.37
N MET I 4 63.19 27.52 57.08
CA MET I 4 62.09 28.30 56.45
C MET I 4 61.75 29.44 57.40
N THR I 5 61.03 30.46 56.94
CA THR I 5 60.58 31.54 57.86
C THR I 5 59.08 31.78 57.67
N GLN I 6 58.36 32.04 58.76
CA GLN I 6 56.88 32.25 58.70
C GLN I 6 56.54 33.70 59.02
N SER I 7 55.61 34.29 58.28
CA SER I 7 55.22 35.70 58.49
C SER I 7 53.69 35.79 58.61
N PRO I 8 53.12 36.82 59.28
CA PRO I 8 53.90 37.88 59.93
C PRO I 8 54.51 37.40 61.26
N SER I 9 55.85 37.42 61.36
CA SER I 9 56.51 36.93 62.60
C SER I 9 55.90 37.66 63.79
N SER I 10 55.52 38.93 63.59
CA SER I 10 54.91 39.74 64.68
C SER I 10 53.51 40.16 64.25
N VAL I 11 52.51 40.01 65.15
CA VAL I 11 51.10 40.31 64.75
C VAL I 11 50.46 41.33 65.70
N SER I 12 50.06 42.49 65.18
CA SER I 12 49.31 43.46 66.01
C SER I 12 47.84 43.06 65.99
N ALA I 13 46.99 43.67 66.84
CA ALA I 13 45.58 43.22 66.91
C ALA I 13 44.94 43.38 65.52
N SER I 14 44.28 42.32 65.03
CA SER I 14 43.65 42.35 63.68
C SER I 14 42.14 42.59 63.84
N VAL I 15 41.64 43.73 63.37
CA VAL I 15 40.19 44.05 63.59
C VAL I 15 39.46 44.19 62.24
N GLY I 16 38.39 43.40 62.02
CA GLY I 16 37.58 43.54 60.80
C GLY I 16 38.40 43.46 59.53
N ASP I 17 39.37 42.55 59.46
CA ASP I 17 40.27 42.49 58.27
C ASP I 17 40.70 41.07 57.96
N ARG I 18 41.16 40.81 56.74
CA ARG I 18 41.69 39.47 56.40
C ARG I 18 43.04 39.26 57.11
N VAL I 19 43.31 38.04 57.57
CA VAL I 19 44.62 37.74 58.21
C VAL I 19 45.37 36.77 57.29
N THR I 20 46.66 37.02 57.03
CA THR I 20 47.38 36.18 56.04
C THR I 20 48.49 35.37 56.73
N ILE I 21 48.58 34.09 56.41
CA ILE I 21 49.64 33.22 57.00
C ILE I 21 50.59 32.77 55.88
N THR I 22 51.91 32.90 56.09
CA THR I 22 52.86 32.61 54.99
C THR I 22 54.08 31.82 55.49
N CYS I 23 54.74 31.06 54.61
CA CYS I 23 56.00 30.33 54.97
C CYS I 23 56.81 30.10 53.68
N ARG I 24 58.13 29.83 53.78
CA ARG I 24 58.98 29.73 52.55
C ARG I 24 59.58 28.33 52.36
N ALA I 25 59.64 27.80 51.13
CA ALA I 25 60.09 26.40 50.85
C ALA I 25 61.54 26.10 51.23
N SER I 26 61.79 24.92 51.81
CA SER I 26 63.18 24.48 52.10
C SER I 26 63.41 23.15 51.40
N GLN I 27 62.34 22.40 51.12
CA GLN I 27 62.45 21.07 50.48
C GLN I 27 61.66 21.05 49.16
N GLY I 28 61.49 22.21 48.52
CA GLY I 28 60.64 22.26 47.32
C GLY I 28 59.25 21.77 47.65
N ILE I 29 58.72 22.21 48.80
CA ILE I 29 57.38 21.74 49.26
C ILE I 29 56.33 22.14 48.22
N SER I 30 55.45 21.22 47.87
CA SER I 30 54.33 21.56 46.95
C SER I 30 53.05 21.00 47.57
N THR I 31 52.09 21.86 47.95
CA THR I 31 50.84 21.40 48.60
C THR I 31 51.19 20.50 49.80
N TRP I 32 52.19 20.89 50.58
CA TRP I 32 52.61 20.09 51.77
C TRP I 32 52.75 20.98 53.00
N LEU I 33 51.63 21.50 53.53
CA LEU I 33 51.68 22.28 54.79
C LEU I 33 50.35 22.06 55.53
N ALA I 34 50.36 21.95 56.85
CA ALA I 34 49.11 21.83 57.63
C ALA I 34 49.00 23.01 58.59
N TRP I 35 47.92 23.79 58.48
CA TRP I 35 47.79 24.98 59.35
C TRP I 35 47.28 24.58 60.72
N TYR I 36 47.57 25.37 61.76
CA TYR I 36 47.20 24.95 63.13
C TYR I 36 46.52 26.05 63.92
N GLN I 37 45.57 25.69 64.79
CA GLN I 37 44.96 26.67 65.73
C GLN I 37 45.11 26.11 67.14
N GLN I 38 45.61 26.91 68.08
CA GLN I 38 45.85 26.38 69.45
C GLN I 38 45.35 27.37 70.49
N LYS I 39 44.75 26.88 71.58
CA LYS I 39 44.35 27.78 72.69
C LYS I 39 45.18 27.38 73.91
N PRO I 40 45.80 28.33 74.66
CA PRO I 40 46.67 27.95 75.77
C PRO I 40 45.88 27.16 76.82
N GLY I 41 46.49 26.11 77.39
CA GLY I 41 45.79 25.27 78.38
C GLY I 41 44.91 24.23 77.70
N LYS I 42 44.99 24.14 76.36
CA LYS I 42 44.15 23.19 75.59
C LYS I 42 45.05 22.53 74.54
N ALA I 43 44.64 21.39 73.96
CA ALA I 43 45.42 20.69 72.91
C ALA I 43 45.35 21.45 71.59
N PRO I 44 46.48 21.72 70.90
CA PRO I 44 46.45 22.35 69.57
C PRO I 44 45.73 21.51 68.52
N LYS I 45 45.01 22.15 67.60
CA LYS I 45 44.24 21.41 66.58
C LYS I 45 44.59 21.97 65.20
N VAL I 46 44.43 21.17 64.15
CA VAL I 46 44.69 21.65 62.76
C VAL I 46 43.66 22.74 62.42
N LEU I 47 44.10 23.80 61.73
CA LEU I 47 43.17 24.88 61.29
C LEU I 47 42.61 24.51 59.92
N ILE I 48 43.14 23.46 59.31
CA ILE I 48 42.72 23.06 57.92
C ILE I 48 43.03 21.56 57.78
N ASN I 49 42.67 20.92 56.67
CA ASN I 49 43.03 19.49 56.44
C ASN I 49 44.45 19.39 55.87
N ALA I 50 45.13 20.52 55.62
CA ALA I 50 46.51 20.60 55.07
C ALA I 50 46.44 20.66 53.56
N ALA I 51 45.29 20.35 52.98
CA ALA I 51 45.10 20.52 51.51
C ALA I 51 46.25 19.87 50.73
N SER I 52 46.66 18.66 51.09
CA SER I 52 47.71 18.00 50.28
C SER I 52 47.17 17.81 48.86
N GLY I 53 45.92 17.36 48.74
CA GLY I 53 45.30 17.27 47.40
C GLY I 53 44.25 18.34 47.23
N LEU I 54 43.35 18.47 48.22
CA LEU I 54 42.30 19.53 48.19
C LEU I 54 41.98 19.93 49.63
N GLN I 55 41.62 21.19 49.88
CA GLN I 55 41.19 21.59 51.24
C GLN I 55 39.81 20.97 51.52
N SER I 56 39.62 20.43 52.72
CA SER I 56 38.32 19.79 53.09
C SER I 56 38.14 19.79 54.60
N GLY I 57 36.90 19.65 55.09
CA GLY I 57 36.63 19.56 56.54
C GLY I 57 37.07 20.83 57.25
N VAL I 58 37.04 21.97 56.55
CA VAL I 58 37.52 23.25 57.14
C VAL I 58 36.55 24.36 56.72
N PRO I 59 36.28 25.38 57.55
CA PRO I 59 35.45 26.51 57.11
C PRO I 59 36.22 27.17 55.95
N SER I 60 35.51 27.67 54.93
CA SER I 60 36.18 28.21 53.73
C SER I 60 36.96 29.48 54.09
N ARG I 61 36.73 30.03 55.28
CA ARG I 61 37.38 31.31 55.66
C ARG I 61 38.89 31.17 55.59
N PHE I 62 39.46 30.05 56.02
CA PHE I 62 40.93 29.86 55.87
C PHE I 62 41.21 29.14 54.55
N SER I 63 41.63 29.88 53.51
CA SER I 63 41.97 29.25 52.21
C SER I 63 43.31 29.81 51.70
N GLY I 64 44.20 28.93 51.22
CA GLY I 64 45.48 29.40 50.67
C GLY I 64 46.08 28.40 49.69
N SER I 65 46.99 28.86 48.85
CA SER I 65 47.67 27.92 47.90
C SER I 65 49.13 27.74 48.34
N GLY I 66 49.53 26.49 48.59
CA GLY I 66 50.95 26.22 48.94
C GLY I 66 51.61 25.40 47.86
N SER I 67 52.65 25.96 47.23
CA SER I 67 53.42 25.24 46.18
C SER I 67 54.73 26.00 45.99
N GLY I 68 55.73 25.42 45.34
CA GLY I 68 56.94 26.21 45.08
C GLY I 68 57.44 26.81 46.37
N THR I 69 57.71 28.12 46.41
CA THR I 69 58.12 28.78 47.67
C THR I 69 56.89 29.46 48.30
N ASP I 70 55.76 29.47 47.58
CA ASP I 70 54.58 30.22 48.08
C ASP I 70 53.67 29.31 48.91
N PHE I 71 53.59 29.55 50.23
CA PHE I 71 52.66 28.80 51.10
C PHE I 71 51.85 29.83 51.87
N THR I 72 50.95 30.51 51.16
CA THR I 72 50.21 31.61 51.81
C THR I 72 48.75 31.19 52.00
N LEU I 73 48.10 31.67 53.06
CA LEU I 73 46.67 31.38 53.28
C LEU I 73 46.02 32.63 53.88
N THR I 74 44.70 32.81 53.69
CA THR I 74 44.01 34.02 54.20
C THR I 74 42.87 33.61 55.16
N ILE I 75 42.51 34.49 56.09
CA ILE I 75 41.37 34.23 57.02
C ILE I 75 40.29 35.25 56.68
N SER I 76 39.02 34.82 56.56
CA SER I 76 37.98 35.77 56.09
C SER I 76 37.77 36.95 57.05
N SER I 77 37.67 36.72 58.37
CA SER I 77 37.37 37.87 59.27
C SER I 77 37.81 37.58 60.71
N LEU I 78 37.96 38.63 61.53
CA LEU I 78 38.35 38.46 62.95
C LEU I 78 37.18 37.87 63.76
N GLN I 79 37.47 36.94 64.67
CA GLN I 79 36.43 36.30 65.54
C GLN I 79 37.07 36.06 66.91
N PRO I 80 36.30 35.87 68.01
CA PRO I 80 36.91 35.53 69.31
C PRO I 80 37.66 34.19 69.16
N GLU I 81 37.07 33.22 68.48
CA GLU I 81 37.76 31.94 68.20
C GLU I 81 38.96 32.22 67.28
N ASP I 82 38.79 33.17 66.34
CA ASP I 82 39.87 33.51 65.37
C ASP I 82 41.02 34.19 66.11
N PHE I 83 40.80 34.59 67.36
CA PHE I 83 41.95 35.13 68.14
C PHE I 83 42.77 33.94 68.64
N ALA I 84 43.59 33.34 67.77
CA ALA I 84 44.28 32.09 68.18
C ALA I 84 45.72 31.96 67.64
N THR I 85 46.65 31.54 68.48
CA THR I 85 48.06 31.23 68.13
C THR I 85 48.07 30.34 66.87
N TYR I 86 48.99 30.60 65.94
CA TYR I 86 49.03 29.83 64.67
C TYR I 86 50.44 29.32 64.39
N TYR I 87 50.57 28.17 63.72
CA TYR I 87 51.92 27.59 63.43
C TYR I 87 51.92 26.89 62.07
N CYS I 88 53.10 26.44 61.63
CA CYS I 88 53.21 25.70 60.34
C CYS I 88 54.08 24.46 60.63
N GLN I 89 53.96 23.41 59.81
CA GLN I 89 54.72 22.16 60.09
C GLN I 89 55.39 21.68 58.80
N GLN I 90 56.62 21.14 58.89
CA GLN I 90 57.23 20.58 57.67
C GLN I 90 56.45 19.32 57.30
N ALA I 91 56.10 19.15 56.02
CA ALA I 91 55.24 18.00 55.69
C ALA I 91 55.93 16.97 54.80
N HIS I 92 56.67 17.38 53.76
CA HIS I 92 57.20 16.40 52.77
C HIS I 92 58.17 15.37 53.37
N SER I 93 59.06 15.76 54.27
CA SER I 93 60.06 14.75 54.73
C SER I 93 60.28 14.73 56.25
N PHE I 94 60.85 13.64 56.73
CA PHE I 94 61.18 13.51 58.18
C PHE I 94 62.39 14.40 58.49
N PRO I 95 62.53 14.91 59.72
CA PRO I 95 61.40 15.07 60.64
C PRO I 95 60.54 16.29 60.28
N PRO I 96 59.21 16.27 60.56
CA PRO I 96 58.39 17.47 60.34
C PRO I 96 58.92 18.53 61.29
N THR I 97 59.07 19.78 60.81
CA THR I 97 59.65 20.86 61.66
C THR I 97 58.69 22.05 61.68
N PHE I 98 58.41 22.58 62.86
CA PHE I 98 57.42 23.68 62.99
C PHE I 98 58.02 25.03 62.58
N GLY I 99 57.22 25.89 61.94
CA GLY I 99 57.67 27.26 61.62
C GLY I 99 57.60 28.14 62.86
N PRO I 100 58.33 29.28 62.94
CA PRO I 100 58.37 30.11 64.16
C PRO I 100 57.03 30.24 64.89
N GLY I 101 55.96 30.57 64.16
CA GLY I 101 54.63 30.72 64.76
C GLY I 101 54.35 32.14 65.23
N THR I 102 53.07 32.53 65.25
CA THR I 102 52.69 33.89 65.71
C THR I 102 51.45 33.80 66.61
N LYS I 103 51.27 34.77 67.51
CA LYS I 103 50.08 34.81 68.40
C LYS I 103 49.46 36.20 68.30
N LEU I 104 48.18 36.34 68.63
CA LEU I 104 47.49 37.65 68.49
C LEU I 104 47.57 38.45 69.80
N GLU I 105 47.10 39.71 69.78
CA GLU I 105 47.09 40.56 70.97
C GLU I 105 45.76 41.30 71.10
#